data_2IF1
#
_entry.id   2IF1
#
_cell.length_a   1.000
_cell.length_b   1.000
_cell.length_c   1.000
_cell.angle_alpha   90.00
_cell.angle_beta   90.00
_cell.angle_gamma   90.00
#
_symmetry.space_group_name_H-M   'P 1'
#
_entity_poly.entity_id   1
_entity_poly.type   'polypeptide(L)'
_entity_poly.pdbx_seq_one_letter_code
;MRGSHHHHHHTDPMSAIQNLHSFDPFADASKGDDLLPAGTEDYIHIRIQQRNGRKTLTTVQGIADDYDKKKLVKAFKKKF
ACNGTVIEHPEYGEVIQLQGDQRKNICQFLVEIGLAKDDQLKVHGF
;
_entity_poly.pdbx_strand_id   A
#
# COMPACT_ATOMS: atom_id res chain seq x y z
N MET A 1 -18.67 17.30 40.01
CA MET A 1 -18.28 18.12 38.84
C MET A 1 -17.33 19.24 39.25
N ARG A 2 -17.87 20.27 39.92
CA ARG A 2 -17.07 21.40 40.35
C ARG A 2 -16.37 22.07 39.17
N GLY A 3 -17.01 22.02 38.01
CA GLY A 3 -16.45 22.62 36.82
C GLY A 3 -16.91 24.05 36.61
N SER A 4 -17.46 24.33 35.44
CA SER A 4 -17.95 25.67 35.12
C SER A 4 -19.27 25.95 35.84
N HIS A 5 -19.34 27.08 36.53
CA HIS A 5 -20.53 27.46 37.26
C HIS A 5 -20.85 28.94 37.05
N HIS A 6 -21.26 29.28 35.84
CA HIS A 6 -21.60 30.66 35.50
C HIS A 6 -22.76 30.71 34.51
N HIS A 7 -23.65 29.73 34.60
CA HIS A 7 -24.80 29.67 33.71
C HIS A 7 -26.09 29.57 34.52
N HIS A 8 -27.22 29.75 33.84
CA HIS A 8 -28.52 29.69 34.49
C HIS A 8 -29.04 28.25 34.55
N HIS A 9 -28.75 27.48 33.51
CA HIS A 9 -29.18 26.09 33.43
C HIS A 9 -28.67 25.43 32.16
N HIS A 10 -27.41 25.02 32.17
CA HIS A 10 -26.81 24.37 31.01
C HIS A 10 -25.68 23.43 31.43
N THR A 11 -24.52 24.00 31.71
CA THR A 11 -23.36 23.21 32.14
C THR A 11 -23.11 22.05 31.18
N ASP A 12 -22.33 22.30 30.14
CA ASP A 12 -22.01 21.26 29.17
C ASP A 12 -20.51 21.24 28.86
N PRO A 13 -19.72 20.59 29.73
CA PRO A 13 -18.27 20.49 29.56
C PRO A 13 -17.88 19.94 28.19
N MET A 14 -18.81 19.20 27.57
CA MET A 14 -18.55 18.63 26.25
C MET A 14 -18.25 19.71 25.22
N SER A 15 -18.76 20.92 25.46
CA SER A 15 -18.55 22.03 24.55
C SER A 15 -17.07 22.43 24.49
N ALA A 16 -16.30 21.96 25.47
CA ALA A 16 -14.88 22.27 25.52
C ALA A 16 -14.02 21.05 25.20
N ILE A 17 -14.42 20.31 24.17
CA ILE A 17 -13.68 19.11 23.75
C ILE A 17 -13.24 19.22 22.30
N GLN A 18 -12.07 19.83 22.09
CA GLN A 18 -11.53 20.00 20.75
C GLN A 18 -10.21 19.26 20.59
N ASN A 19 -10.07 18.15 21.33
CA ASN A 19 -8.86 17.34 21.27
C ASN A 19 -7.64 18.16 21.69
N LEU A 20 -7.64 18.62 22.93
CA LEU A 20 -6.53 19.41 23.46
C LEU A 20 -5.38 18.51 23.88
N HIS A 21 -4.17 19.06 23.87
CA HIS A 21 -2.96 18.32 24.25
C HIS A 21 -2.98 16.91 23.66
N SER A 22 -2.42 16.77 22.47
CA SER A 22 -2.36 15.48 21.79
C SER A 22 -0.97 15.23 21.21
N PHE A 23 0.05 15.76 21.87
CA PHE A 23 1.42 15.59 21.41
C PHE A 23 2.41 16.16 22.43
N ASP A 24 3.23 15.28 23.00
CA ASP A 24 4.21 15.70 23.99
C ASP A 24 5.06 14.51 24.45
N PRO A 25 6.29 14.37 23.92
CA PRO A 25 7.19 13.27 24.29
C PRO A 25 7.33 13.11 25.79
N PHE A 26 7.14 14.21 26.52
CA PHE A 26 7.25 14.20 27.97
C PHE A 26 5.87 14.34 28.62
N ALA A 27 4.84 13.85 27.92
CA ALA A 27 3.48 13.92 28.44
C ALA A 27 2.50 13.22 27.50
N ASP A 28 2.03 12.05 27.90
CA ASP A 28 1.09 11.28 27.09
C ASP A 28 1.69 10.93 25.73
N ALA A 29 2.81 10.21 25.77
CA ALA A 29 3.49 9.81 24.54
C ALA A 29 4.68 8.90 24.85
N SER A 30 5.13 8.16 23.84
CA SER A 30 6.26 7.26 24.00
C SER A 30 6.68 6.66 22.67
N LYS A 31 7.93 6.89 22.29
CA LYS A 31 8.46 6.36 21.03
C LYS A 31 9.94 6.01 21.16
N GLY A 32 10.30 4.82 20.69
CA GLY A 32 11.68 4.38 20.78
C GLY A 32 12.45 4.65 19.49
N ASP A 33 13.58 5.34 19.61
CA ASP A 33 14.40 5.66 18.44
C ASP A 33 14.89 4.39 17.75
N ASP A 34 15.08 3.33 18.54
CA ASP A 34 15.54 2.06 18.00
C ASP A 34 14.38 1.07 17.85
N LEU A 35 13.49 1.05 18.84
CA LEU A 35 12.34 0.16 18.81
C LEU A 35 11.20 0.77 18.00
N LEU A 36 11.01 0.27 16.79
CA LEU A 36 9.95 0.77 15.92
C LEU A 36 8.77 -0.19 15.89
N PRO A 37 7.59 0.30 15.51
CA PRO A 37 6.37 -0.52 15.44
C PRO A 37 6.58 -1.81 14.65
N ALA A 38 6.96 -1.65 13.38
CA ALA A 38 7.19 -2.80 12.51
C ALA A 38 7.74 -2.37 11.16
N GLY A 39 8.52 -3.23 10.52
CA GLY A 39 9.09 -2.91 9.23
C GLY A 39 8.08 -2.99 8.11
N THR A 40 7.28 -1.94 7.97
CA THR A 40 6.25 -1.89 6.93
C THR A 40 6.59 -0.85 5.87
N GLU A 41 7.48 0.08 6.21
CA GLU A 41 7.88 1.14 5.28
C GLU A 41 6.67 1.97 4.84
N ASP A 42 5.59 1.89 5.61
CA ASP A 42 4.38 2.64 5.31
C ASP A 42 3.96 2.45 3.85
N TYR A 43 3.64 1.22 3.49
CA TYR A 43 3.23 0.90 2.13
C TYR A 43 1.86 1.49 1.83
N ILE A 44 1.43 1.40 0.58
CA ILE A 44 0.12 1.91 0.17
C ILE A 44 -0.80 0.76 -0.23
N HIS A 45 -1.63 0.33 0.71
CA HIS A 45 -2.56 -0.76 0.49
C HIS A 45 -3.66 -0.38 -0.52
N ILE A 46 -3.80 -1.20 -1.54
CA ILE A 46 -4.83 -0.97 -2.57
C ILE A 46 -6.17 -1.57 -2.13
N ARG A 47 -6.48 -2.79 -2.59
CA ARG A 47 -7.73 -3.47 -2.21
C ARG A 47 -8.88 -3.11 -3.14
N ILE A 48 -9.51 -4.14 -3.71
CA ILE A 48 -10.64 -3.96 -4.61
C ILE A 48 -11.93 -4.43 -3.93
N GLN A 49 -13.07 -3.93 -4.42
CA GLN A 49 -14.36 -4.30 -3.86
C GLN A 49 -15.41 -4.43 -4.96
N GLN A 50 -15.57 -5.64 -5.48
CA GLN A 50 -16.55 -5.90 -6.53
C GLN A 50 -17.86 -6.41 -5.95
N ARG A 51 -18.82 -5.50 -5.78
CA ARG A 51 -20.13 -5.86 -5.24
C ARG A 51 -20.77 -6.97 -6.07
N ASN A 52 -20.98 -6.67 -7.35
CA ASN A 52 -21.57 -7.64 -8.27
C ASN A 52 -20.50 -8.27 -9.13
N GLY A 53 -20.85 -8.69 -10.35
CA GLY A 53 -19.88 -9.30 -11.24
C GLY A 53 -19.19 -8.28 -12.12
N ARG A 54 -18.94 -7.09 -11.58
CA ARG A 54 -18.27 -6.03 -12.33
C ARG A 54 -18.22 -4.73 -11.53
N LYS A 55 -19.17 -4.54 -10.63
CA LYS A 55 -19.21 -3.33 -9.80
C LYS A 55 -18.00 -3.27 -8.88
N THR A 56 -16.82 -3.10 -9.48
CA THR A 56 -15.58 -3.03 -8.72
C THR A 56 -15.27 -1.61 -8.27
N LEU A 57 -14.57 -1.49 -7.15
CA LEU A 57 -14.22 -0.18 -6.61
C LEU A 57 -12.85 -0.22 -5.94
N THR A 58 -11.80 -0.14 -6.76
CA THR A 58 -10.42 -0.17 -6.25
C THR A 58 -10.15 1.01 -5.34
N THR A 59 -9.77 0.73 -4.10
CA THR A 59 -9.47 1.79 -3.13
C THR A 59 -7.98 1.89 -2.85
N VAL A 60 -7.56 3.02 -2.29
CA VAL A 60 -6.16 3.25 -1.97
C VAL A 60 -5.99 3.69 -0.53
N GLN A 61 -5.30 2.88 0.25
CA GLN A 61 -5.05 3.18 1.66
C GLN A 61 -3.56 3.39 1.90
N GLY A 62 -3.24 4.33 2.78
CA GLY A 62 -1.86 4.64 3.09
C GLY A 62 -1.45 6.01 2.59
N ILE A 63 -2.09 6.45 1.51
CA ILE A 63 -1.80 7.74 0.92
C ILE A 63 -2.01 8.86 1.93
N ALA A 64 -1.19 9.90 1.83
CA ALA A 64 -1.25 11.04 2.74
C ALA A 64 -2.38 11.98 2.35
N ASP A 65 -3.15 12.40 3.34
CA ASP A 65 -4.27 13.33 3.10
C ASP A 65 -3.75 14.66 2.58
N ASP A 66 -2.46 14.93 2.77
CA ASP A 66 -1.86 16.17 2.30
C ASP A 66 -1.82 16.23 0.79
N TYR A 67 -1.80 15.05 0.15
CA TYR A 67 -1.77 14.96 -1.30
C TYR A 67 -2.83 15.85 -1.94
N ASP A 68 -2.63 16.21 -3.20
CA ASP A 68 -3.58 17.06 -3.91
C ASP A 68 -4.82 16.27 -4.29
N LYS A 69 -5.75 16.15 -3.33
CA LYS A 69 -7.00 15.41 -3.54
C LYS A 69 -7.53 15.59 -4.96
N LYS A 70 -7.46 16.81 -5.46
CA LYS A 70 -7.93 17.11 -6.81
C LYS A 70 -7.07 16.41 -7.85
N LYS A 71 -5.82 16.84 -7.96
CA LYS A 71 -4.89 16.25 -8.92
C LYS A 71 -4.71 14.76 -8.67
N LEU A 72 -5.04 14.31 -7.47
CA LEU A 72 -4.91 12.91 -7.09
C LEU A 72 -5.87 12.04 -7.91
N VAL A 73 -7.16 12.18 -7.64
CA VAL A 73 -8.17 11.39 -8.34
C VAL A 73 -8.53 11.99 -9.69
N LYS A 74 -8.74 13.32 -9.72
CA LYS A 74 -9.10 14.01 -10.96
C LYS A 74 -8.17 13.59 -12.10
N ALA A 75 -6.89 13.48 -11.80
CA ALA A 75 -5.91 13.09 -12.81
C ALA A 75 -6.18 11.67 -13.29
N PHE A 76 -6.74 10.84 -12.40
CA PHE A 76 -7.06 9.46 -12.74
C PHE A 76 -8.05 9.41 -13.90
N LYS A 77 -9.07 10.26 -13.83
CA LYS A 77 -10.09 10.32 -14.88
C LYS A 77 -9.53 10.94 -16.16
N LYS A 78 -8.32 11.48 -16.08
CA LYS A 78 -7.68 12.11 -17.23
C LYS A 78 -6.65 11.17 -17.86
N LYS A 79 -6.19 10.19 -17.10
CA LYS A 79 -5.20 9.23 -17.59
C LYS A 79 -5.86 7.95 -18.10
N PHE A 80 -6.75 7.39 -17.30
CA PHE A 80 -7.44 6.14 -17.67
C PHE A 80 -8.90 6.41 -18.03
N ALA A 81 -9.41 7.57 -17.63
CA ALA A 81 -10.81 7.92 -17.91
C ALA A 81 -11.76 7.06 -17.09
N CYS A 82 -11.40 6.82 -15.83
CA CYS A 82 -12.22 6.01 -14.94
C CYS A 82 -12.87 6.88 -13.87
N ASN A 83 -13.85 6.33 -13.16
CA ASN A 83 -14.55 7.05 -12.11
C ASN A 83 -13.82 6.92 -10.78
N GLY A 84 -13.21 8.01 -10.34
CA GLY A 84 -12.48 8.00 -9.09
C GLY A 84 -13.06 8.95 -8.06
N THR A 85 -13.11 8.51 -6.81
CA THR A 85 -13.64 9.34 -5.72
C THR A 85 -12.77 9.24 -4.48
N VAL A 86 -13.00 10.12 -3.52
CA VAL A 86 -12.23 10.14 -2.28
C VAL A 86 -13.13 9.86 -1.09
N ILE A 87 -12.93 8.73 -0.43
CA ILE A 87 -13.73 8.36 0.73
C ILE A 87 -12.86 8.19 1.97
N GLU A 88 -13.42 8.56 3.12
CA GLU A 88 -12.70 8.45 4.38
C GLU A 88 -13.18 7.23 5.16
N HIS A 89 -12.74 6.05 4.72
CA HIS A 89 -13.13 4.80 5.36
C HIS A 89 -12.76 4.80 6.84
N PRO A 90 -13.66 4.31 7.71
CA PRO A 90 -13.41 4.25 9.16
C PRO A 90 -12.53 3.07 9.55
N GLU A 91 -12.49 2.05 8.69
CA GLU A 91 -11.69 0.87 8.95
C GLU A 91 -10.24 1.09 8.54
N TYR A 92 -10.02 2.01 7.60
CA TYR A 92 -8.67 2.31 7.13
C TYR A 92 -8.29 3.75 7.43
N GLY A 93 -9.17 4.68 7.06
CA GLY A 93 -8.91 6.09 7.31
C GLY A 93 -8.39 6.81 6.08
N GLU A 94 -9.26 7.57 5.43
CA GLU A 94 -8.87 8.33 4.25
C GLU A 94 -8.33 7.42 3.16
N VAL A 95 -9.22 6.96 2.28
CA VAL A 95 -8.84 6.08 1.18
C VAL A 95 -9.63 6.42 -0.08
N ILE A 96 -8.92 6.61 -1.18
CA ILE A 96 -9.56 6.93 -2.46
C ILE A 96 -10.35 5.72 -2.97
N GLN A 97 -11.37 5.98 -3.77
CA GLN A 97 -12.20 4.91 -4.31
C GLN A 97 -12.33 5.02 -5.82
N LEU A 98 -11.63 4.15 -6.53
CA LEU A 98 -11.68 4.13 -7.99
C LEU A 98 -12.73 3.14 -8.47
N GLN A 99 -13.22 3.33 -9.68
CA GLN A 99 -14.23 2.43 -10.25
C GLN A 99 -13.58 1.34 -11.09
N GLY A 100 -14.09 0.11 -10.95
CA GLY A 100 -13.55 -1.00 -11.69
C GLY A 100 -12.23 -1.50 -11.14
N ASP A 101 -11.80 -2.68 -11.59
CA ASP A 101 -10.54 -3.24 -11.13
C ASP A 101 -9.35 -2.42 -11.62
N GLN A 102 -8.91 -1.49 -10.78
CA GLN A 102 -7.78 -0.63 -11.11
C GLN A 102 -6.53 -1.05 -10.34
N ARG A 103 -6.60 -2.19 -9.67
CA ARG A 103 -5.45 -2.69 -8.90
C ARG A 103 -4.16 -2.64 -9.72
N LYS A 104 -4.31 -2.72 -11.04
CA LYS A 104 -3.15 -2.68 -11.92
C LYS A 104 -2.93 -1.28 -12.48
N ASN A 105 -3.97 -0.45 -12.47
CA ASN A 105 -3.87 0.91 -12.99
C ASN A 105 -3.54 1.90 -11.87
N ILE A 106 -4.11 1.67 -10.69
CA ILE A 106 -3.87 2.56 -9.56
C ILE A 106 -2.41 2.53 -9.14
N CYS A 107 -1.87 1.33 -8.93
CA CYS A 107 -0.46 1.19 -8.55
C CYS A 107 0.39 1.86 -9.61
N GLN A 108 -0.06 1.73 -10.85
CA GLN A 108 0.61 2.33 -12.00
C GLN A 108 0.42 3.84 -11.96
N PHE A 109 -0.72 4.27 -11.45
CA PHE A 109 -1.04 5.69 -11.33
C PHE A 109 -0.21 6.34 -10.22
N LEU A 110 -0.15 5.66 -9.08
CA LEU A 110 0.60 6.15 -7.94
C LEU A 110 2.05 6.40 -8.31
N VAL A 111 2.55 5.61 -9.26
CA VAL A 111 3.94 5.74 -9.71
C VAL A 111 4.04 6.68 -10.91
N GLU A 112 2.99 6.71 -11.72
CA GLU A 112 2.96 7.56 -12.90
C GLU A 112 2.90 9.03 -12.51
N ILE A 113 2.15 9.33 -11.45
CA ILE A 113 2.00 10.69 -10.98
C ILE A 113 3.00 11.01 -9.86
N GLY A 114 3.42 9.96 -9.15
CA GLY A 114 4.34 10.14 -8.05
C GLY A 114 3.64 10.24 -6.71
N LEU A 115 2.49 9.58 -6.62
CA LEU A 115 1.69 9.58 -5.39
C LEU A 115 2.33 8.68 -4.35
N ALA A 116 2.27 7.38 -4.58
CA ALA A 116 2.85 6.41 -3.66
C ALA A 116 4.29 6.11 -4.04
N LYS A 117 4.84 5.03 -3.49
CA LYS A 117 6.21 4.64 -3.77
C LYS A 117 6.25 3.19 -4.27
N ASP A 118 7.16 2.91 -5.21
CA ASP A 118 7.29 1.57 -5.75
C ASP A 118 7.45 0.54 -4.63
N ASP A 119 8.05 0.96 -3.53
CA ASP A 119 8.24 0.09 -2.38
C ASP A 119 6.96 -0.03 -1.57
N GLN A 120 6.11 0.99 -1.68
CA GLN A 120 4.84 1.00 -0.96
C GLN A 120 3.75 0.30 -1.76
N LEU A 121 4.04 0.00 -3.03
CA LEU A 121 3.08 -0.67 -3.90
C LEU A 121 2.49 -1.90 -3.22
N LYS A 122 1.36 -1.71 -2.54
CA LYS A 122 0.70 -2.80 -1.85
C LYS A 122 -0.65 -3.12 -2.49
N VAL A 123 -0.62 -3.93 -3.53
CA VAL A 123 -1.85 -4.30 -4.24
C VAL A 123 -2.45 -5.59 -3.67
N HIS A 124 -3.70 -5.51 -3.22
CA HIS A 124 -4.37 -6.67 -2.65
C HIS A 124 -5.74 -6.90 -3.31
N GLY A 125 -5.72 -7.49 -4.51
CA GLY A 125 -6.96 -7.76 -5.20
C GLY A 125 -7.85 -8.72 -4.43
N PHE A 126 -9.06 -8.27 -4.10
CA PHE A 126 -10.00 -9.09 -3.34
C PHE A 126 -10.07 -10.51 -3.91
N MET A 1 -4.43 -21.73 -13.74
CA MET A 1 -3.30 -21.47 -12.79
C MET A 1 -3.83 -21.10 -11.40
N ARG A 2 -4.97 -21.67 -11.04
CA ARG A 2 -5.57 -21.40 -9.74
C ARG A 2 -4.79 -22.10 -8.62
N GLY A 3 -4.27 -23.28 -8.92
CA GLY A 3 -3.51 -24.03 -7.95
C GLY A 3 -2.02 -24.07 -8.27
N SER A 4 -1.33 -22.98 -7.98
CA SER A 4 0.10 -22.90 -8.25
C SER A 4 0.89 -23.72 -7.24
N HIS A 5 2.17 -23.93 -7.52
CA HIS A 5 3.04 -24.69 -6.64
C HIS A 5 2.54 -26.13 -6.50
N HIS A 6 3.46 -27.05 -6.21
CA HIS A 6 3.11 -28.45 -6.05
C HIS A 6 2.72 -28.76 -4.61
N HIS A 7 3.69 -28.68 -3.69
CA HIS A 7 3.44 -28.94 -2.28
C HIS A 7 4.73 -28.84 -1.48
N HIS A 8 5.70 -29.68 -1.83
CA HIS A 8 6.99 -29.68 -1.14
C HIS A 8 8.02 -30.47 -1.93
N HIS A 9 9.21 -29.87 -2.11
CA HIS A 9 10.29 -30.50 -2.86
C HIS A 9 11.59 -29.73 -2.70
N HIS A 10 12.69 -30.38 -3.05
CA HIS A 10 14.01 -29.75 -2.95
C HIS A 10 14.22 -28.74 -4.07
N THR A 11 13.69 -29.05 -5.25
CA THR A 11 13.81 -28.17 -6.40
C THR A 11 15.25 -28.13 -6.90
N ASP A 12 16.12 -27.50 -6.11
CA ASP A 12 17.53 -27.38 -6.47
C ASP A 12 18.35 -26.81 -5.31
N PRO A 13 19.61 -27.25 -5.16
CA PRO A 13 20.48 -26.76 -4.09
C PRO A 13 21.02 -25.37 -4.35
N MET A 14 21.43 -25.13 -5.60
CA MET A 14 21.97 -23.83 -5.99
C MET A 14 20.87 -22.79 -6.09
N SER A 15 19.63 -23.24 -6.24
CA SER A 15 18.49 -22.33 -6.34
C SER A 15 17.96 -21.97 -4.96
N ALA A 16 18.14 -22.86 -3.99
CA ALA A 16 17.67 -22.62 -2.64
C ALA A 16 18.84 -22.33 -1.70
N ILE A 17 19.69 -21.40 -2.09
CA ILE A 17 20.85 -21.03 -1.28
C ILE A 17 20.52 -19.89 -0.33
N GLN A 18 21.06 -19.95 0.88
CA GLN A 18 20.82 -18.92 1.89
C GLN A 18 21.89 -17.84 1.83
N ASN A 19 21.54 -16.72 1.22
CA ASN A 19 22.48 -15.61 1.10
C ASN A 19 22.03 -14.42 1.94
N LEU A 20 22.31 -14.49 3.24
CA LEU A 20 21.95 -13.43 4.17
C LEU A 20 20.43 -13.21 4.18
N HIS A 21 19.97 -12.34 5.06
CA HIS A 21 18.54 -12.04 5.18
C HIS A 21 17.75 -13.31 5.48
N SER A 22 17.67 -13.67 6.75
CA SER A 22 16.95 -14.86 7.17
C SER A 22 15.44 -14.63 7.10
N PHE A 23 14.92 -13.80 7.99
CA PHE A 23 13.50 -13.49 8.02
C PHE A 23 12.68 -14.76 8.18
N ASP A 24 12.16 -14.98 9.40
CA ASP A 24 11.36 -16.16 9.69
C ASP A 24 10.15 -16.23 8.76
N PRO A 25 10.14 -17.20 7.82
CA PRO A 25 9.03 -17.37 6.88
C PRO A 25 7.68 -17.48 7.59
N PHE A 26 7.72 -17.91 8.84
CA PHE A 26 6.49 -18.07 9.63
C PHE A 26 6.47 -17.07 10.78
N ALA A 27 6.81 -15.82 10.48
CA ALA A 27 6.82 -14.76 11.50
C ALA A 27 6.86 -13.39 10.85
N ASP A 28 5.67 -12.79 10.67
CA ASP A 28 5.57 -11.47 10.06
C ASP A 28 4.62 -10.59 10.87
N ALA A 29 3.46 -11.13 11.21
CA ALA A 29 2.46 -10.39 11.98
C ALA A 29 2.91 -10.23 13.43
N SER A 30 2.91 -8.99 13.91
CA SER A 30 3.31 -8.70 15.28
C SER A 30 4.73 -9.17 15.55
N LYS A 31 5.69 -8.26 15.38
CA LYS A 31 7.10 -8.58 15.60
C LYS A 31 7.44 -8.53 17.09
N GLY A 32 7.03 -9.56 17.82
CA GLY A 32 7.32 -9.60 19.24
C GLY A 32 6.70 -8.42 20.00
N ASP A 33 5.44 -8.57 20.37
CA ASP A 33 4.74 -7.51 21.10
C ASP A 33 4.73 -6.21 20.31
N ASP A 34 4.75 -6.33 18.99
CA ASP A 34 4.74 -5.16 18.11
C ASP A 34 5.93 -4.25 18.41
N LEU A 35 7.08 -4.56 17.81
CA LEU A 35 8.28 -3.77 18.00
C LEU A 35 8.35 -2.63 16.99
N LEU A 36 8.70 -1.44 17.48
CA LEU A 36 8.81 -0.26 16.62
C LEU A 36 7.45 0.07 15.99
N PRO A 37 7.19 1.36 15.73
CA PRO A 37 5.95 1.82 15.13
C PRO A 37 5.86 1.48 13.64
N ALA A 38 6.99 1.55 12.95
CA ALA A 38 7.04 1.24 11.53
C ALA A 38 7.84 -0.03 11.27
N GLY A 39 7.33 -0.88 10.39
CA GLY A 39 8.00 -2.12 10.06
C GLY A 39 7.58 -2.69 8.73
N THR A 40 7.14 -1.80 7.83
CA THR A 40 6.71 -2.23 6.50
C THR A 40 6.90 -1.11 5.48
N GLU A 41 7.84 -0.20 5.77
CA GLU A 41 8.12 0.92 4.87
C GLU A 41 6.86 1.70 4.52
N ASP A 42 5.84 1.59 5.38
CA ASP A 42 4.57 2.29 5.17
C ASP A 42 4.11 2.18 3.72
N TYR A 43 3.76 0.97 3.29
CA TYR A 43 3.31 0.73 1.92
C TYR A 43 1.92 1.33 1.70
N ILE A 44 1.46 1.30 0.46
CA ILE A 44 0.15 1.82 0.11
C ILE A 44 -0.78 0.68 -0.31
N HIS A 45 -1.62 0.26 0.64
CA HIS A 45 -2.56 -0.83 0.40
C HIS A 45 -3.66 -0.45 -0.57
N ILE A 46 -3.72 -1.18 -1.70
CA ILE A 46 -4.74 -0.94 -2.71
C ILE A 46 -6.07 -1.59 -2.30
N ARG A 47 -6.33 -2.81 -2.81
CA ARG A 47 -7.56 -3.54 -2.47
C ARG A 47 -8.75 -3.09 -3.31
N ILE A 48 -9.41 -4.07 -3.93
CA ILE A 48 -10.58 -3.81 -4.76
C ILE A 48 -11.86 -4.18 -4.01
N GLN A 49 -12.98 -3.59 -4.42
CA GLN A 49 -14.26 -3.87 -3.79
C GLN A 49 -15.32 -4.13 -4.85
N GLN A 50 -15.33 -5.35 -5.39
CA GLN A 50 -16.29 -5.73 -6.42
C GLN A 50 -17.56 -6.31 -5.81
N ARG A 51 -18.58 -5.46 -5.70
CA ARG A 51 -19.86 -5.90 -5.14
C ARG A 51 -20.62 -6.75 -6.16
N ASN A 52 -21.03 -7.94 -5.74
CA ASN A 52 -21.76 -8.85 -6.61
C ASN A 52 -20.90 -9.26 -7.81
N GLY A 53 -19.58 -9.16 -7.66
CA GLY A 53 -18.68 -9.52 -8.73
C GLY A 53 -18.83 -8.64 -9.94
N ARG A 54 -19.13 -7.36 -9.72
CA ARG A 54 -19.30 -6.42 -10.82
C ARG A 54 -18.94 -5.00 -10.40
N LYS A 55 -19.60 -4.50 -9.37
CA LYS A 55 -19.35 -3.15 -8.87
C LYS A 55 -17.94 -3.05 -8.29
N THR A 56 -16.95 -3.03 -9.18
CA THR A 56 -15.56 -2.95 -8.76
C THR A 56 -15.17 -1.52 -8.41
N LEU A 57 -14.57 -1.35 -7.23
CA LEU A 57 -14.15 -0.03 -6.77
C LEU A 57 -12.81 -0.12 -6.06
N THR A 58 -11.73 -0.01 -6.83
CA THR A 58 -10.38 -0.08 -6.28
C THR A 58 -10.11 1.06 -5.30
N THR A 59 -9.71 0.73 -4.08
CA THR A 59 -9.41 1.75 -3.07
C THR A 59 -7.91 1.86 -2.82
N VAL A 60 -7.49 3.00 -2.30
CA VAL A 60 -6.08 3.25 -2.01
C VAL A 60 -5.89 3.65 -0.56
N GLN A 61 -5.06 2.90 0.16
CA GLN A 61 -4.78 3.17 1.56
C GLN A 61 -3.30 3.46 1.76
N GLY A 62 -3.01 4.31 2.75
CA GLY A 62 -1.63 4.67 3.03
C GLY A 62 -1.29 6.06 2.54
N ILE A 63 -1.97 6.47 1.47
CA ILE A 63 -1.74 7.79 0.89
C ILE A 63 -2.03 8.90 1.90
N ALA A 64 -1.25 9.97 1.83
CA ALA A 64 -1.41 11.10 2.73
C ALA A 64 -2.47 12.07 2.21
N ASP A 65 -3.36 12.48 3.11
CA ASP A 65 -4.42 13.41 2.76
C ASP A 65 -3.84 14.76 2.32
N ASP A 66 -2.59 15.00 2.68
CA ASP A 66 -1.91 16.25 2.32
C ASP A 66 -1.52 16.26 0.84
N TYR A 67 -1.61 15.11 0.19
CA TYR A 67 -1.26 14.99 -1.22
C TYR A 67 -2.00 16.03 -2.06
N ASP A 68 -1.79 15.98 -3.37
CA ASP A 68 -2.45 16.92 -4.28
C ASP A 68 -3.96 16.91 -4.09
N LYS A 69 -4.49 15.76 -3.69
CA LYS A 69 -5.92 15.61 -3.48
C LYS A 69 -6.68 15.77 -4.79
N LYS A 70 -6.83 17.01 -5.24
CA LYS A 70 -7.55 17.30 -6.49
C LYS A 70 -6.91 16.53 -7.65
N LYS A 71 -5.70 16.94 -8.02
CA LYS A 71 -4.99 16.30 -9.11
C LYS A 71 -4.77 14.82 -8.82
N LEU A 72 -4.84 14.45 -7.53
CA LEU A 72 -4.65 13.06 -7.12
C LEU A 72 -5.62 12.14 -7.86
N VAL A 73 -6.91 12.29 -7.58
CA VAL A 73 -7.93 11.46 -8.21
C VAL A 73 -8.44 12.09 -9.51
N LYS A 74 -8.42 13.41 -9.57
CA LYS A 74 -8.88 14.13 -10.76
C LYS A 74 -8.04 13.72 -11.97
N ALA A 75 -6.73 13.60 -11.77
CA ALA A 75 -5.83 13.22 -12.84
C ALA A 75 -6.13 11.81 -13.32
N PHE A 76 -6.63 10.97 -12.42
CA PHE A 76 -6.97 9.59 -12.76
C PHE A 76 -7.98 9.56 -13.89
N LYS A 77 -9.00 10.41 -13.79
CA LYS A 77 -10.05 10.48 -14.79
C LYS A 77 -9.52 11.07 -16.09
N LYS A 78 -8.32 11.64 -16.05
CA LYS A 78 -7.71 12.24 -17.24
C LYS A 78 -6.71 11.28 -17.87
N LYS A 79 -6.24 10.30 -17.11
CA LYS A 79 -5.27 9.34 -17.60
C LYS A 79 -5.92 8.01 -17.98
N PHE A 80 -6.92 7.60 -17.20
CA PHE A 80 -7.61 6.34 -17.46
C PHE A 80 -9.07 6.56 -17.84
N ALA A 81 -9.58 7.77 -17.62
CA ALA A 81 -10.96 8.10 -17.94
C ALA A 81 -11.92 7.31 -17.06
N CYS A 82 -11.50 7.04 -15.83
CA CYS A 82 -12.32 6.30 -14.88
C CYS A 82 -12.98 7.24 -13.88
N ASN A 83 -13.71 6.66 -12.94
CA ASN A 83 -14.39 7.45 -11.92
C ASN A 83 -13.75 7.21 -10.55
N GLY A 84 -13.14 8.25 -9.99
CA GLY A 84 -12.49 8.12 -8.71
C GLY A 84 -13.14 8.96 -7.63
N THR A 85 -13.33 8.37 -6.45
CA THR A 85 -13.95 9.07 -5.34
C THR A 85 -13.13 8.90 -4.06
N VAL A 86 -12.89 10.02 -3.38
CA VAL A 86 -12.12 10.00 -2.13
C VAL A 86 -13.03 9.71 -0.94
N ILE A 87 -13.62 8.52 -0.91
CA ILE A 87 -14.51 8.13 0.17
C ILE A 87 -13.74 7.96 1.47
N GLU A 88 -14.44 8.17 2.59
CA GLU A 88 -13.83 8.03 3.91
C GLU A 88 -14.23 6.71 4.53
N HIS A 89 -13.66 5.62 4.02
CA HIS A 89 -13.95 4.28 4.51
C HIS A 89 -13.73 4.19 6.02
N PRO A 90 -14.68 3.58 6.76
CA PRO A 90 -14.57 3.42 8.21
C PRO A 90 -13.61 2.31 8.60
N GLU A 91 -13.30 1.44 7.64
CA GLU A 91 -12.40 0.32 7.86
C GLU A 91 -10.94 0.76 7.75
N TYR A 92 -10.71 1.85 7.03
CA TYR A 92 -9.37 2.37 6.84
C TYR A 92 -9.26 3.82 7.30
N GLY A 93 -10.17 4.66 6.79
CA GLY A 93 -10.16 6.06 7.15
C GLY A 93 -9.51 6.94 6.11
N GLU A 94 -10.33 7.61 5.31
CA GLU A 94 -9.83 8.50 4.26
C GLU A 94 -9.03 7.71 3.22
N VAL A 95 -9.74 7.07 2.29
CA VAL A 95 -9.12 6.30 1.24
C VAL A 95 -9.71 6.63 -0.12
N ILE A 96 -8.87 6.68 -1.14
CA ILE A 96 -9.33 6.97 -2.50
C ILE A 96 -9.91 5.72 -3.13
N GLN A 97 -11.05 5.86 -3.78
CA GLN A 97 -11.71 4.72 -4.41
C GLN A 97 -11.98 4.97 -5.89
N LEU A 98 -11.35 4.16 -6.74
CA LEU A 98 -11.51 4.27 -8.18
C LEU A 98 -12.53 3.25 -8.67
N GLN A 99 -13.11 3.51 -9.83
CA GLN A 99 -14.10 2.60 -10.40
C GLN A 99 -13.43 1.51 -11.24
N GLY A 100 -13.95 0.29 -11.12
CA GLY A 100 -13.40 -0.83 -11.87
C GLY A 100 -12.17 -1.43 -11.20
N ASP A 101 -11.62 -2.48 -11.80
CA ASP A 101 -10.45 -3.14 -11.26
C ASP A 101 -9.18 -2.37 -11.65
N GLN A 102 -8.87 -1.34 -10.87
CA GLN A 102 -7.70 -0.52 -11.12
C GLN A 102 -6.51 -1.00 -10.29
N ARG A 103 -6.63 -2.17 -9.68
CA ARG A 103 -5.55 -2.71 -8.86
C ARG A 103 -4.23 -2.68 -9.62
N LYS A 104 -4.30 -2.68 -10.94
CA LYS A 104 -3.09 -2.64 -11.77
C LYS A 104 -2.86 -1.25 -12.34
N ASN A 105 -3.92 -0.44 -12.40
CA ASN A 105 -3.82 0.91 -12.94
C ASN A 105 -3.47 1.92 -11.85
N ILE A 106 -4.09 1.76 -10.68
CA ILE A 106 -3.83 2.66 -9.56
C ILE A 106 -2.38 2.62 -9.14
N CYS A 107 -1.83 1.42 -8.93
CA CYS A 107 -0.43 1.28 -8.56
C CYS A 107 0.43 1.93 -9.63
N GLN A 108 -0.02 1.82 -10.87
CA GLN A 108 0.65 2.40 -12.01
C GLN A 108 0.50 3.91 -11.97
N PHE A 109 -0.64 4.37 -11.47
CA PHE A 109 -0.92 5.79 -11.36
C PHE A 109 -0.10 6.42 -10.25
N LEU A 110 -0.05 5.73 -9.11
CA LEU A 110 0.70 6.20 -7.96
C LEU A 110 2.17 6.41 -8.30
N VAL A 111 2.66 5.63 -9.25
CA VAL A 111 4.05 5.73 -9.68
C VAL A 111 4.20 6.66 -10.87
N GLU A 112 3.14 6.81 -11.66
CA GLU A 112 3.15 7.67 -12.83
C GLU A 112 3.07 9.14 -12.43
N ILE A 113 2.36 9.42 -11.34
CA ILE A 113 2.21 10.78 -10.85
C ILE A 113 3.20 11.08 -9.73
N GLY A 114 3.65 10.04 -9.04
CA GLY A 114 4.58 10.22 -7.94
C GLY A 114 3.87 10.24 -6.60
N LEU A 115 2.73 9.57 -6.53
CA LEU A 115 1.94 9.51 -5.31
C LEU A 115 2.55 8.51 -4.32
N ALA A 116 2.41 7.22 -4.64
CA ALA A 116 2.95 6.17 -3.79
C ALA A 116 4.34 5.76 -4.26
N LYS A 117 5.08 5.07 -3.39
CA LYS A 117 6.42 4.62 -3.74
C LYS A 117 6.37 3.24 -4.39
N ASP A 118 7.33 2.96 -5.25
CA ASP A 118 7.38 1.66 -5.93
C ASP A 118 7.47 0.54 -4.90
N ASP A 119 8.04 0.85 -3.74
CA ASP A 119 8.17 -0.13 -2.68
C ASP A 119 6.87 -0.21 -1.87
N GLN A 120 6.10 0.87 -1.90
CA GLN A 120 4.83 0.92 -1.18
C GLN A 120 3.72 0.25 -1.97
N LEU A 121 3.97 0.00 -3.26
CA LEU A 121 2.99 -0.64 -4.13
C LEU A 121 2.41 -1.89 -3.49
N LYS A 122 1.32 -1.73 -2.75
CA LYS A 122 0.67 -2.84 -2.09
C LYS A 122 -0.67 -3.17 -2.74
N VAL A 123 -0.62 -3.96 -3.81
CA VAL A 123 -1.82 -4.34 -4.54
C VAL A 123 -2.39 -5.66 -4.02
N HIS A 124 -3.60 -5.61 -3.48
CA HIS A 124 -4.25 -6.79 -2.95
C HIS A 124 -5.61 -7.03 -3.62
N GLY A 125 -5.58 -7.67 -4.78
CA GLY A 125 -6.81 -7.94 -5.50
C GLY A 125 -7.80 -8.73 -4.65
N PHE A 126 -8.97 -8.14 -4.43
CA PHE A 126 -10.01 -8.79 -3.62
C PHE A 126 -10.23 -10.23 -4.05
N MET A 1 14.23 5.43 -42.15
CA MET A 1 14.78 4.50 -41.13
C MET A 1 15.48 5.26 -40.02
N ARG A 2 14.79 5.43 -38.89
CA ARG A 2 15.34 6.15 -37.74
C ARG A 2 15.31 5.27 -36.50
N GLY A 3 16.48 4.91 -35.99
CA GLY A 3 16.55 4.09 -34.79
C GLY A 3 15.90 4.74 -33.60
N SER A 4 16.05 4.12 -32.43
CA SER A 4 15.47 4.64 -31.20
C SER A 4 16.19 4.09 -29.98
N HIS A 5 16.78 4.98 -29.20
CA HIS A 5 17.51 4.59 -27.99
C HIS A 5 17.23 5.56 -26.85
N HIS A 6 16.47 5.10 -25.85
CA HIS A 6 16.15 5.93 -24.70
C HIS A 6 15.32 5.15 -23.68
N HIS A 7 16.01 4.50 -22.75
CA HIS A 7 15.35 3.72 -21.71
C HIS A 7 15.28 4.49 -20.40
N HIS A 8 14.07 4.68 -19.90
CA HIS A 8 13.87 5.40 -18.64
C HIS A 8 13.83 4.45 -17.46
N HIS A 9 15.01 4.04 -17.00
CA HIS A 9 15.12 3.13 -15.87
C HIS A 9 16.37 3.41 -15.05
N HIS A 10 16.75 4.68 -14.99
CA HIS A 10 17.93 5.09 -14.25
C HIS A 10 17.93 6.60 -13.99
N THR A 11 17.83 7.37 -15.08
CA THR A 11 17.81 8.83 -14.98
C THR A 11 19.11 9.35 -14.39
N ASP A 12 19.23 9.31 -13.06
CA ASP A 12 20.44 9.78 -12.39
C ASP A 12 20.27 9.74 -10.87
N PRO A 13 21.25 9.17 -10.14
CA PRO A 13 21.18 9.08 -8.67
C PRO A 13 20.92 10.44 -8.03
N MET A 14 21.37 11.50 -8.70
CA MET A 14 21.19 12.85 -8.19
C MET A 14 19.71 13.20 -8.04
N SER A 15 18.87 12.56 -8.86
CA SER A 15 17.43 12.80 -8.81
C SER A 15 16.81 12.19 -7.56
N ALA A 16 17.31 11.02 -7.17
CA ALA A 16 16.80 10.33 -5.99
C ALA A 16 17.87 10.24 -4.91
N ILE A 17 18.11 11.36 -4.22
CA ILE A 17 19.10 11.40 -3.17
C ILE A 17 18.44 11.37 -1.79
N GLN A 18 19.22 11.01 -0.77
CA GLN A 18 18.70 10.95 0.59
C GLN A 18 18.10 12.28 1.02
N ASN A 19 16.82 12.26 1.39
CA ASN A 19 16.13 13.47 1.81
C ASN A 19 15.84 13.44 3.31
N LEU A 20 16.84 13.01 4.09
CA LEU A 20 16.69 12.94 5.54
C LEU A 20 16.63 14.33 6.16
N HIS A 21 15.93 14.45 7.27
CA HIS A 21 15.79 15.73 7.96
C HIS A 21 16.49 15.70 9.32
N SER A 22 16.32 16.77 10.09
CA SER A 22 16.94 16.86 11.41
C SER A 22 18.46 16.93 11.29
N PHE A 23 19.02 18.07 11.65
CA PHE A 23 20.47 18.28 11.60
C PHE A 23 20.90 19.38 12.55
N ASP A 24 20.71 19.16 13.84
CA ASP A 24 21.07 20.14 14.86
C ASP A 24 22.26 19.63 15.69
N PRO A 25 23.18 20.54 16.07
CA PRO A 25 24.36 20.18 16.87
C PRO A 25 23.97 19.47 18.16
N PHE A 26 22.81 19.82 18.71
CA PHE A 26 22.34 19.19 19.94
C PHE A 26 21.14 18.29 19.68
N ALA A 27 21.21 17.53 18.59
CA ALA A 27 20.14 16.61 18.22
C ALA A 27 20.54 15.73 17.05
N ASP A 28 21.10 14.56 17.35
CA ASP A 28 21.53 13.64 16.32
C ASP A 28 21.45 12.19 16.81
N ALA A 29 22.25 11.86 17.81
CA ALA A 29 22.26 10.51 18.37
C ALA A 29 21.51 10.48 19.70
N SER A 30 21.40 9.28 20.27
CA SER A 30 20.70 9.10 21.53
C SER A 30 21.14 7.81 22.23
N LYS A 31 20.66 6.68 21.73
CA LYS A 31 21.00 5.38 22.28
C LYS A 31 21.01 4.30 21.21
N GLY A 32 21.49 4.66 20.03
CA GLY A 32 21.55 3.71 18.93
C GLY A 32 20.32 3.79 18.03
N ASP A 33 20.41 4.61 16.99
CA ASP A 33 19.29 4.78 16.06
C ASP A 33 19.71 4.37 14.66
N ASP A 34 20.61 3.39 14.57
CA ASP A 34 21.08 2.91 13.27
C ASP A 34 20.06 1.97 12.64
N LEU A 35 19.35 1.23 13.47
CA LEU A 35 18.33 0.29 12.99
C LEU A 35 16.94 0.89 13.12
N LEU A 36 16.61 1.82 12.23
CA LEU A 36 15.31 2.46 12.24
C LEU A 36 14.18 1.44 12.13
N PRO A 37 13.00 1.76 12.71
CA PRO A 37 11.84 0.86 12.66
C PRO A 37 11.28 0.71 11.26
N ALA A 38 11.48 -0.46 10.66
CA ALA A 38 10.99 -0.74 9.33
C ALA A 38 10.07 -1.96 9.32
N GLY A 39 8.93 -1.84 10.00
CA GLY A 39 7.99 -2.94 10.05
C GLY A 39 7.38 -3.26 8.70
N THR A 40 6.65 -2.31 8.13
CA THR A 40 6.02 -2.50 6.83
C THR A 40 6.38 -1.36 5.87
N GLU A 41 7.33 -0.52 6.27
CA GLU A 41 7.76 0.61 5.44
C GLU A 41 6.57 1.45 4.98
N ASP A 42 5.48 1.38 5.74
CA ASP A 42 4.27 2.15 5.42
C ASP A 42 3.92 2.04 3.94
N TYR A 43 3.45 0.86 3.53
CA TYR A 43 3.08 0.63 2.14
C TYR A 43 1.71 1.23 1.84
N ILE A 44 1.35 1.25 0.56
CA ILE A 44 0.06 1.77 0.14
C ILE A 44 -0.86 0.62 -0.26
N HIS A 45 -1.74 0.23 0.66
CA HIS A 45 -2.67 -0.88 0.41
C HIS A 45 -3.78 -0.49 -0.56
N ILE A 46 -3.79 -1.16 -1.71
CA ILE A 46 -4.81 -0.92 -2.73
C ILE A 46 -6.16 -1.53 -2.30
N ARG A 47 -6.45 -2.75 -2.74
CA ARG A 47 -7.70 -3.44 -2.39
C ARG A 47 -8.84 -3.06 -3.31
N ILE A 48 -9.53 -4.09 -3.82
CA ILE A 48 -10.66 -3.90 -4.72
C ILE A 48 -11.95 -4.38 -4.06
N GLN A 49 -13.08 -3.85 -4.50
CA GLN A 49 -14.38 -4.24 -3.96
C GLN A 49 -15.42 -4.37 -5.06
N GLN A 50 -15.71 -5.60 -5.45
CA GLN A 50 -16.70 -5.86 -6.49
C GLN A 50 -18.02 -6.34 -5.89
N ARG A 51 -19.04 -5.50 -5.98
CA ARG A 51 -20.36 -5.83 -5.43
C ARG A 51 -20.91 -7.10 -6.06
N ASN A 52 -21.49 -6.96 -7.26
CA ASN A 52 -22.06 -8.11 -7.97
C ASN A 52 -21.07 -8.68 -8.97
N GLY A 53 -19.82 -8.81 -8.54
CA GLY A 53 -18.80 -9.34 -9.42
C GLY A 53 -18.59 -8.45 -10.63
N ARG A 54 -19.03 -7.20 -10.54
CA ARG A 54 -18.89 -6.26 -11.63
C ARG A 54 -18.63 -4.85 -11.10
N LYS A 55 -19.38 -4.45 -10.08
CA LYS A 55 -19.22 -3.13 -9.48
C LYS A 55 -17.91 -3.06 -8.70
N THR A 56 -16.80 -3.16 -9.41
CA THR A 56 -15.48 -3.11 -8.79
C THR A 56 -15.12 -1.68 -8.39
N LEU A 57 -14.42 -1.54 -7.26
CA LEU A 57 -14.02 -0.23 -6.77
C LEU A 57 -12.66 -0.30 -6.08
N THR A 58 -11.60 -0.10 -6.86
CA THR A 58 -10.24 -0.14 -6.32
C THR A 58 -10.00 1.00 -5.34
N THR A 59 -9.63 0.66 -4.11
CA THR A 59 -9.36 1.67 -3.10
C THR A 59 -7.87 1.84 -2.86
N VAL A 60 -7.49 2.96 -2.27
CA VAL A 60 -6.08 3.23 -1.98
C VAL A 60 -5.87 3.61 -0.52
N GLN A 61 -5.06 2.81 0.18
CA GLN A 61 -4.77 3.06 1.59
C GLN A 61 -3.29 3.41 1.77
N GLY A 62 -3.01 4.32 2.70
CA GLY A 62 -1.64 4.71 2.96
C GLY A 62 -1.35 6.12 2.47
N ILE A 63 -1.97 6.51 1.37
CA ILE A 63 -1.77 7.83 0.79
C ILE A 63 -1.99 8.93 1.83
N ALA A 64 -1.17 9.97 1.75
CA ALA A 64 -1.27 11.09 2.67
C ALA A 64 -2.38 12.06 2.26
N ASP A 65 -3.13 12.54 3.24
CA ASP A 65 -4.20 13.48 2.99
C ASP A 65 -3.67 14.81 2.46
N ASP A 66 -2.36 15.03 2.64
CA ASP A 66 -1.72 16.26 2.19
C ASP A 66 -1.63 16.29 0.67
N TYR A 67 -1.62 15.12 0.06
CA TYR A 67 -1.54 15.00 -1.39
C TYR A 67 -2.53 15.92 -2.08
N ASP A 68 -2.26 16.24 -3.34
CA ASP A 68 -3.15 17.11 -4.11
C ASP A 68 -4.43 16.37 -4.48
N LYS A 69 -5.36 16.31 -3.52
CA LYS A 69 -6.64 15.62 -3.71
C LYS A 69 -7.18 15.82 -5.12
N LYS A 70 -7.08 17.06 -5.61
CA LYS A 70 -7.56 17.38 -6.95
C LYS A 70 -6.80 16.60 -8.00
N LYS A 71 -5.51 16.91 -8.16
CA LYS A 71 -4.67 16.23 -9.14
C LYS A 71 -4.53 14.74 -8.83
N LEU A 72 -4.90 14.35 -7.61
CA LEU A 72 -4.80 12.96 -7.20
C LEU A 72 -5.79 12.08 -7.95
N VAL A 73 -7.08 12.25 -7.66
CA VAL A 73 -8.12 11.46 -8.30
C VAL A 73 -8.54 12.04 -9.64
N LYS A 74 -8.77 13.35 -9.69
CA LYS A 74 -9.18 14.02 -10.92
C LYS A 74 -8.28 13.61 -12.09
N ALA A 75 -6.99 13.53 -11.83
CA ALA A 75 -6.03 13.13 -12.85
C ALA A 75 -6.30 11.70 -13.32
N PHE A 76 -6.79 10.87 -12.40
CA PHE A 76 -7.10 9.49 -12.71
C PHE A 76 -8.15 9.41 -13.82
N LYS A 77 -9.17 10.24 -13.71
CA LYS A 77 -10.25 10.27 -14.71
C LYS A 77 -9.76 10.88 -16.02
N LYS A 78 -8.56 11.44 -16.01
CA LYS A 78 -7.99 12.05 -17.21
C LYS A 78 -6.92 11.16 -17.83
N LYS A 79 -6.37 10.25 -17.04
CA LYS A 79 -5.33 9.34 -17.53
C LYS A 79 -5.93 8.01 -17.97
N PHE A 80 -6.91 7.52 -17.24
CA PHE A 80 -7.54 6.25 -17.55
C PHE A 80 -9.00 6.44 -17.97
N ALA A 81 -9.59 7.58 -17.63
CA ALA A 81 -10.97 7.86 -17.96
C ALA A 81 -11.93 7.07 -17.07
N CYS A 82 -11.52 6.84 -15.83
CA CYS A 82 -12.33 6.09 -14.88
C CYS A 82 -12.95 7.02 -13.85
N ASN A 83 -13.70 6.46 -12.92
CA ASN A 83 -14.36 7.25 -11.88
C ASN A 83 -13.64 7.03 -10.55
N GLY A 84 -13.09 8.12 -10.00
CA GLY A 84 -12.38 8.02 -8.75
C GLY A 84 -12.97 8.93 -7.68
N THR A 85 -13.14 8.39 -6.48
CA THR A 85 -13.69 9.15 -5.36
C THR A 85 -12.74 9.15 -4.17
N VAL A 86 -13.02 10.01 -3.20
CA VAL A 86 -12.20 10.10 -2.00
C VAL A 86 -13.03 9.81 -0.74
N ILE A 87 -13.39 8.54 -0.57
CA ILE A 87 -14.18 8.13 0.59
C ILE A 87 -13.33 7.99 1.84
N GLU A 88 -13.93 8.24 3.00
CA GLU A 88 -13.22 8.12 4.26
C GLU A 88 -13.64 6.85 4.97
N HIS A 89 -13.13 5.72 4.49
CA HIS A 89 -13.45 4.42 5.07
C HIS A 89 -13.23 4.41 6.58
N PRO A 90 -14.23 3.95 7.35
CA PRO A 90 -14.13 3.90 8.81
C PRO A 90 -13.25 2.75 9.29
N GLU A 91 -12.93 1.83 8.37
CA GLU A 91 -12.09 0.68 8.70
C GLU A 91 -10.62 1.04 8.55
N TYR A 92 -10.33 2.03 7.72
CA TYR A 92 -8.95 2.47 7.49
C TYR A 92 -8.80 3.96 7.75
N GLY A 93 -9.62 4.76 7.08
CA GLY A 93 -9.55 6.20 7.25
C GLY A 93 -9.84 6.95 5.96
N GLU A 94 -8.83 7.64 5.45
CA GLU A 94 -8.98 8.39 4.22
C GLU A 94 -8.40 7.62 3.03
N VAL A 95 -9.25 6.82 2.38
CA VAL A 95 -8.83 6.02 1.24
C VAL A 95 -9.59 6.41 -0.02
N ILE A 96 -8.87 6.52 -1.13
CA ILE A 96 -9.50 6.88 -2.40
C ILE A 96 -10.27 5.68 -2.95
N GLN A 97 -11.31 5.95 -3.71
CA GLN A 97 -12.14 4.90 -4.27
C GLN A 97 -12.25 5.01 -5.79
N LEU A 98 -11.48 4.19 -6.50
CA LEU A 98 -11.51 4.18 -7.95
C LEU A 98 -12.53 3.18 -8.46
N GLN A 99 -13.01 3.40 -9.68
CA GLN A 99 -14.01 2.51 -10.27
C GLN A 99 -13.33 1.43 -11.12
N GLY A 100 -13.89 0.23 -11.09
CA GLY A 100 -13.34 -0.88 -11.85
C GLY A 100 -12.12 -1.49 -11.19
N ASP A 101 -11.57 -2.52 -11.82
CA ASP A 101 -10.38 -3.19 -11.29
C ASP A 101 -9.12 -2.44 -11.68
N GLN A 102 -8.84 -1.35 -10.98
CA GLN A 102 -7.66 -0.53 -11.25
C GLN A 102 -6.48 -1.00 -10.40
N ARG A 103 -6.58 -2.18 -9.81
CA ARG A 103 -5.51 -2.72 -8.98
C ARG A 103 -4.16 -2.59 -9.69
N LYS A 104 -4.18 -2.61 -11.01
CA LYS A 104 -2.96 -2.50 -11.80
C LYS A 104 -2.80 -1.08 -12.35
N ASN A 105 -3.91 -0.35 -12.44
CA ASN A 105 -3.88 1.01 -12.97
C ASN A 105 -3.51 2.01 -11.87
N ILE A 106 -4.00 1.77 -10.66
CA ILE A 106 -3.71 2.65 -9.54
C ILE A 106 -2.23 2.61 -9.18
N CYS A 107 -1.69 1.41 -8.96
CA CYS A 107 -0.27 1.28 -8.65
C CYS A 107 0.54 1.94 -9.76
N GLN A 108 0.00 1.85 -10.97
CA GLN A 108 0.61 2.46 -12.13
C GLN A 108 0.43 3.97 -12.08
N PHE A 109 -0.71 4.40 -11.56
CA PHE A 109 -1.00 5.82 -11.43
C PHE A 109 -0.16 6.45 -10.33
N LEU A 110 -0.09 5.77 -9.19
CA LEU A 110 0.69 6.24 -8.06
C LEU A 110 2.15 6.46 -8.46
N VAL A 111 2.62 5.67 -9.41
CA VAL A 111 3.99 5.78 -9.89
C VAL A 111 4.09 6.73 -11.08
N GLU A 112 3.03 6.79 -11.88
CA GLU A 112 3.00 7.66 -13.05
C GLU A 112 2.94 9.13 -12.63
N ILE A 113 2.32 9.38 -11.48
CA ILE A 113 2.20 10.75 -10.97
C ILE A 113 3.18 11.02 -9.84
N GLY A 114 3.59 9.95 -9.15
CA GLY A 114 4.51 10.09 -8.04
C GLY A 114 3.78 10.21 -6.72
N LEU A 115 2.64 9.55 -6.62
CA LEU A 115 1.83 9.58 -5.42
C LEU A 115 2.41 8.67 -4.34
N ALA A 116 2.33 7.36 -4.57
CA ALA A 116 2.86 6.40 -3.62
C ALA A 116 4.31 6.08 -3.93
N LYS A 117 4.85 5.05 -3.29
CA LYS A 117 6.22 4.65 -3.51
C LYS A 117 6.28 3.23 -4.06
N ASP A 118 7.26 2.99 -4.94
CA ASP A 118 7.41 1.66 -5.55
C ASP A 118 7.53 0.58 -4.47
N ASP A 119 8.11 0.95 -3.34
CA ASP A 119 8.27 0.00 -2.24
C ASP A 119 6.98 -0.11 -1.44
N GLN A 120 6.11 0.88 -1.58
CA GLN A 120 4.83 0.90 -0.88
C GLN A 120 3.75 0.20 -1.71
N LEU A 121 4.06 -0.07 -2.97
CA LEU A 121 3.11 -0.73 -3.87
C LEU A 121 2.49 -1.96 -3.22
N LYS A 122 1.36 -1.77 -2.56
CA LYS A 122 0.66 -2.86 -1.90
C LYS A 122 -0.69 -3.14 -2.55
N VAL A 123 -0.68 -3.93 -3.62
CA VAL A 123 -1.90 -4.27 -4.34
C VAL A 123 -2.49 -5.59 -3.86
N HIS A 124 -3.75 -5.55 -3.43
CA HIS A 124 -4.42 -6.74 -2.95
C HIS A 124 -5.78 -6.93 -3.61
N GLY A 125 -5.77 -7.56 -4.78
CA GLY A 125 -7.02 -7.80 -5.49
C GLY A 125 -7.94 -8.74 -4.75
N PHE A 126 -9.14 -8.27 -4.44
CA PHE A 126 -10.14 -9.08 -3.73
C PHE A 126 -10.21 -10.50 -4.28
N MET A 1 61.77 15.33 2.64
CA MET A 1 62.54 14.48 3.58
C MET A 1 62.41 14.99 5.02
N ARG A 2 61.36 14.55 5.70
CA ARG A 2 61.13 14.97 7.08
C ARG A 2 60.15 14.02 7.77
N GLY A 3 60.61 12.81 8.05
CA GLY A 3 59.77 11.82 8.70
C GLY A 3 59.50 12.16 10.15
N SER A 4 58.29 12.64 10.43
CA SER A 4 57.90 13.00 11.80
C SER A 4 56.71 12.19 12.27
N HIS A 5 55.65 12.16 11.46
CA HIS A 5 54.45 11.41 11.81
C HIS A 5 54.58 9.95 11.40
N HIS A 6 55.30 9.71 10.31
CA HIS A 6 55.51 8.36 9.82
C HIS A 6 56.88 8.21 9.15
N HIS A 7 57.47 7.04 9.29
CA HIS A 7 58.78 6.76 8.70
C HIS A 7 58.66 6.43 7.22
N HIS A 8 58.07 5.26 6.94
CA HIS A 8 57.89 4.83 5.56
C HIS A 8 56.66 3.95 5.42
N HIS A 9 55.90 4.16 4.35
CA HIS A 9 54.69 3.39 4.11
C HIS A 9 54.89 2.40 2.95
N HIS A 10 54.94 1.12 3.28
CA HIS A 10 55.14 0.08 2.27
C HIS A 10 56.48 0.24 1.58
N THR A 11 57.09 -0.89 1.21
CA THR A 11 58.39 -0.88 0.55
C THR A 11 58.23 -1.19 -0.93
N ASP A 12 57.19 -0.64 -1.54
CA ASP A 12 56.93 -0.86 -2.96
C ASP A 12 55.75 -0.01 -3.44
N PRO A 13 55.89 1.33 -3.40
CA PRO A 13 54.84 2.25 -3.84
C PRO A 13 54.60 2.19 -5.34
N MET A 14 55.65 1.88 -6.09
CA MET A 14 55.56 1.79 -7.54
C MET A 14 54.60 0.69 -7.97
N SER A 15 54.49 -0.34 -7.14
CA SER A 15 53.61 -1.47 -7.43
C SER A 15 52.15 -1.05 -7.33
N ALA A 16 51.86 -0.10 -6.44
CA ALA A 16 50.51 0.39 -6.23
C ALA A 16 50.42 1.90 -6.47
N ILE A 17 50.36 2.29 -7.73
CA ILE A 17 50.28 3.70 -8.10
C ILE A 17 48.89 4.04 -8.65
N GLN A 18 47.93 4.25 -7.74
CA GLN A 18 46.57 4.59 -8.13
C GLN A 18 46.19 5.97 -7.62
N ASN A 19 44.91 6.31 -7.74
CA ASN A 19 44.42 7.61 -7.31
C ASN A 19 43.25 7.44 -6.33
N LEU A 20 43.58 7.17 -5.06
CA LEU A 20 42.57 6.99 -4.04
C LEU A 20 41.95 8.32 -3.64
N HIS A 21 40.66 8.48 -3.92
CA HIS A 21 39.96 9.72 -3.58
C HIS A 21 38.81 9.45 -2.62
N SER A 22 38.37 10.50 -1.94
CA SER A 22 37.27 10.37 -0.98
C SER A 22 37.65 9.44 0.16
N PHE A 23 37.73 9.98 1.38
CA PHE A 23 38.09 9.19 2.54
C PHE A 23 36.83 8.67 3.24
N ASP A 24 36.89 7.42 3.68
CA ASP A 24 35.75 6.79 4.37
C ASP A 24 34.53 6.75 3.46
N PRO A 25 34.58 5.95 2.38
CA PRO A 25 33.47 5.81 1.45
C PRO A 25 32.20 5.30 2.11
N PHE A 26 32.37 4.55 3.19
CA PHE A 26 31.23 3.99 3.93
C PHE A 26 31.14 4.61 5.33
N ALA A 27 31.25 5.93 5.38
CA ALA A 27 31.18 6.65 6.66
C ALA A 27 29.72 6.85 7.09
N ASP A 28 29.09 5.76 7.51
CA ASP A 28 27.69 5.82 7.96
C ASP A 28 27.23 4.46 8.47
N ALA A 29 27.34 4.25 9.77
CA ALA A 29 26.92 3.00 10.39
C ALA A 29 26.17 3.24 11.69
N SER A 30 25.71 2.16 12.31
CA SER A 30 24.98 2.26 13.57
C SER A 30 24.85 0.89 14.24
N LYS A 31 24.02 0.81 15.27
CA LYS A 31 23.81 -0.44 15.99
C LYS A 31 23.25 -1.51 15.05
N GLY A 32 23.34 -2.77 15.49
CA GLY A 32 22.84 -3.87 14.68
C GLY A 32 21.33 -3.95 14.69
N ASP A 33 20.68 -3.04 13.97
CA ASP A 33 19.23 -3.02 13.90
C ASP A 33 18.76 -2.37 12.60
N ASP A 34 18.77 -3.14 11.52
CA ASP A 34 18.34 -2.64 10.22
C ASP A 34 16.87 -2.28 10.23
N LEU A 35 16.04 -3.16 10.80
CA LEU A 35 14.61 -2.94 10.88
C LEU A 35 14.29 -1.77 11.80
N LEU A 36 13.87 -0.65 11.21
CA LEU A 36 13.53 0.54 11.99
C LEU A 36 12.03 0.56 12.31
N PRO A 37 11.63 1.40 13.27
CA PRO A 37 10.22 1.52 13.69
C PRO A 37 9.32 1.94 12.54
N ALA A 38 8.95 0.98 11.70
CA ALA A 38 8.08 1.25 10.57
C ALA A 38 8.67 2.33 9.66
N GLY A 39 9.77 2.01 9.01
CA GLY A 39 10.41 2.97 8.12
C GLY A 39 9.92 2.84 6.69
N THR A 40 10.17 1.67 6.09
CA THR A 40 9.75 1.42 4.72
C THR A 40 8.50 0.56 4.68
N GLU A 41 8.28 -0.21 5.75
CA GLU A 41 7.11 -1.08 5.84
C GLU A 41 5.83 -0.33 5.51
N ASP A 42 5.83 0.98 5.74
CA ASP A 42 4.67 1.82 5.47
C ASP A 42 4.34 1.81 3.98
N TYR A 43 3.68 0.75 3.53
CA TYR A 43 3.30 0.61 2.13
C TYR A 43 1.92 1.20 1.88
N ILE A 44 1.50 1.20 0.61
CA ILE A 44 0.20 1.72 0.24
C ILE A 44 -0.72 0.59 -0.22
N HIS A 45 -1.56 0.12 0.69
CA HIS A 45 -2.48 -0.97 0.39
C HIS A 45 -3.59 -0.54 -0.58
N ILE A 46 -3.79 -1.34 -1.61
CA ILE A 46 -4.82 -1.07 -2.61
C ILE A 46 -6.15 -1.72 -2.19
N ARG A 47 -6.46 -2.92 -2.72
CA ARG A 47 -7.68 -3.64 -2.37
C ARG A 47 -8.86 -3.22 -3.25
N ILE A 48 -9.47 -4.21 -3.89
CA ILE A 48 -10.62 -3.98 -4.76
C ILE A 48 -11.91 -4.40 -4.06
N GLN A 49 -13.04 -3.79 -4.45
CA GLN A 49 -14.32 -4.11 -3.86
C GLN A 49 -15.42 -4.16 -4.92
N GLN A 50 -15.83 -5.38 -5.28
CA GLN A 50 -16.87 -5.58 -6.29
C GLN A 50 -18.18 -6.00 -5.62
N ARG A 51 -19.21 -5.20 -5.81
CA ARG A 51 -20.52 -5.50 -5.21
C ARG A 51 -21.29 -6.53 -6.05
N ASN A 52 -21.69 -6.14 -7.25
CA ASN A 52 -22.44 -7.03 -8.14
C ASN A 52 -21.50 -7.79 -9.06
N GLY A 53 -20.34 -8.20 -8.55
CA GLY A 53 -19.39 -8.93 -9.35
C GLY A 53 -18.98 -8.17 -10.59
N ARG A 54 -19.14 -6.85 -10.55
CA ARG A 54 -18.79 -6.01 -11.68
C ARG A 54 -18.53 -4.57 -11.23
N LYS A 55 -19.40 -4.04 -10.38
CA LYS A 55 -19.25 -2.69 -9.87
C LYS A 55 -18.08 -2.62 -8.90
N THR A 56 -16.87 -2.82 -9.43
CA THR A 56 -15.66 -2.79 -8.62
C THR A 56 -15.32 -1.37 -8.19
N LEU A 57 -14.55 -1.25 -7.12
CA LEU A 57 -14.15 0.04 -6.60
C LEU A 57 -12.78 -0.03 -5.93
N THR A 58 -11.73 0.01 -6.75
CA THR A 58 -10.36 -0.06 -6.23
C THR A 58 -10.07 1.08 -5.26
N THR A 59 -9.72 0.72 -4.03
CA THR A 59 -9.40 1.73 -3.01
C THR A 59 -7.90 1.82 -2.78
N VAL A 60 -7.47 2.92 -2.17
CA VAL A 60 -6.06 3.13 -1.89
C VAL A 60 -5.85 3.55 -0.43
N GLN A 61 -5.26 2.66 0.36
CA GLN A 61 -5.00 2.96 1.77
C GLN A 61 -3.53 3.29 1.99
N GLY A 62 -3.27 4.27 2.83
CA GLY A 62 -1.91 4.67 3.11
C GLY A 62 -1.61 6.07 2.60
N ILE A 63 -2.35 6.49 1.58
CA ILE A 63 -2.17 7.81 0.99
C ILE A 63 -2.55 8.90 1.98
N ALA A 64 -1.86 10.02 1.90
CA ALA A 64 -2.11 11.15 2.80
C ALA A 64 -3.21 12.05 2.26
N ASP A 65 -4.16 12.40 3.12
CA ASP A 65 -5.27 13.27 2.75
C ASP A 65 -4.76 14.62 2.28
N ASP A 66 -3.53 14.95 2.66
CA ASP A 66 -2.92 16.23 2.29
C ASP A 66 -2.70 16.29 0.77
N TYR A 67 -2.60 15.12 0.14
CA TYR A 67 -2.40 15.04 -1.29
C TYR A 67 -3.39 15.92 -2.05
N ASP A 68 -3.04 16.29 -3.27
CA ASP A 68 -3.91 17.13 -4.09
C ASP A 68 -5.10 16.32 -4.58
N LYS A 69 -6.08 16.11 -3.71
CA LYS A 69 -7.29 15.35 -4.05
C LYS A 69 -7.78 15.70 -5.46
N LYS A 70 -7.68 16.98 -5.82
CA LYS A 70 -8.10 17.44 -7.13
C LYS A 70 -7.29 16.76 -8.22
N LYS A 71 -5.96 16.89 -8.14
CA LYS A 71 -5.07 16.29 -9.12
C LYS A 71 -4.78 14.83 -8.79
N LEU A 72 -5.43 14.30 -7.75
CA LEU A 72 -5.22 12.91 -7.33
C LEU A 72 -6.13 11.98 -8.13
N VAL A 73 -7.43 12.19 -8.05
CA VAL A 73 -8.39 11.37 -8.77
C VAL A 73 -8.67 11.92 -10.16
N LYS A 74 -8.79 13.24 -10.26
CA LYS A 74 -9.04 13.88 -11.55
C LYS A 74 -8.02 13.42 -12.58
N ALA A 75 -6.77 13.31 -12.16
CA ALA A 75 -5.70 12.87 -13.03
C ALA A 75 -5.94 11.43 -13.48
N PHE A 76 -6.56 10.64 -12.60
CA PHE A 76 -6.85 9.25 -12.91
C PHE A 76 -7.85 9.15 -14.06
N LYS A 77 -9.00 9.77 -13.87
CA LYS A 77 -10.05 9.78 -14.89
C LYS A 77 -9.53 10.28 -16.23
N LYS A 78 -8.44 11.04 -16.20
CA LYS A 78 -7.86 11.59 -17.43
C LYS A 78 -6.78 10.67 -17.99
N LYS A 79 -6.25 9.79 -17.14
CA LYS A 79 -5.20 8.87 -17.56
C LYS A 79 -5.75 7.47 -17.84
N PHE A 80 -6.81 7.10 -17.13
CA PHE A 80 -7.40 5.77 -17.31
C PHE A 80 -8.85 5.86 -17.81
N ALA A 81 -9.45 7.03 -17.72
CA ALA A 81 -10.83 7.22 -18.16
C ALA A 81 -11.80 6.57 -17.19
N CYS A 82 -11.37 6.42 -15.93
CA CYS A 82 -12.20 5.81 -14.90
C CYS A 82 -12.78 6.89 -13.99
N ASN A 83 -13.25 6.49 -12.82
CA ASN A 83 -13.82 7.43 -11.87
C ASN A 83 -13.06 7.37 -10.55
N GLY A 84 -12.42 8.47 -10.19
CA GLY A 84 -11.65 8.53 -8.96
C GLY A 84 -12.34 9.35 -7.89
N THR A 85 -12.64 8.73 -6.76
CA THR A 85 -13.31 9.41 -5.67
C THR A 85 -12.49 9.35 -4.39
N VAL A 86 -12.68 10.34 -3.51
CA VAL A 86 -11.96 10.39 -2.24
C VAL A 86 -12.89 10.05 -1.08
N ILE A 87 -12.52 9.05 -0.29
CA ILE A 87 -13.33 8.64 0.85
C ILE A 87 -12.48 8.40 2.09
N GLU A 88 -13.11 8.48 3.25
CA GLU A 88 -12.42 8.26 4.52
C GLU A 88 -12.92 6.98 5.17
N HIS A 89 -12.48 5.85 4.62
CA HIS A 89 -12.89 4.54 5.12
C HIS A 89 -12.55 4.39 6.61
N PRO A 90 -13.43 3.72 7.38
CA PRO A 90 -13.22 3.51 8.81
C PRO A 90 -12.31 2.33 9.10
N GLU A 91 -12.27 1.38 8.16
CA GLU A 91 -11.43 0.19 8.31
C GLU A 91 -9.98 0.50 7.94
N TYR A 92 -9.79 1.52 7.11
CA TYR A 92 -8.45 1.90 6.67
C TYR A 92 -8.11 3.32 7.14
N GLY A 93 -9.00 4.25 6.89
CA GLY A 93 -8.78 5.63 7.28
C GLY A 93 -8.21 6.47 6.16
N GLU A 94 -9.07 7.24 5.49
CA GLU A 94 -8.64 8.09 4.40
C GLU A 94 -8.09 7.28 3.23
N VAL A 95 -8.96 6.96 2.28
CA VAL A 95 -8.57 6.18 1.11
C VAL A 95 -9.29 6.66 -0.14
N ILE A 96 -8.60 6.60 -1.28
CA ILE A 96 -9.18 7.02 -2.55
C ILE A 96 -9.93 5.85 -3.20
N GLN A 97 -11.19 6.08 -3.52
CA GLN A 97 -12.03 5.05 -4.13
C GLN A 97 -12.11 5.21 -5.64
N LEU A 98 -11.50 4.27 -6.35
CA LEU A 98 -11.51 4.26 -7.81
C LEU A 98 -12.66 3.41 -8.31
N GLN A 99 -12.96 3.52 -9.59
CA GLN A 99 -14.05 2.74 -10.18
C GLN A 99 -13.50 1.59 -11.02
N GLY A 100 -14.13 0.43 -10.91
CA GLY A 100 -13.70 -0.74 -11.66
C GLY A 100 -12.40 -1.30 -11.14
N ASP A 101 -11.97 -2.44 -11.68
CA ASP A 101 -10.74 -3.07 -11.26
C ASP A 101 -9.53 -2.25 -11.70
N GLN A 102 -9.00 -1.45 -10.78
CA GLN A 102 -7.86 -0.60 -11.07
C GLN A 102 -6.64 -0.99 -10.22
N ARG A 103 -6.78 -2.04 -9.43
CA ARG A 103 -5.69 -2.50 -8.58
C ARG A 103 -4.37 -2.57 -9.34
N LYS A 104 -4.45 -2.78 -10.65
CA LYS A 104 -3.26 -2.88 -11.49
C LYS A 104 -2.93 -1.53 -12.14
N ASN A 105 -3.95 -0.68 -12.28
CA ASN A 105 -3.76 0.64 -12.90
C ASN A 105 -3.44 1.70 -11.84
N ILE A 106 -4.00 1.54 -10.65
CA ILE A 106 -3.77 2.50 -9.58
C ILE A 106 -2.31 2.50 -9.15
N CYS A 107 -1.75 1.31 -8.92
CA CYS A 107 -0.34 1.20 -8.53
C CYS A 107 0.52 1.95 -9.55
N GLN A 108 0.09 1.90 -10.80
CA GLN A 108 0.79 2.58 -11.88
C GLN A 108 0.68 4.09 -11.71
N PHE A 109 -0.54 4.53 -11.39
CA PHE A 109 -0.82 5.95 -11.20
C PHE A 109 -0.04 6.51 -10.03
N LEU A 110 -0.11 5.82 -8.90
CA LEU A 110 0.60 6.25 -7.69
C LEU A 110 2.08 6.46 -7.97
N VAL A 111 2.61 5.69 -8.90
CA VAL A 111 4.02 5.79 -9.27
C VAL A 111 4.20 6.70 -10.49
N GLU A 112 3.16 6.82 -11.30
CA GLU A 112 3.22 7.66 -12.49
C GLU A 112 3.13 9.14 -12.13
N ILE A 113 2.28 9.46 -11.15
CA ILE A 113 2.11 10.84 -10.72
C ILE A 113 3.04 11.18 -9.56
N GLY A 114 3.46 10.15 -8.82
CA GLY A 114 4.34 10.36 -7.69
C GLY A 114 3.57 10.40 -6.38
N LEU A 115 2.45 9.71 -6.35
CA LEU A 115 1.60 9.66 -5.15
C LEU A 115 2.21 8.72 -4.11
N ALA A 116 2.18 7.43 -4.40
CA ALA A 116 2.73 6.43 -3.50
C ALA A 116 4.19 6.16 -3.84
N LYS A 117 4.74 5.07 -3.30
CA LYS A 117 6.13 4.71 -3.56
C LYS A 117 6.21 3.32 -4.16
N ASP A 118 7.17 3.11 -5.07
CA ASP A 118 7.34 1.81 -5.70
C ASP A 118 7.51 0.72 -4.67
N ASP A 119 8.11 1.07 -3.54
CA ASP A 119 8.31 0.11 -2.45
C ASP A 119 7.02 -0.06 -1.66
N GLN A 120 6.18 0.96 -1.68
CA GLN A 120 4.91 0.93 -0.97
C GLN A 120 3.82 0.27 -1.81
N LEU A 121 4.13 -0.01 -3.07
CA LEU A 121 3.16 -0.64 -3.98
C LEU A 121 2.57 -1.89 -3.35
N LYS A 122 1.43 -1.73 -2.67
CA LYS A 122 0.76 -2.85 -2.03
C LYS A 122 -0.60 -3.11 -2.67
N VAL A 123 -0.60 -3.83 -3.79
CA VAL A 123 -1.83 -4.14 -4.49
C VAL A 123 -2.39 -5.49 -4.07
N HIS A 124 -3.64 -5.50 -3.60
CA HIS A 124 -4.28 -6.73 -3.17
C HIS A 124 -5.63 -6.92 -3.85
N GLY A 125 -5.58 -7.42 -5.09
CA GLY A 125 -6.81 -7.65 -5.83
C GLY A 125 -7.67 -8.74 -5.20
N PHE A 126 -8.89 -8.39 -4.84
CA PHE A 126 -9.81 -9.34 -4.22
C PHE A 126 -9.90 -10.63 -5.03
N MET A 1 -5.05 -40.04 24.47
CA MET A 1 -3.87 -40.93 24.64
C MET A 1 -4.16 -42.33 24.13
N ARG A 2 -3.17 -42.94 23.47
CA ARG A 2 -3.33 -44.29 22.94
C ARG A 2 -2.38 -45.26 23.63
N GLY A 3 -2.18 -45.06 24.93
CA GLY A 3 -1.29 -45.92 25.68
C GLY A 3 0.16 -45.54 25.53
N SER A 4 0.75 -44.98 26.58
CA SER A 4 2.14 -44.56 26.55
C SER A 4 3.02 -45.57 27.29
N HIS A 5 3.06 -46.80 26.77
CA HIS A 5 3.86 -47.85 27.38
C HIS A 5 3.89 -49.09 26.49
N HIS A 6 5.04 -49.75 26.43
CA HIS A 6 5.20 -50.95 25.62
C HIS A 6 6.10 -51.97 26.32
N HIS A 7 7.24 -51.49 26.82
CA HIS A 7 8.18 -52.36 27.51
C HIS A 7 9.18 -51.54 28.32
N HIS A 8 9.83 -50.58 27.65
CA HIS A 8 10.81 -49.72 28.30
C HIS A 8 10.13 -48.63 29.11
N HIS A 9 10.67 -48.33 30.27
CA HIS A 9 10.11 -47.30 31.15
C HIS A 9 11.12 -46.19 31.40
N HIS A 10 10.63 -44.99 31.71
CA HIS A 10 11.49 -43.85 31.97
C HIS A 10 10.74 -42.77 32.76
N THR A 11 10.15 -43.18 33.88
CA THR A 11 9.42 -42.24 34.72
C THR A 11 10.05 -42.14 36.11
N ASP A 12 10.91 -41.14 36.29
CA ASP A 12 11.58 -40.94 37.56
C ASP A 12 10.90 -39.83 38.37
N PRO A 13 10.62 -40.08 39.66
CA PRO A 13 9.96 -39.08 40.52
C PRO A 13 10.71 -37.77 40.55
N MET A 14 12.03 -37.83 40.44
CA MET A 14 12.87 -36.64 40.45
C MET A 14 12.47 -35.68 39.33
N SER A 15 11.90 -36.22 38.26
CA SER A 15 11.47 -35.41 37.12
C SER A 15 10.21 -34.63 37.47
N ALA A 16 9.41 -35.17 38.38
CA ALA A 16 8.16 -34.52 38.79
C ALA A 16 8.39 -33.60 39.99
N ILE A 17 9.40 -32.74 39.88
CA ILE A 17 9.71 -31.80 40.95
C ILE A 17 9.61 -30.35 40.47
N GLN A 18 8.56 -29.67 40.91
CA GLN A 18 8.34 -28.28 40.53
C GLN A 18 8.16 -28.16 39.03
N ASN A 19 7.56 -29.17 38.41
CA ASN A 19 7.32 -29.17 36.98
C ASN A 19 5.85 -28.89 36.67
N LEU A 20 5.20 -28.15 37.54
CA LEU A 20 3.79 -27.81 37.37
C LEU A 20 3.53 -26.36 37.75
N HIS A 21 4.51 -25.51 37.53
CA HIS A 21 4.39 -24.09 37.84
C HIS A 21 4.70 -23.22 36.62
N SER A 22 4.58 -23.80 35.44
CA SER A 22 4.85 -23.08 34.19
C SER A 22 6.24 -22.44 34.22
N PHE A 23 6.50 -21.57 33.24
CA PHE A 23 7.78 -20.89 33.15
C PHE A 23 8.92 -21.89 33.02
N ASP A 24 9.40 -22.08 31.80
CA ASP A 24 10.50 -23.01 31.54
C ASP A 24 10.90 -22.98 30.07
N PRO A 25 12.14 -23.40 29.76
CA PRO A 25 12.66 -23.42 28.38
C PRO A 25 11.73 -24.17 27.44
N PHE A 26 10.94 -25.08 27.98
CA PHE A 26 10.01 -25.87 27.19
C PHE A 26 8.56 -25.49 27.51
N ALA A 27 8.30 -24.19 27.58
CA ALA A 27 6.96 -23.70 27.88
C ALA A 27 6.90 -22.18 27.78
N ASP A 28 6.87 -21.67 26.55
CA ASP A 28 6.81 -20.23 26.31
C ASP A 28 6.04 -19.92 25.04
N ALA A 29 5.85 -18.64 24.77
CA ALA A 29 5.14 -18.21 23.57
C ALA A 29 5.58 -16.82 23.13
N SER A 30 5.25 -16.46 21.89
CA SER A 30 5.63 -15.16 21.35
C SER A 30 5.04 -14.96 19.96
N LYS A 31 5.46 -13.89 19.29
CA LYS A 31 4.97 -13.59 17.95
C LYS A 31 5.99 -12.76 17.18
N GLY A 32 6.41 -13.27 16.02
CA GLY A 32 7.38 -12.55 15.20
C GLY A 32 8.80 -12.73 15.71
N ASP A 33 9.57 -11.66 15.64
CA ASP A 33 10.96 -11.68 16.08
C ASP A 33 11.60 -10.30 15.98
N ASP A 34 11.60 -9.58 17.09
CA ASP A 34 12.19 -8.23 17.12
C ASP A 34 11.47 -7.31 16.14
N LEU A 35 10.28 -6.86 16.53
CA LEU A 35 9.49 -5.97 15.69
C LEU A 35 10.00 -4.54 15.80
N LEU A 36 10.44 -3.98 14.67
CA LEU A 36 10.94 -2.61 14.64
C LEU A 36 9.80 -1.60 14.68
N PRO A 37 10.07 -0.39 15.18
CA PRO A 37 9.05 0.67 15.26
C PRO A 37 8.67 1.21 13.89
N ALA A 38 9.60 1.16 12.96
CA ALA A 38 9.36 1.65 11.61
C ALA A 38 9.96 0.71 10.56
N GLY A 39 9.32 -0.45 10.40
CA GLY A 39 9.81 -1.42 9.43
C GLY A 39 8.74 -1.82 8.43
N THR A 40 7.76 -0.95 8.23
CA THR A 40 6.67 -1.21 7.29
C THR A 40 6.75 -0.29 6.08
N GLU A 41 7.48 0.81 6.21
CA GLU A 41 7.64 1.77 5.12
C GLU A 41 6.29 2.42 4.77
N ASP A 42 5.29 2.24 5.62
CA ASP A 42 3.97 2.81 5.39
C ASP A 42 3.48 2.51 3.97
N TYR A 43 3.39 1.22 3.66
CA TYR A 43 2.93 0.79 2.34
C TYR A 43 1.56 1.37 2.03
N ILE A 44 1.17 1.29 0.76
CA ILE A 44 -0.12 1.81 0.32
C ILE A 44 -1.01 0.67 -0.17
N HIS A 45 -1.81 0.14 0.76
CA HIS A 45 -2.71 -0.96 0.45
C HIS A 45 -3.78 -0.56 -0.57
N ILE A 46 -3.98 -1.43 -1.55
CA ILE A 46 -4.99 -1.20 -2.59
C ILE A 46 -6.33 -1.86 -2.19
N ARG A 47 -6.62 -3.04 -2.74
CA ARG A 47 -7.85 -3.78 -2.42
C ARG A 47 -9.02 -3.32 -3.28
N ILE A 48 -9.57 -4.26 -4.04
CA ILE A 48 -10.71 -4.00 -4.91
C ILE A 48 -12.00 -4.46 -4.25
N GLN A 49 -13.13 -3.86 -4.63
CA GLN A 49 -14.42 -4.22 -4.06
C GLN A 49 -15.48 -4.31 -5.15
N GLN A 50 -15.74 -5.54 -5.62
CA GLN A 50 -16.75 -5.77 -6.66
C GLN A 50 -18.01 -6.37 -6.04
N ARG A 51 -19.05 -5.55 -5.95
CA ARG A 51 -20.33 -5.98 -5.38
C ARG A 51 -20.83 -7.27 -6.02
N ASN A 52 -21.47 -7.16 -7.18
CA ASN A 52 -22.00 -8.33 -7.88
C ASN A 52 -21.01 -8.87 -8.90
N GLY A 53 -19.73 -8.59 -8.69
CA GLY A 53 -18.70 -9.06 -9.59
C GLY A 53 -18.58 -8.18 -10.82
N ARG A 54 -19.06 -6.96 -10.72
CA ARG A 54 -19.00 -6.02 -11.84
C ARG A 54 -18.84 -4.58 -11.34
N LYS A 55 -19.55 -4.24 -10.27
CA LYS A 55 -19.47 -2.90 -9.71
C LYS A 55 -18.22 -2.76 -8.87
N THR A 56 -17.07 -2.91 -9.51
CA THR A 56 -15.78 -2.80 -8.83
C THR A 56 -15.54 -1.39 -8.33
N LEU A 57 -14.72 -1.28 -7.27
CA LEU A 57 -14.40 0.01 -6.69
C LEU A 57 -13.05 -0.02 -5.98
N THR A 58 -11.98 -0.02 -6.77
CA THR A 58 -10.63 -0.06 -6.21
C THR A 58 -10.42 1.05 -5.17
N THR A 59 -9.67 0.74 -4.11
CA THR A 59 -9.40 1.70 -3.06
C THR A 59 -7.92 1.76 -2.73
N VAL A 60 -7.45 2.95 -2.34
CA VAL A 60 -6.04 3.13 -1.99
C VAL A 60 -5.90 3.61 -0.55
N GLN A 61 -5.30 2.77 0.28
CA GLN A 61 -5.09 3.11 1.69
C GLN A 61 -3.62 3.43 1.94
N GLY A 62 -3.38 4.39 2.82
CA GLY A 62 -2.01 4.76 3.14
C GLY A 62 -1.65 6.15 2.64
N ILE A 63 -2.20 6.52 1.49
CA ILE A 63 -1.94 7.83 0.90
C ILE A 63 -2.07 8.95 1.93
N ALA A 64 -1.32 10.03 1.73
CA ALA A 64 -1.34 11.16 2.65
C ALA A 64 -2.46 12.15 2.32
N ASP A 65 -3.01 12.76 3.36
CA ASP A 65 -4.08 13.73 3.20
C ASP A 65 -3.53 15.02 2.58
N ASP A 66 -2.22 15.20 2.64
CA ASP A 66 -1.58 16.38 2.08
C ASP A 66 -1.64 16.36 0.56
N TYR A 67 -1.76 15.16 -0.02
CA TYR A 67 -1.85 15.00 -1.46
C TYR A 67 -2.96 15.86 -2.04
N ASP A 68 -3.16 15.74 -3.35
CA ASP A 68 -4.19 16.50 -4.02
C ASP A 68 -5.40 15.60 -4.33
N LYS A 69 -6.22 15.36 -3.31
CA LYS A 69 -7.41 14.51 -3.46
C LYS A 69 -8.11 14.75 -4.79
N LYS A 70 -8.25 16.02 -5.14
CA LYS A 70 -8.91 16.40 -6.39
C LYS A 70 -8.06 15.99 -7.59
N LYS A 71 -6.83 16.50 -7.65
CA LYS A 71 -5.93 16.19 -8.76
C LYS A 71 -5.69 14.69 -8.87
N LEU A 72 -5.70 13.99 -7.74
CA LEU A 72 -5.48 12.54 -7.72
C LEU A 72 -6.55 11.83 -8.55
N VAL A 73 -7.81 11.98 -8.16
CA VAL A 73 -8.90 11.34 -8.88
C VAL A 73 -9.19 12.09 -10.19
N LYS A 74 -8.91 13.39 -10.20
CA LYS A 74 -9.12 14.20 -11.39
C LYS A 74 -8.13 13.79 -12.48
N ALA A 75 -6.85 13.78 -12.12
CA ALA A 75 -5.80 13.38 -13.06
C ALA A 75 -6.01 11.95 -13.51
N PHE A 76 -6.36 11.08 -12.56
CA PHE A 76 -6.59 9.67 -12.86
C PHE A 76 -7.50 9.52 -14.09
N LYS A 77 -8.66 10.17 -14.05
CA LYS A 77 -9.61 10.11 -15.16
C LYS A 77 -8.96 10.62 -16.45
N LYS A 78 -7.89 11.39 -16.33
CA LYS A 78 -7.19 11.92 -17.49
C LYS A 78 -6.26 10.88 -18.09
N LYS A 79 -5.92 9.86 -17.30
CA LYS A 79 -5.01 8.82 -17.75
C LYS A 79 -5.76 7.53 -18.10
N PHE A 80 -6.75 7.18 -17.28
CA PHE A 80 -7.52 5.97 -17.51
C PHE A 80 -9.02 6.25 -17.67
N ALA A 81 -9.44 7.47 -17.35
CA ALA A 81 -10.85 7.85 -17.46
C ALA A 81 -11.71 7.02 -16.53
N CYS A 82 -11.20 6.78 -15.33
CA CYS A 82 -11.92 5.99 -14.34
C CYS A 82 -12.49 6.89 -13.24
N ASN A 83 -13.74 6.66 -12.88
CA ASN A 83 -14.40 7.44 -11.86
C ASN A 83 -13.68 7.30 -10.52
N GLY A 84 -12.94 8.35 -10.15
CA GLY A 84 -12.21 8.33 -8.89
C GLY A 84 -12.82 9.24 -7.86
N THR A 85 -13.04 8.72 -6.66
CA THR A 85 -13.63 9.50 -5.58
C THR A 85 -12.82 9.37 -4.29
N VAL A 86 -12.88 10.41 -3.47
CA VAL A 86 -12.14 10.42 -2.19
C VAL A 86 -13.07 10.03 -1.04
N ILE A 87 -12.60 9.13 -0.18
CA ILE A 87 -13.39 8.69 0.96
C ILE A 87 -12.51 8.35 2.16
N GLU A 88 -12.98 8.72 3.35
CA GLU A 88 -12.23 8.45 4.57
C GLU A 88 -12.75 7.18 5.24
N HIS A 89 -12.43 6.04 4.65
CA HIS A 89 -12.86 4.75 5.18
C HIS A 89 -12.43 4.58 6.64
N PRO A 90 -13.36 4.21 7.53
CA PRO A 90 -13.06 4.01 8.96
C PRO A 90 -12.29 2.72 9.21
N GLU A 91 -12.24 1.85 8.20
CA GLU A 91 -11.53 0.58 8.32
C GLU A 91 -10.05 0.75 7.97
N TYR A 92 -9.75 1.78 7.18
CA TYR A 92 -8.38 2.05 6.77
C TYR A 92 -7.95 3.46 7.18
N GLY A 93 -8.73 4.45 6.76
CA GLY A 93 -8.42 5.83 7.10
C GLY A 93 -7.93 6.62 5.90
N GLU A 94 -8.83 7.38 5.28
CA GLU A 94 -8.47 8.19 4.12
C GLU A 94 -8.03 7.31 2.95
N VAL A 95 -8.96 6.97 2.08
CA VAL A 95 -8.66 6.15 0.91
C VAL A 95 -9.41 6.64 -0.32
N ILE A 96 -8.77 6.56 -1.47
CA ILE A 96 -9.39 6.98 -2.72
C ILE A 96 -10.10 5.81 -3.39
N GLN A 97 -11.38 5.98 -3.65
CA GLN A 97 -12.18 4.91 -4.27
C GLN A 97 -12.29 5.12 -5.78
N LEU A 98 -11.64 4.25 -6.53
CA LEU A 98 -11.69 4.31 -7.99
C LEU A 98 -12.73 3.33 -8.52
N GLN A 99 -13.23 3.59 -9.72
CA GLN A 99 -14.24 2.72 -10.32
C GLN A 99 -13.58 1.65 -11.20
N GLY A 100 -14.06 0.41 -11.06
CA GLY A 100 -13.52 -0.67 -11.84
C GLY A 100 -12.25 -1.24 -11.25
N ASP A 101 -11.73 -2.31 -11.85
CA ASP A 101 -10.50 -2.95 -11.37
C ASP A 101 -9.28 -2.10 -11.74
N GLN A 102 -8.87 -1.24 -10.82
CA GLN A 102 -7.72 -0.37 -11.04
C GLN A 102 -6.53 -0.79 -10.18
N ARG A 103 -6.66 -1.92 -9.48
CA ARG A 103 -5.59 -2.41 -8.62
C ARG A 103 -4.25 -2.43 -9.37
N LYS A 104 -4.31 -2.54 -10.70
CA LYS A 104 -3.11 -2.56 -11.51
C LYS A 104 -2.83 -1.19 -12.15
N ASN A 105 -3.88 -0.39 -12.29
CA ASN A 105 -3.75 0.94 -12.87
C ASN A 105 -3.40 1.99 -11.81
N ILE A 106 -4.06 1.91 -10.66
CA ILE A 106 -3.81 2.85 -9.58
C ILE A 106 -2.37 2.75 -9.10
N CYS A 107 -1.91 1.53 -8.82
CA CYS A 107 -0.53 1.32 -8.39
C CYS A 107 0.42 1.89 -9.44
N GLN A 108 0.02 1.72 -10.69
CA GLN A 108 0.79 2.22 -11.82
C GLN A 108 0.69 3.75 -11.86
N PHE A 109 -0.46 4.27 -11.45
CA PHE A 109 -0.70 5.70 -11.41
C PHE A 109 0.09 6.35 -10.27
N LEU A 110 0.02 5.71 -9.11
CA LEU A 110 0.72 6.19 -7.93
C LEU A 110 2.21 6.38 -8.21
N VAL A 111 2.73 5.55 -9.10
CA VAL A 111 4.14 5.62 -9.47
C VAL A 111 4.34 6.48 -10.72
N GLU A 112 3.32 6.51 -11.58
CA GLU A 112 3.39 7.29 -12.81
C GLU A 112 3.35 8.78 -12.50
N ILE A 113 2.58 9.15 -11.49
CA ILE A 113 2.45 10.55 -11.09
C ILE A 113 3.37 10.88 -9.93
N GLY A 114 3.61 9.89 -9.08
CA GLY A 114 4.46 10.09 -7.92
C GLY A 114 3.65 10.21 -6.65
N LEU A 115 2.49 9.56 -6.64
CA LEU A 115 1.60 9.59 -5.49
C LEU A 115 2.15 8.72 -4.37
N ALA A 116 2.10 7.40 -4.55
CA ALA A 116 2.60 6.47 -3.56
C ALA A 116 4.06 6.16 -3.82
N LYS A 117 4.59 5.15 -3.14
CA LYS A 117 5.98 4.76 -3.32
C LYS A 117 6.06 3.36 -3.91
N ASP A 118 7.08 3.12 -4.73
CA ASP A 118 7.25 1.81 -5.36
C ASP A 118 7.37 0.73 -4.30
N ASP A 119 7.95 1.09 -3.15
CA ASP A 119 8.12 0.16 -2.05
C ASP A 119 6.81 0.02 -1.29
N GLN A 120 5.95 1.02 -1.41
CA GLN A 120 4.66 1.01 -0.74
C GLN A 120 3.58 0.36 -1.60
N LEU A 121 3.92 0.06 -2.86
CA LEU A 121 2.99 -0.57 -3.78
C LEU A 121 2.40 -1.84 -3.20
N LYS A 122 1.28 -1.70 -2.48
CA LYS A 122 0.63 -2.84 -1.86
C LYS A 122 -0.71 -3.12 -2.53
N VAL A 123 -0.67 -3.88 -3.63
CA VAL A 123 -1.88 -4.22 -4.36
C VAL A 123 -2.45 -5.57 -3.92
N HIS A 124 -3.70 -5.57 -3.50
CA HIS A 124 -4.35 -6.80 -3.05
C HIS A 124 -5.69 -6.99 -3.75
N GLY A 125 -5.64 -7.39 -5.02
CA GLY A 125 -6.86 -7.61 -5.78
C GLY A 125 -7.76 -8.65 -5.13
N PHE A 126 -8.98 -8.24 -4.79
CA PHE A 126 -9.94 -9.13 -4.16
C PHE A 126 -10.07 -10.44 -4.94
N MET A 1 -9.46 33.78 53.47
CA MET A 1 -8.07 34.22 53.23
C MET A 1 -7.11 33.03 53.17
N ARG A 2 -7.11 32.23 54.22
CA ARG A 2 -6.24 31.05 54.29
C ARG A 2 -7.01 29.78 53.95
N GLY A 3 -6.30 28.77 53.46
CA GLY A 3 -6.93 27.52 53.10
C GLY A 3 -6.45 26.36 53.95
N SER A 4 -7.37 25.73 54.67
CA SER A 4 -7.04 24.60 55.53
C SER A 4 -7.68 23.32 55.01
N HIS A 5 -8.91 23.43 54.54
CA HIS A 5 -9.64 22.27 54.02
C HIS A 5 -9.79 22.36 52.50
N HIS A 6 -8.88 21.71 51.78
CA HIS A 6 -8.90 21.71 50.32
C HIS A 6 -7.86 20.76 49.76
N HIS A 7 -8.30 19.55 49.41
CA HIS A 7 -7.40 18.54 48.86
C HIS A 7 -8.05 17.83 47.67
N HIS A 8 -7.86 18.38 46.48
CA HIS A 8 -8.43 17.79 45.26
C HIS A 8 -7.31 17.33 44.32
N HIS A 9 -7.62 16.30 43.54
CA HIS A 9 -6.64 15.75 42.59
C HIS A 9 -7.29 14.68 41.70
N HIS A 10 -7.29 14.93 40.40
CA HIS A 10 -7.87 14.00 39.44
C HIS A 10 -6.82 13.46 38.48
N THR A 11 -6.31 12.26 38.76
CA THR A 11 -5.30 11.63 37.92
C THR A 11 -5.69 10.19 37.59
N ASP A 12 -5.80 9.90 36.30
CA ASP A 12 -6.16 8.56 35.85
C ASP A 12 -5.24 8.09 34.72
N PRO A 13 -4.05 7.58 35.06
CA PRO A 13 -3.08 7.10 34.07
C PRO A 13 -3.67 6.03 33.16
N MET A 14 -4.75 5.39 33.61
CA MET A 14 -5.40 4.34 32.83
C MET A 14 -5.80 4.85 31.46
N SER A 15 -5.94 6.16 31.32
CA SER A 15 -6.32 6.76 30.04
C SER A 15 -5.09 7.17 29.23
N ALA A 16 -3.95 6.56 29.53
CA ALA A 16 -2.71 6.88 28.83
C ALA A 16 -1.57 6.01 29.34
N ILE A 17 -1.87 4.74 29.62
CA ILE A 17 -0.86 3.81 30.11
C ILE A 17 0.29 3.67 29.12
N GLN A 18 1.44 3.25 29.63
CA GLN A 18 2.62 3.06 28.79
C GLN A 18 3.55 1.99 29.37
N ASN A 19 4.48 1.52 28.56
CA ASN A 19 5.43 0.50 28.99
C ASN A 19 6.87 0.93 28.69
N LEU A 20 7.11 1.31 27.44
CA LEU A 20 8.44 1.74 27.03
C LEU A 20 9.47 0.65 27.30
N HIS A 21 9.15 -0.58 26.92
CA HIS A 21 10.03 -1.71 27.13
C HIS A 21 10.28 -1.96 28.61
N SER A 22 9.75 -3.08 29.11
CA SER A 22 9.90 -3.43 30.52
C SER A 22 11.09 -4.36 30.72
N PHE A 23 11.38 -4.66 31.98
CA PHE A 23 12.50 -5.54 32.31
C PHE A 23 13.81 -4.95 31.84
N ASP A 24 14.32 -3.97 32.58
CA ASP A 24 15.58 -3.32 32.23
C ASP A 24 16.45 -3.10 33.48
N PRO A 25 16.87 -4.19 34.14
CA PRO A 25 17.70 -4.12 35.34
C PRO A 25 18.98 -3.35 35.11
N PHE A 26 19.53 -3.45 33.90
CA PHE A 26 20.77 -2.77 33.56
C PHE A 26 20.51 -1.68 32.51
N ALA A 27 20.08 -2.09 31.32
CA ALA A 27 19.81 -1.15 30.24
C ALA A 27 21.07 -0.41 29.82
N ASP A 28 22.12 -1.17 29.56
CA ASP A 28 23.40 -0.59 29.15
C ASP A 28 23.43 -0.33 27.64
N ALA A 29 22.62 -1.07 26.90
CA ALA A 29 22.56 -0.92 25.45
C ALA A 29 22.27 0.53 25.06
N SER A 30 23.28 1.18 24.48
CA SER A 30 23.15 2.57 24.05
C SER A 30 22.88 2.65 22.56
N LYS A 31 23.58 1.83 21.79
CA LYS A 31 23.41 1.81 20.34
C LYS A 31 23.75 0.44 19.77
N GLY A 32 22.72 -0.31 19.38
CA GLY A 32 22.93 -1.63 18.83
C GLY A 32 21.91 -1.99 17.78
N ASP A 33 20.67 -2.19 18.21
CA ASP A 33 19.58 -2.55 17.30
C ASP A 33 18.23 -2.45 18.00
N ASP A 34 18.07 -1.43 18.83
CA ASP A 34 16.82 -1.23 19.56
C ASP A 34 15.66 -1.03 18.60
N LEU A 35 15.66 0.09 17.89
CA LEU A 35 14.60 0.39 16.94
C LEU A 35 14.97 -0.09 15.54
N LEU A 36 14.11 -0.91 14.95
CA LEU A 36 14.35 -1.44 13.62
C LEU A 36 14.38 -0.31 12.58
N PRO A 37 15.13 -0.51 11.48
CA PRO A 37 15.25 0.50 10.42
C PRO A 37 13.95 0.67 9.65
N ALA A 38 13.20 -0.41 9.49
CA ALA A 38 11.94 -0.38 8.77
C ALA A 38 11.25 -1.74 8.81
N GLY A 39 10.04 -1.78 9.36
CA GLY A 39 9.30 -3.02 9.44
C GLY A 39 7.94 -2.93 8.77
N THR A 40 7.80 -1.96 7.86
CA THR A 40 6.54 -1.78 7.14
C THR A 40 6.71 -0.75 6.02
N GLU A 41 7.47 0.30 6.30
CA GLU A 41 7.71 1.36 5.32
C GLU A 41 6.42 2.08 4.95
N ASP A 42 5.37 1.88 5.74
CA ASP A 42 4.09 2.53 5.49
C ASP A 42 3.68 2.39 4.03
N TYR A 43 3.53 1.15 3.59
CA TYR A 43 3.15 0.87 2.21
C TYR A 43 1.78 1.48 1.89
N ILE A 44 1.39 1.39 0.62
CA ILE A 44 0.09 1.92 0.18
C ILE A 44 -0.84 0.77 -0.19
N HIS A 45 -1.68 0.39 0.76
CA HIS A 45 -2.62 -0.71 0.56
C HIS A 45 -3.72 -0.35 -0.43
N ILE A 46 -3.76 -1.08 -1.54
CA ILE A 46 -4.78 -0.86 -2.57
C ILE A 46 -6.11 -1.50 -2.15
N ARG A 47 -6.39 -2.72 -2.65
CA ARG A 47 -7.62 -3.45 -2.31
C ARG A 47 -8.76 -3.13 -3.26
N ILE A 48 -9.42 -4.18 -3.75
CA ILE A 48 -10.54 -4.04 -4.67
C ILE A 48 -11.83 -4.51 -4.00
N GLN A 49 -12.96 -4.01 -4.48
CA GLN A 49 -14.26 -4.38 -3.92
C GLN A 49 -15.32 -4.50 -5.03
N GLN A 50 -15.52 -5.72 -5.51
CA GLN A 50 -16.50 -5.98 -6.56
C GLN A 50 -17.79 -6.52 -5.97
N ARG A 51 -18.77 -5.64 -5.76
CA ARG A 51 -20.05 -6.04 -5.18
C ARG A 51 -20.68 -7.17 -6.01
N ASN A 52 -20.44 -7.12 -7.31
CA ASN A 52 -20.97 -8.12 -8.23
C ASN A 52 -19.86 -8.63 -9.15
N GLY A 53 -20.22 -9.06 -10.35
CA GLY A 53 -19.22 -9.54 -11.29
C GLY A 53 -18.69 -8.44 -12.18
N ARG A 54 -18.66 -7.21 -11.66
CA ARG A 54 -18.16 -6.07 -12.42
C ARG A 54 -18.19 -4.79 -11.58
N LYS A 55 -19.18 -4.69 -10.70
CA LYS A 55 -19.32 -3.51 -9.85
C LYS A 55 -18.14 -3.42 -8.87
N THR A 56 -16.98 -3.10 -9.41
CA THR A 56 -15.76 -2.98 -8.61
C THR A 56 -15.56 -1.56 -8.10
N LEU A 57 -14.70 -1.41 -7.10
CA LEU A 57 -14.42 -0.11 -6.52
C LEU A 57 -13.05 -0.11 -5.84
N THR A 58 -11.99 -0.06 -6.62
CA THR A 58 -10.63 -0.06 -6.10
C THR A 58 -10.42 1.09 -5.12
N THR A 59 -9.78 0.80 -3.99
CA THR A 59 -9.51 1.83 -2.99
C THR A 59 -8.01 1.99 -2.75
N VAL A 60 -7.59 3.20 -2.45
CA VAL A 60 -6.18 3.48 -2.19
C VAL A 60 -5.98 3.88 -0.74
N GLN A 61 -5.17 3.09 -0.03
CA GLN A 61 -4.89 3.35 1.38
C GLN A 61 -3.41 3.64 1.59
N GLY A 62 -3.11 4.42 2.62
CA GLY A 62 -1.73 4.76 2.91
C GLY A 62 -1.38 6.15 2.43
N ILE A 63 -1.98 6.55 1.30
CA ILE A 63 -1.73 7.87 0.72
C ILE A 63 -1.95 8.97 1.76
N ALA A 64 -1.16 10.04 1.64
CA ALA A 64 -1.25 11.16 2.56
C ALA A 64 -2.27 12.19 2.11
N ASP A 65 -3.01 12.74 3.07
CA ASP A 65 -4.02 13.75 2.77
C ASP A 65 -3.37 15.03 2.24
N ASP A 66 -2.07 15.18 2.50
CA ASP A 66 -1.32 16.35 2.04
C ASP A 66 -1.15 16.31 0.53
N TYR A 67 -1.28 15.12 -0.05
CA TYR A 67 -1.14 14.95 -1.50
C TYR A 67 -2.02 15.94 -2.26
N ASP A 68 -2.00 15.83 -3.59
CA ASP A 68 -2.80 16.69 -4.44
C ASP A 68 -4.15 16.05 -4.73
N LYS A 69 -5.04 16.09 -3.75
CA LYS A 69 -6.38 15.50 -3.89
C LYS A 69 -6.96 15.74 -5.28
N LYS A 70 -6.89 16.98 -5.74
CA LYS A 70 -7.43 17.33 -7.05
C LYS A 70 -6.64 16.63 -8.16
N LYS A 71 -5.32 16.67 -8.06
CA LYS A 71 -4.46 16.04 -9.07
C LYS A 71 -4.33 14.54 -8.85
N LEU A 72 -5.16 13.97 -7.97
CA LEU A 72 -5.13 12.54 -7.70
C LEU A 72 -6.31 11.84 -8.34
N VAL A 73 -7.50 12.09 -7.82
CA VAL A 73 -8.70 11.47 -8.35
C VAL A 73 -9.13 12.14 -9.66
N LYS A 74 -9.00 13.46 -9.73
CA LYS A 74 -9.35 14.19 -10.94
C LYS A 74 -8.40 13.79 -12.07
N ALA A 75 -7.12 13.73 -11.74
CA ALA A 75 -6.10 13.33 -12.70
C ALA A 75 -6.35 11.91 -13.15
N PHE A 76 -6.66 11.04 -12.19
CA PHE A 76 -6.95 9.64 -12.48
C PHE A 76 -7.97 9.51 -13.60
N LYS A 77 -8.97 10.39 -13.58
CA LYS A 77 -10.03 10.41 -14.59
C LYS A 77 -9.53 10.96 -15.93
N LYS A 78 -8.30 11.48 -15.93
CA LYS A 78 -7.72 12.04 -17.14
C LYS A 78 -6.68 11.09 -17.73
N LYS A 79 -6.17 10.18 -16.92
CA LYS A 79 -5.17 9.23 -17.37
C LYS A 79 -5.81 7.95 -17.90
N PHE A 80 -6.78 7.42 -17.16
CA PHE A 80 -7.47 6.20 -17.56
C PHE A 80 -8.94 6.45 -17.85
N ALA A 81 -9.45 7.61 -17.44
CA ALA A 81 -10.84 7.94 -17.66
C ALA A 81 -11.75 7.07 -16.80
N CYS A 82 -11.35 6.88 -15.55
CA CYS A 82 -12.12 6.05 -14.61
C CYS A 82 -12.80 6.91 -13.56
N ASN A 83 -13.91 6.42 -13.03
CA ASN A 83 -14.66 7.15 -12.00
C ASN A 83 -13.97 7.02 -10.64
N GLY A 84 -13.42 8.12 -10.16
CA GLY A 84 -12.75 8.11 -8.87
C GLY A 84 -13.46 8.94 -7.82
N THR A 85 -13.51 8.41 -6.60
CA THR A 85 -14.16 9.11 -5.51
C THR A 85 -13.29 9.12 -4.26
N VAL A 86 -13.62 9.97 -3.30
CA VAL A 86 -12.86 10.08 -2.07
C VAL A 86 -13.76 9.92 -0.85
N ILE A 87 -13.37 9.04 0.07
CA ILE A 87 -14.15 8.81 1.28
C ILE A 87 -13.25 8.52 2.48
N GLU A 88 -13.81 8.65 3.68
CA GLU A 88 -13.07 8.40 4.90
C GLU A 88 -13.53 7.09 5.52
N HIS A 89 -13.09 5.98 4.92
CA HIS A 89 -13.46 4.66 5.40
C HIS A 89 -13.11 4.48 6.88
N PRO A 90 -14.01 3.83 7.65
CA PRO A 90 -13.80 3.60 9.08
C PRO A 90 -12.89 2.39 9.33
N GLU A 91 -12.71 1.56 8.31
CA GLU A 91 -11.87 0.38 8.42
C GLU A 91 -10.40 0.73 8.16
N TYR A 92 -10.18 1.84 7.47
CA TYR A 92 -8.83 2.29 7.14
C TYR A 92 -8.61 3.74 7.56
N GLY A 93 -9.48 4.62 7.09
CA GLY A 93 -9.38 6.02 7.42
C GLY A 93 -8.83 6.86 6.28
N GLU A 94 -9.72 7.54 5.58
CA GLU A 94 -9.34 8.40 4.46
C GLU A 94 -8.71 7.57 3.32
N VAL A 95 -9.56 7.08 2.43
CA VAL A 95 -9.09 6.29 1.30
C VAL A 95 -9.90 6.61 0.04
N ILE A 96 -9.22 6.68 -1.10
CA ILE A 96 -9.89 6.99 -2.36
C ILE A 96 -10.63 5.76 -2.87
N GLN A 97 -11.62 5.99 -3.72
CA GLN A 97 -12.42 4.89 -4.28
C GLN A 97 -12.55 5.02 -5.79
N LEU A 98 -11.80 4.21 -6.52
CA LEU A 98 -11.86 4.22 -7.98
C LEU A 98 -12.88 3.21 -8.46
N GLN A 99 -13.39 3.40 -9.66
CA GLN A 99 -14.39 2.49 -10.22
C GLN A 99 -13.72 1.41 -11.08
N GLY A 100 -14.18 0.17 -10.89
CA GLY A 100 -13.62 -0.93 -11.65
C GLY A 100 -12.30 -1.41 -11.09
N ASP A 101 -11.85 -2.58 -11.53
CA ASP A 101 -10.59 -3.15 -11.07
C ASP A 101 -9.41 -2.28 -11.50
N GLN A 102 -9.00 -1.37 -10.63
CA GLN A 102 -7.88 -0.48 -10.91
C GLN A 102 -6.64 -0.85 -10.09
N ARG A 103 -6.73 -1.96 -9.36
CA ARG A 103 -5.60 -2.41 -8.54
C ARG A 103 -4.29 -2.38 -9.33
N LYS A 104 -4.40 -2.57 -10.64
CA LYS A 104 -3.22 -2.56 -11.51
C LYS A 104 -2.98 -1.18 -12.09
N ASN A 105 -4.05 -0.39 -12.19
CA ASN A 105 -3.95 0.97 -12.74
C ASN A 105 -3.54 1.97 -11.67
N ILE A 106 -4.10 1.82 -10.47
CA ILE A 106 -3.78 2.73 -9.37
C ILE A 106 -2.30 2.65 -9.02
N CYS A 107 -1.78 1.44 -8.82
CA CYS A 107 -0.37 1.27 -8.51
C CYS A 107 0.45 1.89 -9.64
N GLN A 108 -0.08 1.77 -10.84
CA GLN A 108 0.54 2.33 -12.04
C GLN A 108 0.41 3.85 -12.01
N PHE A 109 -0.69 4.33 -11.45
CA PHE A 109 -0.94 5.77 -11.34
C PHE A 109 -0.05 6.38 -10.26
N LEU A 110 0.05 5.69 -9.13
CA LEU A 110 0.88 6.15 -8.02
C LEU A 110 2.32 6.34 -8.45
N VAL A 111 2.74 5.55 -9.43
CA VAL A 111 4.10 5.63 -9.94
C VAL A 111 4.18 6.55 -11.15
N GLU A 112 3.10 6.63 -11.91
CA GLU A 112 3.05 7.47 -13.10
C GLU A 112 3.05 8.95 -12.71
N ILE A 113 2.38 9.27 -11.62
CA ILE A 113 2.30 10.64 -11.14
C ILE A 113 3.30 10.90 -10.02
N GLY A 114 3.70 9.83 -9.33
CA GLY A 114 4.64 9.97 -8.23
C GLY A 114 3.90 10.11 -6.90
N LEU A 115 2.74 9.47 -6.82
CA LEU A 115 1.92 9.52 -5.61
C LEU A 115 2.53 8.66 -4.50
N ALA A 116 2.48 7.35 -4.68
CA ALA A 116 3.03 6.43 -3.70
C ALA A 116 4.46 6.05 -4.05
N LYS A 117 4.98 5.03 -3.37
CA LYS A 117 6.34 4.57 -3.61
C LYS A 117 6.33 3.14 -4.15
N ASP A 118 7.24 2.86 -5.08
CA ASP A 118 7.31 1.52 -5.67
C ASP A 118 7.42 0.45 -4.58
N ASP A 119 8.03 0.82 -3.46
CA ASP A 119 8.18 -0.10 -2.34
C ASP A 119 6.88 -0.20 -1.55
N GLN A 120 6.08 0.86 -1.62
CA GLN A 120 4.81 0.91 -0.91
C GLN A 120 3.70 0.24 -1.72
N LEU A 121 4.00 -0.10 -2.97
CA LEU A 121 3.02 -0.74 -3.85
C LEU A 121 2.41 -1.97 -3.18
N LYS A 122 1.31 -1.75 -2.47
CA LYS A 122 0.62 -2.84 -1.79
C LYS A 122 -0.72 -3.13 -2.47
N VAL A 123 -0.66 -3.91 -3.55
CA VAL A 123 -1.86 -4.26 -4.30
C VAL A 123 -2.46 -5.58 -3.81
N HIS A 124 -3.68 -5.50 -3.29
CA HIS A 124 -4.36 -6.69 -2.78
C HIS A 124 -5.69 -6.91 -3.51
N GLY A 125 -5.61 -7.48 -4.71
CA GLY A 125 -6.82 -7.75 -5.47
C GLY A 125 -7.69 -8.80 -4.82
N PHE A 126 -8.93 -8.42 -4.50
CA PHE A 126 -9.88 -9.33 -3.86
C PHE A 126 -9.90 -10.69 -4.56
N MET A 1 32.87 -16.38 -39.55
CA MET A 1 33.98 -16.04 -38.61
C MET A 1 34.57 -17.31 -38.00
N ARG A 2 35.68 -17.77 -38.57
CA ARG A 2 36.37 -18.96 -38.08
C ARG A 2 35.45 -20.18 -38.18
N GLY A 3 35.80 -21.10 -39.07
CA GLY A 3 35.00 -22.30 -39.26
C GLY A 3 35.15 -23.26 -38.10
N SER A 4 34.14 -23.29 -37.22
CA SER A 4 34.17 -24.18 -36.06
C SER A 4 32.80 -24.25 -35.41
N HIS A 5 32.44 -23.20 -34.69
CA HIS A 5 31.14 -23.14 -34.02
C HIS A 5 30.49 -21.77 -34.18
N HIS A 6 29.34 -21.58 -33.56
CA HIS A 6 28.62 -20.31 -33.64
C HIS A 6 28.79 -19.51 -32.36
N HIS A 7 28.68 -18.18 -32.47
CA HIS A 7 28.83 -17.31 -31.32
C HIS A 7 28.42 -15.87 -31.67
N HIS A 8 28.82 -15.42 -32.85
CA HIS A 8 28.50 -14.07 -33.31
C HIS A 8 26.99 -13.83 -33.28
N HIS A 9 26.53 -13.15 -32.24
CA HIS A 9 25.11 -12.85 -32.09
C HIS A 9 24.87 -11.95 -30.89
N HIS A 10 25.16 -10.66 -31.05
CA HIS A 10 24.97 -9.70 -29.97
C HIS A 10 25.89 -10.01 -28.79
N THR A 11 26.87 -9.15 -28.56
CA THR A 11 27.82 -9.34 -27.46
C THR A 11 27.12 -9.21 -26.12
N ASP A 12 26.47 -8.07 -25.90
CA ASP A 12 25.75 -7.82 -24.65
C ASP A 12 26.71 -7.88 -23.46
N PRO A 13 27.23 -6.72 -23.01
CA PRO A 13 28.16 -6.66 -21.88
C PRO A 13 27.51 -7.14 -20.58
N MET A 14 26.18 -7.14 -20.55
CA MET A 14 25.45 -7.58 -19.37
C MET A 14 25.83 -9.00 -18.97
N SER A 15 26.24 -9.79 -19.96
CA SER A 15 26.63 -11.18 -19.72
C SER A 15 27.80 -11.24 -18.74
N ALA A 16 28.70 -10.27 -18.83
CA ALA A 16 29.86 -10.22 -17.95
C ALA A 16 29.95 -8.88 -17.23
N ILE A 17 29.28 -8.78 -16.08
CA ILE A 17 29.28 -7.56 -15.30
C ILE A 17 30.08 -7.73 -14.01
N GLN A 18 30.77 -6.67 -13.60
CA GLN A 18 31.58 -6.71 -12.38
C GLN A 18 31.76 -5.31 -11.81
N ASN A 19 32.49 -5.21 -10.71
CA ASN A 19 32.74 -3.93 -10.06
C ASN A 19 31.43 -3.27 -9.63
N LEU A 20 30.48 -4.09 -9.22
CA LEU A 20 29.18 -3.60 -8.78
C LEU A 20 28.54 -4.56 -7.78
N HIS A 21 28.30 -5.80 -8.22
CA HIS A 21 27.70 -6.81 -7.37
C HIS A 21 28.46 -8.12 -7.47
N SER A 22 29.70 -8.13 -6.97
CA SER A 22 30.52 -9.33 -7.01
C SER A 22 31.59 -9.29 -5.92
N PHE A 23 31.62 -10.31 -5.08
CA PHE A 23 32.59 -10.39 -4.00
C PHE A 23 33.71 -11.37 -4.34
N ASP A 24 34.94 -10.88 -4.31
CA ASP A 24 36.11 -11.70 -4.62
C ASP A 24 36.09 -13.00 -3.82
N PRO A 25 35.73 -14.13 -4.47
CA PRO A 25 35.67 -15.45 -3.81
C PRO A 25 37.04 -15.93 -3.35
N PHE A 26 38.10 -15.31 -3.85
CA PHE A 26 39.46 -15.69 -3.49
C PHE A 26 40.08 -14.69 -2.52
N ALA A 27 39.23 -13.99 -1.78
CA ALA A 27 39.69 -13.01 -0.82
C ALA A 27 38.67 -12.84 0.31
N ASP A 28 38.56 -11.62 0.84
CA ASP A 28 37.62 -11.34 1.92
C ASP A 28 36.18 -11.30 1.39
N ALA A 29 35.23 -11.11 2.30
CA ALA A 29 33.83 -11.05 1.93
C ALA A 29 32.96 -10.65 3.11
N SER A 30 31.75 -10.19 2.83
CA SER A 30 30.82 -9.77 3.88
C SER A 30 30.37 -10.97 4.71
N LYS A 31 30.16 -10.73 6.00
CA LYS A 31 29.72 -11.79 6.90
C LYS A 31 29.08 -11.21 8.16
N GLY A 32 27.76 -11.35 8.26
CA GLY A 32 27.06 -10.82 9.42
C GLY A 32 26.10 -9.70 9.06
N ASP A 33 26.36 -8.50 9.58
CA ASP A 33 25.53 -7.35 9.32
C ASP A 33 24.10 -7.60 9.79
N ASP A 34 23.73 -6.97 10.91
CA ASP A 34 22.40 -7.11 11.47
C ASP A 34 21.50 -5.96 11.05
N LEU A 35 21.69 -5.48 9.83
CA LEU A 35 20.89 -4.36 9.31
C LEU A 35 20.10 -4.79 8.08
N LEU A 36 18.80 -4.96 8.24
CA LEU A 36 17.94 -5.37 7.14
C LEU A 36 17.23 -4.16 6.52
N PRO A 37 16.86 -4.24 5.24
CA PRO A 37 16.17 -3.16 4.54
C PRO A 37 14.95 -2.66 5.30
N ALA A 38 14.78 -1.34 5.33
CA ALA A 38 13.65 -0.74 6.02
C ALA A 38 13.63 0.78 5.82
N GLY A 39 12.46 1.38 6.03
CA GLY A 39 12.33 2.82 5.87
C GLY A 39 11.04 3.21 5.17
N THR A 40 10.52 2.32 4.34
CA THR A 40 9.29 2.57 3.61
C THR A 40 8.24 1.53 3.93
N GLU A 41 8.26 1.02 5.16
CA GLU A 41 7.31 0.01 5.60
C GLU A 41 5.88 0.49 5.38
N ASP A 42 5.66 1.79 5.51
CA ASP A 42 4.34 2.38 5.32
C ASP A 42 3.92 2.28 3.85
N TYR A 43 3.65 1.07 3.41
CA TYR A 43 3.24 0.84 2.02
C TYR A 43 1.85 1.40 1.74
N ILE A 44 1.47 1.38 0.47
CA ILE A 44 0.17 1.88 0.05
C ILE A 44 -0.73 0.71 -0.35
N HIS A 45 -1.64 0.33 0.55
CA HIS A 45 -2.56 -0.78 0.30
C HIS A 45 -3.73 -0.37 -0.58
N ILE A 46 -3.81 -0.98 -1.76
CA ILE A 46 -4.89 -0.70 -2.70
C ILE A 46 -6.22 -1.27 -2.20
N ARG A 47 -6.57 -2.50 -2.59
CA ARG A 47 -7.81 -3.15 -2.16
C ARG A 47 -8.98 -2.83 -3.09
N ILE A 48 -9.53 -3.89 -3.71
CA ILE A 48 -10.67 -3.75 -4.61
C ILE A 48 -11.96 -4.20 -3.91
N GLN A 49 -13.09 -3.76 -4.42
CA GLN A 49 -14.38 -4.13 -3.85
C GLN A 49 -15.44 -4.32 -4.95
N GLN A 50 -15.60 -5.55 -5.41
CA GLN A 50 -16.57 -5.86 -6.45
C GLN A 50 -17.83 -6.48 -5.84
N ARG A 51 -18.90 -5.70 -5.77
CA ARG A 51 -20.15 -6.15 -5.20
C ARG A 51 -20.67 -7.41 -5.91
N ASN A 52 -21.27 -7.22 -7.08
CA ASN A 52 -21.82 -8.34 -7.84
C ASN A 52 -20.82 -8.81 -8.91
N GLY A 53 -19.55 -8.81 -8.56
CA GLY A 53 -18.52 -9.23 -9.50
C GLY A 53 -18.44 -8.32 -10.70
N ARG A 54 -18.91 -7.09 -10.55
CA ARG A 54 -18.88 -6.11 -11.63
C ARG A 54 -18.72 -4.70 -11.10
N LYS A 55 -19.52 -4.36 -10.08
CA LYS A 55 -19.44 -3.03 -9.48
C LYS A 55 -18.17 -2.90 -8.63
N THR A 56 -17.03 -2.95 -9.32
CA THR A 56 -15.74 -2.85 -8.65
C THR A 56 -15.45 -1.42 -8.21
N LEU A 57 -14.68 -1.29 -7.13
CA LEU A 57 -14.32 0.02 -6.60
C LEU A 57 -12.95 -0.05 -5.92
N THR A 58 -11.90 0.00 -6.73
CA THR A 58 -10.53 -0.06 -6.20
C THR A 58 -10.24 1.09 -5.25
N THR A 59 -9.83 0.76 -4.03
CA THR A 59 -9.52 1.77 -3.03
C THR A 59 -8.01 1.95 -2.87
N VAL A 60 -7.62 3.08 -2.30
CA VAL A 60 -6.20 3.36 -2.09
C VAL A 60 -5.94 3.76 -0.65
N GLN A 61 -5.14 2.96 0.04
CA GLN A 61 -4.79 3.22 1.43
C GLN A 61 -3.32 3.58 1.56
N GLY A 62 -3.00 4.35 2.61
CA GLY A 62 -1.62 4.76 2.82
C GLY A 62 -1.36 6.17 2.35
N ILE A 63 -1.90 6.52 1.18
CA ILE A 63 -1.73 7.85 0.62
C ILE A 63 -2.01 8.93 1.66
N ALA A 64 -1.28 10.03 1.58
CA ALA A 64 -1.43 11.13 2.52
C ALA A 64 -2.60 12.03 2.14
N ASP A 65 -3.07 12.82 3.10
CA ASP A 65 -4.19 13.73 2.87
C ASP A 65 -3.74 14.99 2.15
N ASP A 66 -2.42 15.21 2.10
CA ASP A 66 -1.86 16.39 1.44
C ASP A 66 -1.48 16.07 0.00
N TYR A 67 -2.15 15.09 -0.59
CA TYR A 67 -1.87 14.69 -1.97
C TYR A 67 -2.76 15.43 -2.95
N ASP A 68 -3.33 16.55 -2.50
CA ASP A 68 -4.21 17.35 -3.36
C ASP A 68 -5.26 16.47 -4.02
N LYS A 69 -6.29 16.10 -3.24
CA LYS A 69 -7.36 15.25 -3.75
C LYS A 69 -7.76 15.64 -5.17
N LYS A 70 -7.66 16.92 -5.47
CA LYS A 70 -8.00 17.43 -6.80
C LYS A 70 -7.04 16.88 -7.84
N LYS A 71 -5.74 17.03 -7.57
CA LYS A 71 -4.71 16.54 -8.49
C LYS A 71 -4.29 15.11 -8.16
N LEU A 72 -5.19 14.37 -7.52
CA LEU A 72 -4.92 12.98 -7.16
C LEU A 72 -5.87 12.04 -7.90
N VAL A 73 -7.16 12.34 -7.84
CA VAL A 73 -8.16 11.52 -8.52
C VAL A 73 -8.49 12.10 -9.90
N LYS A 74 -8.49 13.43 -10.00
CA LYS A 74 -8.78 14.08 -11.26
C LYS A 74 -7.81 13.62 -12.33
N ALA A 75 -6.54 13.48 -11.95
CA ALA A 75 -5.51 13.03 -12.86
C ALA A 75 -5.78 11.60 -13.32
N PHE A 76 -6.46 10.84 -12.45
CA PHE A 76 -6.80 9.46 -12.77
C PHE A 76 -7.76 9.40 -13.95
N LYS A 77 -8.82 10.19 -13.89
CA LYS A 77 -9.81 10.24 -14.95
C LYS A 77 -9.19 10.75 -16.25
N LYS A 78 -8.03 11.38 -16.16
CA LYS A 78 -7.35 11.91 -17.33
C LYS A 78 -6.40 10.87 -17.92
N LYS A 79 -6.02 9.89 -17.11
CA LYS A 79 -5.10 8.84 -17.57
C LYS A 79 -5.86 7.57 -17.97
N PHE A 80 -6.77 7.13 -17.12
CA PHE A 80 -7.56 5.93 -17.38
C PHE A 80 -9.04 6.23 -17.57
N ALA A 81 -9.47 7.41 -17.10
CA ALA A 81 -10.87 7.80 -17.22
C ALA A 81 -11.74 7.01 -16.25
N CYS A 82 -11.24 6.82 -15.03
CA CYS A 82 -11.96 6.08 -14.00
C CYS A 82 -12.48 7.02 -12.92
N ASN A 83 -13.64 6.68 -12.35
CA ASN A 83 -14.23 7.49 -11.30
C ASN A 83 -13.41 7.41 -10.01
N GLY A 84 -12.66 8.47 -9.73
CA GLY A 84 -11.85 8.51 -8.53
C GLY A 84 -12.47 9.33 -7.42
N THR A 85 -12.98 8.65 -6.40
CA THR A 85 -13.61 9.34 -5.27
C THR A 85 -12.71 9.29 -4.03
N VAL A 86 -13.00 10.16 -3.07
CA VAL A 86 -12.22 10.22 -1.83
C VAL A 86 -13.08 9.82 -0.63
N ILE A 87 -13.45 8.54 -0.58
CA ILE A 87 -14.29 8.04 0.52
C ILE A 87 -13.49 7.90 1.82
N GLU A 88 -14.19 7.93 2.94
CA GLU A 88 -13.57 7.79 4.25
C GLU A 88 -13.93 6.44 4.86
N HIS A 89 -13.32 5.39 4.34
CA HIS A 89 -13.58 4.03 4.82
C HIS A 89 -13.35 3.93 6.33
N PRO A 90 -14.29 3.29 7.05
CA PRO A 90 -14.18 3.12 8.51
C PRO A 90 -13.20 2.01 8.90
N GLU A 91 -12.87 1.16 7.93
CA GLU A 91 -11.96 0.06 8.16
C GLU A 91 -10.51 0.51 8.02
N TYR A 92 -10.30 1.59 7.28
CA TYR A 92 -8.96 2.12 7.06
C TYR A 92 -8.87 3.58 7.51
N GLY A 93 -9.78 4.40 7.01
CA GLY A 93 -9.79 5.81 7.38
C GLY A 93 -9.22 6.70 6.30
N GLU A 94 -10.11 7.31 5.52
CA GLU A 94 -9.70 8.20 4.44
C GLU A 94 -8.94 7.44 3.35
N VAL A 95 -9.68 7.03 2.32
CA VAL A 95 -9.08 6.29 1.21
C VAL A 95 -9.76 6.68 -0.10
N ILE A 96 -8.97 6.71 -1.18
CA ILE A 96 -9.51 7.06 -2.49
C ILE A 96 -10.18 5.86 -3.14
N GLN A 97 -11.41 6.06 -3.58
CA GLN A 97 -12.19 4.99 -4.21
C GLN A 97 -12.26 5.17 -5.73
N LEU A 98 -11.59 4.28 -6.45
CA LEU A 98 -11.59 4.31 -7.91
C LEU A 98 -12.66 3.34 -8.42
N GLN A 99 -13.12 3.56 -9.64
CA GLN A 99 -14.13 2.70 -10.23
C GLN A 99 -13.49 1.58 -11.04
N GLY A 100 -14.06 0.38 -10.93
CA GLY A 100 -13.53 -0.76 -11.65
C GLY A 100 -12.26 -1.31 -11.04
N ASP A 101 -11.80 -2.44 -11.55
CA ASP A 101 -10.57 -3.07 -11.04
C ASP A 101 -9.35 -2.28 -11.51
N GLN A 102 -8.88 -1.38 -10.66
CA GLN A 102 -7.72 -0.55 -10.98
C GLN A 102 -6.49 -1.02 -10.21
N ARG A 103 -6.59 -2.18 -9.56
CA ARG A 103 -5.49 -2.73 -8.78
C ARG A 103 -4.18 -2.68 -9.57
N LYS A 104 -4.29 -2.75 -10.89
CA LYS A 104 -3.12 -2.72 -11.76
C LYS A 104 -2.90 -1.32 -12.33
N ASN A 105 -3.95 -0.51 -12.37
CA ASN A 105 -3.86 0.84 -12.91
C ASN A 105 -3.47 1.85 -11.82
N ILE A 106 -4.03 1.67 -10.63
CA ILE A 106 -3.74 2.57 -9.51
C ILE A 106 -2.26 2.51 -9.15
N CYS A 107 -1.73 1.31 -8.93
CA CYS A 107 -0.31 1.16 -8.61
C CYS A 107 0.51 1.79 -9.74
N GLN A 108 -0.04 1.71 -10.94
CA GLN A 108 0.58 2.27 -12.12
C GLN A 108 0.46 3.78 -12.10
N PHE A 109 -0.65 4.27 -11.54
CA PHE A 109 -0.89 5.70 -11.44
C PHE A 109 -0.03 6.31 -10.35
N LEU A 110 0.03 5.62 -9.20
CA LEU A 110 0.83 6.09 -8.07
C LEU A 110 2.29 6.25 -8.48
N VAL A 111 2.73 5.44 -9.43
CA VAL A 111 4.10 5.49 -9.91
C VAL A 111 4.23 6.42 -11.11
N GLU A 112 3.16 6.51 -11.89
CA GLU A 112 3.16 7.38 -13.08
C GLU A 112 3.16 8.84 -12.68
N ILE A 113 2.38 9.18 -11.66
CA ILE A 113 2.31 10.56 -11.18
C ILE A 113 3.30 10.82 -10.06
N GLY A 114 3.77 9.76 -9.43
CA GLY A 114 4.72 9.90 -8.33
C GLY A 114 4.01 10.05 -7.00
N LEU A 115 2.84 9.42 -6.90
CA LEU A 115 2.05 9.47 -5.68
C LEU A 115 2.66 8.59 -4.59
N ALA A 116 2.61 7.28 -4.83
CA ALA A 116 3.16 6.32 -3.87
C ALA A 116 4.57 5.91 -4.26
N LYS A 117 5.21 5.09 -3.43
CA LYS A 117 6.56 4.63 -3.70
C LYS A 117 6.54 3.19 -4.21
N ASP A 118 7.48 2.85 -5.09
CA ASP A 118 7.57 1.51 -5.65
C ASP A 118 7.64 0.47 -4.54
N ASP A 119 8.26 0.87 -3.42
CA ASP A 119 8.39 -0.03 -2.28
C ASP A 119 7.08 -0.10 -1.50
N GLN A 120 6.26 0.93 -1.66
CA GLN A 120 4.97 1.00 -0.98
C GLN A 120 3.88 0.32 -1.81
N LEU A 121 4.20 0.00 -3.05
CA LEU A 121 3.25 -0.65 -3.95
C LEU A 121 2.61 -1.88 -3.30
N LYS A 122 1.50 -1.66 -2.61
CA LYS A 122 0.78 -2.74 -1.94
C LYS A 122 -0.57 -2.95 -2.61
N VAL A 123 -0.57 -3.68 -3.72
CA VAL A 123 -1.79 -3.94 -4.47
C VAL A 123 -2.43 -5.27 -4.07
N HIS A 124 -3.73 -5.21 -3.76
CA HIS A 124 -4.48 -6.40 -3.37
C HIS A 124 -5.92 -6.30 -3.84
N GLY A 125 -6.20 -6.81 -5.04
CA GLY A 125 -7.54 -6.76 -5.57
C GLY A 125 -8.59 -7.18 -4.55
N PHE A 126 -8.95 -8.47 -4.57
CA PHE A 126 -9.93 -9.00 -3.63
C PHE A 126 -10.16 -10.48 -3.88
N MET A 1 28.34 33.95 22.96
CA MET A 1 29.32 32.89 22.58
C MET A 1 29.04 32.37 21.17
N ARG A 2 27.86 31.81 20.95
CA ARG A 2 27.48 31.28 19.65
C ARG A 2 26.99 32.40 18.74
N GLY A 3 27.30 32.29 17.45
CA GLY A 3 26.89 33.29 16.50
C GLY A 3 25.38 33.35 16.33
N SER A 4 24.88 32.73 15.27
CA SER A 4 23.44 32.71 15.01
C SER A 4 22.89 31.29 15.07
N HIS A 5 21.57 31.16 14.98
CA HIS A 5 20.92 29.86 15.02
C HIS A 5 19.43 29.99 14.74
N HIS A 6 18.78 30.91 15.44
CA HIS A 6 17.35 31.13 15.27
C HIS A 6 16.56 29.86 15.61
N HIS A 7 15.90 29.88 16.76
CA HIS A 7 15.10 28.73 17.20
C HIS A 7 13.81 28.64 16.39
N HIS A 8 13.90 28.07 15.20
CA HIS A 8 12.73 27.92 14.34
C HIS A 8 13.05 27.02 13.14
N HIS A 9 13.91 26.03 13.36
CA HIS A 9 14.29 25.09 12.30
C HIS A 9 13.79 23.68 12.60
N HIS A 10 12.92 23.55 13.59
CA HIS A 10 12.36 22.26 13.97
C HIS A 10 13.48 21.24 14.23
N THR A 11 14.36 21.58 15.18
CA THR A 11 15.46 20.69 15.53
C THR A 11 14.95 19.33 15.99
N ASP A 12 15.37 18.28 15.29
CA ASP A 12 14.96 16.92 15.62
C ASP A 12 16.16 15.99 15.70
N PRO A 13 17.17 16.34 16.51
CA PRO A 13 18.38 15.54 16.67
C PRO A 13 18.16 14.31 17.55
N MET A 14 16.95 14.19 18.10
CA MET A 14 16.61 13.06 18.97
C MET A 14 16.46 11.77 18.17
N SER A 15 16.46 11.88 16.84
CA SER A 15 16.32 10.72 15.97
C SER A 15 17.69 10.21 15.53
N ALA A 16 18.66 10.22 16.45
CA ALA A 16 20.01 9.75 16.16
C ALA A 16 20.91 9.88 17.38
N ILE A 17 20.36 9.61 18.55
CA ILE A 17 21.12 9.70 19.79
C ILE A 17 21.80 8.37 20.12
N GLN A 18 22.88 8.45 20.91
CA GLN A 18 23.61 7.25 21.30
C GLN A 18 24.05 7.35 22.76
N ASN A 19 23.86 6.25 23.50
CA ASN A 19 24.24 6.21 24.91
C ASN A 19 25.73 5.95 25.06
N LEU A 20 26.54 6.89 24.60
CA LEU A 20 27.99 6.77 24.70
C LEU A 20 28.48 5.53 23.94
N HIS A 21 28.61 5.67 22.63
CA HIS A 21 29.07 4.57 21.79
C HIS A 21 29.71 5.09 20.51
N SER A 22 30.31 4.18 19.73
CA SER A 22 30.96 4.55 18.49
C SER A 22 30.06 4.25 17.29
N PHE A 23 30.59 4.49 16.09
CA PHE A 23 29.83 4.24 14.88
C PHE A 23 29.66 2.75 14.63
N ASP A 24 28.54 2.38 14.02
CA ASP A 24 28.26 0.97 13.73
C ASP A 24 27.76 0.80 12.29
N PRO A 25 28.63 1.02 11.30
CA PRO A 25 28.28 0.89 9.88
C PRO A 25 27.81 -0.51 9.54
N PHE A 26 28.33 -1.50 10.25
CA PHE A 26 27.96 -2.90 10.00
C PHE A 26 27.55 -3.58 11.31
N ALA A 27 26.62 -2.96 12.03
CA ALA A 27 26.13 -3.50 13.29
C ALA A 27 24.68 -3.12 13.55
N ASP A 28 23.78 -4.08 13.32
CA ASP A 28 22.36 -3.84 13.53
C ASP A 28 21.88 -4.47 14.83
N ALA A 29 22.36 -3.95 15.95
CA ALA A 29 21.99 -4.47 17.26
C ALA A 29 22.00 -3.37 18.31
N SER A 30 21.40 -2.24 17.97
CA SER A 30 21.33 -1.11 18.89
C SER A 30 20.28 -1.33 19.97
N LYS A 31 20.66 -2.06 21.01
CA LYS A 31 19.75 -2.35 22.12
C LYS A 31 19.56 -1.13 23.00
N GLY A 32 18.34 -0.94 23.50
CA GLY A 32 18.06 0.19 24.37
C GLY A 32 16.65 0.73 24.16
N ASP A 33 16.53 2.04 24.11
CA ASP A 33 15.23 2.68 23.93
C ASP A 33 14.88 2.79 22.44
N ASP A 34 14.78 1.65 21.78
CA ASP A 34 14.46 1.60 20.36
C ASP A 34 13.92 0.24 19.96
N LEU A 35 12.65 0.20 19.58
CA LEU A 35 12.02 -1.05 19.18
C LEU A 35 12.68 -1.61 17.93
N LEU A 36 12.39 -2.87 17.63
CA LEU A 36 12.95 -3.53 16.45
C LEU A 36 12.50 -2.84 15.17
N PRO A 37 13.37 -2.81 14.14
CA PRO A 37 13.05 -2.16 12.86
C PRO A 37 11.77 -2.71 12.24
N ALA A 38 10.77 -1.83 12.10
CA ALA A 38 9.49 -2.23 11.52
C ALA A 38 9.62 -2.50 10.03
N GLY A 39 9.11 -3.64 9.58
CA GLY A 39 9.18 -3.99 8.17
C GLY A 39 7.92 -3.64 7.43
N THR A 40 7.40 -2.44 7.67
CA THR A 40 6.18 -1.98 7.00
C THR A 40 6.50 -0.89 5.99
N GLU A 41 7.42 -0.01 6.34
CA GLU A 41 7.82 1.09 5.46
C GLU A 41 6.61 1.91 5.03
N ASP A 42 5.53 1.85 5.80
CA ASP A 42 4.31 2.59 5.49
C ASP A 42 3.93 2.44 4.02
N TYR A 43 3.65 1.21 3.60
CA TYR A 43 3.27 0.92 2.22
C TYR A 43 1.91 1.53 1.90
N ILE A 44 1.52 1.44 0.64
CA ILE A 44 0.23 1.97 0.21
C ILE A 44 -0.70 0.83 -0.22
N HIS A 45 -1.58 0.43 0.69
CA HIS A 45 -2.52 -0.65 0.45
C HIS A 45 -3.59 -0.25 -0.57
N ILE A 46 -3.80 -1.10 -1.56
CA ILE A 46 -4.81 -0.85 -2.58
C ILE A 46 -6.16 -1.47 -2.18
N ARG A 47 -6.49 -2.66 -2.71
CA ARG A 47 -7.74 -3.35 -2.37
C ARG A 47 -8.86 -3.03 -3.35
N ILE A 48 -9.50 -4.09 -3.84
CA ILE A 48 -10.63 -3.97 -4.77
C ILE A 48 -11.93 -4.27 -4.05
N GLN A 49 -13.06 -3.94 -4.69
CA GLN A 49 -14.36 -4.21 -4.11
C GLN A 49 -15.44 -4.28 -5.18
N GLN A 50 -15.77 -5.50 -5.60
CA GLN A 50 -16.79 -5.71 -6.62
C GLN A 50 -18.12 -6.09 -5.99
N ARG A 51 -18.97 -5.09 -5.77
CA ARG A 51 -20.28 -5.32 -5.17
C ARG A 51 -21.05 -6.39 -5.95
N ASN A 52 -21.20 -6.14 -7.25
CA ASN A 52 -21.90 -7.08 -8.12
C ASN A 52 -20.89 -7.85 -8.98
N GLY A 53 -21.30 -8.26 -10.17
CA GLY A 53 -20.39 -8.98 -11.05
C GLY A 53 -19.63 -8.05 -11.98
N ARG A 54 -19.26 -6.87 -11.48
CA ARG A 54 -18.54 -5.89 -12.29
C ARG A 54 -18.34 -4.58 -11.53
N LYS A 55 -19.29 -4.26 -10.63
CA LYS A 55 -19.22 -3.03 -9.84
C LYS A 55 -18.01 -3.03 -8.91
N THR A 56 -16.82 -2.97 -9.50
CA THR A 56 -15.57 -2.96 -8.73
C THR A 56 -15.19 -1.53 -8.34
N LEU A 57 -14.52 -1.40 -7.21
CA LEU A 57 -14.09 -0.09 -6.72
C LEU A 57 -12.74 -0.18 -6.01
N THR A 58 -11.66 -0.09 -6.78
CA THR A 58 -10.32 -0.16 -6.21
C THR A 58 -10.05 0.99 -5.25
N THR A 59 -9.71 0.66 -4.01
CA THR A 59 -9.43 1.68 -3.01
C THR A 59 -7.93 1.90 -2.84
N VAL A 60 -7.58 2.98 -2.15
CA VAL A 60 -6.17 3.32 -1.90
C VAL A 60 -5.97 3.77 -0.47
N GLN A 61 -5.21 3.00 0.29
CA GLN A 61 -4.92 3.32 1.69
C GLN A 61 -3.43 3.59 1.89
N GLY A 62 -3.12 4.57 2.72
CA GLY A 62 -1.73 4.90 2.98
C GLY A 62 -1.37 6.27 2.44
N ILE A 63 -2.02 6.67 1.36
CA ILE A 63 -1.77 7.96 0.74
C ILE A 63 -2.07 9.10 1.71
N ALA A 64 -1.28 10.18 1.60
CA ALA A 64 -1.46 11.34 2.47
C ALA A 64 -2.60 12.22 1.98
N ASP A 65 -3.27 12.87 2.93
CA ASP A 65 -4.38 13.75 2.60
C ASP A 65 -3.90 15.06 1.96
N ASP A 66 -2.58 15.26 1.96
CA ASP A 66 -1.99 16.47 1.39
C ASP A 66 -1.57 16.26 -0.06
N TYR A 67 -2.19 15.28 -0.72
CA TYR A 67 -1.87 14.99 -2.12
C TYR A 67 -2.73 15.81 -3.07
N ASP A 68 -3.26 16.93 -2.57
CA ASP A 68 -4.11 17.82 -3.38
C ASP A 68 -5.53 17.29 -3.51
N LYS A 69 -5.74 16.01 -3.17
CA LYS A 69 -7.06 15.40 -3.26
C LYS A 69 -7.57 15.36 -4.69
N LYS A 70 -8.01 16.51 -5.19
CA LYS A 70 -8.52 16.62 -6.56
C LYS A 70 -7.52 16.08 -7.56
N LYS A 71 -6.32 16.66 -7.59
CA LYS A 71 -5.28 16.23 -8.51
C LYS A 71 -5.02 14.73 -8.41
N LEU A 72 -5.35 14.15 -7.25
CA LEU A 72 -5.15 12.72 -7.03
C LEU A 72 -6.05 11.89 -7.93
N VAL A 73 -7.36 12.11 -7.82
CA VAL A 73 -8.33 11.36 -8.62
C VAL A 73 -8.58 12.04 -9.97
N LYS A 74 -8.42 13.37 -9.99
CA LYS A 74 -8.64 14.14 -11.22
C LYS A 74 -7.77 13.62 -12.35
N ALA A 75 -6.51 13.32 -12.05
CA ALA A 75 -5.57 12.82 -13.04
C ALA A 75 -5.93 11.39 -13.45
N PHE A 76 -6.49 10.64 -12.50
CA PHE A 76 -6.88 9.25 -12.75
C PHE A 76 -7.97 9.19 -13.82
N LYS A 77 -8.99 10.02 -13.66
CA LYS A 77 -10.10 10.05 -14.60
C LYS A 77 -9.66 10.54 -15.98
N LYS A 78 -8.45 11.10 -16.05
CA LYS A 78 -7.92 11.59 -17.32
C LYS A 78 -6.92 10.60 -17.93
N LYS A 79 -6.40 9.70 -17.09
CA LYS A 79 -5.43 8.72 -17.55
C LYS A 79 -6.09 7.38 -17.85
N PHE A 80 -7.07 7.00 -17.03
CA PHE A 80 -7.77 5.72 -17.21
C PHE A 80 -9.23 5.93 -17.58
N ALA A 81 -9.76 7.12 -17.32
CA ALA A 81 -11.16 7.43 -17.63
C ALA A 81 -12.08 6.74 -16.65
N CYS A 82 -11.63 6.62 -15.41
CA CYS A 82 -12.43 5.98 -14.35
C CYS A 82 -12.93 7.02 -13.36
N ASN A 83 -13.69 6.57 -12.37
CA ASN A 83 -14.21 7.46 -11.35
C ASN A 83 -13.37 7.39 -10.07
N GLY A 84 -12.77 8.51 -9.70
CA GLY A 84 -11.94 8.55 -8.52
C GLY A 84 -12.62 9.27 -7.37
N THR A 85 -13.07 8.50 -6.38
CA THR A 85 -13.74 9.08 -5.22
C THR A 85 -12.83 9.10 -4.00
N VAL A 86 -13.12 10.00 -3.06
CA VAL A 86 -12.32 10.12 -1.84
C VAL A 86 -13.15 9.79 -0.60
N ILE A 87 -13.46 8.52 -0.43
CA ILE A 87 -14.25 8.05 0.71
C ILE A 87 -13.39 7.89 1.95
N GLU A 88 -13.98 8.09 3.11
CA GLU A 88 -13.26 7.96 4.37
C GLU A 88 -13.65 6.64 5.06
N HIS A 89 -13.14 5.54 4.52
CA HIS A 89 -13.42 4.23 5.07
C HIS A 89 -13.01 4.14 6.54
N PRO A 90 -13.85 3.53 7.39
CA PRO A 90 -13.55 3.39 8.82
C PRO A 90 -12.57 2.25 9.09
N GLU A 91 -12.46 1.32 8.14
CA GLU A 91 -11.56 0.19 8.28
C GLU A 91 -10.13 0.58 7.96
N TYR A 92 -9.97 1.64 7.16
CA TYR A 92 -8.65 2.11 6.77
C TYR A 92 -8.42 3.55 7.24
N GLY A 93 -9.38 4.42 6.94
CA GLY A 93 -9.27 5.81 7.33
C GLY A 93 -8.80 6.69 6.20
N GLU A 94 -9.75 7.33 5.51
CA GLU A 94 -9.42 8.21 4.39
C GLU A 94 -8.74 7.44 3.28
N VAL A 95 -9.53 6.93 2.34
CA VAL A 95 -9.00 6.18 1.21
C VAL A 95 -9.70 6.57 -0.09
N ILE A 96 -8.94 6.59 -1.18
CA ILE A 96 -9.50 6.95 -2.48
C ILE A 96 -10.16 5.74 -3.13
N GLN A 97 -11.41 5.90 -3.54
CA GLN A 97 -12.16 4.81 -4.16
C GLN A 97 -12.21 4.98 -5.68
N LEU A 98 -11.45 4.16 -6.39
CA LEU A 98 -11.43 4.19 -7.84
C LEU A 98 -12.48 3.25 -8.40
N GLN A 99 -12.87 3.47 -9.65
CA GLN A 99 -13.89 2.63 -10.29
C GLN A 99 -13.26 1.50 -11.07
N GLY A 100 -13.90 0.33 -11.02
CA GLY A 100 -13.40 -0.83 -11.74
C GLY A 100 -12.18 -1.43 -11.09
N ASP A 101 -11.65 -2.50 -11.70
CA ASP A 101 -10.47 -3.16 -11.17
C ASP A 101 -9.20 -2.41 -11.57
N GLN A 102 -8.79 -1.47 -10.74
CA GLN A 102 -7.59 -0.67 -11.00
C GLN A 102 -6.43 -1.15 -10.16
N ARG A 103 -6.56 -2.33 -9.55
CA ARG A 103 -5.51 -2.88 -8.71
C ARG A 103 -4.15 -2.82 -9.41
N LYS A 104 -4.18 -2.84 -10.75
CA LYS A 104 -2.95 -2.79 -11.54
C LYS A 104 -2.74 -1.40 -12.12
N ASN A 105 -3.83 -0.63 -12.24
CA ASN A 105 -3.75 0.72 -12.79
C ASN A 105 -3.39 1.74 -11.71
N ILE A 106 -3.91 1.54 -10.51
CA ILE A 106 -3.63 2.45 -9.41
C ILE A 106 -2.14 2.45 -9.06
N CYS A 107 -1.58 1.26 -8.84
CA CYS A 107 -0.15 1.16 -8.54
C CYS A 107 0.63 1.77 -9.68
N GLN A 108 0.04 1.67 -10.87
CA GLN A 108 0.63 2.23 -12.09
C GLN A 108 0.49 3.74 -12.08
N PHE A 109 -0.60 4.22 -11.48
CA PHE A 109 -0.86 5.65 -11.39
C PHE A 109 0.01 6.27 -10.32
N LEU A 110 0.09 5.61 -9.17
CA LEU A 110 0.91 6.09 -8.06
C LEU A 110 2.36 6.27 -8.49
N VAL A 111 2.79 5.46 -9.44
CA VAL A 111 4.16 5.53 -9.94
C VAL A 111 4.26 6.47 -11.13
N GLU A 112 3.17 6.57 -11.90
CA GLU A 112 3.13 7.44 -13.08
C GLU A 112 3.12 8.90 -12.65
N ILE A 113 2.34 9.21 -11.63
CA ILE A 113 2.23 10.58 -11.12
C ILE A 113 3.25 10.84 -10.01
N GLY A 114 3.74 9.77 -9.41
CA GLY A 114 4.70 9.91 -8.31
C GLY A 114 4.01 10.08 -6.99
N LEU A 115 2.86 9.42 -6.85
CA LEU A 115 2.08 9.49 -5.61
C LEU A 115 2.68 8.61 -4.53
N ALA A 116 2.57 7.30 -4.71
CA ALA A 116 3.11 6.34 -3.74
C ALA A 116 4.53 5.94 -4.11
N LYS A 117 5.13 5.07 -3.31
CA LYS A 117 6.48 4.60 -3.57
C LYS A 117 6.46 3.21 -4.19
N ASP A 118 7.51 2.87 -4.93
CA ASP A 118 7.60 1.57 -5.56
C ASP A 118 7.65 0.48 -4.50
N ASP A 119 8.18 0.81 -3.34
CA ASP A 119 8.29 -0.14 -2.24
C ASP A 119 6.96 -0.21 -1.49
N GLN A 120 6.23 0.90 -1.51
CA GLN A 120 4.92 0.97 -0.84
C GLN A 120 3.84 0.30 -1.68
N LEU A 121 4.16 -0.03 -2.92
CA LEU A 121 3.21 -0.67 -3.82
C LEU A 121 2.58 -1.90 -3.17
N LYS A 122 1.47 -1.69 -2.46
CA LYS A 122 0.77 -2.76 -1.79
C LYS A 122 -0.59 -3.01 -2.45
N VAL A 123 -0.58 -3.89 -3.45
CA VAL A 123 -1.80 -4.21 -4.18
C VAL A 123 -2.50 -5.44 -3.61
N HIS A 124 -3.78 -5.29 -3.26
CA HIS A 124 -4.57 -6.38 -2.71
C HIS A 124 -5.94 -6.41 -3.38
N GLY A 125 -5.97 -6.07 -4.66
CA GLY A 125 -7.22 -6.04 -5.40
C GLY A 125 -7.97 -7.36 -5.36
N PHE A 126 -8.80 -7.53 -4.34
CA PHE A 126 -9.60 -8.75 -4.19
C PHE A 126 -8.69 -9.97 -4.05
N MET A 1 -34.06 -3.25 21.55
CA MET A 1 -32.89 -4.09 21.87
C MET A 1 -32.06 -4.38 20.62
N ARG A 2 -30.87 -4.94 20.83
CA ARG A 2 -29.98 -5.27 19.71
C ARG A 2 -29.55 -4.00 18.97
N GLY A 3 -28.25 -3.75 18.94
CA GLY A 3 -27.74 -2.57 18.26
C GLY A 3 -26.33 -2.23 18.68
N SER A 4 -26.16 -1.91 19.97
CA SER A 4 -24.84 -1.56 20.50
C SER A 4 -24.69 -2.05 21.93
N HIS A 5 -23.50 -1.90 22.49
CA HIS A 5 -23.22 -2.32 23.86
C HIS A 5 -23.79 -1.33 24.86
N HIS A 6 -23.11 -0.19 25.01
CA HIS A 6 -23.55 0.84 25.94
C HIS A 6 -23.60 0.32 27.36
N HIS A 7 -22.46 0.37 28.05
CA HIS A 7 -22.37 -0.10 29.43
C HIS A 7 -21.82 0.99 30.34
N HIS A 8 -22.71 1.60 31.12
CA HIS A 8 -22.31 2.66 32.04
C HIS A 8 -21.73 3.85 31.27
N HIS A 9 -20.45 3.78 30.94
CA HIS A 9 -19.79 4.85 30.21
C HIS A 9 -20.10 6.22 30.82
N HIS A 10 -19.48 6.51 31.95
CA HIS A 10 -19.70 7.78 32.63
C HIS A 10 -18.36 8.45 32.96
N THR A 11 -17.64 8.84 31.92
CA THR A 11 -16.34 9.50 32.09
C THR A 11 -16.28 10.80 31.28
N ASP A 12 -17.07 11.78 31.69
CA ASP A 12 -17.12 13.06 31.01
C ASP A 12 -15.88 13.89 31.34
N PRO A 13 -15.47 14.79 30.42
CA PRO A 13 -14.29 15.64 30.63
C PRO A 13 -14.34 16.39 31.96
N MET A 14 -15.54 16.80 32.35
CA MET A 14 -15.73 17.53 33.60
C MET A 14 -15.62 16.58 34.80
N SER A 15 -16.04 15.34 34.61
CA SER A 15 -15.98 14.34 35.67
C SER A 15 -14.55 14.12 36.14
N ALA A 16 -13.60 14.29 35.22
CA ALA A 16 -12.19 14.12 35.55
C ALA A 16 -11.33 15.16 34.86
N ILE A 17 -11.36 16.39 35.36
CA ILE A 17 -10.60 17.49 34.80
C ILE A 17 -9.17 17.48 35.34
N GLN A 18 -8.28 16.78 34.64
CA GLN A 18 -6.88 16.70 35.06
C GLN A 18 -5.99 16.29 33.89
N ASN A 19 -6.39 16.66 32.68
CA ASN A 19 -5.62 16.33 31.49
C ASN A 19 -4.51 17.36 31.26
N LEU A 20 -4.83 18.44 30.56
CA LEU A 20 -3.85 19.48 30.27
C LEU A 20 -4.45 20.57 29.38
N HIS A 21 -4.59 20.26 28.10
CA HIS A 21 -5.15 21.21 27.14
C HIS A 21 -6.37 20.62 26.44
N SER A 22 -6.94 21.39 25.51
CA SER A 22 -8.12 20.94 24.77
C SER A 22 -7.82 19.66 24.00
N PHE A 23 -8.42 18.56 24.45
CA PHE A 23 -8.22 17.27 23.81
C PHE A 23 -8.70 17.31 22.35
N ASP A 24 -7.99 16.58 21.49
CA ASP A 24 -8.33 16.54 20.06
C ASP A 24 -8.76 15.13 19.65
N PRO A 25 -9.69 15.02 18.70
CA PRO A 25 -10.18 13.72 18.21
C PRO A 25 -9.04 12.82 17.74
N PHE A 26 -7.93 13.43 17.37
CA PHE A 26 -6.77 12.68 16.89
C PHE A 26 -5.64 12.73 17.92
N ALA A 27 -6.00 12.88 19.19
CA ALA A 27 -5.01 12.94 20.27
C ALA A 27 -4.27 11.61 20.40
N ASP A 28 -3.28 11.40 19.54
CA ASP A 28 -2.49 10.18 19.55
C ASP A 28 -1.13 10.42 20.18
N ALA A 29 -0.63 11.64 20.07
CA ALA A 29 0.67 11.99 20.63
C ALA A 29 1.78 11.19 19.98
N SER A 30 2.97 11.77 19.91
CA SER A 30 4.12 11.11 19.30
C SER A 30 3.84 10.75 17.85
N LYS A 31 4.69 9.91 17.27
CA LYS A 31 4.53 9.50 15.88
C LYS A 31 4.65 10.69 14.94
N GLY A 32 5.67 10.67 14.10
CA GLY A 32 5.89 11.75 13.15
C GLY A 32 7.27 12.35 13.24
N ASP A 33 7.74 12.58 14.47
CA ASP A 33 9.06 13.15 14.69
C ASP A 33 9.71 12.55 15.94
N ASP A 34 9.42 11.27 16.19
CA ASP A 34 9.97 10.58 17.35
C ASP A 34 10.47 9.19 16.96
N LEU A 35 9.56 8.35 16.48
CA LEU A 35 9.92 6.99 16.07
C LEU A 35 9.73 6.81 14.56
N LEU A 36 10.85 6.69 13.84
CA LEU A 36 10.80 6.52 12.40
C LEU A 36 10.13 5.19 12.03
N PRO A 37 9.41 5.16 10.90
CA PRO A 37 8.72 3.95 10.44
C PRO A 37 9.69 2.91 9.89
N ALA A 38 9.82 1.81 10.62
CA ALA A 38 10.71 0.72 10.20
C ALA A 38 10.05 -0.64 10.34
N GLY A 39 9.90 -1.34 9.22
CA GLY A 39 9.28 -2.65 9.24
C GLY A 39 8.27 -2.83 8.13
N THR A 40 7.43 -1.82 7.92
CA THR A 40 6.42 -1.87 6.88
C THR A 40 6.74 -0.92 5.73
N GLU A 41 7.67 0.00 5.97
CA GLU A 41 8.06 0.97 4.96
C GLU A 41 6.88 1.84 4.52
N ASP A 42 5.82 1.85 5.34
CA ASP A 42 4.64 2.64 5.05
C ASP A 42 4.15 2.40 3.62
N TYR A 43 3.75 1.17 3.34
CA TYR A 43 3.28 0.81 2.01
C TYR A 43 1.92 1.47 1.72
N ILE A 44 1.47 1.34 0.48
CA ILE A 44 0.18 1.91 0.09
C ILE A 44 -0.80 0.81 -0.30
N HIS A 45 -1.64 0.43 0.64
CA HIS A 45 -2.62 -0.63 0.43
C HIS A 45 -3.70 -0.22 -0.58
N ILE A 46 -3.83 -1.01 -1.63
CA ILE A 46 -4.83 -0.75 -2.66
C ILE A 46 -6.19 -1.33 -2.24
N ARG A 47 -6.52 -2.53 -2.72
CA ARG A 47 -7.78 -3.20 -2.36
C ARG A 47 -8.91 -2.85 -3.31
N ILE A 48 -9.53 -3.89 -3.86
CA ILE A 48 -10.65 -3.75 -4.78
C ILE A 48 -11.95 -4.22 -4.11
N GLN A 49 -13.09 -3.71 -4.56
CA GLN A 49 -14.36 -4.11 -3.99
C GLN A 49 -15.41 -4.31 -5.08
N GLN A 50 -15.56 -5.55 -5.52
CA GLN A 50 -16.53 -5.88 -6.56
C GLN A 50 -17.76 -6.55 -5.95
N ARG A 51 -18.93 -5.99 -6.24
CA ARG A 51 -20.19 -6.52 -5.70
C ARG A 51 -20.79 -7.55 -6.65
N ASN A 52 -21.12 -8.72 -6.10
CA ASN A 52 -21.71 -9.80 -6.89
C ASN A 52 -20.89 -10.09 -8.15
N GLY A 53 -19.60 -9.84 -8.07
CA GLY A 53 -18.72 -10.08 -9.21
C GLY A 53 -18.79 -8.96 -10.23
N ARG A 54 -19.32 -7.81 -9.82
CA ARG A 54 -19.45 -6.66 -10.70
C ARG A 54 -19.25 -5.36 -9.93
N LYS A 55 -19.42 -4.24 -10.62
CA LYS A 55 -19.25 -2.93 -10.00
C LYS A 55 -18.05 -2.91 -9.07
N THR A 56 -16.85 -2.81 -9.64
CA THR A 56 -15.62 -2.81 -8.86
C THR A 56 -15.26 -1.40 -8.40
N LEU A 57 -14.57 -1.31 -7.28
CA LEU A 57 -14.16 -0.03 -6.73
C LEU A 57 -12.80 -0.12 -6.04
N THR A 58 -11.74 0.07 -6.80
CA THR A 58 -10.38 0.01 -6.26
C THR A 58 -10.14 1.15 -5.28
N THR A 59 -9.75 0.82 -4.06
CA THR A 59 -9.49 1.83 -3.04
C THR A 59 -7.99 2.00 -2.81
N VAL A 60 -7.62 3.16 -2.26
CA VAL A 60 -6.22 3.46 -1.98
C VAL A 60 -6.03 3.87 -0.53
N GLN A 61 -5.31 3.04 0.22
CA GLN A 61 -5.04 3.32 1.62
C GLN A 61 -3.55 3.46 1.86
N GLY A 62 -3.17 4.41 2.71
CA GLY A 62 -1.77 4.65 3.00
C GLY A 62 -1.31 6.00 2.50
N ILE A 63 -1.98 6.49 1.45
CA ILE A 63 -1.64 7.78 0.86
C ILE A 63 -1.91 8.92 1.84
N ALA A 64 -1.10 9.96 1.74
CA ALA A 64 -1.24 11.12 2.62
C ALA A 64 -2.41 12.00 2.22
N ASP A 65 -3.08 12.58 3.21
CA ASP A 65 -4.23 13.44 2.95
C ASP A 65 -3.80 14.78 2.35
N ASP A 66 -2.48 15.02 2.34
CA ASP A 66 -1.95 16.27 1.79
C ASP A 66 -1.55 16.11 0.33
N TYR A 67 -2.15 15.12 -0.34
CA TYR A 67 -1.85 14.88 -1.75
C TYR A 67 -2.78 15.68 -2.67
N ASP A 68 -3.40 16.71 -2.12
CA ASP A 68 -4.31 17.55 -2.90
C ASP A 68 -5.33 16.68 -3.64
N LYS A 69 -6.42 16.35 -2.97
CA LYS A 69 -7.48 15.51 -3.54
C LYS A 69 -7.69 15.82 -5.03
N LYS A 70 -7.60 17.11 -5.38
CA LYS A 70 -7.76 17.52 -6.76
C LYS A 70 -6.69 16.88 -7.63
N LYS A 71 -5.43 17.27 -7.39
CA LYS A 71 -4.31 16.72 -8.13
C LYS A 71 -3.93 15.34 -7.59
N LEU A 72 -4.88 14.43 -7.63
CA LEU A 72 -4.67 13.07 -7.15
C LEU A 72 -5.64 12.11 -7.82
N VAL A 73 -6.92 12.28 -7.52
CA VAL A 73 -7.96 11.42 -8.10
C VAL A 73 -8.47 12.00 -9.42
N LYS A 74 -8.50 13.33 -9.50
CA LYS A 74 -8.96 13.99 -10.72
C LYS A 74 -8.05 13.62 -11.89
N ALA A 75 -6.75 13.57 -11.63
CA ALA A 75 -5.78 13.20 -12.64
C ALA A 75 -6.02 11.79 -13.13
N PHE A 76 -6.56 10.94 -12.25
CA PHE A 76 -6.84 9.55 -12.59
C PHE A 76 -7.77 9.48 -13.80
N LYS A 77 -8.91 10.15 -13.70
CA LYS A 77 -9.90 10.17 -14.78
C LYS A 77 -9.34 10.85 -16.03
N LYS A 78 -8.20 11.53 -15.88
CA LYS A 78 -7.57 12.21 -17.00
C LYS A 78 -6.48 11.35 -17.63
N LYS A 79 -6.00 10.37 -16.88
CA LYS A 79 -4.94 9.48 -17.35
C LYS A 79 -5.51 8.21 -17.96
N PHE A 80 -6.46 7.58 -17.27
CA PHE A 80 -7.05 6.34 -17.75
C PHE A 80 -8.50 6.54 -18.21
N ALA A 81 -9.10 7.67 -17.83
CA ALA A 81 -10.48 7.95 -18.21
C ALA A 81 -11.46 7.14 -17.35
N CYS A 82 -11.04 6.81 -16.14
CA CYS A 82 -11.86 6.04 -15.22
C CYS A 82 -12.61 6.96 -14.27
N ASN A 83 -13.25 6.37 -13.27
CA ASN A 83 -13.99 7.14 -12.28
C ASN A 83 -13.30 7.12 -10.93
N GLY A 84 -12.72 8.25 -10.56
CA GLY A 84 -12.03 8.35 -9.29
C GLY A 84 -12.83 9.12 -8.25
N THR A 85 -12.87 8.58 -7.03
CA THR A 85 -13.61 9.24 -5.94
C THR A 85 -12.84 9.17 -4.64
N VAL A 86 -13.29 9.94 -3.65
CA VAL A 86 -12.65 9.96 -2.33
C VAL A 86 -13.64 9.58 -1.24
N ILE A 87 -13.18 8.81 -0.27
CA ILE A 87 -14.03 8.38 0.83
C ILE A 87 -13.23 8.16 2.10
N GLU A 88 -13.85 8.46 3.24
CA GLU A 88 -13.18 8.28 4.53
C GLU A 88 -13.63 6.98 5.19
N HIS A 89 -13.17 5.87 4.62
CA HIS A 89 -13.51 4.55 5.13
C HIS A 89 -13.18 4.43 6.62
N PRO A 90 -14.04 3.72 7.39
CA PRO A 90 -13.83 3.55 8.83
C PRO A 90 -12.83 2.44 9.13
N GLU A 91 -12.70 1.48 8.22
CA GLU A 91 -11.76 0.37 8.39
C GLU A 91 -10.36 0.75 7.94
N TYR A 92 -10.27 1.78 7.09
CA TYR A 92 -8.98 2.24 6.59
C TYR A 92 -8.68 3.65 7.06
N GLY A 93 -9.64 4.55 6.88
CA GLY A 93 -9.45 5.92 7.28
C GLY A 93 -8.91 6.81 6.17
N GLU A 94 -9.81 7.52 5.49
CA GLU A 94 -9.42 8.41 4.40
C GLU A 94 -8.76 7.63 3.27
N VAL A 95 -9.58 7.08 2.38
CA VAL A 95 -9.08 6.32 1.24
C VAL A 95 -9.83 6.69 -0.03
N ILE A 96 -9.10 6.75 -1.14
CA ILE A 96 -9.71 7.09 -2.42
C ILE A 96 -10.41 5.87 -3.01
N GLN A 97 -11.57 6.09 -3.63
CA GLN A 97 -12.34 5.00 -4.21
C GLN A 97 -12.42 5.11 -5.73
N LEU A 98 -11.60 4.30 -6.42
CA LEU A 98 -11.59 4.29 -7.87
C LEU A 98 -12.72 3.42 -8.39
N GLN A 99 -12.96 3.46 -9.70
CA GLN A 99 -14.02 2.66 -10.30
C GLN A 99 -13.43 1.53 -11.13
N GLY A 100 -14.03 0.34 -11.02
CA GLY A 100 -13.55 -0.80 -11.78
C GLY A 100 -12.24 -1.33 -11.23
N ASP A 101 -11.82 -2.50 -11.69
CA ASP A 101 -10.57 -3.10 -11.24
C ASP A 101 -9.38 -2.28 -11.69
N GLN A 102 -8.99 -1.32 -10.87
CA GLN A 102 -7.86 -0.46 -11.18
C GLN A 102 -6.63 -0.85 -10.37
N ARG A 103 -6.73 -1.94 -9.61
CA ARG A 103 -5.63 -2.41 -8.79
C ARG A 103 -4.33 -2.43 -9.58
N LYS A 104 -4.44 -2.60 -10.90
CA LYS A 104 -3.26 -2.63 -11.77
C LYS A 104 -2.97 -1.24 -12.33
N ASN A 105 -4.00 -0.41 -12.43
CA ASN A 105 -3.83 0.94 -12.96
C ASN A 105 -3.48 1.93 -11.86
N ILE A 106 -4.05 1.73 -10.67
CA ILE A 106 -3.78 2.60 -9.54
C ILE A 106 -2.30 2.56 -9.15
N CYS A 107 -1.78 1.35 -8.94
CA CYS A 107 -0.37 1.20 -8.61
C CYS A 107 0.47 1.86 -9.68
N GLN A 108 -0.02 1.75 -10.92
CA GLN A 108 0.64 2.35 -12.07
C GLN A 108 0.48 3.87 -12.01
N PHE A 109 -0.65 4.32 -11.47
CA PHE A 109 -0.93 5.74 -11.33
C PHE A 109 -0.05 6.36 -10.26
N LEU A 110 0.05 5.66 -9.13
CA LEU A 110 0.86 6.13 -8.01
C LEU A 110 2.31 6.34 -8.43
N VAL A 111 2.75 5.55 -9.41
CA VAL A 111 4.11 5.65 -9.90
C VAL A 111 4.19 6.60 -11.11
N GLU A 112 3.08 6.72 -11.83
CA GLU A 112 3.03 7.59 -13.00
C GLU A 112 2.98 9.05 -12.60
N ILE A 113 2.27 9.34 -11.51
CA ILE A 113 2.14 10.70 -11.01
C ILE A 113 3.16 11.00 -9.91
N GLY A 114 3.71 9.94 -9.32
CA GLY A 114 4.66 10.12 -8.25
C GLY A 114 4.00 10.20 -6.89
N LEU A 115 2.86 9.53 -6.77
CA LEU A 115 2.10 9.52 -5.53
C LEU A 115 2.73 8.57 -4.51
N ALA A 116 2.63 7.28 -4.77
CA ALA A 116 3.20 6.27 -3.88
C ALA A 116 4.58 5.85 -4.37
N LYS A 117 5.09 4.76 -3.80
CA LYS A 117 6.40 4.25 -4.18
C LYS A 117 6.29 2.83 -4.70
N ASP A 118 7.28 2.41 -5.48
CA ASP A 118 7.29 1.06 -6.03
C ASP A 118 7.37 0.03 -4.91
N ASP A 119 7.94 0.44 -3.78
CA ASP A 119 8.07 -0.45 -2.63
C ASP A 119 6.77 -0.48 -1.83
N GLN A 120 6.06 0.64 -1.84
CA GLN A 120 4.79 0.75 -1.14
C GLN A 120 3.67 0.08 -1.91
N LEU A 121 3.94 -0.28 -3.16
CA LEU A 121 2.94 -0.93 -4.01
C LEU A 121 2.31 -2.12 -3.31
N LYS A 122 1.19 -1.87 -2.65
CA LYS A 122 0.49 -2.93 -1.92
C LYS A 122 -0.84 -3.24 -2.60
N VAL A 123 -0.77 -3.96 -3.71
CA VAL A 123 -1.97 -4.33 -4.46
C VAL A 123 -2.54 -5.65 -3.96
N HIS A 124 -3.72 -5.60 -3.36
CA HIS A 124 -4.36 -6.80 -2.84
C HIS A 124 -5.65 -7.12 -3.60
N GLY A 125 -6.33 -6.09 -4.05
CA GLY A 125 -7.56 -6.29 -4.79
C GLY A 125 -8.60 -7.03 -3.96
N PHE A 126 -8.94 -8.24 -4.38
CA PHE A 126 -9.92 -9.05 -3.67
C PHE A 126 -10.06 -10.43 -4.32
N MET A 1 47.76 -3.21 15.80
CA MET A 1 47.61 -4.41 16.67
C MET A 1 46.19 -4.54 17.21
N ARG A 2 45.42 -5.44 16.61
CA ARG A 2 44.04 -5.65 17.03
C ARG A 2 43.21 -4.40 16.84
N GLY A 3 43.51 -3.65 15.77
CA GLY A 3 42.77 -2.44 15.49
C GLY A 3 41.58 -2.67 14.59
N SER A 4 41.20 -1.65 13.83
CA SER A 4 40.07 -1.75 12.92
C SER A 4 38.78 -2.02 13.69
N HIS A 5 37.71 -2.33 12.96
CA HIS A 5 36.42 -2.61 13.56
C HIS A 5 36.49 -3.85 14.46
N HIS A 6 35.55 -3.95 15.39
CA HIS A 6 35.52 -5.09 16.31
C HIS A 6 34.71 -6.24 15.71
N HIS A 7 35.17 -7.46 15.94
CA HIS A 7 34.49 -8.64 15.43
C HIS A 7 33.13 -8.82 16.11
N HIS A 8 32.20 -9.44 15.39
CA HIS A 8 30.86 -9.68 15.93
C HIS A 8 30.39 -11.09 15.60
N HIS A 9 29.13 -11.37 15.93
CA HIS A 9 28.55 -12.69 15.68
C HIS A 9 27.50 -12.62 14.56
N HIS A 10 27.92 -12.16 13.38
CA HIS A 10 27.01 -12.04 12.25
C HIS A 10 27.79 -12.12 10.94
N THR A 11 28.83 -11.29 10.82
CA THR A 11 29.64 -11.26 9.61
C THR A 11 30.60 -12.46 9.57
N ASP A 12 30.70 -13.08 8.40
CA ASP A 12 31.59 -14.23 8.23
C ASP A 12 31.73 -14.59 6.76
N PRO A 13 32.94 -14.92 6.30
CA PRO A 13 33.19 -15.29 4.90
C PRO A 13 32.29 -16.42 4.43
N MET A 14 32.13 -17.43 5.28
CA MET A 14 31.29 -18.58 4.96
C MET A 14 29.81 -18.23 5.11
N SER A 15 29.51 -17.28 5.99
CA SER A 15 28.14 -16.86 6.22
C SER A 15 27.49 -16.36 4.94
N ALA A 16 28.31 -15.78 4.06
CA ALA A 16 27.82 -15.25 2.79
C ALA A 16 28.72 -15.68 1.64
N ILE A 17 28.63 -16.97 1.28
CA ILE A 17 29.44 -17.51 0.20
C ILE A 17 28.82 -17.17 -1.16
N GLN A 18 29.37 -16.16 -1.81
CA GLN A 18 28.88 -15.74 -3.12
C GLN A 18 27.42 -15.31 -3.04
N ASN A 19 27.18 -14.01 -3.21
CA ASN A 19 25.82 -13.48 -3.15
C ASN A 19 24.93 -14.12 -4.20
N LEU A 20 25.53 -14.49 -5.33
CA LEU A 20 24.79 -15.11 -6.42
C LEU A 20 24.94 -16.63 -6.38
N HIS A 21 24.05 -17.33 -7.06
CA HIS A 21 24.09 -18.80 -7.10
C HIS A 21 23.95 -19.39 -5.70
N SER A 22 22.71 -19.55 -5.26
CA SER A 22 22.44 -20.10 -3.93
C SER A 22 21.01 -20.61 -3.85
N PHE A 23 20.82 -21.89 -4.15
CA PHE A 23 19.49 -22.50 -4.10
C PHE A 23 19.17 -22.97 -2.69
N ASP A 24 17.90 -23.33 -2.47
CA ASP A 24 17.45 -23.79 -1.17
C ASP A 24 16.47 -24.96 -1.32
N PRO A 25 16.94 -26.20 -1.09
CA PRO A 25 16.09 -27.39 -1.20
C PRO A 25 14.88 -27.33 -0.27
N PHE A 26 14.98 -26.50 0.77
CA PHE A 26 13.90 -26.34 1.74
C PHE A 26 13.44 -24.89 1.81
N ALA A 27 14.23 -24.07 2.50
CA ALA A 27 13.91 -22.65 2.65
C ALA A 27 15.01 -21.92 3.42
N ASP A 28 15.92 -21.30 2.67
CA ASP A 28 17.02 -20.56 3.28
C ASP A 28 16.68 -19.08 3.43
N ALA A 29 15.68 -18.79 4.25
CA ALA A 29 15.25 -17.41 4.46
C ALA A 29 14.71 -17.23 5.88
N SER A 30 14.45 -15.98 6.25
CA SER A 30 13.93 -15.66 7.57
C SER A 30 14.92 -16.05 8.67
N LYS A 31 15.19 -15.13 9.57
CA LYS A 31 16.12 -15.38 10.67
C LYS A 31 17.52 -15.70 10.14
N GLY A 32 18.07 -14.77 9.36
CA GLY A 32 19.39 -14.97 8.80
C GLY A 32 20.19 -13.69 8.75
N ASP A 33 19.69 -12.70 8.03
CA ASP A 33 20.37 -11.41 7.90
C ASP A 33 19.75 -10.38 8.84
N ASP A 34 19.56 -10.78 10.09
CA ASP A 34 18.97 -9.89 11.10
C ASP A 34 17.57 -9.45 10.70
N LEU A 35 16.72 -10.43 10.39
CA LEU A 35 15.35 -10.13 9.97
C LEU A 35 14.57 -9.49 11.12
N LEU A 36 14.62 -8.17 11.20
CA LEU A 36 13.92 -7.43 12.25
C LEU A 36 12.40 -7.64 12.15
N PRO A 37 11.72 -7.77 13.30
CA PRO A 37 10.27 -7.98 13.32
C PRO A 37 9.52 -6.91 12.53
N ALA A 38 10.02 -5.68 12.57
CA ALA A 38 9.40 -4.57 11.87
C ALA A 38 9.75 -4.61 10.38
N GLY A 39 9.11 -3.74 9.61
CA GLY A 39 9.37 -3.68 8.18
C GLY A 39 8.12 -3.38 7.38
N THR A 40 7.36 -2.40 7.82
CA THR A 40 6.13 -2.01 7.13
C THR A 40 6.39 -0.90 6.12
N GLU A 41 7.29 0.02 6.46
CA GLU A 41 7.64 1.13 5.59
C GLU A 41 6.39 1.90 5.15
N ASP A 42 5.32 1.78 5.91
CA ASP A 42 4.06 2.47 5.60
C ASP A 42 3.69 2.28 4.13
N TYR A 43 3.48 1.03 3.73
CA TYR A 43 3.12 0.71 2.36
C TYR A 43 1.75 1.28 2.02
N ILE A 44 1.41 1.28 0.73
CA ILE A 44 0.13 1.78 0.27
C ILE A 44 -0.74 0.61 -0.23
N HIS A 45 -1.68 0.20 0.62
CA HIS A 45 -2.56 -0.91 0.30
C HIS A 45 -3.68 -0.51 -0.66
N ILE A 46 -3.72 -1.16 -1.82
CA ILE A 46 -4.75 -0.89 -2.81
C ILE A 46 -6.07 -1.55 -2.41
N ARG A 47 -6.36 -2.75 -2.96
CA ARG A 47 -7.58 -3.50 -2.62
C ARG A 47 -8.78 -3.02 -3.43
N ILE A 48 -9.43 -3.98 -4.08
CA ILE A 48 -10.63 -3.71 -4.88
C ILE A 48 -11.88 -4.18 -4.12
N GLN A 49 -13.03 -3.62 -4.49
CA GLN A 49 -14.29 -4.00 -3.86
C GLN A 49 -15.38 -4.18 -4.90
N GLN A 50 -15.47 -5.40 -5.43
CA GLN A 50 -16.47 -5.71 -6.45
C GLN A 50 -17.75 -6.27 -5.82
N ARG A 51 -18.80 -5.46 -5.81
CA ARG A 51 -20.08 -5.88 -5.25
C ARG A 51 -20.83 -6.75 -6.27
N ASN A 52 -21.18 -7.96 -5.85
CA ASN A 52 -21.90 -8.88 -6.73
C ASN A 52 -21.03 -9.27 -7.92
N GLY A 53 -19.72 -9.11 -7.77
CA GLY A 53 -18.80 -9.45 -8.85
C GLY A 53 -18.94 -8.53 -10.05
N ARG A 54 -19.32 -7.28 -9.81
CA ARG A 54 -19.49 -6.32 -10.90
C ARG A 54 -19.07 -4.91 -10.46
N LYS A 55 -19.71 -4.40 -9.42
CA LYS A 55 -19.42 -3.06 -8.92
C LYS A 55 -18.00 -3.00 -8.34
N THR A 56 -17.02 -3.05 -9.24
CA THR A 56 -15.61 -3.00 -8.83
C THR A 56 -15.20 -1.58 -8.45
N LEU A 57 -14.58 -1.44 -7.28
CA LEU A 57 -14.14 -0.14 -6.82
C LEU A 57 -12.76 -0.23 -6.17
N THR A 58 -11.72 0.07 -6.94
CA THR A 58 -10.35 0.00 -6.44
C THR A 58 -10.08 1.15 -5.47
N THR A 59 -9.77 0.82 -4.22
CA THR A 59 -9.48 1.83 -3.22
C THR A 59 -7.98 1.93 -2.95
N VAL A 60 -7.53 3.14 -2.64
CA VAL A 60 -6.11 3.36 -2.38
C VAL A 60 -5.89 3.73 -0.92
N GLN A 61 -5.21 2.86 -0.19
CA GLN A 61 -4.93 3.10 1.23
C GLN A 61 -3.42 3.27 1.45
N GLY A 62 -3.07 4.19 2.33
CA GLY A 62 -1.67 4.46 2.61
C GLY A 62 -1.26 5.84 2.16
N ILE A 63 -2.03 6.40 1.23
CA ILE A 63 -1.76 7.72 0.69
C ILE A 63 -1.96 8.79 1.75
N ALA A 64 -1.21 9.88 1.64
CA ALA A 64 -1.29 10.97 2.60
C ALA A 64 -2.36 11.98 2.21
N ASP A 65 -3.20 12.34 3.17
CA ASP A 65 -4.26 13.32 2.93
C ASP A 65 -3.66 14.66 2.50
N ASP A 66 -2.39 14.86 2.83
CA ASP A 66 -1.70 16.10 2.47
C ASP A 66 -1.61 16.26 0.96
N TYR A 67 -1.70 15.13 0.24
CA TYR A 67 -1.63 15.14 -1.22
C TYR A 67 -2.62 16.14 -1.81
N ASP A 68 -2.66 16.22 -3.13
CA ASP A 68 -3.58 17.12 -3.81
C ASP A 68 -4.83 16.38 -4.23
N LYS A 69 -5.61 15.93 -3.23
CA LYS A 69 -6.84 15.18 -3.46
C LYS A 69 -7.55 15.64 -4.73
N LYS A 70 -7.60 16.95 -4.94
CA LYS A 70 -8.24 17.51 -6.13
C LYS A 70 -7.63 16.92 -7.40
N LYS A 71 -6.31 17.03 -7.53
CA LYS A 71 -5.61 16.51 -8.69
C LYS A 71 -5.34 15.02 -8.55
N LEU A 72 -5.34 14.53 -7.31
CA LEU A 72 -5.10 13.12 -7.03
C LEU A 72 -6.02 12.23 -7.87
N VAL A 73 -7.32 12.30 -7.58
CA VAL A 73 -8.30 11.50 -8.29
C VAL A 73 -8.63 12.11 -9.65
N LYS A 74 -8.72 13.44 -9.71
CA LYS A 74 -9.03 14.13 -10.95
C LYS A 74 -8.08 13.70 -12.06
N ALA A 75 -6.79 13.65 -11.74
CA ALA A 75 -5.79 13.24 -12.71
C ALA A 75 -6.02 11.81 -13.17
N PHE A 76 -6.59 10.99 -12.28
CA PHE A 76 -6.88 9.60 -12.59
C PHE A 76 -7.90 9.50 -13.72
N LYS A 77 -8.98 10.26 -13.61
CA LYS A 77 -10.03 10.26 -14.62
C LYS A 77 -9.54 10.85 -15.94
N LYS A 78 -8.37 11.50 -15.89
CA LYS A 78 -7.80 12.10 -17.08
C LYS A 78 -6.76 11.18 -17.72
N LYS A 79 -6.29 10.21 -16.95
CA LYS A 79 -5.28 9.27 -17.44
C LYS A 79 -5.92 7.95 -17.85
N PHE A 80 -6.78 7.40 -16.99
CA PHE A 80 -7.44 6.12 -17.27
C PHE A 80 -8.93 6.31 -17.52
N ALA A 81 -9.46 7.49 -17.20
CA ALA A 81 -10.87 7.76 -17.38
C ALA A 81 -11.72 6.84 -16.51
N CYS A 82 -11.32 6.70 -15.25
CA CYS A 82 -12.03 5.84 -14.31
C CYS A 82 -12.71 6.68 -13.23
N ASN A 83 -13.96 6.33 -12.92
CA ASN A 83 -14.71 7.03 -11.89
C ASN A 83 -14.02 6.96 -10.54
N GLY A 84 -13.23 7.97 -10.22
CA GLY A 84 -12.52 7.99 -8.96
C GLY A 84 -13.16 8.92 -7.95
N THR A 85 -13.36 8.42 -6.73
CA THR A 85 -13.98 9.22 -5.68
C THR A 85 -13.30 9.00 -4.34
N VAL A 86 -12.82 10.09 -3.73
CA VAL A 86 -12.15 10.03 -2.44
C VAL A 86 -13.16 10.03 -1.30
N ILE A 87 -13.17 8.94 -0.53
CA ILE A 87 -14.10 8.83 0.60
C ILE A 87 -13.36 8.40 1.88
N GLU A 88 -13.87 8.85 3.02
CA GLU A 88 -13.26 8.50 4.30
C GLU A 88 -13.81 7.16 4.80
N HIS A 89 -13.27 6.08 4.27
CA HIS A 89 -13.69 4.74 4.63
C HIS A 89 -13.53 4.51 6.14
N PRO A 90 -14.49 3.79 6.76
CA PRO A 90 -14.45 3.50 8.19
C PRO A 90 -13.56 2.30 8.51
N GLU A 91 -13.25 1.50 7.49
CA GLU A 91 -12.41 0.33 7.68
C GLU A 91 -10.94 0.71 7.64
N TYR A 92 -10.63 1.83 7.00
CA TYR A 92 -9.25 2.29 6.88
C TYR A 92 -9.12 3.75 7.30
N GLY A 93 -9.93 4.61 6.70
CA GLY A 93 -9.89 6.02 7.04
C GLY A 93 -9.12 6.84 6.02
N GLU A 94 -9.86 7.62 5.22
CA GLU A 94 -9.24 8.46 4.20
C GLU A 94 -8.59 7.62 3.09
N VAL A 95 -9.42 7.08 2.20
CA VAL A 95 -8.94 6.27 1.09
C VAL A 95 -9.69 6.59 -0.18
N ILE A 96 -8.98 6.64 -1.31
CA ILE A 96 -9.62 6.95 -2.58
C ILE A 96 -10.44 5.76 -3.05
N GLN A 97 -11.45 6.04 -3.87
CA GLN A 97 -12.32 4.98 -4.38
C GLN A 97 -12.44 5.06 -5.90
N LEU A 98 -11.62 4.28 -6.59
CA LEU A 98 -11.64 4.24 -8.05
C LEU A 98 -12.69 3.25 -8.54
N GLN A 99 -13.13 3.44 -9.78
CA GLN A 99 -14.14 2.56 -10.36
C GLN A 99 -13.49 1.47 -11.22
N GLY A 100 -14.03 0.26 -11.15
CA GLY A 100 -13.50 -0.84 -11.93
C GLY A 100 -12.27 -1.46 -11.29
N ASP A 101 -11.67 -2.43 -11.96
CA ASP A 101 -10.48 -3.09 -11.44
C ASP A 101 -9.23 -2.30 -11.80
N GLN A 102 -8.97 -1.25 -11.03
CA GLN A 102 -7.80 -0.39 -11.25
C GLN A 102 -6.66 -0.78 -10.32
N ARG A 103 -6.76 -1.94 -9.68
CA ARG A 103 -5.72 -2.41 -8.77
C ARG A 103 -4.33 -2.24 -9.39
N LYS A 104 -4.25 -2.47 -10.69
CA LYS A 104 -2.99 -2.34 -11.42
C LYS A 104 -2.86 -0.93 -11.98
N ASN A 105 -3.99 -0.29 -12.20
CA ASN A 105 -4.01 1.07 -12.73
C ASN A 105 -3.51 2.06 -11.68
N ILE A 106 -4.03 1.93 -10.46
CA ILE A 106 -3.63 2.81 -9.38
C ILE A 106 -2.15 2.68 -9.09
N CYS A 107 -1.68 1.44 -8.94
CA CYS A 107 -0.27 1.18 -8.70
C CYS A 107 0.54 1.82 -9.82
N GLN A 108 -0.07 1.82 -11.01
CA GLN A 108 0.54 2.39 -12.20
C GLN A 108 0.47 3.92 -12.12
N PHE A 109 -0.65 4.42 -11.58
CA PHE A 109 -0.85 5.85 -11.42
C PHE A 109 0.11 6.41 -10.37
N LEU A 110 0.12 5.75 -9.21
CA LEU A 110 0.99 6.16 -8.10
C LEU A 110 2.45 6.21 -8.54
N VAL A 111 2.78 5.37 -9.53
CA VAL A 111 4.14 5.31 -10.05
C VAL A 111 4.31 6.25 -11.24
N GLU A 112 3.23 6.44 -11.99
CA GLU A 112 3.26 7.31 -13.17
C GLU A 112 3.37 8.77 -12.75
N ILE A 113 2.64 9.14 -11.70
CA ILE A 113 2.65 10.52 -11.21
C ILE A 113 3.68 10.71 -10.10
N GLY A 114 4.19 9.60 -9.56
CA GLY A 114 5.17 9.69 -8.49
C GLY A 114 4.51 9.90 -7.15
N LEU A 115 3.32 9.33 -6.97
CA LEU A 115 2.57 9.46 -5.73
C LEU A 115 3.10 8.50 -4.66
N ALA A 116 2.75 7.23 -4.79
CA ALA A 116 3.19 6.22 -3.83
C ALA A 116 4.67 5.89 -4.06
N LYS A 117 5.11 4.77 -3.49
CA LYS A 117 6.50 4.34 -3.66
C LYS A 117 6.56 2.87 -4.03
N ASP A 118 7.52 2.50 -4.86
CA ASP A 118 7.68 1.10 -5.28
C ASP A 118 7.82 0.19 -4.06
N ASP A 119 8.39 0.73 -2.99
CA ASP A 119 8.56 -0.03 -1.76
C ASP A 119 7.24 -0.09 -1.00
N GLN A 120 6.36 0.87 -1.30
CA GLN A 120 5.06 0.95 -0.66
C GLN A 120 3.97 0.37 -1.56
N LEU A 121 4.30 0.09 -2.81
CA LEU A 121 3.35 -0.46 -3.77
C LEU A 121 2.71 -1.72 -3.22
N LYS A 122 1.58 -1.57 -2.55
CA LYS A 122 0.87 -2.70 -1.97
C LYS A 122 -0.48 -2.90 -2.65
N VAL A 123 -0.48 -3.67 -3.73
CA VAL A 123 -1.71 -3.96 -4.47
C VAL A 123 -2.27 -5.33 -4.11
N HIS A 124 -3.55 -5.39 -3.76
CA HIS A 124 -4.18 -6.65 -3.40
C HIS A 124 -5.53 -6.81 -4.06
N GLY A 125 -5.54 -7.34 -5.27
CA GLY A 125 -6.78 -7.55 -5.99
C GLY A 125 -7.74 -8.45 -5.22
N PHE A 126 -8.89 -7.92 -4.86
CA PHE A 126 -9.89 -8.68 -4.10
C PHE A 126 -10.11 -10.06 -4.72
N MET A 1 26.14 13.02 29.37
CA MET A 1 26.11 11.99 30.43
C MET A 1 25.30 10.77 29.99
N ARG A 2 25.89 9.96 29.12
CA ARG A 2 25.23 8.76 28.62
C ARG A 2 25.78 7.51 29.30
N GLY A 3 24.88 6.66 29.78
CA GLY A 3 25.29 5.44 30.44
C GLY A 3 25.14 4.22 29.56
N SER A 4 24.06 4.19 28.78
CA SER A 4 23.79 3.06 27.88
C SER A 4 24.01 3.47 26.43
N HIS A 5 25.08 2.94 25.83
CA HIS A 5 25.40 3.26 24.45
C HIS A 5 26.04 2.06 23.75
N HIS A 6 25.58 0.87 24.10
CA HIS A 6 26.10 -0.36 23.49
C HIS A 6 25.38 -0.70 22.20
N HIS A 7 24.06 -0.47 22.19
CA HIS A 7 23.26 -0.75 21.01
C HIS A 7 22.48 0.50 20.58
N HIS A 8 22.84 1.04 19.43
CA HIS A 8 22.18 2.23 18.90
C HIS A 8 20.86 1.88 18.23
N HIS A 9 20.83 0.72 17.57
CA HIS A 9 19.63 0.28 16.88
C HIS A 9 18.71 -0.49 17.83
N HIS A 10 17.74 0.22 18.40
CA HIS A 10 16.79 -0.38 19.32
C HIS A 10 17.51 -0.90 20.57
N THR A 11 17.04 -0.46 21.74
CA THR A 11 17.63 -0.87 23.01
C THR A 11 16.65 -1.72 23.80
N ASP A 12 16.72 -3.03 23.61
CA ASP A 12 15.84 -3.95 24.32
C ASP A 12 16.52 -5.31 24.53
N PRO A 13 17.61 -5.35 25.31
CA PRO A 13 18.35 -6.58 25.59
C PRO A 13 17.47 -7.67 26.18
N MET A 14 16.33 -7.26 26.76
CA MET A 14 15.40 -8.20 27.36
C MET A 14 14.29 -8.56 26.40
N SER A 15 14.60 -8.55 25.11
CA SER A 15 13.62 -8.88 24.08
C SER A 15 13.94 -10.23 23.43
N ALA A 16 14.51 -11.13 24.24
CA ALA A 16 14.86 -12.46 23.76
C ALA A 16 15.06 -13.42 24.91
N ILE A 17 14.31 -13.21 25.99
CA ILE A 17 14.40 -14.06 27.17
C ILE A 17 13.26 -15.08 27.21
N GLN A 18 13.45 -16.14 27.97
CA GLN A 18 12.45 -17.19 28.10
C GLN A 18 11.24 -16.69 28.90
N ASN A 19 10.19 -16.30 28.18
CA ASN A 19 8.98 -15.80 28.82
C ASN A 19 7.84 -16.80 28.68
N LEU A 20 7.66 -17.63 29.71
CA LEU A 20 6.60 -18.65 29.70
C LEU A 20 6.88 -19.72 28.66
N HIS A 21 6.78 -19.36 27.39
CA HIS A 21 7.02 -20.30 26.31
C HIS A 21 8.50 -20.30 25.91
N SER A 22 9.04 -21.50 25.72
CA SER A 22 10.45 -21.65 25.36
C SER A 22 10.62 -21.61 23.83
N PHE A 23 9.57 -22.00 23.11
CA PHE A 23 9.61 -22.02 21.65
C PHE A 23 10.64 -23.02 21.14
N ASP A 24 10.19 -23.96 20.31
CA ASP A 24 11.07 -24.98 19.76
C ASP A 24 11.69 -25.82 20.87
N PRO A 25 11.07 -26.97 21.20
CA PRO A 25 11.57 -27.86 22.25
C PRO A 25 13.03 -28.24 22.03
N PHE A 26 13.45 -28.29 20.76
CA PHE A 26 14.82 -28.63 20.42
C PHE A 26 15.43 -27.57 19.53
N ALA A 27 14.70 -27.17 18.49
CA ALA A 27 15.17 -26.16 17.56
C ALA A 27 16.43 -26.62 16.84
N ASP A 28 16.34 -26.79 15.53
CA ASP A 28 17.48 -27.22 14.73
C ASP A 28 18.13 -26.04 14.02
N ALA A 29 19.16 -26.32 13.22
CA ALA A 29 19.86 -25.28 12.49
C ALA A 29 20.79 -25.88 11.45
N SER A 30 20.33 -25.92 10.19
CA SER A 30 21.12 -26.47 9.11
C SER A 30 20.95 -25.65 7.84
N LYS A 31 19.70 -25.44 7.42
CA LYS A 31 19.41 -24.66 6.22
C LYS A 31 19.88 -23.22 6.39
N GLY A 32 19.37 -22.57 7.43
CA GLY A 32 19.75 -21.18 7.68
C GLY A 32 19.11 -20.22 6.69
N ASP A 33 18.02 -20.65 6.06
CA ASP A 33 17.33 -19.81 5.09
C ASP A 33 15.87 -19.63 5.48
N ASP A 34 15.62 -19.53 6.78
CA ASP A 34 14.27 -19.35 7.30
C ASP A 34 13.86 -17.88 7.28
N LEU A 35 13.93 -17.27 6.10
CA LEU A 35 13.58 -15.86 5.96
C LEU A 35 12.41 -15.70 4.99
N LEU A 36 11.34 -15.04 5.45
CA LEU A 36 10.17 -14.82 4.63
C LEU A 36 10.03 -13.34 4.27
N PRO A 37 9.88 -13.02 2.96
CA PRO A 37 9.73 -11.65 2.49
C PRO A 37 8.38 -11.06 2.85
N ALA A 38 8.03 -9.92 2.23
CA ALA A 38 6.77 -9.25 2.49
C ALA A 38 6.72 -8.71 3.91
N GLY A 39 6.83 -7.39 4.05
CA GLY A 39 6.78 -6.77 5.35
C GLY A 39 5.83 -5.59 5.40
N THR A 40 6.25 -4.54 6.10
CA THR A 40 5.43 -3.33 6.22
C THR A 40 6.30 -2.12 6.50
N GLU A 41 6.49 -1.29 5.48
CA GLU A 41 7.30 -0.08 5.61
C GLU A 41 6.56 1.13 5.05
N ASP A 42 5.39 1.39 5.60
CA ASP A 42 4.58 2.52 5.16
C ASP A 42 4.22 2.37 3.68
N TYR A 43 3.57 1.27 3.37
CA TYR A 43 3.17 0.98 1.99
C TYR A 43 1.79 1.56 1.70
N ILE A 44 1.38 1.52 0.43
CA ILE A 44 0.08 2.02 0.02
C ILE A 44 -0.85 0.86 -0.34
N HIS A 45 -1.68 0.47 0.62
CA HIS A 45 -2.61 -0.63 0.43
C HIS A 45 -3.74 -0.27 -0.52
N ILE A 46 -3.79 -0.95 -1.66
CA ILE A 46 -4.84 -0.72 -2.65
C ILE A 46 -6.17 -1.30 -2.17
N ARG A 47 -6.49 -2.53 -2.62
CA ARG A 47 -7.73 -3.21 -2.21
C ARG A 47 -8.91 -2.82 -3.10
N ILE A 48 -9.50 -3.83 -3.74
CA ILE A 48 -10.65 -3.64 -4.61
C ILE A 48 -11.91 -4.19 -3.95
N GLN A 49 -13.07 -3.69 -4.37
CA GLN A 49 -14.34 -4.14 -3.83
C GLN A 49 -15.35 -4.37 -4.95
N GLN A 50 -15.52 -5.63 -5.33
CA GLN A 50 -16.45 -5.99 -6.40
C GLN A 50 -17.77 -6.52 -5.84
N ARG A 51 -18.85 -5.79 -6.09
CA ARG A 51 -20.16 -6.19 -5.62
C ARG A 51 -20.96 -6.83 -6.75
N ASN A 52 -21.65 -7.92 -6.43
CA ASN A 52 -22.45 -8.63 -7.42
C ASN A 52 -21.57 -9.12 -8.56
N GLY A 53 -20.28 -9.23 -8.31
CA GLY A 53 -19.35 -9.69 -9.33
C GLY A 53 -19.28 -8.75 -10.52
N ARG A 54 -19.15 -7.46 -10.24
CA ARG A 54 -19.08 -6.46 -11.30
C ARG A 54 -18.82 -5.07 -10.74
N LYS A 55 -19.51 -4.73 -9.65
CA LYS A 55 -19.34 -3.42 -9.02
C LYS A 55 -17.98 -3.31 -8.36
N THR A 56 -16.93 -3.28 -9.17
CA THR A 56 -15.57 -3.17 -8.67
C THR A 56 -15.23 -1.73 -8.31
N LEU A 57 -14.53 -1.56 -7.19
CA LEU A 57 -14.14 -0.24 -6.73
C LEU A 57 -12.77 -0.28 -6.05
N THR A 58 -11.73 0.06 -6.79
CA THR A 58 -10.37 0.05 -6.26
C THR A 58 -10.16 1.18 -5.27
N THR A 59 -9.70 0.83 -4.07
CA THR A 59 -9.45 1.82 -3.03
C THR A 59 -7.95 2.01 -2.81
N VAL A 60 -7.57 3.19 -2.31
CA VAL A 60 -6.17 3.49 -2.04
C VAL A 60 -5.95 3.88 -0.59
N GLN A 61 -5.15 3.08 0.11
CA GLN A 61 -4.84 3.33 1.51
C GLN A 61 -3.36 3.64 1.68
N GLY A 62 -3.05 4.60 2.55
CA GLY A 62 -1.67 4.97 2.77
C GLY A 62 -1.39 6.40 2.35
N ILE A 63 -1.93 6.82 1.21
CA ILE A 63 -1.73 8.16 0.70
C ILE A 63 -1.98 9.19 1.81
N ALA A 64 -1.25 10.29 1.75
CA ALA A 64 -1.37 11.35 2.76
C ALA A 64 -2.42 12.38 2.38
N ASP A 65 -2.81 13.18 3.38
CA ASP A 65 -3.80 14.23 3.16
C ASP A 65 -3.20 15.36 2.32
N ASP A 66 -1.89 15.53 2.42
CA ASP A 66 -1.19 16.56 1.66
C ASP A 66 -1.29 16.27 0.17
N TYR A 67 -1.36 14.99 -0.17
CA TYR A 67 -1.47 14.56 -1.55
C TYR A 67 -2.62 15.29 -2.26
N ASP A 68 -2.29 16.07 -3.28
CA ASP A 68 -3.29 16.81 -4.02
C ASP A 68 -4.46 15.92 -4.44
N LYS A 69 -5.53 15.96 -3.64
CA LYS A 69 -6.73 15.14 -3.89
C LYS A 69 -7.08 15.12 -5.37
N LYS A 70 -7.28 16.30 -5.96
CA LYS A 70 -7.63 16.40 -7.36
C LYS A 70 -6.55 15.77 -8.23
N LYS A 71 -5.29 16.15 -7.98
CA LYS A 71 -4.17 15.62 -8.74
C LYS A 71 -4.13 14.09 -8.70
N LEU A 72 -4.84 13.49 -7.76
CA LEU A 72 -4.87 12.04 -7.63
C LEU A 72 -6.11 11.45 -8.27
N VAL A 73 -7.28 11.79 -7.74
CA VAL A 73 -8.54 11.28 -8.28
C VAL A 73 -8.93 12.02 -9.56
N LYS A 74 -8.86 13.34 -9.53
CA LYS A 74 -9.20 14.15 -10.69
C LYS A 74 -8.27 13.81 -11.84
N ALA A 75 -6.98 13.68 -11.54
CA ALA A 75 -5.99 13.34 -12.54
C ALA A 75 -6.22 11.92 -13.05
N PHE A 76 -6.59 11.03 -12.12
CA PHE A 76 -6.86 9.64 -12.47
C PHE A 76 -7.83 9.56 -13.64
N LYS A 77 -8.83 10.43 -13.63
CA LYS A 77 -9.83 10.48 -14.69
C LYS A 77 -9.26 11.09 -15.98
N LYS A 78 -8.04 11.60 -15.90
CA LYS A 78 -7.38 12.21 -17.05
C LYS A 78 -6.33 11.28 -17.63
N LYS A 79 -5.84 10.35 -16.81
CA LYS A 79 -4.82 9.41 -17.23
C LYS A 79 -5.44 8.14 -17.81
N PHE A 80 -6.47 7.63 -17.14
CA PHE A 80 -7.14 6.41 -17.59
C PHE A 80 -8.59 6.67 -17.97
N ALA A 81 -9.12 7.83 -17.58
CA ALA A 81 -10.50 8.18 -17.89
C ALA A 81 -11.46 7.30 -17.08
N CYS A 82 -11.09 7.02 -15.85
CA CYS A 82 -11.91 6.20 -14.96
C CYS A 82 -12.57 7.04 -13.88
N ASN A 83 -13.66 6.52 -13.33
CA ASN A 83 -14.39 7.23 -12.28
C ASN A 83 -13.72 7.04 -10.93
N GLY A 84 -13.40 8.15 -10.26
CA GLY A 84 -12.77 8.08 -8.96
C GLY A 84 -13.40 9.01 -7.95
N THR A 85 -13.41 8.58 -6.69
CA THR A 85 -13.99 9.37 -5.61
C THR A 85 -13.18 9.21 -4.33
N VAL A 86 -13.36 10.14 -3.41
CA VAL A 86 -12.64 10.11 -2.13
C VAL A 86 -13.60 9.79 -0.98
N ILE A 87 -13.49 8.57 -0.44
CA ILE A 87 -14.35 8.14 0.66
C ILE A 87 -13.55 7.98 1.95
N GLU A 88 -14.25 8.00 3.07
CA GLU A 88 -13.60 7.83 4.37
C GLU A 88 -13.93 6.45 4.94
N HIS A 89 -13.32 5.43 4.35
CA HIS A 89 -13.53 4.05 4.77
C HIS A 89 -13.41 3.89 6.30
N PRO A 90 -14.30 3.10 6.91
CA PRO A 90 -14.28 2.86 8.36
C PRO A 90 -13.20 1.86 8.76
N GLU A 91 -12.75 1.07 7.80
CA GLU A 91 -11.71 0.07 8.05
C GLU A 91 -10.33 0.72 8.05
N TYR A 92 -10.21 1.86 7.38
CA TYR A 92 -8.94 2.56 7.29
C TYR A 92 -9.04 3.96 7.88
N GLY A 93 -10.05 4.71 7.47
CA GLY A 93 -10.25 6.06 7.99
C GLY A 93 -10.15 7.13 6.93
N GLU A 94 -9.58 6.80 5.78
CA GLU A 94 -9.44 7.76 4.68
C GLU A 94 -8.73 7.13 3.49
N VAL A 95 -9.49 6.84 2.44
CA VAL A 95 -8.95 6.24 1.24
C VAL A 95 -9.76 6.61 0.00
N ILE A 96 -9.11 6.65 -1.15
CA ILE A 96 -9.80 6.96 -2.39
C ILE A 96 -10.57 5.74 -2.87
N GLN A 97 -11.59 5.96 -3.71
CA GLN A 97 -12.39 4.85 -4.21
C GLN A 97 -12.58 4.94 -5.72
N LEU A 98 -11.67 4.32 -6.47
CA LEU A 98 -11.76 4.31 -7.92
C LEU A 98 -12.79 3.30 -8.38
N GLN A 99 -13.31 3.49 -9.60
CA GLN A 99 -14.31 2.59 -10.13
C GLN A 99 -13.66 1.49 -10.96
N GLY A 100 -14.26 0.30 -10.95
CA GLY A 100 -13.73 -0.81 -11.71
C GLY A 100 -12.42 -1.32 -11.12
N ASP A 101 -11.89 -2.38 -11.73
CA ASP A 101 -10.63 -2.95 -11.26
C ASP A 101 -9.45 -2.13 -11.75
N GLN A 102 -8.99 -1.22 -10.90
CA GLN A 102 -7.86 -0.36 -11.23
C GLN A 102 -6.61 -0.79 -10.46
N ARG A 103 -6.69 -1.92 -9.76
CA ARG A 103 -5.57 -2.43 -8.99
C ARG A 103 -4.28 -2.43 -9.82
N LYS A 104 -4.43 -2.53 -11.14
CA LYS A 104 -3.28 -2.54 -12.03
C LYS A 104 -2.97 -1.14 -12.55
N ASN A 105 -3.98 -0.27 -12.55
CA ASN A 105 -3.81 1.10 -13.02
C ASN A 105 -3.46 2.04 -11.88
N ILE A 106 -4.05 1.80 -10.71
CA ILE A 106 -3.79 2.63 -9.54
C ILE A 106 -2.33 2.55 -9.12
N CYS A 107 -1.82 1.34 -8.96
CA CYS A 107 -0.42 1.15 -8.58
C CYS A 107 0.47 1.83 -9.62
N GLN A 108 0.01 1.77 -10.87
CA GLN A 108 0.71 2.38 -11.98
C GLN A 108 0.55 3.90 -11.91
N PHE A 109 -0.59 4.34 -11.37
CA PHE A 109 -0.88 5.76 -11.23
C PHE A 109 0.00 6.38 -10.14
N LEU A 110 -0.04 5.77 -8.95
CA LEU A 110 0.75 6.25 -7.83
C LEU A 110 2.22 6.33 -8.20
N VAL A 111 2.63 5.49 -9.14
CA VAL A 111 4.01 5.46 -9.60
C VAL A 111 4.21 6.42 -10.77
N GLU A 112 3.15 6.61 -11.55
CA GLU A 112 3.21 7.52 -12.69
C GLU A 112 3.22 8.97 -12.25
N ILE A 113 2.25 9.33 -11.42
CA ILE A 113 2.15 10.70 -10.91
C ILE A 113 3.17 10.97 -9.81
N GLY A 114 3.78 9.90 -9.29
CA GLY A 114 4.75 10.06 -8.22
C GLY A 114 4.09 10.16 -6.87
N LEU A 115 2.94 9.49 -6.74
CA LEU A 115 2.17 9.50 -5.50
C LEU A 115 2.86 8.63 -4.44
N ALA A 116 2.89 7.32 -4.69
CA ALA A 116 3.51 6.39 -3.76
C ALA A 116 4.82 5.86 -4.31
N LYS A 117 5.58 5.16 -3.47
CA LYS A 117 6.86 4.59 -3.88
C LYS A 117 6.67 3.18 -4.43
N ASP A 118 7.56 2.77 -5.32
CA ASP A 118 7.49 1.44 -5.91
C ASP A 118 7.47 0.36 -4.82
N ASP A 119 8.09 0.67 -3.69
CA ASP A 119 8.15 -0.26 -2.57
C ASP A 119 6.83 -0.23 -1.80
N GLN A 120 6.19 0.93 -1.80
CA GLN A 120 4.91 1.10 -1.11
C GLN A 120 3.78 0.42 -1.88
N LEU A 121 4.04 0.08 -3.14
CA LEU A 121 3.03 -0.56 -3.98
C LEU A 121 2.45 -1.79 -3.30
N LYS A 122 1.34 -1.58 -2.59
CA LYS A 122 0.66 -2.66 -1.89
C LYS A 122 -0.69 -2.97 -2.53
N VAL A 123 -0.65 -3.61 -3.69
CA VAL A 123 -1.87 -3.96 -4.41
C VAL A 123 -2.36 -5.35 -4.02
N HIS A 124 -3.58 -5.42 -3.51
CA HIS A 124 -4.17 -6.69 -3.09
C HIS A 124 -5.46 -6.99 -3.84
N GLY A 125 -6.08 -5.95 -4.42
CA GLY A 125 -7.31 -6.15 -5.16
C GLY A 125 -8.36 -6.88 -4.37
N PHE A 126 -8.65 -8.11 -4.76
CA PHE A 126 -9.65 -8.92 -4.06
C PHE A 126 -9.35 -10.41 -4.20
N MET A 1 -18.45 -15.93 -7.02
CA MET A 1 -18.20 -17.28 -6.44
C MET A 1 -18.53 -18.38 -7.44
N ARG A 2 -17.51 -18.99 -8.02
CA ARG A 2 -17.69 -20.05 -8.99
C ARG A 2 -18.00 -21.38 -8.29
N GLY A 3 -17.47 -21.55 -7.09
CA GLY A 3 -17.71 -22.77 -6.34
C GLY A 3 -16.62 -23.03 -5.32
N SER A 4 -16.05 -24.23 -5.39
CA SER A 4 -14.98 -24.61 -4.46
C SER A 4 -14.10 -25.71 -5.06
N HIS A 5 -13.21 -25.30 -5.96
CA HIS A 5 -12.31 -26.25 -6.61
C HIS A 5 -11.35 -26.86 -5.60
N HIS A 6 -11.02 -28.14 -5.80
CA HIS A 6 -10.11 -28.85 -4.91
C HIS A 6 -8.80 -29.18 -5.63
N HIS A 7 -7.93 -28.18 -5.74
CA HIS A 7 -6.64 -28.37 -6.40
C HIS A 7 -5.78 -29.37 -5.64
N HIS A 8 -4.90 -30.05 -6.37
CA HIS A 8 -4.01 -31.04 -5.76
C HIS A 8 -2.98 -30.37 -4.86
N HIS A 9 -2.89 -30.84 -3.62
CA HIS A 9 -1.94 -30.29 -2.66
C HIS A 9 -0.65 -31.10 -2.65
N HIS A 10 0.27 -30.71 -1.77
CA HIS A 10 1.55 -31.40 -1.66
C HIS A 10 2.33 -31.32 -2.98
N THR A 11 2.93 -30.17 -3.24
CA THR A 11 3.69 -29.97 -4.47
C THR A 11 4.91 -29.09 -4.20
N ASP A 12 4.70 -27.98 -3.49
CA ASP A 12 5.77 -27.06 -3.18
C ASP A 12 5.61 -26.49 -1.77
N PRO A 13 6.28 -27.11 -0.78
CA PRO A 13 6.20 -26.66 0.62
C PRO A 13 6.48 -25.18 0.76
N MET A 14 7.25 -24.62 -0.17
CA MET A 14 7.59 -23.21 -0.14
C MET A 14 6.37 -22.35 -0.41
N SER A 15 5.43 -22.89 -1.18
CA SER A 15 4.21 -22.17 -1.52
C SER A 15 3.41 -21.84 -0.26
N ALA A 16 3.11 -22.86 0.54
CA ALA A 16 2.35 -22.67 1.77
C ALA A 16 3.19 -23.01 3.00
N ILE A 17 3.92 -22.02 3.50
CA ILE A 17 4.77 -22.23 4.68
C ILE A 17 4.09 -21.70 5.94
N GLN A 18 3.18 -22.49 6.49
CA GLN A 18 2.46 -22.11 7.69
C GLN A 18 2.47 -23.24 8.73
N ASN A 19 2.30 -22.87 9.99
CA ASN A 19 2.29 -23.85 11.07
C ASN A 19 1.03 -23.73 11.91
N LEU A 20 -0.12 -23.75 11.25
CA LEU A 20 -1.41 -23.64 11.93
C LEU A 20 -1.54 -22.30 12.66
N HIS A 21 -0.94 -22.20 13.84
CA HIS A 21 -0.99 -20.98 14.62
C HIS A 21 0.21 -20.88 15.56
N SER A 22 0.53 -19.67 15.99
CA SER A 22 1.65 -19.44 16.90
C SER A 22 1.18 -18.78 18.20
N PHE A 23 0.28 -17.81 18.08
CA PHE A 23 -0.23 -17.09 19.23
C PHE A 23 -0.82 -18.05 20.25
N ASP A 24 -0.42 -17.91 21.51
CA ASP A 24 -0.91 -18.76 22.58
C ASP A 24 -0.35 -18.32 23.94
N PRO A 25 -1.22 -18.18 24.95
CA PRO A 25 -0.79 -17.77 26.30
C PRO A 25 0.32 -18.65 26.85
N PHE A 26 0.33 -19.91 26.42
CA PHE A 26 1.34 -20.86 26.88
C PHE A 26 2.24 -21.30 25.72
N ALA A 27 2.63 -20.34 24.90
CA ALA A 27 3.49 -20.62 23.75
C ALA A 27 4.00 -19.34 23.12
N ASP A 28 4.39 -18.39 23.95
CA ASP A 28 4.91 -17.11 23.48
C ASP A 28 3.85 -16.36 22.68
N ALA A 29 3.41 -15.22 23.22
CA ALA A 29 2.40 -14.40 22.56
C ALA A 29 2.70 -12.92 22.72
N SER A 30 3.96 -12.55 22.56
CA SER A 30 4.38 -11.16 22.67
C SER A 30 5.79 -10.96 22.15
N LYS A 31 6.05 -9.81 21.54
CA LYS A 31 7.36 -9.50 21.00
C LYS A 31 7.41 -8.06 20.49
N GLY A 32 7.71 -7.13 21.39
CA GLY A 32 7.78 -5.74 21.01
C GLY A 32 8.87 -4.99 21.76
N ASP A 33 10.12 -5.38 21.54
CA ASP A 33 11.26 -4.74 22.21
C ASP A 33 12.02 -3.85 21.24
N ASP A 34 11.55 -2.62 21.07
CA ASP A 34 12.19 -1.66 20.17
C ASP A 34 12.16 -2.18 18.74
N LEU A 35 10.95 -2.34 18.20
CA LEU A 35 10.78 -2.82 16.83
C LEU A 35 11.38 -1.83 15.83
N LEU A 36 12.32 -2.31 15.03
CA LEU A 36 12.98 -1.47 14.03
C LEU A 36 11.98 -1.00 12.97
N PRO A 37 12.22 0.18 12.39
CA PRO A 37 11.34 0.74 11.35
C PRO A 37 11.42 -0.02 10.04
N ALA A 38 12.59 -0.62 9.78
CA ALA A 38 12.79 -1.38 8.56
C ALA A 38 12.05 -2.71 8.60
N GLY A 39 10.78 -2.69 8.23
CA GLY A 39 9.97 -3.89 8.24
C GLY A 39 8.78 -3.80 7.31
N THR A 40 7.93 -2.80 7.54
CA THR A 40 6.75 -2.61 6.71
C THR A 40 7.00 -1.56 5.63
N GLU A 41 7.90 -0.62 5.93
CA GLU A 41 8.24 0.44 4.97
C GLU A 41 7.03 1.31 4.65
N ASP A 42 5.98 1.20 5.47
CA ASP A 42 4.76 1.98 5.28
C ASP A 42 4.31 1.94 3.82
N TYR A 43 3.98 0.73 3.34
CA TYR A 43 3.53 0.56 1.97
C TYR A 43 2.19 1.27 1.74
N ILE A 44 1.73 1.23 0.49
CA ILE A 44 0.48 1.87 0.12
C ILE A 44 -0.54 0.81 -0.28
N HIS A 45 -1.39 0.42 0.67
CA HIS A 45 -2.40 -0.61 0.43
C HIS A 45 -3.34 -0.22 -0.70
N ILE A 46 -3.68 -1.20 -1.51
CA ILE A 46 -4.59 -1.01 -2.65
C ILE A 46 -5.49 -2.23 -2.79
N ARG A 47 -6.75 -2.05 -2.43
CA ARG A 47 -7.72 -3.15 -2.48
C ARG A 47 -8.90 -2.83 -3.40
N ILE A 48 -9.51 -3.89 -3.91
CA ILE A 48 -10.66 -3.76 -4.80
C ILE A 48 -11.93 -4.23 -4.09
N GLN A 49 -13.08 -3.75 -4.55
CA GLN A 49 -14.37 -4.14 -3.98
C GLN A 49 -15.39 -4.38 -5.07
N GLN A 50 -15.44 -5.61 -5.57
CA GLN A 50 -16.39 -5.97 -6.63
C GLN A 50 -17.70 -6.48 -6.05
N ARG A 51 -18.75 -5.68 -6.16
CA ARG A 51 -20.06 -6.06 -5.67
C ARG A 51 -20.76 -6.96 -6.67
N ASN A 52 -21.11 -8.18 -6.25
CA ASN A 52 -21.78 -9.13 -7.12
C ASN A 52 -20.86 -9.57 -8.26
N GLY A 53 -19.55 -9.42 -8.05
CA GLY A 53 -18.59 -9.81 -9.06
C GLY A 53 -18.61 -8.91 -10.28
N ARG A 54 -19.04 -7.66 -10.10
CA ARG A 54 -19.11 -6.71 -11.20
C ARG A 54 -18.74 -5.30 -10.74
N LYS A 55 -19.58 -4.71 -9.89
CA LYS A 55 -19.34 -3.37 -9.38
C LYS A 55 -18.01 -3.29 -8.65
N THR A 56 -16.93 -3.14 -9.41
CA THR A 56 -15.58 -3.06 -8.85
C THR A 56 -15.23 -1.63 -8.47
N LEU A 57 -14.57 -1.47 -7.32
CA LEU A 57 -14.17 -0.14 -6.84
C LEU A 57 -12.80 -0.20 -6.18
N THR A 58 -11.75 -0.07 -6.99
CA THR A 58 -10.38 -0.11 -6.48
C THR A 58 -10.11 1.04 -5.51
N THR A 59 -9.87 0.69 -4.25
CA THR A 59 -9.59 1.69 -3.22
C THR A 59 -8.10 1.80 -2.98
N VAL A 60 -7.70 2.85 -2.28
CA VAL A 60 -6.28 3.06 -1.96
C VAL A 60 -6.09 3.48 -0.51
N GLN A 61 -5.18 2.80 0.18
CA GLN A 61 -4.88 3.09 1.57
C GLN A 61 -3.39 3.34 1.75
N GLY A 62 -3.06 4.30 2.60
CA GLY A 62 -1.67 4.63 2.85
C GLY A 62 -1.31 6.00 2.33
N ILE A 63 -2.08 6.48 1.36
CA ILE A 63 -1.85 7.79 0.77
C ILE A 63 -2.20 8.89 1.76
N ALA A 64 -1.49 10.01 1.67
CA ALA A 64 -1.71 11.13 2.57
C ALA A 64 -2.70 12.13 1.97
N ASP A 65 -3.70 12.50 2.78
CA ASP A 65 -4.70 13.46 2.33
C ASP A 65 -4.03 14.78 1.94
N ASP A 66 -2.82 15.01 2.46
CA ASP A 66 -2.08 16.22 2.15
C ASP A 66 -1.79 16.32 0.66
N TYR A 67 -1.83 15.18 -0.03
CA TYR A 67 -1.56 15.14 -1.46
C TYR A 67 -2.43 16.14 -2.20
N ASP A 68 -2.29 16.20 -3.52
CA ASP A 68 -3.06 17.12 -4.33
C ASP A 68 -4.56 17.00 -4.03
N LYS A 69 -4.97 15.82 -3.57
CA LYS A 69 -6.37 15.57 -3.25
C LYS A 69 -7.24 15.73 -4.48
N LYS A 70 -7.60 16.97 -4.80
CA LYS A 70 -8.42 17.27 -5.96
C LYS A 70 -7.78 16.71 -7.22
N LYS A 71 -6.50 17.04 -7.41
CA LYS A 71 -5.76 16.57 -8.58
C LYS A 71 -5.37 15.10 -8.42
N LEU A 72 -5.35 14.63 -7.18
CA LEU A 72 -5.00 13.24 -6.88
C LEU A 72 -5.87 12.29 -7.68
N VAL A 73 -7.18 12.36 -7.45
CA VAL A 73 -8.13 11.50 -8.14
C VAL A 73 -8.54 12.09 -9.49
N LYS A 74 -8.67 13.41 -9.54
CA LYS A 74 -9.05 14.08 -10.78
C LYS A 74 -8.12 13.68 -11.92
N ALA A 75 -6.82 13.66 -11.63
CA ALA A 75 -5.83 13.28 -12.64
C ALA A 75 -6.07 11.85 -13.09
N PHE A 76 -6.60 11.02 -12.21
CA PHE A 76 -6.89 9.63 -12.53
C PHE A 76 -7.90 9.53 -13.65
N LYS A 77 -8.94 10.36 -13.58
CA LYS A 77 -9.99 10.38 -14.59
C LYS A 77 -9.49 11.00 -15.89
N LYS A 78 -8.29 11.58 -15.85
CA LYS A 78 -7.70 12.19 -17.04
C LYS A 78 -6.65 11.28 -17.67
N LYS A 79 -6.15 10.33 -16.89
CA LYS A 79 -5.14 9.40 -17.39
C LYS A 79 -5.77 8.06 -17.79
N PHE A 80 -6.64 7.53 -16.93
CA PHE A 80 -7.29 6.25 -17.21
C PHE A 80 -8.78 6.44 -17.50
N ALA A 81 -9.30 7.63 -17.21
CA ALA A 81 -10.71 7.92 -17.43
C ALA A 81 -11.58 7.00 -16.59
N CYS A 82 -11.23 6.86 -15.31
CA CYS A 82 -11.98 6.00 -14.40
C CYS A 82 -12.62 6.83 -13.28
N ASN A 83 -13.88 6.53 -12.99
CA ASN A 83 -14.61 7.24 -11.94
C ASN A 83 -13.90 7.10 -10.60
N GLY A 84 -13.09 8.10 -10.27
CA GLY A 84 -12.37 8.07 -9.00
C GLY A 84 -12.97 8.99 -7.97
N THR A 85 -13.07 8.50 -6.73
CA THR A 85 -13.63 9.30 -5.64
C THR A 85 -12.73 9.25 -4.42
N VAL A 86 -12.88 10.23 -3.52
CA VAL A 86 -12.08 10.29 -2.31
C VAL A 86 -12.96 10.12 -1.06
N ILE A 87 -13.25 8.87 -0.72
CA ILE A 87 -14.08 8.57 0.45
C ILE A 87 -13.25 8.39 1.71
N GLU A 88 -13.87 8.59 2.85
CA GLU A 88 -13.20 8.43 4.14
C GLU A 88 -13.75 7.21 4.86
N HIS A 89 -13.36 6.03 4.38
CA HIS A 89 -13.81 4.77 4.96
C HIS A 89 -13.60 4.75 6.47
N PRO A 90 -14.63 4.35 7.24
CA PRO A 90 -14.54 4.29 8.70
C PRO A 90 -13.72 3.08 9.18
N GLU A 91 -13.49 2.13 8.27
CA GLU A 91 -12.73 0.93 8.59
C GLU A 91 -11.24 1.18 8.45
N TYR A 92 -10.87 2.18 7.64
CA TYR A 92 -9.47 2.50 7.42
C TYR A 92 -9.20 3.98 7.74
N GLY A 93 -9.98 4.86 7.11
CA GLY A 93 -9.81 6.28 7.33
C GLY A 93 -10.04 7.09 6.07
N GLU A 94 -8.95 7.53 5.44
CA GLU A 94 -9.04 8.31 4.22
C GLU A 94 -8.50 7.53 3.03
N VAL A 95 -9.36 6.74 2.39
CA VAL A 95 -8.96 5.94 1.25
C VAL A 95 -9.72 6.35 0.00
N ILE A 96 -8.99 6.46 -1.11
CA ILE A 96 -9.59 6.83 -2.38
C ILE A 96 -10.38 5.65 -2.96
N GLN A 97 -11.42 5.95 -3.72
CA GLN A 97 -12.25 4.91 -4.31
C GLN A 97 -12.32 5.05 -5.83
N LEU A 98 -11.64 4.15 -6.53
CA LEU A 98 -11.65 4.16 -7.99
C LEU A 98 -12.72 3.22 -8.51
N GLN A 99 -13.15 3.44 -9.76
CA GLN A 99 -14.17 2.60 -10.36
C GLN A 99 -13.54 1.50 -11.22
N GLY A 100 -14.01 0.28 -11.03
CA GLY A 100 -13.48 -0.84 -11.79
C GLY A 100 -12.22 -1.42 -11.16
N ASP A 101 -11.73 -2.52 -11.72
CA ASP A 101 -10.52 -3.16 -11.21
C ASP A 101 -9.27 -2.41 -11.66
N GLN A 102 -9.01 -1.27 -11.03
CA GLN A 102 -7.87 -0.44 -11.35
C GLN A 102 -6.64 -0.87 -10.54
N ARG A 103 -6.75 -2.00 -9.84
CA ARG A 103 -5.65 -2.50 -9.03
C ARG A 103 -4.33 -2.45 -9.80
N LYS A 104 -4.42 -2.57 -11.12
CA LYS A 104 -3.23 -2.53 -11.96
C LYS A 104 -3.00 -1.13 -12.53
N ASN A 105 -4.07 -0.34 -12.60
CA ASN A 105 -3.97 1.02 -13.14
C ASN A 105 -3.57 2.01 -12.04
N ILE A 106 -4.05 1.78 -10.82
CA ILE A 106 -3.75 2.66 -9.70
C ILE A 106 -2.26 2.59 -9.37
N CYS A 107 -1.72 1.38 -9.26
CA CYS A 107 -0.29 1.21 -8.97
C CYS A 107 0.52 1.97 -10.02
N GLN A 108 -0.03 2.02 -11.23
CA GLN A 108 0.61 2.72 -12.33
C GLN A 108 0.58 4.22 -12.07
N PHE A 109 -0.57 4.70 -11.62
CA PHE A 109 -0.77 6.11 -11.33
C PHE A 109 0.18 6.58 -10.23
N LEU A 110 0.14 5.92 -9.09
CA LEU A 110 1.00 6.26 -7.96
C LEU A 110 2.46 6.33 -8.38
N VAL A 111 2.82 5.54 -9.38
CA VAL A 111 4.18 5.50 -9.88
C VAL A 111 4.37 6.47 -11.05
N GLU A 112 3.29 6.75 -11.77
CA GLU A 112 3.33 7.66 -12.91
C GLU A 112 3.40 9.11 -12.44
N ILE A 113 2.58 9.44 -11.45
CA ILE A 113 2.54 10.80 -10.91
C ILE A 113 3.56 10.99 -9.80
N GLY A 114 4.14 9.90 -9.33
CA GLY A 114 5.12 9.98 -8.25
C GLY A 114 4.46 10.14 -6.89
N LEU A 115 3.32 9.48 -6.72
CA LEU A 115 2.56 9.55 -5.48
C LEU A 115 3.10 8.55 -4.46
N ALA A 116 2.81 7.27 -4.68
CA ALA A 116 3.26 6.22 -3.78
C ALA A 116 4.69 5.81 -4.12
N LYS A 117 5.10 4.64 -3.63
CA LYS A 117 6.45 4.13 -3.91
C LYS A 117 6.38 2.75 -4.52
N ASP A 118 7.34 2.44 -5.40
CA ASP A 118 7.36 1.14 -6.05
C ASP A 118 7.44 0.02 -5.01
N ASP A 119 8.10 0.31 -3.90
CA ASP A 119 8.23 -0.66 -2.82
C ASP A 119 6.96 -0.68 -1.97
N GLN A 120 6.27 0.45 -1.95
CA GLN A 120 5.02 0.57 -1.19
C GLN A 120 3.85 -0.02 -1.96
N LEU A 121 4.09 -0.38 -3.22
CA LEU A 121 3.04 -0.96 -4.07
C LEU A 121 2.40 -2.16 -3.39
N LYS A 122 1.38 -1.90 -2.58
CA LYS A 122 0.68 -2.96 -1.87
C LYS A 122 -0.69 -3.22 -2.48
N VAL A 123 -0.71 -3.90 -3.62
CA VAL A 123 -1.96 -4.21 -4.31
C VAL A 123 -2.54 -5.53 -3.82
N HIS A 124 -3.73 -5.44 -3.22
CA HIS A 124 -4.40 -6.64 -2.70
C HIS A 124 -5.71 -6.91 -3.45
N GLY A 125 -5.59 -7.52 -4.62
CA GLY A 125 -6.78 -7.82 -5.40
C GLY A 125 -7.80 -8.62 -4.61
N PHE A 126 -9.00 -8.05 -4.44
CA PHE A 126 -10.06 -8.70 -3.69
C PHE A 126 -10.25 -10.16 -4.14
N MET A 1 6.04 -14.95 -23.07
CA MET A 1 4.79 -15.11 -22.29
C MET A 1 5.07 -15.11 -20.78
N ARG A 2 5.84 -16.09 -20.32
CA ARG A 2 6.18 -16.20 -18.91
C ARG A 2 7.56 -16.81 -18.74
N GLY A 3 8.45 -16.55 -19.69
CA GLY A 3 9.81 -17.08 -19.62
C GLY A 3 10.80 -16.08 -19.08
N SER A 4 10.40 -14.82 -19.00
CA SER A 4 11.28 -13.76 -18.51
C SER A 4 11.79 -14.08 -17.10
N HIS A 5 11.06 -14.94 -16.39
CA HIS A 5 11.44 -15.32 -15.03
C HIS A 5 12.89 -15.80 -14.98
N HIS A 6 13.38 -16.34 -16.10
CA HIS A 6 14.74 -16.83 -16.18
C HIS A 6 15.47 -16.22 -17.38
N HIS A 7 15.75 -14.92 -17.29
CA HIS A 7 16.44 -14.22 -18.37
C HIS A 7 17.92 -14.04 -18.02
N HIS A 8 18.73 -14.98 -18.48
CA HIS A 8 20.17 -14.93 -18.23
C HIS A 8 20.47 -15.01 -16.74
N HIS A 9 20.31 -16.20 -16.17
CA HIS A 9 20.55 -16.40 -14.74
C HIS A 9 19.62 -15.53 -13.90
N HIS A 10 19.78 -15.61 -12.58
CA HIS A 10 18.96 -14.84 -11.66
C HIS A 10 19.82 -13.93 -10.79
N THR A 11 19.19 -12.92 -10.19
CA THR A 11 19.90 -11.99 -9.33
C THR A 11 18.93 -11.25 -8.42
N ASP A 12 19.06 -11.47 -7.11
CA ASP A 12 18.19 -10.82 -6.13
C ASP A 12 19.01 -10.08 -5.07
N PRO A 13 19.50 -8.87 -5.40
CA PRO A 13 20.31 -8.07 -4.47
C PRO A 13 19.62 -7.88 -3.12
N MET A 14 18.29 -7.94 -3.12
CA MET A 14 17.51 -7.77 -1.90
C MET A 14 17.54 -9.04 -1.04
N SER A 15 18.06 -10.13 -1.60
CA SER A 15 18.13 -11.40 -0.88
C SER A 15 19.53 -11.60 -0.28
N ALA A 16 20.21 -10.50 0.01
CA ALA A 16 21.55 -10.56 0.58
C ALA A 16 22.12 -9.16 0.79
N ILE A 17 21.51 -8.41 1.70
CA ILE A 17 21.96 -7.05 1.99
C ILE A 17 22.59 -6.96 3.38
N GLN A 18 23.82 -6.48 3.42
CA GLN A 18 24.54 -6.34 4.69
C GLN A 18 25.19 -4.96 4.79
N ASN A 19 24.55 -3.97 4.17
CA ASN A 19 25.06 -2.60 4.18
C ASN A 19 24.04 -1.65 4.79
N LEU A 20 23.36 -2.10 5.84
CA LEU A 20 22.36 -1.29 6.51
C LEU A 20 22.51 -1.38 8.02
N HIS A 21 23.73 -1.58 8.49
CA HIS A 21 24.02 -1.69 9.92
C HIS A 21 25.25 -0.87 10.29
N SER A 22 25.38 -0.58 11.59
CA SER A 22 26.51 0.19 12.08
C SER A 22 27.82 -0.57 11.88
N PHE A 23 28.91 0.17 11.65
CA PHE A 23 30.21 -0.44 11.44
C PHE A 23 31.32 0.59 11.64
N ASP A 24 31.52 1.02 12.88
CA ASP A 24 32.55 1.99 13.20
C ASP A 24 32.97 1.88 14.67
N PRO A 25 33.61 0.76 15.04
CA PRO A 25 34.06 0.54 16.42
C PRO A 25 35.13 1.55 16.84
N PHE A 26 35.83 2.10 15.86
CA PHE A 26 36.87 3.08 16.14
C PHE A 26 36.31 4.50 16.14
N ALA A 27 35.28 4.72 15.32
CA ALA A 27 34.65 6.03 15.24
C ALA A 27 33.24 5.99 15.80
N ASP A 28 33.10 6.37 17.07
CA ASP A 28 31.80 6.37 17.73
C ASP A 28 31.22 4.97 17.80
N ALA A 29 31.61 4.23 18.84
CA ALA A 29 31.13 2.86 19.03
C ALA A 29 29.89 2.84 19.92
N SER A 30 28.91 3.68 19.59
CA SER A 30 27.68 3.74 20.36
C SER A 30 26.97 2.39 20.38
N LYS A 31 25.89 2.31 21.15
CA LYS A 31 25.12 1.07 21.26
C LYS A 31 23.64 1.34 21.05
N GLY A 32 23.33 2.26 20.15
CA GLY A 32 21.94 2.60 19.87
C GLY A 32 21.33 3.49 20.94
N ASP A 33 20.67 4.55 20.51
CA ASP A 33 20.05 5.50 21.43
C ASP A 33 18.64 5.84 20.97
N ASP A 34 18.53 6.37 19.75
CA ASP A 34 17.23 6.76 19.21
C ASP A 34 17.09 6.26 17.76
N LEU A 35 17.74 5.15 17.46
CA LEU A 35 17.68 4.58 16.12
C LEU A 35 16.53 3.58 15.99
N LEU A 36 15.34 4.11 15.69
CA LEU A 36 14.16 3.27 15.53
C LEU A 36 14.24 2.42 14.27
N PRO A 37 13.69 1.19 14.30
CA PRO A 37 13.70 0.30 13.14
C PRO A 37 12.71 0.71 12.07
N ALA A 38 12.58 -0.12 11.04
CA ALA A 38 11.65 0.16 9.94
C ALA A 38 11.17 -1.12 9.30
N GLY A 39 10.04 -1.64 9.77
CA GLY A 39 9.48 -2.86 9.23
C GLY A 39 8.11 -2.66 8.62
N THR A 40 8.01 -1.68 7.73
CA THR A 40 6.73 -1.38 7.06
C THR A 40 6.95 -0.51 5.84
N GLU A 41 7.81 0.50 5.99
CA GLU A 41 8.10 1.42 4.89
C GLU A 41 6.87 2.23 4.48
N ASP A 42 5.84 2.19 5.32
CA ASP A 42 4.60 2.92 5.04
C ASP A 42 4.06 2.56 3.65
N TYR A 43 3.79 1.28 3.45
CA TYR A 43 3.27 0.80 2.18
C TYR A 43 1.92 1.42 1.86
N ILE A 44 1.51 1.33 0.60
CA ILE A 44 0.23 1.88 0.16
C ILE A 44 -0.69 0.75 -0.28
N HIS A 45 -1.61 0.37 0.59
CA HIS A 45 -2.55 -0.71 0.33
C HIS A 45 -3.62 -0.30 -0.69
N ILE A 46 -3.73 -1.08 -1.76
CA ILE A 46 -4.73 -0.81 -2.80
C ILE A 46 -6.07 -1.48 -2.41
N ARG A 47 -6.34 -2.68 -2.95
CA ARG A 47 -7.57 -3.42 -2.63
C ARG A 47 -8.73 -3.05 -3.55
N ILE A 48 -9.46 -4.07 -3.98
CA ILE A 48 -10.62 -3.89 -4.84
C ILE A 48 -11.89 -4.37 -4.13
N GLN A 49 -13.03 -3.83 -4.55
CA GLN A 49 -14.30 -4.21 -3.96
C GLN A 49 -15.40 -4.32 -5.02
N GLN A 50 -15.66 -5.55 -5.46
CA GLN A 50 -16.68 -5.79 -6.48
C GLN A 50 -17.99 -6.22 -5.83
N ARG A 51 -18.95 -5.30 -5.81
CA ARG A 51 -20.26 -5.56 -5.21
C ARG A 51 -20.95 -6.75 -5.88
N ASN A 52 -21.57 -6.49 -7.03
CA ASN A 52 -22.28 -7.52 -7.77
C ASN A 52 -21.37 -8.20 -8.80
N GLY A 53 -20.17 -8.57 -8.35
CA GLY A 53 -19.23 -9.22 -9.24
C GLY A 53 -19.00 -8.44 -10.51
N ARG A 54 -19.20 -7.13 -10.44
CA ARG A 54 -19.02 -6.26 -11.59
C ARG A 54 -18.73 -4.82 -11.15
N LYS A 55 -19.44 -4.38 -10.11
CA LYS A 55 -19.24 -3.02 -9.60
C LYS A 55 -17.95 -2.93 -8.82
N THR A 56 -16.83 -3.15 -9.51
CA THR A 56 -15.51 -3.11 -8.89
C THR A 56 -15.15 -1.69 -8.49
N LEU A 57 -14.54 -1.54 -7.33
CA LEU A 57 -14.13 -0.23 -6.84
C LEU A 57 -12.80 -0.30 -6.10
N THR A 58 -11.71 -0.10 -6.83
CA THR A 58 -10.37 -0.15 -6.24
C THR A 58 -10.19 0.97 -5.22
N THR A 59 -9.50 0.66 -4.13
CA THR A 59 -9.26 1.65 -3.07
C THR A 59 -7.77 1.87 -2.86
N VAL A 60 -7.42 3.03 -2.31
CA VAL A 60 -6.03 3.36 -2.03
C VAL A 60 -5.84 3.82 -0.59
N GLN A 61 -5.11 3.02 0.18
CA GLN A 61 -4.84 3.35 1.57
C GLN A 61 -3.35 3.59 1.79
N GLY A 62 -3.03 4.52 2.68
CA GLY A 62 -1.64 4.84 2.95
C GLY A 62 -1.26 6.21 2.44
N ILE A 63 -1.96 6.66 1.41
CA ILE A 63 -1.71 7.96 0.80
C ILE A 63 -1.99 9.08 1.80
N ALA A 64 -1.23 10.18 1.68
CA ALA A 64 -1.39 11.32 2.57
C ALA A 64 -2.44 12.29 2.06
N ASP A 65 -3.33 12.69 2.94
CA ASP A 65 -4.39 13.64 2.57
C ASP A 65 -3.79 14.96 2.08
N ASP A 66 -2.54 15.20 2.45
CA ASP A 66 -1.84 16.42 2.04
C ASP A 66 -1.68 16.46 0.53
N TYR A 67 -1.70 15.29 -0.11
CA TYR A 67 -1.55 15.19 -1.56
C TYR A 67 -2.56 16.10 -2.26
N ASP A 68 -2.54 16.07 -3.60
CA ASP A 68 -3.45 16.89 -4.39
C ASP A 68 -4.71 16.09 -4.71
N LYS A 69 -5.70 16.17 -3.82
CA LYS A 69 -6.97 15.47 -4.00
C LYS A 69 -7.47 15.58 -5.44
N LYS A 70 -7.21 16.73 -6.05
CA LYS A 70 -7.64 16.98 -7.42
C LYS A 70 -6.68 16.33 -8.41
N LYS A 71 -5.39 16.44 -8.14
CA LYS A 71 -4.37 15.86 -9.02
C LYS A 71 -4.24 14.35 -8.80
N LEU A 72 -5.12 13.78 -7.96
CA LEU A 72 -5.08 12.35 -7.68
C LEU A 72 -6.28 11.65 -8.30
N VAL A 73 -7.48 11.98 -7.81
CA VAL A 73 -8.69 11.37 -8.32
C VAL A 73 -9.12 12.01 -9.64
N LYS A 74 -9.07 13.34 -9.70
CA LYS A 74 -9.43 14.04 -10.92
C LYS A 74 -8.45 13.68 -12.02
N ALA A 75 -7.16 13.68 -11.67
CA ALA A 75 -6.12 13.32 -12.61
C ALA A 75 -6.33 11.89 -13.09
N PHE A 76 -6.65 11.01 -12.15
CA PHE A 76 -6.90 9.60 -12.47
C PHE A 76 -7.87 9.48 -13.65
N LYS A 77 -8.88 10.33 -13.65
CA LYS A 77 -9.89 10.34 -14.71
C LYS A 77 -9.32 10.88 -16.03
N LYS A 78 -8.11 11.45 -15.96
CA LYS A 78 -7.47 12.00 -17.15
C LYS A 78 -6.39 11.07 -17.67
N LYS A 79 -5.92 10.16 -16.81
CA LYS A 79 -4.88 9.21 -17.20
C LYS A 79 -5.48 7.89 -17.66
N PHE A 80 -6.56 7.46 -17.01
CA PHE A 80 -7.20 6.20 -17.36
C PHE A 80 -8.65 6.41 -17.85
N ALA A 81 -9.22 7.57 -17.52
CA ALA A 81 -10.60 7.88 -17.92
C ALA A 81 -11.60 7.11 -17.07
N CYS A 82 -11.25 6.92 -15.80
CA CYS A 82 -12.12 6.20 -14.87
C CYS A 82 -12.75 7.15 -13.87
N ASN A 83 -13.59 6.62 -12.98
CA ASN A 83 -14.25 7.43 -11.97
C ASN A 83 -13.66 7.13 -10.60
N GLY A 84 -13.25 8.17 -9.90
CA GLY A 84 -12.66 7.98 -8.59
C GLY A 84 -13.35 8.79 -7.50
N THR A 85 -13.43 8.22 -6.31
CA THR A 85 -14.07 8.89 -5.18
C THR A 85 -13.13 8.96 -3.98
N VAL A 86 -13.42 9.87 -3.06
CA VAL A 86 -12.60 10.05 -1.86
C VAL A 86 -13.39 9.71 -0.60
N ILE A 87 -13.66 8.43 -0.40
CA ILE A 87 -14.41 7.98 0.77
C ILE A 87 -13.51 7.83 1.99
N GLU A 88 -14.08 8.07 3.16
CA GLU A 88 -13.35 7.94 4.41
C GLU A 88 -13.74 6.65 5.12
N HIS A 89 -13.24 5.53 4.62
CA HIS A 89 -13.55 4.23 5.18
C HIS A 89 -13.29 4.21 6.69
N PRO A 90 -14.26 3.73 7.49
CA PRO A 90 -14.13 3.66 8.94
C PRO A 90 -13.20 2.52 9.38
N GLU A 91 -12.93 1.60 8.46
CA GLU A 91 -12.05 0.46 8.75
C GLU A 91 -10.58 0.84 8.59
N TYR A 92 -10.32 1.86 7.77
CA TYR A 92 -8.95 2.30 7.53
C TYR A 92 -8.80 3.79 7.81
N GLY A 93 -9.67 4.59 7.21
CA GLY A 93 -9.61 6.03 7.40
C GLY A 93 -9.96 6.79 6.14
N GLU A 94 -8.98 7.47 5.57
CA GLU A 94 -9.19 8.23 4.35
C GLU A 94 -8.58 7.51 3.14
N VAL A 95 -9.39 6.71 2.47
CA VAL A 95 -8.93 5.97 1.30
C VAL A 95 -9.75 6.33 0.07
N ILE A 96 -9.07 6.48 -1.06
CA ILE A 96 -9.74 6.82 -2.31
C ILE A 96 -10.45 5.58 -2.86
N GLN A 97 -11.45 5.80 -3.69
CA GLN A 97 -12.22 4.70 -4.27
C GLN A 97 -12.37 4.86 -5.77
N LEU A 98 -11.51 4.17 -6.52
CA LEU A 98 -11.57 4.23 -7.98
C LEU A 98 -12.58 3.22 -8.51
N GLN A 99 -13.09 3.47 -9.70
CA GLN A 99 -14.07 2.58 -10.32
C GLN A 99 -13.39 1.49 -11.14
N GLY A 100 -13.98 0.29 -11.12
CA GLY A 100 -13.43 -0.81 -11.88
C GLY A 100 -12.18 -1.41 -11.24
N ASP A 101 -11.68 -2.49 -11.82
CA ASP A 101 -10.49 -3.15 -11.30
C ASP A 101 -9.23 -2.36 -11.66
N GLN A 102 -8.98 -1.30 -10.91
CA GLN A 102 -7.81 -0.45 -11.14
C GLN A 102 -6.64 -0.89 -10.28
N ARG A 103 -6.73 -2.08 -9.68
CA ARG A 103 -5.67 -2.60 -8.84
C ARG A 103 -4.33 -2.54 -9.57
N LYS A 104 -4.39 -2.61 -10.90
CA LYS A 104 -3.18 -2.56 -11.72
C LYS A 104 -2.99 -1.18 -12.32
N ASN A 105 -4.08 -0.41 -12.42
CA ASN A 105 -4.01 0.93 -12.98
C ASN A 105 -3.59 1.94 -11.91
N ILE A 106 -4.00 1.71 -10.67
CA ILE A 106 -3.64 2.59 -9.58
C ILE A 106 -2.15 2.54 -9.29
N CYS A 107 -1.61 1.33 -9.16
CA CYS A 107 -0.19 1.14 -8.93
C CYS A 107 0.60 1.95 -9.97
N GLN A 108 0.01 2.03 -11.16
CA GLN A 108 0.60 2.79 -12.26
C GLN A 108 0.48 4.27 -11.99
N PHE A 109 -0.68 4.68 -11.51
CA PHE A 109 -0.94 6.07 -11.21
C PHE A 109 -0.02 6.57 -10.10
N LEU A 110 0.06 5.81 -9.02
CA LEU A 110 0.91 6.16 -7.89
C LEU A 110 2.36 6.34 -8.33
N VAL A 111 2.74 5.61 -9.37
CA VAL A 111 4.10 5.68 -9.90
C VAL A 111 4.19 6.68 -11.05
N GLU A 112 3.08 6.90 -11.73
CA GLU A 112 3.04 7.83 -12.86
C GLU A 112 3.03 9.27 -12.38
N ILE A 113 2.27 9.54 -11.32
CA ILE A 113 2.17 10.88 -10.75
C ILE A 113 3.13 11.06 -9.57
N GLY A 114 3.87 10.01 -9.22
CA GLY A 114 4.78 10.08 -8.11
C GLY A 114 4.06 10.17 -6.79
N LEU A 115 2.91 9.51 -6.71
CA LEU A 115 2.10 9.50 -5.49
C LEU A 115 2.72 8.59 -4.43
N ALA A 116 2.62 7.29 -4.64
CA ALA A 116 3.17 6.32 -3.71
C ALA A 116 4.62 6.00 -4.08
N LYS A 117 5.14 4.92 -3.51
CA LYS A 117 6.51 4.49 -3.78
C LYS A 117 6.53 3.04 -4.26
N ASP A 118 7.46 2.71 -5.14
CA ASP A 118 7.56 1.36 -5.66
C ASP A 118 7.67 0.34 -4.53
N ASP A 119 8.24 0.76 -3.41
CA ASP A 119 8.38 -0.11 -2.25
C ASP A 119 7.08 -0.18 -1.47
N GLN A 120 6.24 0.84 -1.63
CA GLN A 120 4.95 0.90 -0.94
C GLN A 120 3.85 0.24 -1.78
N LEU A 121 4.16 -0.09 -3.02
CA LEU A 121 3.18 -0.71 -3.91
C LEU A 121 2.56 -1.94 -3.26
N LYS A 122 1.42 -1.73 -2.61
CA LYS A 122 0.72 -2.80 -1.92
C LYS A 122 -0.63 -3.07 -2.57
N VAL A 123 -0.63 -3.86 -3.63
CA VAL A 123 -1.87 -4.19 -4.35
C VAL A 123 -2.45 -5.53 -3.87
N HIS A 124 -3.69 -5.50 -3.42
CA HIS A 124 -4.36 -6.71 -2.94
C HIS A 124 -5.71 -6.90 -3.60
N GLY A 125 -5.71 -7.44 -4.81
CA GLY A 125 -6.95 -7.67 -5.52
C GLY A 125 -7.84 -8.67 -4.80
N PHE A 126 -9.05 -8.25 -4.45
CA PHE A 126 -10.00 -9.11 -3.74
C PHE A 126 -10.07 -10.50 -4.37
N MET A 1 42.94 18.35 19.71
CA MET A 1 42.06 19.55 19.84
C MET A 1 42.89 20.82 20.03
N ARG A 2 43.80 21.07 19.08
CA ARG A 2 44.66 22.25 19.14
C ARG A 2 44.47 23.12 17.90
N GLY A 3 43.21 23.36 17.53
CA GLY A 3 42.92 24.17 16.37
C GLY A 3 43.15 25.65 16.62
N SER A 4 42.28 26.48 16.08
CA SER A 4 42.40 27.93 16.24
C SER A 4 41.14 28.64 15.74
N HIS A 5 39.98 28.04 16.00
CA HIS A 5 38.71 28.61 15.57
C HIS A 5 37.88 29.05 16.78
N HIS A 6 37.99 28.30 17.87
CA HIS A 6 37.24 28.61 19.08
C HIS A 6 38.16 29.24 20.14
N HIS A 7 37.92 30.51 20.43
CA HIS A 7 38.73 31.23 21.41
C HIS A 7 38.48 30.68 22.82
N HIS A 8 39.13 29.55 23.12
CA HIS A 8 38.99 28.91 24.42
C HIS A 8 40.22 28.11 24.77
N HIS A 9 41.39 28.59 24.33
CA HIS A 9 42.65 27.92 24.59
C HIS A 9 43.15 28.24 26.00
N HIS A 10 42.95 27.29 26.92
CA HIS A 10 43.38 27.48 28.31
C HIS A 10 44.91 27.42 28.41
N THR A 11 45.45 28.24 29.30
CA THR A 11 46.91 28.28 29.51
C THR A 11 47.42 26.95 30.03
N ASP A 12 46.72 26.39 31.01
CA ASP A 12 47.11 25.11 31.60
C ASP A 12 45.89 24.21 31.81
N PRO A 13 45.45 23.52 30.75
CA PRO A 13 44.29 22.62 30.82
C PRO A 13 44.58 21.36 31.62
N MET A 14 45.86 20.98 31.67
CA MET A 14 46.27 19.79 32.40
C MET A 14 45.88 19.88 33.87
N SER A 15 45.66 21.10 34.35
CA SER A 15 45.29 21.33 35.74
C SER A 15 44.04 20.53 36.11
N ALA A 16 43.18 20.29 35.12
CA ALA A 16 41.95 19.54 35.33
C ALA A 16 41.66 18.62 34.15
N ILE A 17 42.25 17.43 34.18
CA ILE A 17 42.06 16.46 33.11
C ILE A 17 40.89 15.53 33.42
N GLN A 18 39.72 16.12 33.59
CA GLN A 18 38.51 15.35 33.89
C GLN A 18 37.68 15.11 32.63
N ASN A 19 36.97 13.99 32.59
CA ASN A 19 36.14 13.65 31.44
C ASN A 19 35.17 12.53 31.79
N LEU A 20 34.62 12.58 32.99
CA LEU A 20 33.67 11.55 33.44
C LEU A 20 32.45 11.51 32.52
N HIS A 21 31.87 12.67 32.27
CA HIS A 21 30.69 12.77 31.40
C HIS A 21 30.47 14.20 30.94
N SER A 22 30.45 14.41 29.63
CA SER A 22 30.24 15.73 29.07
C SER A 22 29.05 15.75 28.12
N PHE A 23 27.94 15.15 28.56
CA PHE A 23 26.73 15.10 27.75
C PHE A 23 26.96 14.28 26.49
N ASP A 24 25.97 13.47 26.12
CA ASP A 24 26.07 12.63 24.92
C ASP A 24 26.15 13.49 23.66
N PRO A 25 27.32 13.51 22.99
CA PRO A 25 27.51 14.30 21.77
C PRO A 25 26.50 13.93 20.67
N PHE A 26 26.02 12.69 20.71
CA PHE A 26 25.06 12.23 19.72
C PHE A 26 23.69 11.99 20.36
N ALA A 27 23.64 11.07 21.32
CA ALA A 27 22.39 10.76 22.01
C ALA A 27 21.35 10.21 21.05
N ASP A 28 21.77 9.30 20.18
CA ASP A 28 20.87 8.69 19.21
C ASP A 28 21.11 7.19 19.10
N ALA A 29 20.20 6.41 19.67
CA ALA A 29 20.31 4.96 19.63
C ALA A 29 21.58 4.49 20.34
N SER A 30 21.99 5.24 21.36
CA SER A 30 23.18 4.91 22.13
C SER A 30 22.83 4.21 23.44
N LYS A 31 21.71 4.64 24.04
CA LYS A 31 21.26 4.07 25.29
C LYS A 31 19.90 3.38 25.12
N GLY A 32 18.98 4.07 24.46
CA GLY A 32 17.66 3.51 24.24
C GLY A 32 16.55 4.40 24.74
N ASP A 33 15.94 5.17 23.85
CA ASP A 33 14.86 6.08 24.21
C ASP A 33 13.51 5.47 23.86
N ASP A 34 13.37 4.17 24.08
CA ASP A 34 12.13 3.47 23.78
C ASP A 34 11.80 3.54 22.29
N LEU A 35 12.41 2.64 21.52
CA LEU A 35 12.18 2.59 20.08
C LEU A 35 11.29 1.42 19.70
N LEU A 36 10.00 1.69 19.52
CA LEU A 36 9.05 0.65 19.16
C LEU A 36 9.42 0.02 17.82
N PRO A 37 9.42 -1.33 17.75
CA PRO A 37 9.75 -2.05 16.52
C PRO A 37 8.64 -1.96 15.48
N ALA A 38 8.97 -1.46 14.29
CA ALA A 38 8.00 -1.32 13.22
C ALA A 38 8.68 -1.17 11.87
N GLY A 39 8.62 -2.21 11.04
CA GLY A 39 9.24 -2.17 9.73
C GLY A 39 8.24 -2.41 8.62
N THR A 40 7.41 -1.42 8.33
CA THR A 40 6.40 -1.53 7.28
C THR A 40 6.75 -0.64 6.09
N GLU A 41 7.58 0.36 6.33
CA GLU A 41 7.98 1.30 5.27
C GLU A 41 6.79 2.13 4.78
N ASP A 42 5.70 2.11 5.54
CA ASP A 42 4.51 2.87 5.19
C ASP A 42 4.04 2.52 3.77
N TYR A 43 3.67 1.26 3.58
CA TYR A 43 3.21 0.80 2.27
C TYR A 43 1.84 1.40 1.95
N ILE A 44 1.48 1.33 0.67
CA ILE A 44 0.20 1.85 0.21
C ILE A 44 -0.70 0.71 -0.24
N HIS A 45 -1.67 0.36 0.62
CA HIS A 45 -2.59 -0.74 0.34
C HIS A 45 -3.72 -0.32 -0.61
N ILE A 46 -3.74 -0.94 -1.78
CA ILE A 46 -4.77 -0.67 -2.78
C ILE A 46 -6.11 -1.29 -2.34
N ARG A 47 -6.41 -2.51 -2.80
CA ARG A 47 -7.65 -3.22 -2.45
C ARG A 47 -8.81 -2.85 -3.36
N ILE A 48 -9.45 -3.87 -3.92
CA ILE A 48 -10.59 -3.69 -4.81
C ILE A 48 -11.88 -4.15 -4.10
N GLN A 49 -13.02 -3.65 -4.58
CA GLN A 49 -14.31 -4.03 -4.00
C GLN A 49 -15.37 -4.17 -5.09
N GLN A 50 -15.67 -5.40 -5.46
CA GLN A 50 -16.66 -5.67 -6.49
C GLN A 50 -17.97 -6.15 -5.90
N ARG A 51 -19.06 -5.43 -6.22
CA ARG A 51 -20.38 -5.79 -5.72
C ARG A 51 -21.04 -6.78 -6.67
N ASN A 52 -21.32 -7.98 -6.16
CA ASN A 52 -21.95 -9.02 -6.97
C ASN A 52 -21.04 -9.44 -8.11
N GLY A 53 -19.74 -9.17 -7.96
CA GLY A 53 -18.77 -9.53 -8.97
C GLY A 53 -18.88 -8.67 -10.22
N ARG A 54 -19.12 -7.37 -10.04
CA ARG A 54 -19.23 -6.46 -11.17
C ARG A 54 -18.82 -5.04 -10.78
N LYS A 55 -19.59 -4.42 -9.89
CA LYS A 55 -19.31 -3.06 -9.44
C LYS A 55 -17.98 -2.99 -8.71
N THR A 56 -16.88 -3.02 -9.47
CA THR A 56 -15.54 -2.97 -8.92
C THR A 56 -15.16 -1.55 -8.52
N LEU A 57 -14.45 -1.42 -7.41
CA LEU A 57 -14.02 -0.12 -6.92
C LEU A 57 -12.66 -0.22 -6.21
N THR A 58 -11.60 0.10 -6.95
CA THR A 58 -10.25 0.05 -6.39
C THR A 58 -10.01 1.18 -5.41
N THR A 59 -9.60 0.84 -4.19
CA THR A 59 -9.34 1.84 -3.17
C THR A 59 -7.84 2.02 -2.93
N VAL A 60 -7.48 3.17 -2.37
CA VAL A 60 -6.08 3.47 -2.08
C VAL A 60 -5.90 3.84 -0.61
N GLN A 61 -5.03 3.08 0.07
CA GLN A 61 -4.75 3.32 1.48
C GLN A 61 -3.29 3.62 1.71
N GLY A 62 -3.00 4.57 2.59
CA GLY A 62 -1.63 4.94 2.89
C GLY A 62 -1.29 6.32 2.38
N ILE A 63 -1.98 6.76 1.34
CA ILE A 63 -1.74 8.07 0.75
C ILE A 63 -2.12 9.18 1.72
N ALA A 64 -1.38 10.28 1.67
CA ALA A 64 -1.62 11.42 2.54
C ALA A 64 -2.64 12.39 1.93
N ASP A 65 -3.60 12.81 2.74
CA ASP A 65 -4.62 13.75 2.29
C ASP A 65 -3.98 15.06 1.86
N ASP A 66 -2.76 15.31 2.32
CA ASP A 66 -2.04 16.53 1.97
C ASP A 66 -1.74 16.57 0.48
N TYR A 67 -1.73 15.40 -0.15
CA TYR A 67 -1.45 15.31 -1.58
C TYR A 67 -2.37 16.24 -2.38
N ASP A 68 -2.25 16.19 -3.70
CA ASP A 68 -3.08 17.01 -4.57
C ASP A 68 -4.36 16.27 -4.94
N LYS A 69 -5.40 16.44 -4.12
CA LYS A 69 -6.68 15.79 -4.35
C LYS A 69 -7.10 15.86 -5.82
N LYS A 70 -6.70 16.95 -6.48
CA LYS A 70 -7.03 17.15 -7.88
C LYS A 70 -6.11 16.32 -8.78
N LYS A 71 -4.81 16.48 -8.59
CA LYS A 71 -3.82 15.75 -9.38
C LYS A 71 -3.86 14.25 -9.09
N LEU A 72 -4.71 13.83 -8.15
CA LEU A 72 -4.81 12.42 -7.79
C LEU A 72 -6.04 11.78 -8.42
N VAL A 73 -7.21 12.06 -7.84
CA VAL A 73 -8.45 11.50 -8.34
C VAL A 73 -8.90 12.20 -9.62
N LYS A 74 -8.78 13.52 -9.64
CA LYS A 74 -9.16 14.28 -10.83
C LYS A 74 -8.27 13.88 -12.01
N ALA A 75 -6.97 13.79 -11.73
CA ALA A 75 -6.01 13.38 -12.75
C ALA A 75 -6.29 11.95 -13.20
N PHE A 76 -6.55 11.07 -12.24
CA PHE A 76 -6.85 9.67 -12.53
C PHE A 76 -7.88 9.56 -13.66
N LYS A 77 -8.96 10.32 -13.54
CA LYS A 77 -10.03 10.31 -14.54
C LYS A 77 -9.55 10.82 -15.89
N LYS A 78 -8.39 11.48 -15.89
CA LYS A 78 -7.83 12.03 -17.12
C LYS A 78 -6.76 11.10 -17.70
N LYS A 79 -6.22 10.23 -16.85
CA LYS A 79 -5.17 9.31 -17.29
C LYS A 79 -5.74 7.94 -17.62
N PHE A 80 -6.78 7.53 -16.89
CA PHE A 80 -7.40 6.22 -17.11
C PHE A 80 -8.84 6.35 -17.59
N ALA A 81 -9.43 7.53 -17.40
CA ALA A 81 -10.81 7.76 -17.82
C ALA A 81 -11.78 7.01 -16.90
N CYS A 82 -11.38 6.86 -15.64
CA CYS A 82 -12.21 6.15 -14.66
C CYS A 82 -12.85 7.14 -13.69
N ASN A 83 -13.65 6.62 -12.78
CA ASN A 83 -14.33 7.46 -11.79
C ASN A 83 -13.70 7.24 -10.42
N GLY A 84 -13.13 8.30 -9.85
CA GLY A 84 -12.50 8.19 -8.56
C GLY A 84 -13.19 9.02 -7.49
N THR A 85 -13.43 8.41 -6.33
CA THR A 85 -14.08 9.11 -5.24
C THR A 85 -13.20 9.12 -3.99
N VAL A 86 -13.60 9.90 -2.99
CA VAL A 86 -12.84 10.00 -1.75
C VAL A 86 -13.67 9.53 -0.56
N ILE A 87 -13.78 8.22 -0.38
CA ILE A 87 -14.55 7.65 0.72
C ILE A 87 -13.71 7.57 1.98
N GLU A 88 -14.38 7.60 3.14
CA GLU A 88 -13.71 7.51 4.42
C GLU A 88 -13.95 6.14 5.04
N HIS A 89 -13.33 5.12 4.47
CA HIS A 89 -13.47 3.75 4.94
C HIS A 89 -13.31 3.66 6.46
N PRO A 90 -14.12 2.82 7.12
CA PRO A 90 -14.06 2.65 8.57
C PRO A 90 -12.91 1.74 8.99
N GLU A 91 -12.46 0.91 8.05
CA GLU A 91 -11.37 -0.01 8.30
C GLU A 91 -10.02 0.71 8.22
N TYR A 92 -9.99 1.82 7.49
CA TYR A 92 -8.76 2.59 7.32
C TYR A 92 -8.91 3.98 7.91
N GLY A 93 -10.00 4.66 7.55
CA GLY A 93 -10.24 6.00 8.05
C GLY A 93 -10.17 7.07 6.98
N GLU A 94 -9.54 6.73 5.85
CA GLU A 94 -9.40 7.67 4.74
C GLU A 94 -8.73 7.01 3.55
N VAL A 95 -9.49 6.79 2.49
CA VAL A 95 -8.96 6.16 1.28
C VAL A 95 -9.76 6.56 0.05
N ILE A 96 -9.08 6.65 -1.09
CA ILE A 96 -9.74 7.00 -2.34
C ILE A 96 -10.47 5.79 -2.88
N GLN A 97 -11.49 6.02 -3.70
CA GLN A 97 -12.28 4.93 -4.25
C GLN A 97 -12.41 5.05 -5.77
N LEU A 98 -11.55 4.37 -6.50
CA LEU A 98 -11.58 4.39 -7.95
C LEU A 98 -12.63 3.42 -8.47
N GLN A 99 -13.10 3.63 -9.69
CA GLN A 99 -14.11 2.76 -10.28
C GLN A 99 -13.46 1.69 -11.15
N GLY A 100 -14.03 0.48 -11.12
CA GLY A 100 -13.50 -0.61 -11.91
C GLY A 100 -12.26 -1.22 -11.27
N ASP A 101 -11.79 -2.32 -11.84
CA ASP A 101 -10.61 -3.00 -11.32
C ASP A 101 -9.34 -2.26 -11.72
N GLN A 102 -9.04 -1.18 -11.01
CA GLN A 102 -7.85 -0.38 -11.27
C GLN A 102 -6.66 -0.91 -10.48
N ARG A 103 -6.81 -2.09 -9.89
CA ARG A 103 -5.75 -2.71 -9.10
C ARG A 103 -4.41 -2.62 -9.84
N LYS A 104 -4.47 -2.63 -11.17
CA LYS A 104 -3.26 -2.56 -11.98
C LYS A 104 -3.04 -1.15 -12.51
N ASN A 105 -4.12 -0.35 -12.57
CA ASN A 105 -4.03 1.02 -13.05
C ASN A 105 -3.61 1.98 -11.95
N ILE A 106 -4.08 1.72 -10.73
CA ILE A 106 -3.76 2.58 -9.60
C ILE A 106 -2.26 2.52 -9.27
N CYS A 107 -1.73 1.31 -9.16
CA CYS A 107 -0.30 1.15 -8.87
C CYS A 107 0.52 1.93 -9.89
N GLN A 108 -0.02 2.02 -11.09
CA GLN A 108 0.61 2.76 -12.18
C GLN A 108 0.55 4.25 -11.91
N PHE A 109 -0.63 4.69 -11.47
CA PHE A 109 -0.86 6.08 -11.15
C PHE A 109 0.06 6.56 -10.04
N LEU A 110 0.11 5.77 -8.97
CA LEU A 110 0.95 6.10 -7.82
C LEU A 110 2.42 6.23 -8.24
N VAL A 111 2.79 5.51 -9.28
CA VAL A 111 4.16 5.55 -9.78
C VAL A 111 4.31 6.55 -10.93
N GLU A 112 3.21 6.81 -11.62
CA GLU A 112 3.21 7.75 -12.74
C GLU A 112 3.22 9.19 -12.25
N ILE A 113 2.47 9.46 -11.20
CA ILE A 113 2.39 10.82 -10.65
C ILE A 113 3.34 10.98 -9.46
N GLY A 114 4.05 9.91 -9.10
CA GLY A 114 4.96 9.97 -7.98
C GLY A 114 4.24 10.03 -6.66
N LEU A 115 3.07 9.40 -6.60
CA LEU A 115 2.26 9.38 -5.39
C LEU A 115 2.84 8.40 -4.37
N ALA A 116 2.70 7.11 -4.65
CA ALA A 116 3.22 6.07 -3.76
C ALA A 116 4.61 5.64 -4.20
N LYS A 117 5.31 4.93 -3.33
CA LYS A 117 6.65 4.45 -3.65
C LYS A 117 6.61 3.00 -4.10
N ASP A 118 7.55 2.62 -4.96
CA ASP A 118 7.60 1.25 -5.47
C ASP A 118 7.67 0.25 -4.31
N ASP A 119 8.23 0.69 -3.19
CA ASP A 119 8.34 -0.16 -2.02
C ASP A 119 7.01 -0.20 -1.26
N GLN A 120 6.18 0.81 -1.50
CA GLN A 120 4.88 0.90 -0.85
C GLN A 120 3.78 0.30 -1.72
N LEU A 121 4.15 -0.14 -2.93
CA LEU A 121 3.21 -0.73 -3.86
C LEU A 121 2.52 -1.95 -3.27
N LYS A 122 1.53 -1.71 -2.41
CA LYS A 122 0.78 -2.78 -1.77
C LYS A 122 -0.56 -2.96 -2.47
N VAL A 123 -0.51 -3.53 -3.67
CA VAL A 123 -1.72 -3.76 -4.46
C VAL A 123 -2.35 -5.10 -4.15
N HIS A 124 -3.65 -5.09 -3.85
CA HIS A 124 -4.38 -6.31 -3.55
C HIS A 124 -5.75 -6.32 -4.22
N GLY A 125 -6.15 -7.47 -4.74
CA GLY A 125 -7.43 -7.58 -5.39
C GLY A 125 -8.38 -8.49 -4.62
N PHE A 126 -9.59 -7.99 -4.37
CA PHE A 126 -10.61 -8.75 -3.64
C PHE A 126 -10.64 -10.22 -4.07
N MET A 1 -6.70 -34.66 46.38
CA MET A 1 -6.15 -36.02 46.62
C MET A 1 -7.24 -37.08 46.50
N ARG A 2 -7.22 -37.83 45.40
CA ARG A 2 -8.21 -38.87 45.16
C ARG A 2 -9.62 -38.30 45.13
N GLY A 3 -9.74 -37.05 44.68
CA GLY A 3 -11.04 -36.40 44.61
C GLY A 3 -11.85 -36.87 43.43
N SER A 4 -11.24 -36.86 42.25
CA SER A 4 -11.92 -37.29 41.03
C SER A 4 -10.96 -37.32 39.85
N HIS A 5 -10.83 -38.48 39.22
CA HIS A 5 -9.94 -38.65 38.08
C HIS A 5 -10.38 -39.81 37.20
N HIS A 6 -11.69 -40.06 37.17
CA HIS A 6 -12.25 -41.14 36.38
C HIS A 6 -13.77 -41.10 36.37
N HIS A 7 -14.33 -40.13 35.66
CA HIS A 7 -15.77 -39.97 35.57
C HIS A 7 -16.31 -40.60 34.29
N HIS A 8 -15.56 -40.45 33.21
CA HIS A 8 -15.97 -41.00 31.92
C HIS A 8 -14.90 -40.74 30.85
N HIS A 9 -13.80 -41.49 30.93
CA HIS A 9 -12.71 -41.35 29.98
C HIS A 9 -13.17 -41.66 28.56
N HIS A 10 -13.57 -40.63 27.82
CA HIS A 10 -14.04 -40.80 26.46
C HIS A 10 -13.92 -39.50 25.68
N THR A 11 -12.69 -38.98 25.57
CA THR A 11 -12.45 -37.74 24.85
C THR A 11 -12.89 -37.86 23.39
N ASP A 12 -14.03 -37.25 23.07
CA ASP A 12 -14.56 -37.29 21.72
C ASP A 12 -14.09 -36.08 20.91
N PRO A 13 -13.59 -36.29 19.68
CA PRO A 13 -13.12 -35.19 18.82
C PRO A 13 -14.18 -34.12 18.62
N MET A 14 -15.44 -34.53 18.65
CA MET A 14 -16.56 -33.61 18.47
C MET A 14 -16.54 -32.52 19.55
N SER A 15 -15.98 -32.85 20.70
CA SER A 15 -15.91 -31.89 21.80
C SER A 15 -15.22 -30.60 21.37
N ALA A 16 -14.23 -30.73 20.49
CA ALA A 16 -13.49 -29.58 19.99
C ALA A 16 -13.36 -29.63 18.47
N ILE A 17 -14.30 -28.99 17.78
CA ILE A 17 -14.30 -28.98 16.33
C ILE A 17 -13.80 -27.63 15.79
N GLN A 18 -12.48 -27.48 15.74
CA GLN A 18 -11.88 -26.25 15.25
C GLN A 18 -12.24 -26.00 13.78
N ASN A 19 -11.98 -24.78 13.31
CA ASN A 19 -12.29 -24.42 11.94
C ASN A 19 -11.09 -23.75 11.27
N LEU A 20 -10.25 -24.56 10.62
CA LEU A 20 -9.06 -24.06 9.95
C LEU A 20 -8.11 -23.39 10.94
N HIS A 21 -6.84 -23.31 10.58
CA HIS A 21 -5.84 -22.70 11.44
C HIS A 21 -5.67 -23.49 12.73
N SER A 22 -5.64 -24.81 12.61
CA SER A 22 -5.48 -25.68 13.76
C SER A 22 -4.03 -26.08 13.95
N PHE A 23 -3.31 -26.22 12.84
CA PHE A 23 -1.90 -26.60 12.88
C PHE A 23 -1.02 -25.46 12.40
N ASP A 24 -0.23 -24.89 13.31
CA ASP A 24 0.66 -23.79 12.98
C ASP A 24 -0.14 -22.59 12.46
N PRO A 25 -0.97 -21.98 13.32
CA PRO A 25 -1.79 -20.81 12.95
C PRO A 25 -0.93 -19.62 12.53
N PHE A 26 0.21 -19.47 13.18
CA PHE A 26 1.11 -18.36 12.88
C PHE A 26 2.46 -18.87 12.37
N ALA A 27 3.11 -19.71 13.16
CA ALA A 27 4.41 -20.27 12.79
C ALA A 27 4.92 -21.24 13.84
N ASP A 28 5.32 -22.42 13.41
CA ASP A 28 5.84 -23.45 14.32
C ASP A 28 7.34 -23.57 14.19
N ALA A 29 8.06 -23.23 15.26
CA ALA A 29 9.52 -23.31 15.27
C ALA A 29 9.99 -24.61 15.92
N SER A 30 11.31 -24.74 16.06
CA SER A 30 11.90 -25.93 16.67
C SER A 30 12.70 -25.57 17.90
N LYS A 31 13.83 -24.91 17.70
CA LYS A 31 14.69 -24.50 18.80
C LYS A 31 15.65 -23.39 18.37
N GLY A 32 15.49 -22.20 18.95
CA GLY A 32 16.34 -21.09 18.62
C GLY A 32 15.63 -19.76 18.76
N ASP A 33 16.33 -18.68 18.43
CA ASP A 33 15.76 -17.33 18.53
C ASP A 33 16.29 -16.44 17.41
N ASP A 34 15.90 -16.75 16.17
CA ASP A 34 16.33 -15.97 15.02
C ASP A 34 15.18 -15.13 14.47
N LEU A 35 14.97 -13.96 15.07
CA LEU A 35 13.91 -13.06 14.64
C LEU A 35 14.48 -11.78 14.04
N LEU A 36 14.59 -11.76 12.71
CA LEU A 36 15.12 -10.60 12.00
C LEU A 36 14.16 -9.41 12.12
N PRO A 37 14.71 -8.18 12.20
CA PRO A 37 13.90 -6.96 12.31
C PRO A 37 13.19 -6.62 11.02
N ALA A 38 12.11 -5.85 11.12
CA ALA A 38 11.33 -5.45 9.97
C ALA A 38 10.21 -4.50 10.36
N GLY A 39 9.90 -3.55 9.47
CA GLY A 39 8.84 -2.60 9.75
C GLY A 39 7.73 -2.65 8.72
N THR A 40 7.21 -1.48 8.35
CA THR A 40 6.13 -1.39 7.37
C THR A 40 6.58 -0.63 6.14
N GLU A 41 7.53 0.30 6.31
CA GLU A 41 8.03 1.10 5.20
C GLU A 41 6.94 2.01 4.63
N ASP A 42 5.85 2.17 5.38
CA ASP A 42 4.74 3.02 4.94
C ASP A 42 4.22 2.57 3.57
N TYR A 43 3.71 1.35 3.51
CA TYR A 43 3.19 0.82 2.26
C TYR A 43 1.86 1.47 1.90
N ILE A 44 1.47 1.36 0.64
CA ILE A 44 0.22 1.92 0.17
C ILE A 44 -0.75 0.81 -0.24
N HIS A 45 -1.58 0.41 0.71
CA HIS A 45 -2.56 -0.65 0.50
C HIS A 45 -3.63 -0.28 -0.52
N ILE A 46 -3.66 -1.00 -1.64
CA ILE A 46 -4.65 -0.76 -2.68
C ILE A 46 -5.99 -1.41 -2.28
N ARG A 47 -6.26 -2.63 -2.79
CA ARG A 47 -7.48 -3.36 -2.47
C ARG A 47 -8.63 -3.03 -3.42
N ILE A 48 -9.31 -4.09 -3.86
CA ILE A 48 -10.45 -3.97 -4.76
C ILE A 48 -11.71 -4.48 -4.07
N GLN A 49 -12.87 -3.98 -4.51
CA GLN A 49 -14.14 -4.40 -3.92
C GLN A 49 -15.23 -4.48 -4.98
N GLN A 50 -15.49 -5.70 -5.46
CA GLN A 50 -16.52 -5.91 -6.48
C GLN A 50 -17.81 -6.42 -5.85
N ARG A 51 -18.77 -5.52 -5.64
CA ARG A 51 -20.04 -5.89 -5.04
C ARG A 51 -20.73 -6.97 -5.87
N ASN A 52 -20.90 -6.68 -7.16
CA ASN A 52 -21.53 -7.62 -8.08
C ASN A 52 -20.46 -8.26 -8.97
N GLY A 53 -20.84 -8.65 -10.18
CA GLY A 53 -19.88 -9.26 -11.09
C GLY A 53 -19.23 -8.24 -11.99
N ARG A 54 -19.01 -7.04 -11.45
CA ARG A 54 -18.37 -5.97 -12.22
C ARG A 54 -18.30 -4.67 -11.41
N LYS A 55 -19.23 -4.49 -10.48
CA LYS A 55 -19.26 -3.30 -9.64
C LYS A 55 -18.03 -3.24 -8.73
N THR A 56 -16.86 -3.05 -9.35
CA THR A 56 -15.61 -2.98 -8.62
C THR A 56 -15.33 -1.57 -8.14
N LEU A 57 -14.61 -1.46 -7.02
CA LEU A 57 -14.27 -0.17 -6.45
C LEU A 57 -12.89 -0.20 -5.80
N THR A 58 -11.85 -0.06 -6.62
CA THR A 58 -10.49 -0.07 -6.11
C THR A 58 -10.27 1.06 -5.12
N THR A 59 -9.57 0.77 -4.02
CA THR A 59 -9.31 1.78 -3.00
C THR A 59 -7.80 1.97 -2.79
N VAL A 60 -7.44 3.13 -2.27
CA VAL A 60 -6.04 3.45 -2.01
C VAL A 60 -5.83 3.85 -0.55
N GLN A 61 -4.98 3.11 0.14
CA GLN A 61 -4.69 3.37 1.54
C GLN A 61 -3.20 3.67 1.73
N GLY A 62 -2.89 4.55 2.67
CA GLY A 62 -1.51 4.90 2.93
C GLY A 62 -1.15 6.27 2.39
N ILE A 63 -1.92 6.72 1.39
CA ILE A 63 -1.70 8.02 0.78
C ILE A 63 -2.12 9.15 1.71
N ALA A 64 -1.39 10.27 1.64
CA ALA A 64 -1.70 11.42 2.48
C ALA A 64 -2.85 12.24 1.88
N ASP A 65 -3.75 12.71 2.74
CA ASP A 65 -4.89 13.50 2.30
C ASP A 65 -4.44 14.83 1.72
N ASP A 66 -3.18 15.20 1.94
CA ASP A 66 -2.64 16.45 1.44
C ASP A 66 -1.91 16.25 0.12
N TYR A 67 -2.35 15.26 -0.66
CA TYR A 67 -1.73 14.97 -1.96
C TYR A 67 -2.39 15.77 -3.08
N ASP A 68 -2.99 16.92 -2.73
CA ASP A 68 -3.65 17.78 -3.70
C ASP A 68 -5.07 17.31 -4.01
N LYS A 69 -5.37 16.05 -3.67
CA LYS A 69 -6.69 15.48 -3.90
C LYS A 69 -7.00 15.40 -5.40
N LYS A 70 -7.34 16.54 -5.99
CA LYS A 70 -7.67 16.60 -7.42
C LYS A 70 -6.61 15.91 -8.27
N LYS A 71 -5.34 16.22 -7.99
CA LYS A 71 -4.24 15.64 -8.73
C LYS A 71 -4.22 14.11 -8.61
N LEU A 72 -5.02 13.57 -7.69
CA LEU A 72 -5.08 12.13 -7.48
C LEU A 72 -6.28 11.52 -8.18
N VAL A 73 -7.48 11.84 -7.70
CA VAL A 73 -8.69 11.31 -8.29
C VAL A 73 -9.07 12.06 -9.57
N LYS A 74 -9.00 13.39 -9.52
CA LYS A 74 -9.32 14.19 -10.68
C LYS A 74 -8.35 13.88 -11.81
N ALA A 75 -7.07 13.77 -11.45
CA ALA A 75 -6.04 13.46 -12.43
C ALA A 75 -6.25 12.04 -12.97
N PHE A 76 -6.57 11.11 -12.07
CA PHE A 76 -6.80 9.72 -12.46
C PHE A 76 -7.70 9.64 -13.69
N LYS A 77 -8.85 10.32 -13.63
CA LYS A 77 -9.79 10.34 -14.74
C LYS A 77 -9.17 10.96 -15.99
N LYS A 78 -8.13 11.77 -15.79
CA LYS A 78 -7.44 12.41 -16.89
C LYS A 78 -6.47 11.45 -17.56
N LYS A 79 -6.12 10.38 -16.85
CA LYS A 79 -5.17 9.40 -17.37
C LYS A 79 -5.89 8.13 -17.84
N PHE A 80 -6.81 7.64 -17.01
CA PHE A 80 -7.55 6.41 -17.34
C PHE A 80 -9.04 6.69 -17.54
N ALA A 81 -9.50 7.84 -17.08
CA ALA A 81 -10.92 8.20 -17.21
C ALA A 81 -11.78 7.28 -16.36
N CYS A 82 -11.29 6.94 -15.18
CA CYS A 82 -12.02 6.07 -14.27
C CYS A 82 -12.68 6.87 -13.16
N ASN A 83 -13.93 6.54 -12.86
CA ASN A 83 -14.68 7.24 -11.82
C ASN A 83 -14.04 7.00 -10.45
N GLY A 84 -13.44 8.06 -9.91
CA GLY A 84 -12.80 7.96 -8.61
C GLY A 84 -13.51 8.78 -7.55
N THR A 85 -13.68 8.20 -6.37
CA THR A 85 -14.35 8.88 -5.27
C THR A 85 -13.57 8.74 -3.97
N VAL A 86 -13.18 9.87 -3.38
CA VAL A 86 -12.43 9.86 -2.13
C VAL A 86 -13.34 9.58 -0.94
N ILE A 87 -13.40 8.32 -0.54
CA ILE A 87 -14.24 7.92 0.59
C ILE A 87 -13.44 7.84 1.88
N GLU A 88 -14.09 8.09 3.01
CA GLU A 88 -13.43 8.03 4.30
C GLU A 88 -13.74 6.71 5.00
N HIS A 89 -13.16 5.65 4.47
CA HIS A 89 -13.37 4.31 5.03
C HIS A 89 -13.22 4.30 6.54
N PRO A 90 -14.10 3.56 7.25
CA PRO A 90 -14.05 3.48 8.72
C PRO A 90 -12.96 2.53 9.20
N GLU A 91 -12.52 1.64 8.31
CA GLU A 91 -11.48 0.68 8.64
C GLU A 91 -10.10 1.31 8.50
N TYR A 92 -10.01 2.35 7.69
CA TYR A 92 -8.74 3.04 7.46
C TYR A 92 -8.80 4.48 7.96
N GLY A 93 -9.83 5.20 7.53
CA GLY A 93 -9.99 6.59 7.96
C GLY A 93 -9.89 7.58 6.81
N GLU A 94 -9.28 7.16 5.70
CA GLU A 94 -9.13 8.02 4.54
C GLU A 94 -8.49 7.27 3.38
N VAL A 95 -9.29 6.97 2.37
CA VAL A 95 -8.81 6.25 1.19
C VAL A 95 -9.62 6.59 -0.05
N ILE A 96 -8.97 6.63 -1.19
CA ILE A 96 -9.65 6.93 -2.45
C ILE A 96 -10.42 5.70 -2.91
N GLN A 97 -11.43 5.91 -3.75
CA GLN A 97 -12.24 4.80 -4.24
C GLN A 97 -12.47 4.91 -5.74
N LEU A 98 -11.65 4.20 -6.52
CA LEU A 98 -11.79 4.21 -7.97
C LEU A 98 -12.83 3.19 -8.41
N GLN A 99 -13.38 3.39 -9.61
CA GLN A 99 -14.39 2.46 -10.13
C GLN A 99 -13.75 1.42 -11.03
N GLY A 100 -14.15 0.17 -10.84
CA GLY A 100 -13.60 -0.92 -11.64
C GLY A 100 -12.26 -1.39 -11.12
N ASP A 101 -11.82 -2.54 -11.60
CA ASP A 101 -10.54 -3.11 -11.17
C ASP A 101 -9.38 -2.23 -11.64
N GLN A 102 -8.92 -1.35 -10.75
CA GLN A 102 -7.81 -0.45 -11.07
C GLN A 102 -6.56 -0.84 -10.29
N ARG A 103 -6.62 -1.95 -9.56
CA ARG A 103 -5.48 -2.42 -8.78
C ARG A 103 -4.20 -2.41 -9.61
N LYS A 104 -4.35 -2.56 -10.92
CA LYS A 104 -3.21 -2.57 -11.82
C LYS A 104 -2.94 -1.18 -12.40
N ASN A 105 -3.99 -0.37 -12.48
CA ASN A 105 -3.86 0.98 -13.01
C ASN A 105 -3.45 1.97 -11.92
N ILE A 106 -4.04 1.81 -10.74
CA ILE A 106 -3.74 2.69 -9.62
C ILE A 106 -2.26 2.61 -9.25
N CYS A 107 -1.75 1.39 -9.09
CA CYS A 107 -0.33 1.21 -8.78
C CYS A 107 0.50 1.86 -9.88
N GLN A 108 -0.04 1.79 -11.09
CA GLN A 108 0.59 2.38 -12.26
C GLN A 108 0.48 3.91 -12.18
N PHE A 109 -0.61 4.38 -11.60
CA PHE A 109 -0.86 5.80 -11.44
C PHE A 109 0.03 6.37 -10.34
N LEU A 110 0.09 5.67 -9.22
CA LEU A 110 0.90 6.09 -8.08
C LEU A 110 2.37 6.25 -8.49
N VAL A 111 2.79 5.47 -9.47
CA VAL A 111 4.16 5.53 -9.96
C VAL A 111 4.29 6.50 -11.12
N GLU A 112 3.21 6.68 -11.88
CA GLU A 112 3.21 7.58 -13.03
C GLU A 112 3.23 9.03 -12.57
N ILE A 113 2.42 9.34 -11.55
CA ILE A 113 2.34 10.70 -11.04
C ILE A 113 3.39 10.94 -9.95
N GLY A 114 3.83 9.85 -9.31
CA GLY A 114 4.81 9.98 -8.25
C GLY A 114 4.17 10.02 -6.88
N LEU A 115 3.03 9.36 -6.75
CA LEU A 115 2.30 9.32 -5.50
C LEU A 115 2.91 8.31 -4.54
N ALA A 116 2.74 7.03 -4.85
CA ALA A 116 3.28 5.96 -4.02
C ALA A 116 4.66 5.55 -4.52
N LYS A 117 5.13 4.39 -4.06
CA LYS A 117 6.43 3.88 -4.47
C LYS A 117 6.42 2.36 -4.54
N ASP A 118 7.29 1.80 -5.36
CA ASP A 118 7.36 0.35 -5.51
C ASP A 118 7.61 -0.31 -4.15
N ASP A 119 8.19 0.44 -3.23
CA ASP A 119 8.45 -0.07 -1.89
C ASP A 119 7.16 -0.07 -1.07
N GLN A 120 6.20 0.74 -1.51
CA GLN A 120 4.91 0.83 -0.83
C GLN A 120 3.82 0.16 -1.65
N LEU A 121 4.13 -0.19 -2.90
CA LEU A 121 3.18 -0.83 -3.79
C LEU A 121 2.53 -2.04 -3.12
N LYS A 122 1.38 -1.81 -2.50
CA LYS A 122 0.66 -2.88 -1.82
C LYS A 122 -0.66 -3.19 -2.53
N VAL A 123 -0.56 -3.96 -3.61
CA VAL A 123 -1.74 -4.34 -4.38
C VAL A 123 -2.32 -5.66 -3.89
N HIS A 124 -3.52 -5.61 -3.32
CA HIS A 124 -4.17 -6.81 -2.80
C HIS A 124 -5.43 -7.15 -3.59
N GLY A 125 -6.04 -6.14 -4.21
CA GLY A 125 -7.25 -6.35 -4.98
C GLY A 125 -8.29 -7.13 -4.21
N PHE A 126 -8.52 -8.37 -4.60
CA PHE A 126 -9.50 -9.21 -3.93
C PHE A 126 -9.50 -10.63 -4.51
N MET A 1 28.66 -1.55 -10.82
CA MET A 1 28.63 -2.58 -9.75
C MET A 1 29.75 -3.60 -9.92
N ARG A 2 30.97 -3.19 -9.59
CA ARG A 2 32.12 -4.08 -9.73
C ARG A 2 32.87 -4.20 -8.39
N GLY A 3 32.13 -4.06 -7.29
CA GLY A 3 32.74 -4.15 -5.99
C GLY A 3 31.73 -4.44 -4.89
N SER A 4 30.63 -5.10 -5.26
CA SER A 4 29.58 -5.44 -4.30
C SER A 4 29.02 -4.17 -3.64
N HIS A 5 28.18 -3.45 -4.38
CA HIS A 5 27.57 -2.23 -3.88
C HIS A 5 28.63 -1.16 -3.60
N HIS A 6 29.31 -1.29 -2.46
CA HIS A 6 30.34 -0.33 -2.10
C HIS A 6 31.33 -0.97 -1.12
N HIS A 7 32.63 -0.82 -1.43
CA HIS A 7 33.68 -1.39 -0.57
C HIS A 7 34.90 -0.47 -0.56
N HIS A 8 35.04 0.30 0.52
CA HIS A 8 36.17 1.21 0.65
C HIS A 8 36.64 1.29 2.11
N HIS A 9 35.83 1.89 2.96
CA HIS A 9 36.15 2.02 4.37
C HIS A 9 34.91 2.38 5.19
N HIS A 10 33.87 1.57 5.02
CA HIS A 10 32.62 1.80 5.75
C HIS A 10 32.01 0.48 6.20
N THR A 11 32.23 0.12 7.46
CA THR A 11 31.70 -1.12 8.01
C THR A 11 30.18 -1.06 8.12
N ASP A 12 29.50 -2.00 7.48
CA ASP A 12 28.05 -2.06 7.51
C ASP A 12 27.55 -3.14 8.47
N PRO A 13 27.20 -2.74 9.71
CA PRO A 13 26.69 -3.68 10.71
C PRO A 13 25.29 -4.17 10.40
N MET A 14 24.70 -3.68 9.28
CA MET A 14 23.35 -4.08 8.93
C MET A 14 22.43 -3.77 10.10
N SER A 15 22.70 -2.65 10.76
CA SER A 15 21.93 -2.25 11.93
C SER A 15 21.93 -3.42 12.93
N ALA A 16 22.99 -4.20 12.89
CA ALA A 16 23.13 -5.36 13.74
C ALA A 16 22.03 -6.37 13.43
N ILE A 17 21.66 -6.43 12.15
CA ILE A 17 20.63 -7.33 11.67
C ILE A 17 21.13 -8.77 11.65
N GLN A 18 20.51 -9.63 12.46
CA GLN A 18 20.88 -11.02 12.55
C GLN A 18 19.74 -11.93 12.11
N ASN A 19 19.86 -13.22 12.40
CA ASN A 19 18.83 -14.19 12.02
C ASN A 19 17.96 -14.55 13.23
N LEU A 20 17.73 -13.57 14.10
CA LEU A 20 16.93 -13.79 15.30
C LEU A 20 15.72 -12.86 15.32
N HIS A 21 15.92 -11.64 15.82
CA HIS A 21 14.84 -10.65 15.90
C HIS A 21 13.61 -11.22 16.59
N SER A 22 13.44 -10.89 17.86
CA SER A 22 12.30 -11.37 18.64
C SER A 22 12.47 -12.83 19.04
N PHE A 23 12.62 -13.70 18.03
CA PHE A 23 12.79 -15.13 18.28
C PHE A 23 13.81 -15.39 19.40
N ASP A 24 13.45 -16.28 20.31
CA ASP A 24 14.32 -16.62 21.43
C ASP A 24 15.19 -17.84 21.10
N PRO A 25 16.52 -17.71 21.21
CA PRO A 25 17.44 -18.83 20.92
C PRO A 25 17.17 -20.04 21.80
N PHE A 26 16.90 -19.80 23.08
CA PHE A 26 16.61 -20.88 24.02
C PHE A 26 15.28 -20.65 24.74
N ALA A 27 14.36 -19.97 24.06
CA ALA A 27 13.06 -19.68 24.64
C ALA A 27 13.18 -18.83 25.89
N ASP A 28 12.61 -17.62 25.84
CA ASP A 28 12.66 -16.71 26.99
C ASP A 28 11.60 -15.63 26.85
N ALA A 29 11.02 -15.24 27.98
CA ALA A 29 9.99 -14.21 27.99
C ALA A 29 10.55 -12.86 27.53
N SER A 30 10.06 -12.38 26.39
CA SER A 30 10.51 -11.10 25.85
C SER A 30 9.33 -10.18 25.57
N LYS A 31 8.58 -9.88 26.61
CA LYS A 31 7.41 -8.99 26.48
C LYS A 31 7.48 -7.86 27.49
N GLY A 32 7.99 -6.72 27.05
CA GLY A 32 8.10 -5.57 27.93
C GLY A 32 7.64 -4.27 27.26
N ASP A 33 6.57 -4.36 26.50
CA ASP A 33 6.03 -3.20 25.80
C ASP A 33 7.07 -2.59 24.86
N ASP A 34 7.59 -3.40 23.96
CA ASP A 34 8.59 -2.95 23.01
C ASP A 34 8.42 -3.65 21.66
N LEU A 35 7.17 -3.86 21.27
CA LEU A 35 6.87 -4.53 20.01
C LEU A 35 6.26 -3.54 19.01
N LEU A 36 7.06 -2.59 18.56
CA LEU A 36 6.59 -1.58 17.61
C LEU A 36 7.16 -1.85 16.22
N PRO A 37 6.43 -1.47 15.16
CA PRO A 37 6.86 -1.67 13.78
C PRO A 37 8.25 -1.11 13.52
N ALA A 38 8.98 -1.73 12.60
CA ALA A 38 10.33 -1.28 12.26
C ALA A 38 10.74 -1.80 10.89
N GLY A 39 10.32 -1.10 9.85
CA GLY A 39 10.66 -1.50 8.49
C GLY A 39 9.43 -1.78 7.64
N THR A 40 8.48 -0.86 7.67
CA THR A 40 7.25 -1.01 6.90
C THR A 40 7.25 -0.10 5.68
N GLU A 41 7.96 1.02 5.78
CA GLU A 41 8.05 1.98 4.67
C GLU A 41 6.70 2.63 4.38
N ASP A 42 5.72 2.39 5.26
CA ASP A 42 4.38 2.96 5.08
C ASP A 42 3.82 2.58 3.71
N TYR A 43 3.65 1.28 3.49
CA TYR A 43 3.13 0.79 2.22
C TYR A 43 1.76 1.39 1.92
N ILE A 44 1.36 1.31 0.66
CA ILE A 44 0.07 1.84 0.22
C ILE A 44 -0.84 0.71 -0.24
N HIS A 45 -1.79 0.34 0.62
CA HIS A 45 -2.72 -0.74 0.34
C HIS A 45 -3.78 -0.32 -0.69
N ILE A 46 -3.94 -1.16 -1.71
CA ILE A 46 -4.93 -0.91 -2.76
C ILE A 46 -6.26 -1.60 -2.39
N ARG A 47 -6.52 -2.79 -2.94
CA ARG A 47 -7.74 -3.55 -2.64
C ARG A 47 -8.91 -3.14 -3.53
N ILE A 48 -9.61 -4.15 -4.04
CA ILE A 48 -10.78 -3.94 -4.89
C ILE A 48 -12.05 -4.44 -4.21
N GLN A 49 -13.18 -3.90 -4.60
CA GLN A 49 -14.47 -4.29 -4.03
C GLN A 49 -15.53 -4.40 -5.12
N GLN A 50 -15.71 -5.61 -5.64
CA GLN A 50 -16.69 -5.85 -6.70
C GLN A 50 -18.02 -6.30 -6.13
N ARG A 51 -19.05 -5.48 -6.35
CA ARG A 51 -20.39 -5.81 -5.86
C ARG A 51 -21.21 -6.49 -6.95
N ASN A 52 -21.74 -7.66 -6.64
CA ASN A 52 -22.53 -8.42 -7.60
C ASN A 52 -21.67 -8.89 -8.77
N GLY A 53 -20.36 -8.96 -8.54
CA GLY A 53 -19.45 -9.40 -9.58
C GLY A 53 -19.42 -8.45 -10.76
N ARG A 54 -19.37 -7.16 -10.49
CA ARG A 54 -19.33 -6.16 -11.55
C ARG A 54 -18.98 -4.78 -11.01
N LYS A 55 -19.62 -4.40 -9.90
CA LYS A 55 -19.37 -3.10 -9.29
C LYS A 55 -17.99 -3.07 -8.65
N THR A 56 -16.96 -3.16 -9.48
CA THR A 56 -15.58 -3.15 -9.00
C THR A 56 -15.16 -1.75 -8.57
N LEU A 57 -14.51 -1.66 -7.42
CA LEU A 57 -14.04 -0.39 -6.90
C LEU A 57 -12.69 -0.54 -6.22
N THR A 58 -11.65 0.02 -6.83
CA THR A 58 -10.30 -0.06 -6.29
C THR A 58 -10.01 1.11 -5.36
N THR A 59 -9.74 0.80 -4.09
CA THR A 59 -9.45 1.83 -3.11
C THR A 59 -7.96 1.96 -2.86
N VAL A 60 -7.55 3.10 -2.28
CA VAL A 60 -6.15 3.35 -1.99
C VAL A 60 -5.98 3.80 -0.53
N GLN A 61 -5.24 3.01 0.24
CA GLN A 61 -4.99 3.31 1.64
C GLN A 61 -3.50 3.55 1.87
N GLY A 62 -3.18 4.50 2.74
CA GLY A 62 -1.80 4.81 3.03
C GLY A 62 -1.40 6.19 2.54
N ILE A 63 -2.06 6.63 1.47
CA ILE A 63 -1.79 7.94 0.89
C ILE A 63 -2.01 9.04 1.92
N ALA A 64 -1.18 10.09 1.83
CA ALA A 64 -1.27 11.20 2.76
C ALA A 64 -2.37 12.18 2.36
N ASP A 65 -3.12 12.65 3.35
CA ASP A 65 -4.19 13.59 3.12
C ASP A 65 -3.65 14.92 2.60
N ASP A 66 -2.35 15.15 2.78
CA ASP A 66 -1.71 16.37 2.34
C ASP A 66 -1.65 16.42 0.81
N TYR A 67 -1.64 15.25 0.18
CA TYR A 67 -1.58 15.17 -1.27
C TYR A 67 -2.60 16.10 -1.93
N ASP A 68 -2.44 16.32 -3.22
CA ASP A 68 -3.34 17.18 -3.97
C ASP A 68 -4.60 16.41 -4.35
N LYS A 69 -5.44 16.10 -3.35
CA LYS A 69 -6.67 15.34 -3.56
C LYS A 69 -7.35 15.71 -4.88
N LYS A 70 -7.43 17.01 -5.16
CA LYS A 70 -8.05 17.48 -6.39
C LYS A 70 -7.37 16.87 -7.61
N LYS A 71 -6.05 17.03 -7.69
CA LYS A 71 -5.28 16.48 -8.81
C LYS A 71 -4.95 15.01 -8.59
N LEU A 72 -5.31 14.48 -7.42
CA LEU A 72 -5.04 13.08 -7.10
C LEU A 72 -5.95 12.16 -7.92
N VAL A 73 -7.25 12.25 -7.68
CA VAL A 73 -8.22 11.42 -8.38
C VAL A 73 -8.57 12.01 -9.75
N LYS A 74 -8.63 13.33 -9.83
CA LYS A 74 -8.95 14.02 -11.08
C LYS A 74 -8.05 13.53 -12.20
N ALA A 75 -6.76 13.41 -11.91
CA ALA A 75 -5.79 12.97 -12.90
C ALA A 75 -6.07 11.53 -13.33
N PHE A 76 -6.60 10.74 -12.41
CA PHE A 76 -6.93 9.34 -12.71
C PHE A 76 -7.93 9.25 -13.85
N LYS A 77 -8.93 10.13 -13.81
CA LYS A 77 -9.97 10.16 -14.85
C LYS A 77 -9.42 10.74 -16.15
N LYS A 78 -8.21 11.28 -16.11
CA LYS A 78 -7.58 11.86 -17.28
C LYS A 78 -6.51 10.94 -17.85
N LYS A 79 -6.04 10.00 -17.03
CA LYS A 79 -5.00 9.06 -17.45
C LYS A 79 -5.62 7.73 -17.89
N PHE A 80 -6.60 7.25 -17.12
CA PHE A 80 -7.24 5.98 -17.43
C PHE A 80 -8.70 6.19 -17.87
N ALA A 81 -9.24 7.37 -17.61
CA ALA A 81 -10.62 7.68 -17.96
C ALA A 81 -11.59 6.85 -17.13
N CYS A 82 -11.26 6.66 -15.86
CA CYS A 82 -12.09 5.88 -14.95
C CYS A 82 -12.76 6.79 -13.92
N ASN A 83 -13.72 6.24 -13.20
CA ASN A 83 -14.44 7.00 -12.18
C ASN A 83 -13.77 6.85 -10.82
N GLY A 84 -13.16 7.95 -10.35
CA GLY A 84 -12.48 7.91 -9.07
C GLY A 84 -13.12 8.86 -8.06
N THR A 85 -13.20 8.40 -6.81
CA THR A 85 -13.79 9.21 -5.74
C THR A 85 -12.94 9.14 -4.48
N VAL A 86 -13.24 10.01 -3.51
CA VAL A 86 -12.50 10.05 -2.27
C VAL A 86 -13.41 9.73 -1.07
N ILE A 87 -13.11 8.65 -0.37
CA ILE A 87 -13.91 8.25 0.79
C ILE A 87 -13.05 8.10 2.03
N GLU A 88 -13.64 8.38 3.19
CA GLU A 88 -12.93 8.28 4.45
C GLU A 88 -13.33 7.01 5.19
N HIS A 89 -12.84 5.87 4.71
CA HIS A 89 -13.14 4.59 5.31
C HIS A 89 -12.69 4.55 6.78
N PRO A 90 -13.52 3.97 7.67
CA PRO A 90 -13.18 3.87 9.09
C PRO A 90 -12.23 2.71 9.38
N GLU A 91 -12.18 1.76 8.46
CA GLU A 91 -11.30 0.60 8.60
C GLU A 91 -9.86 0.94 8.24
N TYR A 92 -9.69 1.97 7.42
CA TYR A 92 -8.36 2.40 6.99
C TYR A 92 -8.12 3.87 7.32
N GLY A 93 -9.07 4.72 6.93
CA GLY A 93 -8.94 6.14 7.21
C GLY A 93 -8.50 6.93 5.99
N GLU A 94 -9.44 7.67 5.41
CA GLU A 94 -9.14 8.48 4.23
C GLU A 94 -8.55 7.64 3.11
N VAL A 95 -9.41 7.00 2.33
CA VAL A 95 -8.97 6.16 1.23
C VAL A 95 -9.76 6.47 -0.04
N ILE A 96 -9.04 6.66 -1.15
CA ILE A 96 -9.67 6.97 -2.42
C ILE A 96 -10.41 5.74 -2.95
N GLN A 97 -11.38 5.96 -3.82
CA GLN A 97 -12.16 4.86 -4.38
C GLN A 97 -12.29 4.97 -5.89
N LEU A 98 -11.55 4.13 -6.61
CA LEU A 98 -11.59 4.12 -8.06
C LEU A 98 -12.64 3.13 -8.55
N GLN A 99 -13.12 3.34 -9.77
CA GLN A 99 -14.12 2.45 -10.36
C GLN A 99 -13.47 1.40 -11.24
N GLY A 100 -14.00 0.19 -11.19
CA GLY A 100 -13.45 -0.90 -11.99
C GLY A 100 -12.22 -1.50 -11.36
N ASP A 101 -11.69 -2.56 -11.96
CA ASP A 101 -10.50 -3.22 -11.44
C ASP A 101 -9.25 -2.42 -11.80
N GLN A 102 -8.90 -1.47 -10.95
CA GLN A 102 -7.73 -0.63 -11.17
C GLN A 102 -6.56 -1.08 -10.29
N ARG A 103 -6.68 -2.27 -9.70
CA ARG A 103 -5.64 -2.80 -8.84
C ARG A 103 -4.28 -2.77 -9.53
N LYS A 104 -4.31 -2.80 -10.86
CA LYS A 104 -3.09 -2.77 -11.64
C LYS A 104 -2.85 -1.40 -12.25
N ASN A 105 -3.92 -0.60 -12.35
CA ASN A 105 -3.81 0.75 -12.92
C ASN A 105 -3.46 1.77 -11.84
N ILE A 106 -3.96 1.55 -10.63
CA ILE A 106 -3.69 2.47 -9.52
C ILE A 106 -2.22 2.49 -9.16
N CYS A 107 -1.63 1.30 -8.96
CA CYS A 107 -0.21 1.21 -8.64
C CYS A 107 0.60 1.98 -9.68
N GLN A 108 0.10 1.96 -10.90
CA GLN A 108 0.74 2.67 -12.01
C GLN A 108 0.62 4.17 -11.80
N PHE A 109 -0.60 4.59 -11.48
CA PHE A 109 -0.89 6.01 -11.26
C PHE A 109 -0.05 6.57 -10.13
N LEU A 110 -0.06 5.88 -9.00
CA LEU A 110 0.72 6.32 -7.83
C LEU A 110 2.19 6.49 -8.19
N VAL A 111 2.65 5.71 -9.16
CA VAL A 111 4.04 5.79 -9.58
C VAL A 111 4.21 6.72 -10.78
N GLU A 112 3.13 6.91 -11.54
CA GLU A 112 3.16 7.78 -12.71
C GLU A 112 3.07 9.24 -12.30
N ILE A 113 2.20 9.55 -11.34
CA ILE A 113 2.03 10.92 -10.87
C ILE A 113 2.99 11.25 -9.74
N GLY A 114 3.47 10.21 -9.07
CA GLY A 114 4.39 10.41 -7.96
C GLY A 114 3.66 10.48 -6.63
N LEU A 115 2.59 9.69 -6.51
CA LEU A 115 1.80 9.66 -5.30
C LEU A 115 2.40 8.71 -4.26
N ALA A 116 2.31 7.41 -4.54
CA ALA A 116 2.87 6.41 -3.64
C ALA A 116 4.31 6.09 -4.01
N LYS A 117 4.83 4.98 -3.50
CA LYS A 117 6.19 4.56 -3.79
C LYS A 117 6.22 3.13 -4.31
N ASP A 118 7.22 2.82 -5.12
CA ASP A 118 7.35 1.48 -5.68
C ASP A 118 7.47 0.43 -4.58
N ASP A 119 8.02 0.85 -3.44
CA ASP A 119 8.17 -0.04 -2.30
C ASP A 119 6.87 -0.14 -1.52
N GLN A 120 6.07 0.92 -1.58
CA GLN A 120 4.78 0.94 -0.89
C GLN A 120 3.69 0.26 -1.72
N LEU A 121 4.03 -0.12 -2.95
CA LEU A 121 3.09 -0.77 -3.84
C LEU A 121 2.45 -1.98 -3.16
N LYS A 122 1.31 -1.77 -2.52
CA LYS A 122 0.59 -2.83 -1.84
C LYS A 122 -0.76 -3.09 -2.49
N VAL A 123 -0.75 -3.89 -3.56
CA VAL A 123 -1.99 -4.20 -4.27
C VAL A 123 -2.56 -5.54 -3.82
N HIS A 124 -3.83 -5.53 -3.40
CA HIS A 124 -4.49 -6.75 -2.95
C HIS A 124 -5.82 -6.95 -3.66
N GLY A 125 -5.75 -7.42 -4.90
CA GLY A 125 -6.96 -7.67 -5.66
C GLY A 125 -7.89 -8.66 -4.99
N PHE A 126 -9.11 -8.23 -4.69
CA PHE A 126 -10.10 -9.07 -4.04
C PHE A 126 -10.14 -10.48 -4.66
N MET A 1 -16.00 -17.37 -13.30
CA MET A 1 -16.07 -16.44 -14.46
C MET A 1 -14.76 -16.43 -15.24
N ARG A 2 -14.35 -17.59 -15.72
CA ARG A 2 -13.11 -17.72 -16.48
C ARG A 2 -13.38 -18.28 -17.87
N GLY A 3 -13.40 -17.39 -18.86
CA GLY A 3 -13.66 -17.82 -20.22
C GLY A 3 -12.48 -18.57 -20.82
N SER A 4 -12.41 -18.60 -22.15
CA SER A 4 -11.32 -19.29 -22.84
C SER A 4 -10.02 -18.50 -22.75
N HIS A 5 -10.01 -17.31 -23.35
CA HIS A 5 -8.83 -16.46 -23.34
C HIS A 5 -7.67 -17.13 -24.06
N HIS A 6 -7.13 -16.44 -25.06
CA HIS A 6 -6.02 -16.97 -25.84
C HIS A 6 -5.49 -15.92 -26.82
N HIS A 7 -4.33 -15.34 -26.49
CA HIS A 7 -3.71 -14.33 -27.33
C HIS A 7 -2.20 -14.26 -27.09
N HIS A 8 -1.62 -15.36 -26.64
CA HIS A 8 -0.19 -15.41 -26.37
C HIS A 8 0.60 -15.79 -27.61
N HIS A 9 1.28 -14.82 -28.19
CA HIS A 9 2.07 -15.05 -29.40
C HIS A 9 3.51 -14.58 -29.20
N HIS A 10 3.67 -13.35 -28.73
CA HIS A 10 5.00 -12.79 -28.50
C HIS A 10 5.42 -12.97 -27.04
N THR A 11 4.46 -12.85 -26.14
CA THR A 11 4.73 -13.00 -24.71
C THR A 11 4.10 -14.28 -24.17
N ASP A 12 4.94 -15.16 -23.63
CA ASP A 12 4.46 -16.42 -23.08
C ASP A 12 5.16 -16.74 -21.76
N PRO A 13 4.48 -17.44 -20.85
CA PRO A 13 5.05 -17.81 -19.54
C PRO A 13 6.37 -18.54 -19.67
N MET A 14 6.52 -19.32 -20.74
CA MET A 14 7.74 -20.06 -20.99
C MET A 14 8.84 -19.16 -21.55
N SER A 15 8.43 -18.14 -22.29
CA SER A 15 9.37 -17.20 -22.88
C SER A 15 10.23 -16.54 -21.81
N ALA A 16 9.64 -16.26 -20.66
CA ALA A 16 10.34 -15.63 -19.56
C ALA A 16 10.07 -16.35 -18.25
N ILE A 17 10.90 -17.33 -17.92
CA ILE A 17 10.74 -18.09 -16.69
C ILE A 17 11.74 -17.63 -15.63
N GLN A 18 11.22 -17.03 -14.55
CA GLN A 18 12.07 -16.55 -13.47
C GLN A 18 11.34 -16.65 -12.13
N ASN A 19 10.97 -17.87 -11.76
CA ASN A 19 10.26 -18.11 -10.51
C ASN A 19 11.24 -18.51 -9.40
N LEU A 20 12.45 -18.90 -9.79
CA LEU A 20 13.46 -19.32 -8.83
C LEU A 20 13.64 -18.28 -7.72
N HIS A 21 13.76 -17.02 -8.12
CA HIS A 21 13.94 -15.93 -7.16
C HIS A 21 12.62 -15.57 -6.51
N SER A 22 12.64 -15.45 -5.18
CA SER A 22 11.43 -15.10 -4.43
C SER A 22 11.75 -14.94 -2.94
N PHE A 23 12.27 -13.78 -2.57
CA PHE A 23 12.62 -13.51 -1.19
C PHE A 23 11.36 -13.32 -0.34
N ASP A 24 11.31 -14.03 0.79
CA ASP A 24 10.16 -13.94 1.69
C ASP A 24 9.96 -12.51 2.19
N PRO A 25 8.71 -12.15 2.54
CA PRO A 25 8.40 -10.81 3.03
C PRO A 25 9.28 -10.40 4.21
N PHE A 26 9.77 -11.39 4.95
CA PHE A 26 10.64 -11.13 6.09
C PHE A 26 12.06 -11.59 5.80
N ALA A 27 12.46 -11.50 4.54
CA ALA A 27 13.81 -11.91 4.13
C ALA A 27 14.71 -10.70 3.96
N ASP A 28 15.04 -10.04 5.06
CA ASP A 28 15.90 -8.86 5.02
C ASP A 28 16.74 -8.77 6.29
N ALA A 29 16.13 -9.03 7.44
CA ALA A 29 16.83 -8.97 8.72
C ALA A 29 18.16 -9.71 8.66
N SER A 30 19.25 -8.96 8.76
CA SER A 30 20.59 -9.54 8.72
C SER A 30 21.04 -9.98 10.11
N LYS A 31 22.33 -10.31 10.23
CA LYS A 31 22.88 -10.75 11.51
C LYS A 31 22.98 -9.58 12.48
N GLY A 32 23.88 -8.64 12.18
CA GLY A 32 24.06 -7.48 13.03
C GLY A 32 23.26 -6.29 12.57
N ASP A 33 21.94 -6.43 12.57
CA ASP A 33 21.06 -5.34 12.15
C ASP A 33 19.71 -5.43 12.86
N ASP A 34 19.76 -5.70 14.16
CA ASP A 34 18.54 -5.82 14.96
C ASP A 34 17.86 -4.46 15.11
N LEU A 35 17.25 -3.99 14.02
CA LEU A 35 16.57 -2.70 14.03
C LEU A 35 15.06 -2.89 13.91
N LEU A 36 14.42 -3.26 15.02
CA LEU A 36 12.98 -3.48 15.05
C LEU A 36 12.59 -4.63 14.13
N PRO A 37 11.93 -5.67 14.67
CA PRO A 37 11.50 -6.83 13.88
C PRO A 37 10.68 -6.43 12.66
N ALA A 38 11.37 -6.16 11.55
CA ALA A 38 10.70 -5.76 10.32
C ALA A 38 9.95 -4.44 10.49
N GLY A 39 10.21 -3.51 9.59
CA GLY A 39 9.55 -2.21 9.66
C GLY A 39 8.21 -2.20 8.97
N THR A 40 8.08 -1.41 7.91
CA THR A 40 6.83 -1.32 7.17
C THR A 40 7.01 -0.50 5.89
N GLU A 41 7.82 0.55 5.97
CA GLU A 41 8.08 1.42 4.82
C GLU A 41 6.83 2.19 4.41
N ASP A 42 5.81 2.17 5.27
CA ASP A 42 4.56 2.87 4.99
C ASP A 42 4.01 2.51 3.61
N TYR A 43 3.73 1.22 3.43
CA TYR A 43 3.20 0.72 2.17
C TYR A 43 1.87 1.38 1.83
N ILE A 44 1.49 1.32 0.56
CA ILE A 44 0.24 1.90 0.10
C ILE A 44 -0.74 0.79 -0.30
N HIS A 45 -1.56 0.38 0.65
CA HIS A 45 -2.53 -0.68 0.45
C HIS A 45 -3.63 -0.28 -0.55
N ILE A 46 -3.65 -0.94 -1.69
CA ILE A 46 -4.66 -0.68 -2.72
C ILE A 46 -5.99 -1.35 -2.32
N ARG A 47 -6.26 -2.55 -2.85
CA ARG A 47 -7.48 -3.29 -2.53
C ARG A 47 -8.65 -2.89 -3.41
N ILE A 48 -9.37 -3.90 -3.90
CA ILE A 48 -10.54 -3.70 -4.74
C ILE A 48 -11.80 -4.14 -4.03
N GLN A 49 -12.94 -3.56 -4.40
CA GLN A 49 -14.21 -3.92 -3.78
C GLN A 49 -15.32 -4.05 -4.83
N GLN A 50 -15.67 -5.28 -5.15
CA GLN A 50 -16.72 -5.55 -6.13
C GLN A 50 -17.99 -6.02 -5.44
N ARG A 51 -18.95 -5.11 -5.29
CA ARG A 51 -20.22 -5.42 -4.62
C ARG A 51 -20.89 -6.63 -5.25
N ASN A 52 -21.58 -6.41 -6.37
CA ASN A 52 -22.27 -7.50 -7.06
C ASN A 52 -21.39 -8.13 -8.14
N GLY A 53 -20.13 -8.38 -7.79
CA GLY A 53 -19.22 -8.98 -8.73
C GLY A 53 -19.08 -8.16 -9.99
N ARG A 54 -19.36 -6.87 -9.90
CA ARG A 54 -19.27 -5.98 -11.04
C ARG A 54 -18.92 -4.56 -10.62
N LYS A 55 -19.61 -4.08 -9.58
CA LYS A 55 -19.36 -2.74 -9.06
C LYS A 55 -18.02 -2.68 -8.35
N THR A 56 -16.95 -2.85 -9.11
CA THR A 56 -15.60 -2.82 -8.56
C THR A 56 -15.18 -1.40 -8.18
N LEU A 57 -14.51 -1.27 -7.05
CA LEU A 57 -14.05 0.03 -6.58
C LEU A 57 -12.68 -0.08 -5.92
N THR A 58 -11.63 0.23 -6.68
CA THR A 58 -10.27 0.15 -6.17
C THR A 58 -9.99 1.28 -5.18
N THR A 59 -9.69 0.92 -3.94
CA THR A 59 -9.39 1.92 -2.92
C THR A 59 -7.89 2.07 -2.74
N VAL A 60 -7.47 3.25 -2.31
CA VAL A 60 -6.05 3.54 -2.10
C VAL A 60 -5.79 3.93 -0.66
N GLN A 61 -4.99 3.13 0.03
CA GLN A 61 -4.64 3.38 1.42
C GLN A 61 -3.15 3.66 1.56
N GLY A 62 -2.80 4.43 2.59
CA GLY A 62 -1.41 4.76 2.82
C GLY A 62 -1.08 6.16 2.37
N ILE A 63 -1.79 6.62 1.35
CA ILE A 63 -1.57 7.95 0.79
C ILE A 63 -1.84 9.02 1.84
N ALA A 64 -1.13 10.14 1.74
CA ALA A 64 -1.28 11.24 2.69
C ALA A 64 -2.36 12.20 2.24
N ASP A 65 -3.23 12.58 3.18
CA ASP A 65 -4.31 13.51 2.89
C ASP A 65 -3.75 14.84 2.37
N ASP A 66 -2.49 15.11 2.68
CA ASP A 66 -1.83 16.33 2.24
C ASP A 66 -1.82 16.40 0.72
N TYR A 67 -1.82 15.24 0.08
CA TYR A 67 -1.81 15.17 -1.38
C TYR A 67 -2.94 16.00 -1.98
N ASP A 68 -3.07 15.96 -3.29
CA ASP A 68 -4.11 16.70 -3.98
C ASP A 68 -5.31 15.80 -4.24
N LYS A 69 -6.14 15.61 -3.21
CA LYS A 69 -7.32 14.75 -3.29
C LYS A 69 -8.01 14.88 -4.64
N LYS A 70 -8.40 16.10 -5.00
CA LYS A 70 -9.07 16.34 -6.27
C LYS A 70 -8.18 15.98 -7.45
N LYS A 71 -6.94 16.45 -7.41
CA LYS A 71 -5.99 16.18 -8.48
C LYS A 71 -5.72 14.69 -8.64
N LEU A 72 -5.65 13.97 -7.52
CA LEU A 72 -5.40 12.53 -7.55
C LEU A 72 -6.46 11.83 -8.39
N VAL A 73 -7.72 12.05 -8.06
CA VAL A 73 -8.82 11.45 -8.78
C VAL A 73 -9.00 12.13 -10.13
N LYS A 74 -8.95 13.46 -10.12
CA LYS A 74 -9.09 14.24 -11.35
C LYS A 74 -8.06 13.80 -12.36
N ALA A 75 -6.82 13.64 -11.91
CA ALA A 75 -5.73 13.20 -12.77
C ALA A 75 -5.97 11.76 -13.22
N PHE A 76 -6.33 10.90 -12.28
CA PHE A 76 -6.60 9.50 -12.61
C PHE A 76 -7.54 9.38 -13.79
N LYS A 77 -8.71 10.02 -13.67
CA LYS A 77 -9.72 10.00 -14.72
C LYS A 77 -9.17 10.60 -16.02
N LYS A 78 -8.09 11.37 -15.91
CA LYS A 78 -7.50 12.00 -17.09
C LYS A 78 -6.40 11.12 -17.70
N LYS A 79 -5.90 10.18 -16.92
CA LYS A 79 -4.84 9.29 -17.38
C LYS A 79 -5.39 7.96 -17.92
N PHE A 80 -6.44 7.46 -17.28
CA PHE A 80 -7.03 6.19 -17.70
C PHE A 80 -8.49 6.35 -18.12
N ALA A 81 -9.10 7.48 -17.80
CA ALA A 81 -10.49 7.72 -18.14
C ALA A 81 -11.42 6.91 -17.24
N CYS A 82 -10.95 6.63 -16.03
CA CYS A 82 -11.71 5.85 -15.07
C CYS A 82 -12.56 6.78 -14.20
N ASN A 83 -13.17 6.21 -13.15
CA ASN A 83 -14.00 6.99 -12.25
C ASN A 83 -13.40 7.03 -10.85
N GLY A 84 -12.98 8.22 -10.44
CA GLY A 84 -12.38 8.37 -9.11
C GLY A 84 -13.33 9.03 -8.13
N THR A 85 -13.34 8.54 -6.91
CA THR A 85 -14.20 9.09 -5.86
C THR A 85 -13.58 8.93 -4.49
N VAL A 86 -13.40 10.06 -3.80
CA VAL A 86 -12.81 10.04 -2.47
C VAL A 86 -13.83 9.62 -1.42
N ILE A 87 -13.36 8.89 -0.40
CA ILE A 87 -14.23 8.42 0.67
C ILE A 87 -13.44 8.14 1.93
N GLU A 88 -14.12 8.15 3.07
CA GLU A 88 -13.48 7.88 4.35
C GLU A 88 -13.86 6.49 4.84
N HIS A 89 -13.22 5.48 4.25
CA HIS A 89 -13.49 4.09 4.62
C HIS A 89 -13.27 3.85 6.11
N PRO A 90 -14.24 3.18 6.77
CA PRO A 90 -14.15 2.89 8.20
C PRO A 90 -13.22 1.71 8.49
N GLU A 91 -12.87 0.98 7.44
CA GLU A 91 -11.98 -0.18 7.57
C GLU A 91 -10.52 0.26 7.54
N TYR A 92 -10.26 1.42 6.93
CA TYR A 92 -8.91 1.95 6.82
C TYR A 92 -8.85 3.39 7.32
N GLY A 93 -9.68 4.25 6.76
CA GLY A 93 -9.70 5.63 7.16
C GLY A 93 -9.03 6.55 6.16
N GLU A 94 -9.83 7.33 5.45
CA GLU A 94 -9.31 8.27 4.45
C GLU A 94 -8.60 7.52 3.32
N VAL A 95 -9.36 7.15 2.29
CA VAL A 95 -8.81 6.44 1.14
C VAL A 95 -9.54 6.84 -0.13
N ILE A 96 -8.84 6.83 -1.26
CA ILE A 96 -9.46 7.20 -2.52
C ILE A 96 -10.15 6.00 -3.14
N GLN A 97 -11.40 6.20 -3.55
CA GLN A 97 -12.20 5.14 -4.14
C GLN A 97 -12.26 5.25 -5.66
N LEU A 98 -11.55 4.36 -6.34
CA LEU A 98 -11.54 4.34 -7.80
C LEU A 98 -12.66 3.42 -8.30
N GLN A 99 -12.97 3.52 -9.59
CA GLN A 99 -14.03 2.70 -10.17
C GLN A 99 -13.44 1.57 -11.01
N GLY A 100 -14.04 0.38 -10.90
CA GLY A 100 -13.56 -0.76 -11.65
C GLY A 100 -12.27 -1.31 -11.10
N ASP A 101 -11.75 -2.36 -11.73
CA ASP A 101 -10.51 -2.99 -11.28
C ASP A 101 -9.31 -2.17 -11.73
N GLN A 102 -8.91 -1.21 -10.92
CA GLN A 102 -7.78 -0.34 -11.21
C GLN A 102 -6.56 -0.73 -10.38
N ARG A 103 -6.68 -1.82 -9.62
CA ARG A 103 -5.58 -2.29 -8.77
C ARG A 103 -4.27 -2.34 -9.55
N LYS A 104 -4.37 -2.53 -10.87
CA LYS A 104 -3.19 -2.60 -11.72
C LYS A 104 -2.86 -1.23 -12.32
N ASN A 105 -3.87 -0.36 -12.40
CA ASN A 105 -3.67 0.97 -12.96
C ASN A 105 -3.28 1.96 -11.88
N ILE A 106 -3.82 1.78 -10.67
CA ILE A 106 -3.52 2.67 -9.57
C ILE A 106 -2.04 2.59 -9.18
N CYS A 107 -1.55 1.37 -8.96
CA CYS A 107 -0.15 1.17 -8.62
C CYS A 107 0.72 1.82 -9.69
N GLN A 108 0.22 1.75 -10.92
CA GLN A 108 0.89 2.33 -12.06
C GLN A 108 0.75 3.86 -12.02
N PHE A 109 -0.40 4.32 -11.53
CA PHE A 109 -0.66 5.74 -11.42
C PHE A 109 0.17 6.36 -10.30
N LEU A 110 0.16 5.70 -9.15
CA LEU A 110 0.91 6.17 -7.98
C LEU A 110 2.39 6.32 -8.33
N VAL A 111 2.85 5.50 -9.26
CA VAL A 111 4.25 5.54 -9.68
C VAL A 111 4.44 6.48 -10.87
N GLU A 112 3.40 6.63 -11.68
CA GLU A 112 3.45 7.49 -12.85
C GLU A 112 3.43 8.96 -12.45
N ILE A 113 2.54 9.30 -11.53
CA ILE A 113 2.40 10.67 -11.06
C ILE A 113 3.39 10.98 -9.92
N GLY A 114 3.82 9.93 -9.22
CA GLY A 114 4.74 10.11 -8.12
C GLY A 114 4.01 10.21 -6.79
N LEU A 115 2.90 9.50 -6.70
CA LEU A 115 2.09 9.51 -5.48
C LEU A 115 2.68 8.57 -4.42
N ALA A 116 2.64 7.27 -4.71
CA ALA A 116 3.19 6.28 -3.79
C ALA A 116 4.62 5.93 -4.17
N LYS A 117 5.13 4.84 -3.62
CA LYS A 117 6.49 4.39 -3.91
C LYS A 117 6.49 2.93 -4.32
N ASP A 118 7.39 2.58 -5.24
CA ASP A 118 7.50 1.22 -5.73
C ASP A 118 7.62 0.23 -4.58
N ASP A 119 8.17 0.70 -3.46
CA ASP A 119 8.34 -0.14 -2.27
C ASP A 119 7.03 -0.23 -1.50
N GLN A 120 6.20 0.80 -1.64
CA GLN A 120 4.91 0.83 -0.94
C GLN A 120 3.81 0.18 -1.78
N LEU A 121 4.16 -0.24 -3.00
CA LEU A 121 3.19 -0.88 -3.90
C LEU A 121 2.53 -2.07 -3.22
N LYS A 122 1.40 -1.81 -2.56
CA LYS A 122 0.67 -2.86 -1.88
C LYS A 122 -0.67 -3.12 -2.56
N VAL A 123 -0.62 -3.87 -3.67
CA VAL A 123 -1.82 -4.19 -4.42
C VAL A 123 -2.44 -5.50 -3.97
N HIS A 124 -3.67 -5.44 -3.46
CA HIS A 124 -4.37 -6.63 -2.99
C HIS A 124 -5.72 -6.80 -3.68
N GLY A 125 -5.69 -7.35 -4.89
CA GLY A 125 -6.92 -7.57 -5.63
C GLY A 125 -7.85 -8.52 -4.90
N PHE A 126 -9.06 -8.05 -4.60
CA PHE A 126 -10.05 -8.87 -3.90
C PHE A 126 -10.17 -10.26 -4.53
N MET A 1 -20.94 -22.34 -10.24
CA MET A 1 -19.79 -22.86 -9.45
C MET A 1 -18.66 -23.33 -10.37
N ARG A 2 -18.89 -24.47 -11.03
CA ARG A 2 -17.89 -25.03 -11.94
C ARG A 2 -18.45 -26.23 -12.68
N GLY A 3 -18.99 -27.19 -11.92
CA GLY A 3 -19.55 -28.39 -12.53
C GLY A 3 -18.52 -29.48 -12.73
N SER A 4 -17.79 -29.80 -11.67
CA SER A 4 -16.76 -30.84 -11.74
C SER A 4 -17.37 -32.20 -12.01
N HIS A 5 -16.66 -33.03 -12.77
CA HIS A 5 -17.15 -34.36 -13.11
C HIS A 5 -16.71 -35.38 -12.06
N HIS A 6 -15.52 -35.18 -11.51
CA HIS A 6 -14.98 -36.07 -10.50
C HIS A 6 -13.84 -35.42 -9.73
N HIS A 7 -13.27 -36.15 -8.78
CA HIS A 7 -12.17 -35.63 -7.98
C HIS A 7 -10.88 -36.40 -8.26
N HIS A 8 -9.93 -35.73 -8.90
CA HIS A 8 -8.65 -36.36 -9.24
C HIS A 8 -7.84 -36.65 -7.97
N HIS A 9 -7.93 -35.75 -7.00
CA HIS A 9 -7.20 -35.91 -5.74
C HIS A 9 -7.99 -35.31 -4.58
N HIS A 10 -8.44 -36.17 -3.68
CA HIS A 10 -9.21 -35.72 -2.52
C HIS A 10 -8.49 -36.06 -1.23
N THR A 11 -8.39 -35.08 -0.32
CA THR A 11 -7.72 -35.28 0.96
C THR A 11 -8.03 -34.13 1.91
N ASP A 12 -7.46 -32.97 1.63
CA ASP A 12 -7.67 -31.79 2.47
C ASP A 12 -7.26 -30.52 1.73
N PRO A 13 -8.23 -29.79 1.16
CA PRO A 13 -7.96 -28.56 0.42
C PRO A 13 -7.77 -27.35 1.33
N MET A 14 -6.77 -27.43 2.20
CA MET A 14 -6.47 -26.36 3.14
C MET A 14 -7.71 -25.96 3.95
N SER A 15 -8.70 -26.84 3.96
CA SER A 15 -9.94 -26.62 4.70
C SER A 15 -10.34 -27.89 5.44
N ALA A 16 -9.39 -28.82 5.53
CA ALA A 16 -9.61 -30.09 6.20
C ALA A 16 -8.43 -30.42 7.11
N ILE A 17 -7.69 -29.38 7.50
CA ILE A 17 -6.52 -29.54 8.37
C ILE A 17 -6.94 -29.62 9.83
N GLN A 18 -6.25 -30.46 10.59
CA GLN A 18 -6.55 -30.64 12.00
C GLN A 18 -5.97 -29.48 12.82
N ASN A 19 -6.80 -28.91 13.69
CA ASN A 19 -6.38 -27.79 14.52
C ASN A 19 -6.80 -28.01 15.98
N LEU A 20 -5.85 -28.33 16.84
CA LEU A 20 -6.13 -28.56 18.24
C LEU A 20 -6.09 -27.25 19.02
N HIS A 21 -5.13 -26.39 18.70
CA HIS A 21 -4.98 -25.11 19.37
C HIS A 21 -4.21 -24.13 18.50
N SER A 22 -4.06 -22.90 18.99
CA SER A 22 -3.34 -21.87 18.25
C SER A 22 -2.02 -21.52 18.94
N PHE A 23 -0.98 -22.29 18.64
CA PHE A 23 0.33 -22.07 19.24
C PHE A 23 1.16 -21.14 18.37
N ASP A 24 1.73 -20.11 18.99
CA ASP A 24 2.56 -19.14 18.28
C ASP A 24 1.76 -18.45 17.18
N PRO A 25 0.91 -17.48 17.55
CA PRO A 25 0.08 -16.74 16.59
C PRO A 25 0.91 -16.12 15.47
N PHE A 26 2.17 -15.80 15.77
CA PHE A 26 3.06 -15.21 14.79
C PHE A 26 4.08 -16.24 14.28
N ALA A 27 4.58 -17.06 15.19
CA ALA A 27 5.54 -18.09 14.84
C ALA A 27 6.82 -17.47 14.27
N ASP A 28 7.65 -16.93 15.15
CA ASP A 28 8.90 -16.31 14.74
C ASP A 28 9.81 -17.32 14.04
N ALA A 29 10.25 -16.97 12.84
CA ALA A 29 11.13 -17.85 12.07
C ALA A 29 12.16 -17.04 11.28
N SER A 30 12.57 -15.91 11.84
CA SER A 30 13.55 -15.05 11.19
C SER A 30 14.05 -13.97 12.13
N LYS A 31 15.31 -14.06 12.54
CA LYS A 31 15.89 -13.09 13.45
C LYS A 31 17.38 -12.89 13.14
N GLY A 32 17.71 -11.74 12.57
CA GLY A 32 19.10 -11.45 12.24
C GLY A 32 19.52 -10.07 12.71
N ASP A 33 20.45 -9.47 11.98
CA ASP A 33 20.95 -8.14 12.32
C ASP A 33 21.20 -7.30 11.07
N ASP A 34 21.91 -7.88 10.11
CA ASP A 34 22.21 -7.20 8.86
C ASP A 34 20.94 -6.81 8.12
N LEU A 35 20.23 -7.81 7.62
CA LEU A 35 18.98 -7.58 6.89
C LEU A 35 17.86 -7.18 7.84
N LEU A 36 16.65 -7.02 7.29
CA LEU A 36 15.50 -6.64 8.09
C LEU A 36 14.53 -7.81 8.23
N PRO A 37 14.07 -8.09 9.47
CA PRO A 37 13.13 -9.19 9.73
C PRO A 37 11.83 -9.04 8.95
N ALA A 38 11.04 -8.03 9.31
CA ALA A 38 9.77 -7.77 8.64
C ALA A 38 9.10 -6.52 9.19
N GLY A 39 9.68 -5.36 8.88
CA GLY A 39 9.13 -4.11 9.36
C GLY A 39 7.79 -3.78 8.72
N THR A 40 7.77 -2.71 7.93
CA THR A 40 6.55 -2.29 7.25
C THR A 40 6.85 -1.30 6.13
N GLU A 41 7.76 -0.38 6.40
CA GLU A 41 8.14 0.63 5.41
C GLU A 41 6.95 1.52 5.03
N ASP A 42 5.90 1.48 5.84
CA ASP A 42 4.71 2.29 5.59
C ASP A 42 4.26 2.16 4.14
N TYR A 43 3.91 0.94 3.75
CA TYR A 43 3.46 0.67 2.39
C TYR A 43 2.13 1.36 2.10
N ILE A 44 1.66 1.24 0.87
CA ILE A 44 0.41 1.84 0.46
C ILE A 44 -0.59 0.76 0.04
N HIS A 45 -1.51 0.44 0.94
CA HIS A 45 -2.51 -0.59 0.69
C HIS A 45 -3.50 -0.16 -0.40
N ILE A 46 -3.67 -1.03 -1.39
CA ILE A 46 -4.60 -0.78 -2.48
C ILE A 46 -5.59 -1.92 -2.57
N ARG A 47 -6.82 -1.66 -2.14
CA ARG A 47 -7.85 -2.69 -2.14
C ARG A 47 -8.80 -2.56 -3.32
N ILE A 48 -9.57 -3.61 -3.54
CA ILE A 48 -10.55 -3.66 -4.61
C ILE A 48 -11.86 -4.25 -4.10
N GLN A 49 -13.00 -3.72 -4.57
CA GLN A 49 -14.29 -4.22 -4.12
C GLN A 49 -15.20 -4.53 -5.30
N GLN A 50 -15.15 -5.78 -5.76
CA GLN A 50 -15.96 -6.23 -6.89
C GLN A 50 -17.27 -6.85 -6.41
N ARG A 51 -18.33 -6.07 -6.43
CA ARG A 51 -19.65 -6.55 -6.00
C ARG A 51 -20.40 -7.17 -7.17
N ASN A 52 -21.06 -8.29 -6.91
CA ASN A 52 -21.83 -9.00 -7.94
C ASN A 52 -20.91 -9.46 -9.07
N GLY A 53 -19.63 -9.60 -8.76
CA GLY A 53 -18.67 -10.04 -9.76
C GLY A 53 -18.56 -9.08 -10.93
N ARG A 54 -18.55 -7.79 -10.63
CA ARG A 54 -18.45 -6.77 -11.67
C ARG A 54 -18.33 -5.37 -11.07
N LYS A 55 -19.12 -5.10 -10.05
CA LYS A 55 -19.10 -3.80 -9.38
C LYS A 55 -17.80 -3.62 -8.62
N THR A 56 -16.71 -3.44 -9.36
CA THR A 56 -15.40 -3.26 -8.77
C THR A 56 -15.13 -1.80 -8.45
N LEU A 57 -14.43 -1.56 -7.33
CA LEU A 57 -14.11 -0.21 -6.90
C LEU A 57 -12.77 -0.20 -6.17
N THR A 58 -11.68 -0.03 -6.93
CA THR A 58 -10.33 -0.02 -6.36
C THR A 58 -10.14 1.15 -5.40
N THR A 59 -9.70 0.84 -4.18
CA THR A 59 -9.46 1.87 -3.18
C THR A 59 -7.97 1.98 -2.86
N VAL A 60 -7.58 3.10 -2.28
CA VAL A 60 -6.18 3.33 -1.92
C VAL A 60 -6.05 3.81 -0.48
N GLN A 61 -5.23 3.11 0.29
CA GLN A 61 -5.01 3.45 1.69
C GLN A 61 -3.51 3.69 1.94
N GLY A 62 -3.21 4.65 2.81
CA GLY A 62 -1.83 4.96 3.13
C GLY A 62 -1.39 6.29 2.57
N ILE A 63 -2.04 6.70 1.47
CA ILE A 63 -1.72 7.97 0.83
C ILE A 63 -1.98 9.14 1.77
N ALA A 64 -1.16 10.18 1.64
CA ALA A 64 -1.28 11.36 2.49
C ALA A 64 -2.39 12.27 1.97
N ASP A 65 -3.09 12.92 2.89
CA ASP A 65 -4.17 13.84 2.53
C ASP A 65 -3.63 15.11 1.91
N ASP A 66 -2.31 15.29 1.96
CA ASP A 66 -1.68 16.48 1.40
C ASP A 66 -1.20 16.23 -0.02
N TYR A 67 -1.82 15.28 -0.71
CA TYR A 67 -1.45 14.96 -2.09
C TYR A 67 -2.23 15.80 -3.09
N ASP A 68 -2.67 16.98 -2.65
CA ASP A 68 -3.44 17.89 -3.51
C ASP A 68 -4.91 17.49 -3.60
N LYS A 69 -5.23 16.26 -3.18
CA LYS A 69 -6.60 15.77 -3.21
C LYS A 69 -7.13 15.72 -4.65
N LYS A 70 -7.53 16.87 -5.18
CA LYS A 70 -8.05 16.96 -6.54
C LYS A 70 -7.09 16.32 -7.55
N LYS A 71 -5.93 16.94 -7.73
CA LYS A 71 -4.93 16.43 -8.66
C LYS A 71 -4.69 14.93 -8.47
N LEU A 72 -4.93 14.45 -7.25
CA LEU A 72 -4.73 13.04 -6.93
C LEU A 72 -5.67 12.17 -7.76
N VAL A 73 -6.97 12.25 -7.48
CA VAL A 73 -7.96 11.45 -8.19
C VAL A 73 -8.35 12.10 -9.51
N LYS A 74 -8.49 13.42 -9.50
CA LYS A 74 -8.87 14.16 -10.71
C LYS A 74 -8.02 13.73 -11.90
N ALA A 75 -6.72 13.57 -11.67
CA ALA A 75 -5.80 13.16 -12.72
C ALA A 75 -6.15 11.76 -13.22
N PHE A 76 -6.70 10.94 -12.32
CA PHE A 76 -7.08 9.58 -12.67
C PHE A 76 -8.11 9.57 -13.80
N LYS A 77 -9.12 10.43 -13.66
CA LYS A 77 -10.18 10.53 -14.67
C LYS A 77 -9.65 11.18 -15.95
N LYS A 78 -8.44 11.71 -15.90
CA LYS A 78 -7.83 12.35 -17.06
C LYS A 78 -6.76 11.46 -17.68
N LYS A 79 -6.24 10.53 -16.90
CA LYS A 79 -5.20 9.61 -17.37
C LYS A 79 -5.80 8.30 -17.86
N PHE A 80 -6.84 7.82 -17.19
CA PHE A 80 -7.49 6.57 -17.55
C PHE A 80 -8.94 6.80 -18.01
N ALA A 81 -9.49 7.95 -17.67
CA ALA A 81 -10.87 8.28 -18.03
C ALA A 81 -11.86 7.48 -17.20
N CYS A 82 -11.47 7.20 -15.96
CA CYS A 82 -12.32 6.43 -15.06
C CYS A 82 -12.96 7.34 -14.01
N ASN A 83 -13.72 6.76 -13.10
CA ASN A 83 -14.37 7.52 -12.05
C ASN A 83 -13.68 7.27 -10.71
N GLY A 84 -13.09 8.31 -10.15
CA GLY A 84 -12.40 8.18 -8.88
C GLY A 84 -12.94 9.14 -7.83
N THR A 85 -13.22 8.60 -6.65
CA THR A 85 -13.75 9.43 -5.56
C THR A 85 -12.89 9.28 -4.30
N VAL A 86 -13.14 10.16 -3.33
CA VAL A 86 -12.40 10.15 -2.08
C VAL A 86 -13.34 9.88 -0.90
N ILE A 87 -13.24 8.69 -0.33
CA ILE A 87 -14.09 8.32 0.81
C ILE A 87 -13.26 8.09 2.07
N GLU A 88 -13.88 8.32 3.22
CA GLU A 88 -13.20 8.14 4.50
C GLU A 88 -13.64 6.83 5.15
N HIS A 89 -13.18 5.71 4.57
CA HIS A 89 -13.51 4.39 5.07
C HIS A 89 -13.13 4.26 6.55
N PRO A 90 -14.02 3.65 7.36
CA PRO A 90 -13.76 3.46 8.80
C PRO A 90 -12.83 2.28 9.05
N GLU A 91 -12.70 1.41 8.06
CA GLU A 91 -11.83 0.24 8.18
C GLU A 91 -10.38 0.60 7.91
N TYR A 92 -10.17 1.69 7.18
CA TYR A 92 -8.82 2.14 6.85
C TYR A 92 -8.59 3.57 7.31
N GLY A 93 -9.50 4.46 6.94
CA GLY A 93 -9.38 5.85 7.33
C GLY A 93 -8.87 6.73 6.20
N GLU A 94 -9.77 7.42 5.53
CA GLU A 94 -9.40 8.30 4.42
C GLU A 94 -8.75 7.50 3.29
N VAL A 95 -9.57 6.99 2.38
CA VAL A 95 -9.08 6.22 1.26
C VAL A 95 -9.86 6.55 -0.02
N ILE A 96 -9.13 6.68 -1.12
CA ILE A 96 -9.75 6.99 -2.41
C ILE A 96 -10.49 5.77 -2.94
N GLN A 97 -11.48 5.99 -3.79
CA GLN A 97 -12.25 4.90 -4.36
C GLN A 97 -12.41 5.04 -5.86
N LEU A 98 -11.65 4.25 -6.60
CA LEU A 98 -11.72 4.27 -8.06
C LEU A 98 -12.75 3.26 -8.54
N GLN A 99 -13.27 3.48 -9.74
CA GLN A 99 -14.28 2.58 -10.31
C GLN A 99 -13.62 1.45 -11.10
N GLY A 100 -14.26 0.28 -11.08
CA GLY A 100 -13.71 -0.86 -11.81
C GLY A 100 -12.39 -1.31 -11.23
N ASP A 101 -11.92 -2.47 -11.67
CA ASP A 101 -10.66 -3.02 -11.19
C ASP A 101 -9.49 -2.23 -11.77
N GLN A 102 -8.98 -1.28 -10.99
CA GLN A 102 -7.86 -0.45 -11.40
C GLN A 102 -6.57 -0.89 -10.71
N ARG A 103 -6.59 -2.08 -10.11
CA ARG A 103 -5.42 -2.60 -9.41
C ARG A 103 -4.15 -2.42 -10.23
N LYS A 104 -4.28 -2.47 -11.55
CA LYS A 104 -3.14 -2.30 -12.45
C LYS A 104 -3.01 -0.86 -12.90
N ASN A 105 -4.11 -0.11 -12.84
CA ASN A 105 -4.11 1.29 -13.25
C ASN A 105 -3.74 2.20 -12.08
N ILE A 106 -4.22 1.87 -10.89
CA ILE A 106 -3.94 2.66 -9.70
C ILE A 106 -2.46 2.56 -9.33
N CYS A 107 -1.95 1.32 -9.24
CA CYS A 107 -0.54 1.12 -8.94
C CYS A 107 0.29 1.81 -10.01
N GLN A 108 -0.25 1.80 -11.22
CA GLN A 108 0.38 2.43 -12.37
C GLN A 108 0.27 3.95 -12.24
N PHE A 109 -0.83 4.40 -11.64
CA PHE A 109 -1.07 5.82 -11.44
C PHE A 109 -0.16 6.36 -10.35
N LEU A 110 -0.07 5.61 -9.24
CA LEU A 110 0.76 6.00 -8.12
C LEU A 110 2.22 6.14 -8.55
N VAL A 111 2.61 5.38 -9.56
CA VAL A 111 3.98 5.44 -10.07
C VAL A 111 4.09 6.46 -11.20
N GLU A 112 3.02 6.63 -11.95
CA GLU A 112 3.00 7.57 -13.07
C GLU A 112 3.06 9.01 -12.56
N ILE A 113 2.26 9.30 -11.54
CA ILE A 113 2.22 10.63 -10.95
C ILE A 113 3.25 10.79 -9.84
N GLY A 114 3.76 9.68 -9.34
CA GLY A 114 4.74 9.71 -8.27
C GLY A 114 4.07 9.81 -6.91
N LEU A 115 2.89 9.21 -6.80
CA LEU A 115 2.14 9.23 -5.55
C LEU A 115 2.73 8.25 -4.54
N ALA A 116 2.54 6.96 -4.78
CA ALA A 116 3.06 5.93 -3.89
C ALA A 116 4.46 5.50 -4.32
N LYS A 117 4.95 4.42 -3.75
CA LYS A 117 6.28 3.91 -4.09
C LYS A 117 6.23 2.41 -4.34
N ASP A 118 7.11 1.93 -5.22
CA ASP A 118 7.16 0.51 -5.53
C ASP A 118 7.42 -0.31 -4.26
N ASP A 119 8.11 0.31 -3.31
CA ASP A 119 8.39 -0.34 -2.04
C ASP A 119 7.14 -0.35 -1.17
N GLN A 120 6.21 0.55 -1.50
CA GLN A 120 4.95 0.66 -0.77
C GLN A 120 3.80 0.02 -1.54
N LEU A 121 4.05 -0.28 -2.82
CA LEU A 121 3.03 -0.88 -3.67
C LEU A 121 2.40 -2.10 -3.01
N LYS A 122 1.31 -1.87 -2.30
CA LYS A 122 0.60 -2.95 -1.61
C LYS A 122 -0.79 -3.16 -2.20
N VAL A 123 -0.86 -3.94 -3.28
CA VAL A 123 -2.13 -4.20 -3.94
C VAL A 123 -2.82 -5.44 -3.37
N HIS A 124 -4.05 -5.25 -2.91
CA HIS A 124 -4.84 -6.36 -2.34
C HIS A 124 -6.24 -6.39 -2.94
N GLY A 125 -6.37 -7.03 -4.10
CA GLY A 125 -7.66 -7.13 -4.75
C GLY A 125 -8.60 -8.12 -4.08
N PHE A 126 -9.53 -7.60 -3.27
CA PHE A 126 -10.49 -8.42 -2.55
C PHE A 126 -9.91 -9.75 -2.10
N MET A 1 -8.40 -19.18 32.10
CA MET A 1 -8.52 -20.38 32.97
C MET A 1 -9.89 -21.05 32.79
N ARG A 2 -10.94 -20.32 33.12
CA ARG A 2 -12.30 -20.84 33.00
C ARG A 2 -13.13 -19.99 32.05
N GLY A 3 -12.97 -20.24 30.75
CA GLY A 3 -13.70 -19.49 29.76
C GLY A 3 -13.20 -19.73 28.35
N SER A 4 -13.98 -19.32 27.35
CA SER A 4 -13.60 -19.50 25.96
C SER A 4 -12.99 -18.22 25.39
N HIS A 5 -11.73 -18.31 24.97
CA HIS A 5 -11.03 -17.16 24.41
C HIS A 5 -10.17 -17.58 23.22
N HIS A 6 -9.32 -16.67 22.76
CA HIS A 6 -8.45 -16.94 21.63
C HIS A 6 -7.01 -17.17 22.10
N HIS A 7 -6.86 -17.91 23.19
CA HIS A 7 -5.54 -18.20 23.74
C HIS A 7 -4.80 -19.22 22.89
N HIS A 8 -5.39 -20.40 22.73
CA HIS A 8 -4.79 -21.46 21.94
C HIS A 8 -3.46 -21.91 22.55
N HIS A 9 -2.72 -22.74 21.82
CA HIS A 9 -1.44 -23.24 22.29
C HIS A 9 -0.52 -23.57 21.12
N HIS A 10 -0.77 -24.72 20.48
CA HIS A 10 0.04 -25.14 19.34
C HIS A 10 -0.26 -24.29 18.11
N THR A 11 0.53 -23.24 17.91
CA THR A 11 0.36 -22.36 16.77
C THR A 11 1.62 -22.30 15.91
N ASP A 12 2.61 -21.54 16.37
CA ASP A 12 3.87 -21.40 15.64
C ASP A 12 3.63 -20.91 14.21
N PRO A 13 3.01 -19.71 14.06
CA PRO A 13 2.72 -19.13 12.75
C PRO A 13 3.98 -18.67 12.04
N MET A 14 4.99 -18.28 12.81
CA MET A 14 6.25 -17.81 12.25
C MET A 14 7.29 -18.93 12.23
N SER A 15 6.83 -20.14 11.94
CA SER A 15 7.71 -21.30 11.89
C SER A 15 7.92 -21.77 10.45
N ALA A 16 6.93 -21.49 9.59
CA ALA A 16 6.99 -21.88 8.19
C ALA A 16 7.56 -20.75 7.33
N ILE A 17 8.59 -20.07 7.85
CA ILE A 17 9.22 -18.98 7.12
C ILE A 17 10.74 -19.01 7.30
N GLN A 18 11.43 -19.62 6.35
CA GLN A 18 12.88 -19.73 6.40
C GLN A 18 13.31 -20.56 7.61
N ASN A 19 14.13 -21.58 7.35
CA ASN A 19 14.62 -22.45 8.42
C ASN A 19 16.11 -22.72 8.26
N LEU A 20 16.91 -22.13 9.14
CA LEU A 20 18.35 -22.30 9.11
C LEU A 20 18.85 -22.90 10.42
N HIS A 21 19.38 -24.12 10.35
CA HIS A 21 19.89 -24.81 11.53
C HIS A 21 21.20 -24.17 12.00
N SER A 22 21.08 -23.12 12.80
CA SER A 22 22.26 -22.42 13.33
C SER A 22 21.95 -21.78 14.67
N PHE A 23 22.33 -22.46 15.75
CA PHE A 23 22.09 -21.94 17.10
C PHE A 23 23.23 -21.03 17.54
N ASP A 24 22.87 -19.88 18.10
CA ASP A 24 23.86 -18.92 18.58
C ASP A 24 24.77 -18.47 17.43
N PRO A 25 24.20 -17.75 16.45
CA PRO A 25 24.97 -17.26 15.30
C PRO A 25 26.12 -16.35 15.72
N PHE A 26 25.86 -15.45 16.65
CA PHE A 26 26.87 -14.52 17.14
C PHE A 26 27.22 -14.82 18.59
N ALA A 27 26.26 -15.36 19.34
CA ALA A 27 26.48 -15.68 20.75
C ALA A 27 26.77 -14.43 21.56
N ASP A 28 25.72 -13.77 22.02
CA ASP A 28 25.85 -12.56 22.83
C ASP A 28 24.50 -12.13 23.40
N ALA A 29 24.44 -10.89 23.88
CA ALA A 29 23.21 -10.37 24.47
C ALA A 29 22.03 -10.51 23.50
N SER A 30 20.88 -9.98 23.90
CA SER A 30 19.68 -10.05 23.07
C SER A 30 19.23 -11.49 22.89
N LYS A 31 17.93 -11.70 22.76
CA LYS A 31 17.37 -13.03 22.58
C LYS A 31 16.99 -13.27 21.11
N GLY A 32 16.42 -12.25 20.47
CA GLY A 32 16.02 -12.37 19.09
C GLY A 32 17.15 -12.03 18.14
N ASP A 33 17.00 -12.41 16.87
CA ASP A 33 18.00 -12.13 15.86
C ASP A 33 17.47 -11.14 14.83
N ASP A 34 16.60 -10.23 15.26
CA ASP A 34 16.02 -9.23 14.37
C ASP A 34 17.00 -8.07 14.17
N LEU A 35 17.95 -8.26 13.27
CA LEU A 35 18.94 -7.23 12.97
C LEU A 35 18.29 -6.05 12.24
N LEU A 36 18.87 -4.86 12.40
CA LEU A 36 18.36 -3.67 11.75
C LEU A 36 16.95 -3.34 12.24
N PRO A 37 16.58 -2.05 12.26
CA PRO A 37 15.25 -1.62 12.71
C PRO A 37 14.15 -2.01 11.72
N ALA A 38 13.45 -3.10 12.03
CA ALA A 38 12.37 -3.58 11.18
C ALA A 38 11.21 -2.60 11.16
N GLY A 39 11.18 -1.74 10.14
CA GLY A 39 10.12 -0.76 10.02
C GLY A 39 9.23 -1.02 8.82
N THR A 40 8.22 -1.85 9.00
CA THR A 40 7.30 -2.18 7.92
C THR A 40 5.89 -1.66 8.22
N GLU A 41 5.73 -0.35 8.18
CA GLU A 41 4.44 0.28 8.45
C GLU A 41 4.09 1.35 7.41
N ASP A 42 5.02 1.63 6.50
CA ASP A 42 4.80 2.65 5.47
C ASP A 42 4.47 1.99 4.14
N TYR A 43 3.22 1.59 3.97
CA TYR A 43 2.78 0.94 2.74
C TYR A 43 1.64 1.70 2.08
N ILE A 44 1.38 1.38 0.82
CA ILE A 44 0.30 2.01 0.06
C ILE A 44 -0.59 0.94 -0.56
N HIS A 45 -1.44 0.35 0.28
CA HIS A 45 -2.34 -0.72 -0.14
C HIS A 45 -3.28 -0.29 -1.25
N ILE A 46 -3.73 -1.27 -2.01
CA ILE A 46 -4.67 -1.07 -3.10
C ILE A 46 -5.56 -2.30 -3.23
N ARG A 47 -6.77 -2.21 -2.72
CA ARG A 47 -7.70 -3.34 -2.76
C ARG A 47 -8.99 -2.99 -3.50
N ILE A 48 -9.45 -3.93 -4.31
CA ILE A 48 -10.68 -3.76 -5.07
C ILE A 48 -11.89 -4.19 -4.25
N GLN A 49 -13.06 -3.68 -4.62
CA GLN A 49 -14.29 -4.02 -3.93
C GLN A 49 -15.42 -4.22 -4.95
N GLN A 50 -15.48 -5.41 -5.54
CA GLN A 50 -16.49 -5.73 -6.54
C GLN A 50 -17.78 -6.24 -5.90
N ARG A 51 -18.75 -5.36 -5.76
CA ARG A 51 -20.04 -5.73 -5.17
C ARG A 51 -20.87 -6.49 -6.19
N ASN A 52 -21.22 -7.74 -5.85
CA ASN A 52 -22.01 -8.58 -6.74
C ASN A 52 -21.17 -9.02 -7.95
N GLY A 53 -19.85 -8.98 -7.78
CA GLY A 53 -18.96 -9.38 -8.85
C GLY A 53 -19.05 -8.48 -10.06
N ARG A 54 -19.41 -7.22 -9.85
CA ARG A 54 -19.52 -6.26 -10.94
C ARG A 54 -19.05 -4.87 -10.52
N LYS A 55 -19.75 -4.28 -9.55
CA LYS A 55 -19.41 -2.94 -9.07
C LYS A 55 -18.01 -2.94 -8.46
N THR A 56 -17.00 -2.92 -9.32
CA THR A 56 -15.61 -2.91 -8.87
C THR A 56 -15.18 -1.52 -8.44
N LEU A 57 -14.59 -1.43 -7.26
CA LEU A 57 -14.12 -0.15 -6.74
C LEU A 57 -12.79 -0.32 -6.02
N THR A 58 -11.71 0.16 -6.64
CA THR A 58 -10.38 0.06 -6.06
C THR A 58 -10.17 1.08 -4.94
N THR A 59 -9.64 0.63 -3.82
CA THR A 59 -9.39 1.51 -2.68
C THR A 59 -7.92 1.51 -2.30
N VAL A 60 -7.35 2.69 -2.13
CA VAL A 60 -5.95 2.84 -1.75
C VAL A 60 -5.81 3.06 -0.26
N GLN A 61 -4.96 2.26 0.39
CA GLN A 61 -4.73 2.36 1.82
C GLN A 61 -3.31 2.82 2.12
N GLY A 62 -3.09 4.13 2.05
CA GLY A 62 -1.77 4.66 2.33
C GLY A 62 -1.62 6.11 1.92
N ILE A 63 -2.29 6.49 0.84
CA ILE A 63 -2.24 7.85 0.33
C ILE A 63 -2.61 8.86 1.42
N ALA A 64 -1.90 9.99 1.43
CA ALA A 64 -2.14 11.03 2.41
C ALA A 64 -3.22 11.99 1.94
N ASP A 65 -4.08 12.40 2.88
CA ASP A 65 -5.16 13.32 2.57
C ASP A 65 -4.61 14.65 2.06
N ASP A 66 -3.35 14.93 2.38
CA ASP A 66 -2.71 16.17 1.96
C ASP A 66 -2.60 16.23 0.43
N TYR A 67 -2.50 15.06 -0.19
CA TYR A 67 -2.40 14.97 -1.64
C TYR A 67 -3.50 15.77 -2.32
N ASP A 68 -3.17 16.43 -3.42
CA ASP A 68 -4.14 17.23 -4.16
C ASP A 68 -5.29 16.34 -4.64
N LYS A 69 -6.42 16.39 -3.93
CA LYS A 69 -7.60 15.60 -4.27
C LYS A 69 -7.84 15.58 -5.78
N LYS A 70 -7.71 16.74 -6.40
CA LYS A 70 -7.93 16.85 -7.84
C LYS A 70 -6.80 16.15 -8.60
N LYS A 71 -5.57 16.32 -8.13
CA LYS A 71 -4.41 15.71 -8.76
C LYS A 71 -4.41 14.19 -8.60
N LEU A 72 -5.36 13.65 -7.85
CA LEU A 72 -5.44 12.22 -7.62
C LEU A 72 -6.56 11.58 -8.43
N VAL A 73 -7.80 11.84 -8.06
CA VAL A 73 -8.94 11.29 -8.77
C VAL A 73 -9.22 12.03 -10.07
N LYS A 74 -9.12 13.36 -10.04
CA LYS A 74 -9.35 14.15 -11.23
C LYS A 74 -8.29 13.83 -12.27
N ALA A 75 -7.03 13.81 -11.83
CA ALA A 75 -5.93 13.48 -12.72
C ALA A 75 -6.10 12.07 -13.26
N PHE A 76 -6.44 11.13 -12.37
CA PHE A 76 -6.65 9.74 -12.75
C PHE A 76 -7.51 9.65 -14.01
N LYS A 77 -8.70 10.26 -13.97
CA LYS A 77 -9.61 10.25 -15.11
C LYS A 77 -8.93 10.81 -16.36
N LYS A 78 -7.88 11.61 -16.16
CA LYS A 78 -7.16 12.19 -17.27
C LYS A 78 -6.20 11.18 -17.88
N LYS A 79 -5.89 10.13 -17.14
CA LYS A 79 -4.99 9.09 -17.62
C LYS A 79 -5.74 7.79 -17.94
N PHE A 80 -6.67 7.42 -17.08
CA PHE A 80 -7.44 6.19 -17.28
C PHE A 80 -8.92 6.48 -17.50
N ALA A 81 -9.36 7.68 -17.15
CA ALA A 81 -10.76 8.06 -17.31
C ALA A 81 -11.66 7.23 -16.40
N CYS A 82 -11.14 6.88 -15.23
CA CYS A 82 -11.89 6.09 -14.26
C CYS A 82 -12.46 6.98 -13.17
N ASN A 83 -13.66 6.63 -12.70
CA ASN A 83 -14.33 7.40 -11.65
C ASN A 83 -13.58 7.28 -10.33
N GLY A 84 -12.75 8.27 -10.03
CA GLY A 84 -11.98 8.26 -8.80
C GLY A 84 -12.60 9.13 -7.72
N THR A 85 -12.58 8.64 -6.48
CA THR A 85 -13.13 9.38 -5.36
C THR A 85 -12.25 9.25 -4.12
N VAL A 86 -12.23 10.29 -3.30
CA VAL A 86 -11.43 10.28 -2.08
C VAL A 86 -12.33 10.21 -0.85
N ILE A 87 -12.54 8.99 -0.35
CA ILE A 87 -13.39 8.78 0.83
C ILE A 87 -12.57 8.40 2.05
N GLU A 88 -13.07 8.76 3.23
CA GLU A 88 -12.40 8.43 4.48
C GLU A 88 -13.04 7.20 5.11
N HIS A 89 -12.73 6.04 4.53
CA HIS A 89 -13.29 4.78 5.01
C HIS A 89 -13.07 4.61 6.52
N PRO A 90 -14.08 4.09 7.23
CA PRO A 90 -13.99 3.88 8.68
C PRO A 90 -13.24 2.60 9.03
N GLU A 91 -13.23 1.65 8.10
CA GLU A 91 -12.54 0.38 8.31
C GLU A 91 -11.05 0.51 7.99
N TYR A 92 -10.71 1.44 7.10
CA TYR A 92 -9.32 1.64 6.72
C TYR A 92 -8.83 3.00 7.21
N GLY A 93 -9.58 4.05 6.90
CA GLY A 93 -9.19 5.38 7.33
C GLY A 93 -8.45 6.14 6.25
N GLU A 94 -9.16 6.98 5.51
CA GLU A 94 -8.57 7.77 4.43
C GLU A 94 -8.05 6.88 3.31
N VAL A 95 -8.91 6.65 2.31
CA VAL A 95 -8.54 5.81 1.18
C VAL A 95 -9.14 6.35 -0.11
N ILE A 96 -8.44 6.14 -1.23
CA ILE A 96 -8.91 6.62 -2.52
C ILE A 96 -9.74 5.53 -3.22
N GLN A 97 -11.01 5.82 -3.46
CA GLN A 97 -11.90 4.86 -4.10
C GLN A 97 -12.02 5.12 -5.60
N LEU A 98 -11.47 4.21 -6.39
CA LEU A 98 -11.52 4.30 -7.84
C LEU A 98 -12.54 3.31 -8.38
N GLN A 99 -13.05 3.58 -9.57
CA GLN A 99 -14.04 2.70 -10.19
C GLN A 99 -13.39 1.65 -11.08
N GLY A 100 -13.95 0.43 -11.05
CA GLY A 100 -13.42 -0.65 -11.86
C GLY A 100 -12.20 -1.29 -11.23
N ASP A 101 -11.69 -2.34 -11.88
CA ASP A 101 -10.51 -3.04 -11.38
C ASP A 101 -9.25 -2.24 -11.70
N GLN A 102 -9.02 -1.18 -10.95
CA GLN A 102 -7.86 -0.32 -11.16
C GLN A 102 -6.67 -0.75 -10.30
N ARG A 103 -6.81 -1.88 -9.61
CA ARG A 103 -5.74 -2.38 -8.75
C ARG A 103 -4.39 -2.29 -9.45
N LYS A 104 -4.41 -2.43 -10.78
CA LYS A 104 -3.19 -2.36 -11.58
C LYS A 104 -3.01 -0.97 -12.18
N ASN A 105 -4.12 -0.25 -12.35
CA ASN A 105 -4.09 1.08 -12.94
C ASN A 105 -3.70 2.14 -11.90
N ILE A 106 -4.24 2.01 -10.69
CA ILE A 106 -3.95 2.97 -9.63
C ILE A 106 -2.48 2.86 -9.19
N CYS A 107 -2.03 1.64 -8.95
CA CYS A 107 -0.64 1.42 -8.54
C CYS A 107 0.28 2.07 -9.58
N GLN A 108 -0.18 2.04 -10.83
CA GLN A 108 0.56 2.65 -11.93
C GLN A 108 0.59 4.16 -11.76
N PHE A 109 -0.59 4.73 -11.61
CA PHE A 109 -0.75 6.17 -11.42
C PHE A 109 0.09 6.65 -10.25
N LEU A 110 -0.03 5.95 -9.12
CA LEU A 110 0.71 6.29 -7.92
C LEU A 110 2.20 6.38 -8.19
N VAL A 111 2.66 5.58 -9.16
CA VAL A 111 4.07 5.55 -9.52
C VAL A 111 4.34 6.49 -10.70
N GLU A 112 3.31 6.73 -11.52
CA GLU A 112 3.45 7.59 -12.68
C GLU A 112 3.45 9.06 -12.27
N ILE A 113 2.61 9.42 -11.32
CA ILE A 113 2.53 10.80 -10.84
C ILE A 113 3.48 11.03 -9.66
N GLY A 114 3.83 9.96 -8.96
CA GLY A 114 4.73 10.08 -7.83
C GLY A 114 3.97 10.14 -6.52
N LEU A 115 2.80 9.49 -6.49
CA LEU A 115 1.97 9.46 -5.30
C LEU A 115 2.50 8.45 -4.30
N ALA A 116 2.32 7.16 -4.58
CA ALA A 116 2.80 6.10 -3.70
C ALA A 116 4.27 5.80 -3.98
N LYS A 117 4.75 4.69 -3.43
CA LYS A 117 6.15 4.30 -3.63
C LYS A 117 6.23 2.84 -4.04
N ASP A 118 7.27 2.49 -4.80
CA ASP A 118 7.45 1.11 -5.24
C ASP A 118 7.62 0.19 -4.04
N ASP A 119 8.15 0.73 -2.96
CA ASP A 119 8.34 -0.03 -1.73
C ASP A 119 7.03 -0.11 -0.96
N GLN A 120 6.09 0.77 -1.33
CA GLN A 120 4.78 0.81 -0.69
C GLN A 120 3.68 0.35 -1.65
N LEU A 121 4.07 -0.02 -2.87
CA LEU A 121 3.11 -0.48 -3.87
C LEU A 121 2.44 -1.77 -3.44
N LYS A 122 1.50 -1.66 -2.52
CA LYS A 122 0.78 -2.83 -2.01
C LYS A 122 -0.50 -3.05 -2.80
N VAL A 123 -0.38 -3.64 -3.98
CA VAL A 123 -1.53 -3.91 -4.84
C VAL A 123 -2.17 -5.25 -4.51
N HIS A 124 -3.45 -5.22 -4.15
CA HIS A 124 -4.18 -6.44 -3.82
C HIS A 124 -5.52 -6.49 -4.56
N GLY A 125 -5.85 -7.66 -5.07
CA GLY A 125 -7.10 -7.84 -5.79
C GLY A 125 -8.13 -8.58 -4.97
N PHE A 126 -9.31 -7.99 -4.84
CA PHE A 126 -10.40 -8.59 -4.06
C PHE A 126 -10.59 -10.05 -4.44
N MET A 1 11.65 -69.45 -9.46
CA MET A 1 12.30 -69.61 -10.80
C MET A 1 11.38 -69.16 -11.92
N ARG A 2 11.30 -67.85 -12.13
CA ARG A 2 10.46 -67.28 -13.18
C ARG A 2 8.99 -67.64 -12.93
N GLY A 3 8.52 -67.38 -11.72
CA GLY A 3 7.14 -67.68 -11.38
C GLY A 3 7.01 -68.44 -10.07
N SER A 4 7.31 -67.76 -8.97
CA SER A 4 7.23 -68.38 -7.65
C SER A 4 5.94 -67.96 -6.93
N HIS A 5 4.86 -67.84 -7.70
CA HIS A 5 3.57 -67.45 -7.14
C HIS A 5 2.46 -68.38 -7.62
N HIS A 6 2.27 -68.44 -8.94
CA HIS A 6 1.26 -69.29 -9.54
C HIS A 6 -0.15 -68.77 -9.24
N HIS A 7 -0.24 -67.57 -8.66
CA HIS A 7 -1.53 -66.97 -8.33
C HIS A 7 -1.35 -65.73 -7.45
N HIS A 8 -1.09 -65.96 -6.17
CA HIS A 8 -0.90 -64.86 -5.22
C HIS A 8 -0.21 -65.36 -3.96
N HIS A 9 0.83 -66.17 -4.14
CA HIS A 9 1.59 -66.71 -3.01
C HIS A 9 2.25 -65.59 -2.21
N HIS A 10 2.15 -65.67 -0.89
CA HIS A 10 2.73 -64.66 -0.01
C HIS A 10 4.09 -65.12 0.51
N THR A 11 5.10 -65.04 -0.35
CA THR A 11 6.45 -65.43 0.02
C THR A 11 7.34 -64.22 0.23
N ASP A 12 8.49 -64.42 0.86
CA ASP A 12 9.44 -63.34 1.12
C ASP A 12 8.78 -62.25 1.98
N PRO A 13 9.02 -62.29 3.30
CA PRO A 13 8.47 -61.30 4.22
C PRO A 13 9.11 -59.92 4.05
N MET A 14 10.08 -59.81 3.14
CA MET A 14 10.75 -58.54 2.93
C MET A 14 11.33 -58.08 4.25
N SER A 15 11.83 -59.04 5.02
CA SER A 15 12.36 -58.73 6.34
C SER A 15 11.32 -57.95 7.13
N ALA A 16 10.05 -58.22 6.80
CA ALA A 16 8.93 -57.55 7.44
C ALA A 16 8.96 -56.06 7.13
N ILE A 17 9.44 -55.74 5.92
CA ILE A 17 9.54 -54.37 5.44
C ILE A 17 8.16 -53.83 5.07
N GLN A 18 7.49 -53.22 6.04
CA GLN A 18 6.17 -52.67 5.81
C GLN A 18 6.21 -51.15 5.69
N ASN A 19 5.80 -50.64 4.54
CA ASN A 19 5.79 -49.20 4.30
C ASN A 19 7.21 -48.63 4.35
N LEU A 20 7.66 -48.06 3.24
CA LEU A 20 8.99 -47.48 3.16
C LEU A 20 9.05 -46.14 3.91
N HIS A 21 10.17 -45.88 4.56
CA HIS A 21 10.35 -44.65 5.32
C HIS A 21 11.82 -44.35 5.55
N SER A 22 12.23 -43.13 5.24
CA SER A 22 13.62 -42.71 5.43
C SER A 22 13.73 -41.61 6.48
N PHE A 23 14.73 -41.73 7.33
CA PHE A 23 14.95 -40.75 8.39
C PHE A 23 16.40 -40.31 8.44
N ASP A 24 16.64 -39.01 8.28
CA ASP A 24 17.99 -38.46 8.31
C ASP A 24 18.11 -37.36 9.37
N PRO A 25 19.24 -37.33 10.09
CA PRO A 25 19.47 -36.32 11.14
C PRO A 25 19.43 -34.89 10.59
N PHE A 26 19.61 -34.76 9.27
CA PHE A 26 19.59 -33.46 8.63
C PHE A 26 18.17 -33.06 8.26
N ALA A 27 17.38 -34.03 7.83
CA ALA A 27 15.99 -33.77 7.44
C ALA A 27 15.03 -34.13 8.56
N ASP A 28 15.41 -33.81 9.79
CA ASP A 28 14.57 -34.11 10.96
C ASP A 28 14.37 -32.87 11.81
N ALA A 29 15.47 -32.19 12.13
CA ALA A 29 15.41 -30.99 12.95
C ALA A 29 16.68 -30.16 12.78
N SER A 30 16.61 -29.15 11.90
CA SER A 30 17.75 -28.28 11.64
C SER A 30 17.29 -26.95 11.06
N LYS A 31 17.32 -25.91 11.89
CA LYS A 31 16.92 -24.58 11.45
C LYS A 31 17.35 -23.52 12.46
N GLY A 32 17.57 -22.30 11.97
CA GLY A 32 18.00 -21.22 12.83
C GLY A 32 17.38 -19.88 12.44
N ASP A 33 18.05 -18.80 12.83
CA ASP A 33 17.56 -17.46 12.52
C ASP A 33 18.20 -16.94 11.23
N ASP A 34 17.40 -16.83 10.17
CA ASP A 34 17.88 -16.34 8.89
C ASP A 34 16.99 -15.23 8.35
N LEU A 35 16.62 -14.30 9.23
CA LEU A 35 15.76 -13.18 8.85
C LEU A 35 16.47 -11.85 9.10
N LEU A 36 15.90 -10.78 8.54
CA LEU A 36 16.48 -9.45 8.71
C LEU A 36 15.43 -8.48 9.26
N PRO A 37 15.89 -7.39 9.91
CA PRO A 37 14.99 -6.40 10.50
C PRO A 37 13.98 -5.86 9.48
N ALA A 38 12.71 -6.23 9.66
CA ALA A 38 11.67 -5.79 8.76
C ALA A 38 10.72 -4.82 9.45
N GLY A 39 10.35 -3.75 8.75
CA GLY A 39 9.46 -2.76 9.32
C GLY A 39 8.14 -2.67 8.57
N THR A 40 7.75 -1.46 8.20
CA THR A 40 6.50 -1.23 7.49
C THR A 40 6.74 -0.42 6.22
N GLU A 41 7.59 0.60 6.31
CA GLU A 41 7.90 1.45 5.17
C GLU A 41 6.69 2.27 4.73
N ASP A 42 5.64 2.28 5.56
CA ASP A 42 4.43 3.03 5.26
C ASP A 42 3.92 2.69 3.86
N TYR A 43 3.67 1.41 3.63
CA TYR A 43 3.19 0.95 2.33
C TYR A 43 1.84 1.60 2.00
N ILE A 44 1.46 1.50 0.73
CA ILE A 44 0.19 2.05 0.28
C ILE A 44 -0.73 0.94 -0.22
N HIS A 45 -1.71 0.58 0.61
CA HIS A 45 -2.65 -0.48 0.29
C HIS A 45 -3.51 -0.18 -0.92
N ILE A 46 -3.72 -1.20 -1.74
CA ILE A 46 -4.54 -1.10 -2.94
C ILE A 46 -5.43 -2.33 -3.03
N ARG A 47 -6.70 -2.17 -2.71
CA ARG A 47 -7.64 -3.29 -2.72
C ARG A 47 -8.87 -3.02 -3.59
N ILE A 48 -9.35 -4.07 -4.24
CA ILE A 48 -10.52 -3.99 -5.09
C ILE A 48 -11.77 -4.46 -4.34
N GLN A 49 -12.92 -3.89 -4.70
CA GLN A 49 -14.18 -4.26 -4.05
C GLN A 49 -15.31 -4.34 -5.07
N GLN A 50 -15.47 -5.53 -5.66
CA GLN A 50 -16.51 -5.75 -6.65
C GLN A 50 -17.79 -6.27 -5.99
N ARG A 51 -18.71 -5.36 -5.69
CA ARG A 51 -19.97 -5.72 -5.05
C ARG A 51 -20.71 -6.78 -5.86
N ASN A 52 -20.59 -6.67 -7.18
CA ASN A 52 -21.24 -7.60 -8.09
C ASN A 52 -20.21 -8.16 -9.09
N GLY A 53 -20.67 -8.54 -10.27
CA GLY A 53 -19.76 -9.07 -11.27
C GLY A 53 -19.20 -7.98 -12.17
N ARG A 54 -18.94 -6.80 -11.60
CA ARG A 54 -18.39 -5.69 -12.36
C ARG A 54 -18.35 -4.41 -11.50
N LYS A 55 -19.25 -4.31 -10.53
CA LYS A 55 -19.30 -3.14 -9.65
C LYS A 55 -18.06 -3.08 -8.76
N THR A 56 -16.91 -2.87 -9.40
CA THR A 56 -15.63 -2.79 -8.68
C THR A 56 -15.39 -1.38 -8.16
N LEU A 57 -14.63 -1.28 -7.07
CA LEU A 57 -14.33 0.01 -6.46
C LEU A 57 -12.98 -0.04 -5.74
N THR A 58 -11.89 -0.07 -6.51
CA THR A 58 -10.55 -0.11 -5.93
C THR A 58 -10.34 0.99 -4.91
N THR A 59 -9.63 0.68 -3.83
CA THR A 59 -9.37 1.65 -2.78
C THR A 59 -7.87 1.81 -2.55
N VAL A 60 -7.48 2.95 -1.98
CA VAL A 60 -6.08 3.22 -1.70
C VAL A 60 -5.88 3.70 -0.27
N GLN A 61 -5.08 2.97 0.49
CA GLN A 61 -4.80 3.31 1.88
C GLN A 61 -3.32 3.58 2.08
N GLY A 62 -3.01 4.59 2.87
CA GLY A 62 -1.63 4.93 3.13
C GLY A 62 -1.26 6.30 2.59
N ILE A 63 -1.94 6.69 1.50
CA ILE A 63 -1.69 7.98 0.87
C ILE A 63 -1.87 9.12 1.87
N ALA A 64 -1.06 10.16 1.71
CA ALA A 64 -1.11 11.32 2.59
C ALA A 64 -2.22 12.29 2.17
N ASP A 65 -3.00 12.74 3.15
CA ASP A 65 -4.08 13.68 2.88
C ASP A 65 -3.52 14.99 2.33
N ASP A 66 -2.23 15.22 2.54
CA ASP A 66 -1.58 16.43 2.05
C ASP A 66 -1.54 16.46 0.52
N TYR A 67 -1.57 15.27 -0.08
CA TYR A 67 -1.54 15.15 -1.53
C TYR A 67 -2.57 16.08 -2.17
N ASP A 68 -2.46 16.24 -3.49
CA ASP A 68 -3.39 17.10 -4.22
C ASP A 68 -4.66 16.32 -4.56
N LYS A 69 -5.57 16.23 -3.60
CA LYS A 69 -6.84 15.50 -3.78
C LYS A 69 -7.39 15.68 -5.19
N LYS A 70 -7.33 16.90 -5.69
CA LYS A 70 -7.80 17.20 -7.02
C LYS A 70 -7.00 16.45 -8.07
N LYS A 71 -5.74 16.84 -8.22
CA LYS A 71 -4.85 16.19 -9.19
C LYS A 71 -4.70 14.70 -8.91
N LEU A 72 -5.05 14.29 -7.69
CA LEU A 72 -4.94 12.89 -7.31
C LEU A 72 -5.91 12.02 -8.10
N VAL A 73 -7.21 12.18 -7.84
CA VAL A 73 -8.24 11.40 -8.53
C VAL A 73 -8.60 12.01 -9.88
N LYS A 74 -8.69 13.33 -9.93
CA LYS A 74 -9.03 14.02 -11.17
C LYS A 74 -8.15 13.55 -12.32
N ALA A 75 -6.86 13.39 -12.03
CA ALA A 75 -5.90 12.94 -13.04
C ALA A 75 -6.22 11.51 -13.47
N PHE A 76 -6.73 10.71 -12.53
CA PHE A 76 -7.08 9.33 -12.81
C PHE A 76 -8.13 9.25 -13.92
N LYS A 77 -9.17 10.07 -13.78
CA LYS A 77 -10.25 10.10 -14.77
C LYS A 77 -9.75 10.61 -16.12
N LYS A 78 -8.56 11.19 -16.13
CA LYS A 78 -7.98 11.70 -17.37
C LYS A 78 -6.94 10.74 -17.95
N LYS A 79 -6.44 9.84 -17.11
CA LYS A 79 -5.43 8.88 -17.56
C LYS A 79 -6.07 7.54 -17.91
N PHE A 80 -7.12 7.16 -17.20
CA PHE A 80 -7.81 5.90 -17.44
C PHE A 80 -9.26 6.09 -17.83
N ALA A 81 -9.81 7.27 -17.54
CA ALA A 81 -11.20 7.57 -17.87
C ALA A 81 -12.15 6.84 -16.91
N CYS A 82 -11.70 6.68 -15.67
CA CYS A 82 -12.49 6.02 -14.64
C CYS A 82 -12.99 7.02 -13.61
N ASN A 83 -13.64 6.53 -12.56
CA ASN A 83 -14.17 7.39 -11.52
C ASN A 83 -13.34 7.25 -10.23
N GLY A 84 -12.81 8.36 -9.75
CA GLY A 84 -12.00 8.34 -8.55
C GLY A 84 -12.57 9.22 -7.46
N THR A 85 -12.91 8.62 -6.32
CA THR A 85 -13.47 9.37 -5.20
C THR A 85 -12.57 9.28 -3.97
N VAL A 86 -12.77 10.18 -3.03
CA VAL A 86 -11.97 10.21 -1.81
C VAL A 86 -12.83 9.87 -0.58
N ILE A 87 -13.26 8.62 -0.49
CA ILE A 87 -14.09 8.17 0.62
C ILE A 87 -13.27 7.98 1.89
N GLU A 88 -13.93 8.11 3.03
CA GLU A 88 -13.27 7.94 4.32
C GLU A 88 -13.69 6.63 4.96
N HIS A 89 -13.22 5.53 4.39
CA HIS A 89 -13.55 4.19 4.89
C HIS A 89 -13.25 4.08 6.39
N PRO A 90 -14.21 3.57 7.18
CA PRO A 90 -14.04 3.41 8.63
C PRO A 90 -13.13 2.23 8.97
N GLU A 91 -12.90 1.35 8.00
CA GLU A 91 -12.05 0.19 8.20
C GLU A 91 -10.58 0.54 7.98
N TYR A 92 -10.34 1.59 7.19
CA TYR A 92 -8.98 2.03 6.91
C TYR A 92 -8.75 3.46 7.39
N GLY A 93 -9.62 4.36 6.96
CA GLY A 93 -9.50 5.75 7.35
C GLY A 93 -8.93 6.63 6.25
N GLU A 94 -9.82 7.33 5.55
CA GLU A 94 -9.41 8.22 4.46
C GLU A 94 -8.71 7.43 3.35
N VAL A 95 -9.50 6.90 2.43
CA VAL A 95 -8.95 6.14 1.31
C VAL A 95 -9.57 6.58 -0.01
N ILE A 96 -8.79 6.54 -1.08
CA ILE A 96 -9.28 6.94 -2.39
C ILE A 96 -9.98 5.76 -3.07
N GLN A 97 -11.25 5.98 -3.41
CA GLN A 97 -12.05 4.94 -4.04
C GLN A 97 -12.13 5.12 -5.56
N LEU A 98 -11.52 4.21 -6.30
CA LEU A 98 -11.54 4.26 -7.75
C LEU A 98 -12.58 3.30 -8.29
N GLN A 99 -13.04 3.55 -9.50
CA GLN A 99 -14.04 2.69 -10.12
C GLN A 99 -13.37 1.63 -11.01
N GLY A 100 -13.82 0.38 -10.85
CA GLY A 100 -13.26 -0.70 -11.64
C GLY A 100 -12.01 -1.28 -11.01
N ASP A 101 -11.61 -2.46 -11.48
CA ASP A 101 -10.42 -3.12 -10.95
C ASP A 101 -9.16 -2.31 -11.26
N GLN A 102 -8.91 -1.29 -10.46
CA GLN A 102 -7.75 -0.43 -10.66
C GLN A 102 -6.51 -0.98 -9.96
N ARG A 103 -6.65 -2.12 -9.28
CA ARG A 103 -5.53 -2.73 -8.57
C ARG A 103 -4.24 -2.68 -9.39
N LYS A 104 -4.39 -2.71 -10.72
CA LYS A 104 -3.24 -2.66 -11.61
C LYS A 104 -3.06 -1.28 -12.20
N ASN A 105 -4.15 -0.51 -12.24
CA ASN A 105 -4.11 0.85 -12.80
C ASN A 105 -3.71 1.87 -11.73
N ILE A 106 -4.25 1.71 -10.52
CA ILE A 106 -3.94 2.64 -9.44
C ILE A 106 -2.47 2.54 -9.03
N CYS A 107 -2.00 1.31 -8.77
CA CYS A 107 -0.60 1.12 -8.41
C CYS A 107 0.28 1.72 -9.50
N GLN A 108 -0.19 1.57 -10.73
CA GLN A 108 0.49 2.10 -11.90
C GLN A 108 0.36 3.62 -11.92
N PHE A 109 -0.78 4.10 -11.43
CA PHE A 109 -1.06 5.53 -11.38
C PHE A 109 -0.23 6.20 -10.28
N LEU A 110 -0.21 5.58 -9.10
CA LEU A 110 0.54 6.09 -7.97
C LEU A 110 2.02 6.26 -8.34
N VAL A 111 2.51 5.43 -9.24
CA VAL A 111 3.89 5.49 -9.67
C VAL A 111 4.05 6.39 -10.90
N GLU A 112 3.00 6.45 -11.72
CA GLU A 112 3.02 7.27 -12.92
C GLU A 112 3.01 8.75 -12.57
N ILE A 113 2.18 9.11 -11.59
CA ILE A 113 2.07 10.49 -11.15
C ILE A 113 3.08 10.82 -10.06
N GLY A 114 3.43 9.81 -9.26
CA GLY A 114 4.36 10.00 -8.18
C GLY A 114 3.66 10.15 -6.85
N LEU A 115 2.53 9.47 -6.71
CA LEU A 115 1.74 9.52 -5.49
C LEU A 115 2.36 8.65 -4.41
N ALA A 116 2.27 7.33 -4.60
CA ALA A 116 2.84 6.39 -3.65
C ALA A 116 4.27 6.02 -4.04
N LYS A 117 4.85 5.04 -3.36
CA LYS A 117 6.20 4.60 -3.66
C LYS A 117 6.19 3.19 -4.23
N ASP A 118 7.16 2.89 -5.09
CA ASP A 118 7.24 1.57 -5.70
C ASP A 118 7.37 0.49 -4.62
N ASP A 119 7.98 0.85 -3.50
CA ASP A 119 8.15 -0.08 -2.39
C ASP A 119 6.86 -0.17 -1.58
N GLN A 120 6.09 0.91 -1.60
CA GLN A 120 4.83 0.96 -0.87
C GLN A 120 3.70 0.35 -1.69
N LEU A 121 4.00 -0.05 -2.92
CA LEU A 121 3.00 -0.65 -3.79
C LEU A 121 2.38 -1.89 -3.16
N LYS A 122 1.33 -1.68 -2.37
CA LYS A 122 0.65 -2.78 -1.70
C LYS A 122 -0.63 -3.18 -2.42
N VAL A 123 -0.47 -3.76 -3.61
CA VAL A 123 -1.62 -4.18 -4.41
C VAL A 123 -2.19 -5.49 -3.87
N HIS A 124 -3.42 -5.44 -3.37
CA HIS A 124 -4.07 -6.63 -2.82
C HIS A 124 -5.24 -7.06 -3.69
N GLY A 125 -5.95 -6.09 -4.26
CA GLY A 125 -7.09 -6.40 -5.10
C GLY A 125 -8.14 -7.19 -4.36
N PHE A 126 -8.35 -8.44 -4.77
CA PHE A 126 -9.33 -9.31 -4.12
C PHE A 126 -9.31 -10.70 -4.74
N MET A 1 -43.69 -5.64 21.95
CA MET A 1 -43.30 -5.78 23.38
C MET A 1 -43.28 -4.42 24.07
N ARG A 2 -44.39 -4.09 24.73
CA ARG A 2 -44.51 -2.82 25.43
C ARG A 2 -44.32 -1.65 24.47
N GLY A 3 -44.74 -1.83 23.22
CA GLY A 3 -44.61 -0.78 22.23
C GLY A 3 -45.79 -0.73 21.29
N SER A 4 -46.65 0.26 21.47
CA SER A 4 -47.83 0.42 20.62
C SER A 4 -47.48 1.18 19.34
N HIS A 5 -47.16 2.46 19.48
CA HIS A 5 -46.81 3.29 18.34
C HIS A 5 -45.29 3.51 18.28
N HIS A 6 -44.65 3.49 19.44
CA HIS A 6 -43.20 3.68 19.51
C HIS A 6 -42.47 2.56 18.78
N HIS A 7 -42.94 1.32 18.96
CA HIS A 7 -42.33 0.17 18.31
C HIS A 7 -40.88 0.00 18.77
N HIS A 8 -40.70 -0.47 20.00
CA HIS A 8 -39.36 -0.67 20.54
C HIS A 8 -38.56 -1.65 19.70
N HIS A 9 -37.33 -1.91 20.11
CA HIS A 9 -36.45 -2.84 19.39
C HIS A 9 -35.63 -3.68 20.35
N HIS A 10 -35.76 -4.99 20.26
CA HIS A 10 -35.02 -5.91 21.12
C HIS A 10 -33.61 -6.15 20.60
N THR A 11 -33.44 -6.00 19.28
CA THR A 11 -32.14 -6.21 18.65
C THR A 11 -31.08 -5.33 19.29
N ASP A 12 -30.10 -5.95 19.95
CA ASP A 12 -29.02 -5.22 20.60
C ASP A 12 -27.67 -5.58 20.00
N PRO A 13 -26.80 -4.58 19.77
CA PRO A 13 -25.47 -4.81 19.20
C PRO A 13 -24.67 -5.87 19.97
N MET A 14 -24.99 -6.02 21.25
CA MET A 14 -24.31 -6.99 22.10
C MET A 14 -24.42 -8.40 21.52
N SER A 15 -25.44 -8.63 20.71
CA SER A 15 -25.67 -9.94 20.10
C SER A 15 -24.43 -10.40 19.33
N ALA A 16 -23.69 -9.44 18.79
CA ALA A 16 -22.48 -9.74 18.03
C ALA A 16 -21.31 -8.86 18.46
N ILE A 17 -20.50 -9.37 19.38
CA ILE A 17 -19.36 -8.62 19.89
C ILE A 17 -18.04 -9.32 19.53
N GLN A 18 -17.22 -8.64 18.74
CA GLN A 18 -15.93 -9.18 18.33
C GLN A 18 -14.80 -8.67 19.22
N ASN A 19 -14.16 -9.57 19.94
CA ASN A 19 -13.07 -9.22 20.82
C ASN A 19 -12.32 -10.46 21.30
N LEU A 20 -13.04 -11.39 21.92
CA LEU A 20 -12.45 -12.61 22.43
C LEU A 20 -11.42 -12.31 23.50
N HIS A 21 -11.84 -12.40 24.76
CA HIS A 21 -10.95 -12.14 25.89
C HIS A 21 -9.85 -13.19 25.98
N SER A 22 -8.60 -12.73 26.07
CA SER A 22 -7.46 -13.63 26.16
C SER A 22 -7.44 -14.63 25.02
N PHE A 23 -6.93 -14.19 23.87
CA PHE A 23 -6.86 -15.05 22.68
C PHE A 23 -5.59 -15.88 22.70
N ASP A 24 -5.70 -17.13 22.26
CA ASP A 24 -4.55 -18.04 22.22
C ASP A 24 -3.99 -18.26 23.62
N PRO A 25 -4.16 -19.48 24.18
CA PRO A 25 -3.65 -19.80 25.53
C PRO A 25 -2.16 -19.53 25.67
N PHE A 26 -1.45 -19.46 24.55
CA PHE A 26 -0.02 -19.20 24.57
C PHE A 26 0.27 -17.73 24.29
N ALA A 27 -0.64 -17.07 23.58
CA ALA A 27 -0.48 -15.66 23.25
C ALA A 27 0.74 -15.45 22.37
N ASP A 28 0.50 -15.05 21.12
CA ASP A 28 1.58 -14.80 20.18
C ASP A 28 2.17 -13.41 20.37
N ALA A 29 3.28 -13.35 21.10
CA ALA A 29 3.94 -12.08 21.37
C ALA A 29 5.41 -12.14 20.96
N SER A 30 6.03 -10.97 20.82
CA SER A 30 7.43 -10.89 20.44
C SER A 30 8.34 -11.38 21.57
N LYS A 31 8.53 -10.53 22.57
CA LYS A 31 9.38 -10.86 23.71
C LYS A 31 9.36 -9.76 24.75
N GLY A 32 9.90 -8.60 24.38
CA GLY A 32 9.95 -7.47 25.30
C GLY A 32 10.41 -6.19 24.62
N ASP A 33 11.70 -5.90 24.75
CA ASP A 33 12.27 -4.70 24.14
C ASP A 33 12.39 -4.86 22.63
N ASP A 34 11.56 -4.14 21.90
CA ASP A 34 11.59 -4.19 20.43
C ASP A 34 12.10 -2.89 19.85
N LEU A 35 13.41 -2.66 19.98
CA LEU A 35 14.03 -1.45 19.46
C LEU A 35 14.76 -1.72 18.15
N LEU A 36 14.19 -2.61 17.34
CA LEU A 36 14.77 -2.95 16.06
C LEU A 36 14.46 -1.90 15.00
N PRO A 37 15.39 -1.69 14.04
CA PRO A 37 15.20 -0.70 12.98
C PRO A 37 14.19 -1.15 11.93
N ALA A 38 14.03 -0.35 10.88
CA ALA A 38 13.10 -0.67 9.81
C ALA A 38 11.68 -0.81 10.34
N GLY A 39 10.71 -0.87 9.44
CA GLY A 39 9.32 -1.00 9.84
C GLY A 39 8.44 -1.50 8.72
N THR A 40 7.53 -0.66 8.24
CA THR A 40 6.63 -1.02 7.16
C THR A 40 6.80 -0.09 5.96
N GLU A 41 7.65 0.92 6.10
CA GLU A 41 7.89 1.88 5.02
C GLU A 41 6.59 2.55 4.57
N ASP A 42 5.57 2.49 5.42
CA ASP A 42 4.27 3.10 5.11
C ASP A 42 3.82 2.73 3.70
N TYR A 43 3.58 1.44 3.48
CA TYR A 43 3.15 0.96 2.17
C TYR A 43 1.77 1.50 1.83
N ILE A 44 1.42 1.44 0.54
CA ILE A 44 0.13 1.91 0.06
C ILE A 44 -0.70 0.73 -0.43
N HIS A 45 -1.68 0.33 0.37
CA HIS A 45 -2.54 -0.80 0.03
C HIS A 45 -3.45 -0.49 -1.16
N ILE A 46 -3.74 -1.52 -1.93
CA ILE A 46 -4.61 -1.42 -3.10
C ILE A 46 -5.38 -2.72 -3.26
N ARG A 47 -6.66 -2.70 -2.94
CA ARG A 47 -7.49 -3.90 -3.03
C ARG A 47 -8.87 -3.61 -3.62
N ILE A 48 -9.21 -4.35 -4.66
CA ILE A 48 -10.50 -4.21 -5.32
C ILE A 48 -11.63 -4.60 -4.37
N GLN A 49 -12.84 -4.12 -4.66
CA GLN A 49 -14.00 -4.44 -3.85
C GLN A 49 -15.28 -4.40 -4.70
N GLN A 50 -15.47 -5.43 -5.50
CA GLN A 50 -16.64 -5.52 -6.37
C GLN A 50 -17.89 -5.89 -5.57
N ARG A 51 -18.68 -4.88 -5.22
CA ARG A 51 -19.91 -5.10 -4.45
C ARG A 51 -20.82 -6.09 -5.17
N ASN A 52 -20.87 -5.97 -6.49
CA ASN A 52 -21.69 -6.85 -7.31
C ASN A 52 -20.83 -7.51 -8.38
N GLY A 53 -21.46 -7.87 -9.51
CA GLY A 53 -20.72 -8.50 -10.59
C GLY A 53 -20.14 -7.49 -11.56
N ARG A 54 -19.65 -6.36 -11.04
CA ARG A 54 -19.07 -5.32 -11.87
C ARG A 54 -18.80 -4.05 -11.07
N LYS A 55 -19.57 -3.83 -10.00
CA LYS A 55 -19.39 -2.65 -9.16
C LYS A 55 -18.07 -2.71 -8.40
N THR A 56 -16.97 -2.67 -9.14
CA THR A 56 -15.64 -2.74 -8.57
C THR A 56 -15.21 -1.37 -8.03
N LEU A 57 -14.70 -1.35 -6.80
CA LEU A 57 -14.26 -0.11 -6.18
C LEU A 57 -12.85 -0.24 -5.61
N THR A 58 -11.85 -0.21 -6.48
CA THR A 58 -10.45 -0.33 -6.05
C THR A 58 -10.10 0.80 -5.07
N THR A 59 -9.82 0.43 -3.82
CA THR A 59 -9.47 1.41 -2.81
C THR A 59 -7.96 1.52 -2.64
N VAL A 60 -7.53 2.53 -1.87
CA VAL A 60 -6.11 2.75 -1.62
C VAL A 60 -5.87 3.08 -0.15
N GLN A 61 -5.16 2.19 0.55
CA GLN A 61 -4.86 2.38 1.96
C GLN A 61 -3.42 2.86 2.13
N GLY A 62 -3.18 4.13 1.82
CA GLY A 62 -1.85 4.69 1.95
C GLY A 62 -1.81 6.17 1.63
N ILE A 63 -2.29 6.54 0.45
CA ILE A 63 -2.30 7.93 0.02
C ILE A 63 -3.03 8.80 1.05
N ALA A 64 -2.60 10.05 1.15
CA ALA A 64 -3.19 10.99 2.10
C ALA A 64 -4.14 11.96 1.40
N ASP A 65 -4.98 12.61 2.19
CA ASP A 65 -5.94 13.57 1.65
C ASP A 65 -5.25 14.86 1.21
N ASP A 66 -3.97 15.01 1.59
CA ASP A 66 -3.20 16.19 1.24
C ASP A 66 -2.38 15.95 -0.03
N TYR A 67 -2.87 15.05 -0.88
CA TYR A 67 -2.19 14.73 -2.14
C TYR A 67 -2.76 15.55 -3.28
N ASP A 68 -3.11 16.81 -3.00
CA ASP A 68 -3.67 17.71 -4.00
C ASP A 68 -5.17 17.47 -4.20
N LYS A 69 -5.66 16.32 -3.74
CA LYS A 69 -7.08 15.98 -3.86
C LYS A 69 -7.47 15.83 -5.32
N LYS A 70 -7.58 16.94 -6.04
CA LYS A 70 -7.94 16.92 -7.45
C LYS A 70 -6.92 16.13 -8.25
N LYS A 71 -5.71 16.68 -8.37
CA LYS A 71 -4.64 16.01 -9.10
C LYS A 71 -4.51 14.55 -8.71
N LEU A 72 -4.95 14.23 -7.49
CA LEU A 72 -4.88 12.86 -6.98
C LEU A 72 -5.83 11.94 -7.73
N VAL A 73 -7.12 12.02 -7.41
CA VAL A 73 -8.12 11.16 -8.05
C VAL A 73 -8.64 11.77 -9.35
N LYS A 74 -8.85 13.08 -9.37
CA LYS A 74 -9.35 13.77 -10.55
C LYS A 74 -8.48 13.44 -11.77
N ALA A 75 -7.17 13.42 -11.58
CA ALA A 75 -6.25 13.12 -12.66
C ALA A 75 -6.44 11.69 -13.17
N PHE A 76 -6.86 10.80 -12.25
CA PHE A 76 -7.09 9.40 -12.61
C PHE A 76 -8.05 9.30 -13.79
N LYS A 77 -9.14 10.07 -13.71
CA LYS A 77 -10.14 10.08 -14.77
C LYS A 77 -9.57 10.67 -16.06
N LYS A 78 -8.43 11.34 -15.94
CA LYS A 78 -7.80 11.96 -17.11
C LYS A 78 -6.69 11.07 -17.67
N LYS A 79 -6.19 10.16 -16.84
CA LYS A 79 -5.13 9.25 -17.26
C LYS A 79 -5.68 7.90 -17.73
N PHE A 80 -6.57 7.32 -16.93
CA PHE A 80 -7.16 6.03 -17.26
C PHE A 80 -8.58 6.16 -17.79
N ALA A 81 -9.22 7.28 -17.48
CA ALA A 81 -10.60 7.53 -17.91
C ALA A 81 -11.58 6.73 -17.06
N CYS A 82 -11.24 6.57 -15.78
CA CYS A 82 -12.08 5.83 -14.86
C CYS A 82 -12.59 6.74 -13.74
N ASN A 83 -13.59 6.26 -13.01
CA ASN A 83 -14.16 7.03 -11.92
C ASN A 83 -13.37 6.83 -10.63
N GLY A 84 -13.20 7.90 -9.86
CA GLY A 84 -12.46 7.80 -8.62
C GLY A 84 -12.92 8.80 -7.57
N THR A 85 -12.74 8.45 -6.31
CA THR A 85 -13.15 9.33 -5.21
C THR A 85 -12.21 9.17 -4.02
N VAL A 86 -12.24 10.15 -3.12
CA VAL A 86 -11.40 10.13 -1.93
C VAL A 86 -12.23 10.01 -0.66
N ILE A 87 -12.85 8.86 -0.46
CA ILE A 87 -13.69 8.62 0.72
C ILE A 87 -12.85 8.32 1.94
N GLU A 88 -13.43 8.54 3.12
CA GLU A 88 -12.75 8.29 4.38
C GLU A 88 -13.37 7.08 5.08
N HIS A 89 -13.15 5.90 4.51
CA HIS A 89 -13.69 4.67 5.07
C HIS A 89 -13.39 4.55 6.56
N PRO A 90 -14.42 4.29 7.39
CA PRO A 90 -14.25 4.15 8.84
C PRO A 90 -13.58 2.84 9.22
N GLU A 91 -13.55 1.90 8.29
CA GLU A 91 -12.93 0.60 8.51
C GLU A 91 -11.43 0.65 8.24
N TYR A 92 -11.02 1.57 7.37
CA TYR A 92 -9.62 1.72 7.02
C TYR A 92 -9.07 3.06 7.51
N GLY A 93 -9.76 4.14 7.14
CA GLY A 93 -9.34 5.46 7.55
C GLY A 93 -8.68 6.23 6.43
N GLU A 94 -9.46 7.06 5.74
CA GLU A 94 -8.94 7.88 4.65
C GLU A 94 -8.33 6.99 3.56
N VAL A 95 -9.14 6.64 2.57
CA VAL A 95 -8.68 5.82 1.46
C VAL A 95 -9.31 6.27 0.15
N ILE A 96 -8.54 6.23 -0.93
CA ILE A 96 -9.04 6.64 -2.24
C ILE A 96 -9.85 5.50 -2.84
N GLN A 97 -11.06 5.81 -3.26
CA GLN A 97 -11.94 4.80 -3.85
C GLN A 97 -12.04 4.96 -5.36
N LEU A 98 -11.44 4.03 -6.10
CA LEU A 98 -11.47 4.06 -7.55
C LEU A 98 -12.56 3.13 -8.06
N GLN A 99 -13.03 3.39 -9.27
CA GLN A 99 -14.08 2.58 -9.87
C GLN A 99 -13.49 1.58 -10.87
N GLY A 100 -13.78 0.30 -10.65
CA GLY A 100 -13.27 -0.73 -11.54
C GLY A 100 -12.03 -1.39 -10.99
N ASP A 101 -11.63 -2.51 -11.59
CA ASP A 101 -10.44 -3.24 -11.16
C ASP A 101 -9.18 -2.42 -11.46
N GLN A 102 -8.97 -1.37 -10.67
CA GLN A 102 -7.81 -0.50 -10.85
C GLN A 102 -6.59 -1.03 -10.12
N ARG A 103 -6.72 -2.19 -9.48
CA ARG A 103 -5.61 -2.78 -8.73
C ARG A 103 -4.30 -2.69 -9.50
N LYS A 104 -4.39 -2.70 -10.82
CA LYS A 104 -3.21 -2.60 -11.68
C LYS A 104 -3.05 -1.20 -12.25
N ASN A 105 -4.15 -0.44 -12.29
CA ASN A 105 -4.13 0.91 -12.82
C ASN A 105 -3.73 1.93 -11.75
N ILE A 106 -4.22 1.72 -10.53
CA ILE A 106 -3.91 2.62 -9.43
C ILE A 106 -2.45 2.55 -9.03
N CYS A 107 -1.94 1.33 -8.83
CA CYS A 107 -0.54 1.14 -8.47
C CYS A 107 0.33 1.86 -9.49
N GLN A 108 -0.14 1.85 -10.74
CA GLN A 108 0.55 2.52 -11.83
C GLN A 108 0.55 4.02 -11.60
N PHE A 109 -0.60 4.54 -11.22
CA PHE A 109 -0.78 5.95 -10.95
C PHE A 109 0.21 6.44 -9.91
N LEU A 110 0.23 5.78 -8.75
CA LEU A 110 1.13 6.16 -7.67
C LEU A 110 2.58 6.19 -8.16
N VAL A 111 2.88 5.38 -9.15
CA VAL A 111 4.23 5.32 -9.72
C VAL A 111 4.36 6.26 -10.91
N GLU A 112 3.24 6.57 -11.54
CA GLU A 112 3.22 7.46 -12.71
C GLU A 112 3.18 8.92 -12.30
N ILE A 113 2.28 9.23 -11.37
CA ILE A 113 2.11 10.59 -10.88
C ILE A 113 3.00 10.89 -9.68
N GLY A 114 4.01 10.04 -9.46
CA GLY A 114 4.92 10.25 -8.34
C GLY A 114 4.18 10.43 -7.03
N LEU A 115 3.23 9.54 -6.75
CA LEU A 115 2.46 9.62 -5.52
C LEU A 115 3.05 8.74 -4.44
N ALA A 116 2.99 7.43 -4.64
CA ALA A 116 3.54 6.48 -3.68
C ALA A 116 4.91 5.98 -4.14
N LYS A 117 5.52 5.13 -3.33
CA LYS A 117 6.83 4.58 -3.65
C LYS A 117 6.69 3.16 -4.19
N ASP A 118 7.68 2.73 -4.97
CA ASP A 118 7.65 1.39 -5.54
C ASP A 118 7.67 0.35 -4.43
N ASP A 119 8.26 0.71 -3.29
CA ASP A 119 8.32 -0.17 -2.14
C ASP A 119 7.00 -0.17 -1.40
N GLN A 120 6.21 0.90 -1.59
CA GLN A 120 4.91 1.03 -0.96
C GLN A 120 3.80 0.44 -1.82
N LEU A 121 4.16 0.00 -3.02
CA LEU A 121 3.19 -0.57 -3.96
C LEU A 121 2.57 -1.84 -3.37
N LYS A 122 1.61 -1.65 -2.48
CA LYS A 122 0.93 -2.78 -1.86
C LYS A 122 -0.35 -3.12 -2.62
N VAL A 123 -0.19 -3.72 -3.79
CA VAL A 123 -1.32 -4.08 -4.64
C VAL A 123 -1.83 -5.48 -4.32
N HIS A 124 -3.10 -5.57 -3.92
CA HIS A 124 -3.72 -6.86 -3.60
C HIS A 124 -4.79 -7.19 -4.63
N GLY A 125 -5.47 -6.17 -5.13
CA GLY A 125 -6.51 -6.38 -6.13
C GLY A 125 -7.45 -7.51 -5.79
N PHE A 126 -8.15 -7.39 -4.67
CA PHE A 126 -9.10 -8.42 -4.24
C PHE A 126 -8.37 -9.68 -3.80
N MET A 1 26.86 13.72 17.22
CA MET A 1 26.40 14.46 18.41
C MET A 1 25.70 13.54 19.41
N ARG A 2 26.41 13.22 20.49
CA ARG A 2 25.85 12.35 21.52
C ARG A 2 25.12 13.15 22.59
N GLY A 3 23.79 13.15 22.51
CA GLY A 3 23.00 13.88 23.48
C GLY A 3 22.62 13.04 24.68
N SER A 4 22.68 13.64 25.86
CA SER A 4 22.33 12.94 27.10
C SER A 4 20.86 12.52 27.09
N HIS A 5 20.63 11.22 27.24
CA HIS A 5 19.27 10.70 27.25
C HIS A 5 18.87 10.29 28.66
N HIS A 6 18.26 11.21 29.39
CA HIS A 6 17.82 10.95 30.76
C HIS A 6 16.31 10.75 30.81
N HIS A 7 15.86 9.59 30.34
CA HIS A 7 14.43 9.28 30.34
C HIS A 7 13.96 8.84 31.73
N HIS A 8 13.19 9.70 32.38
CA HIS A 8 12.67 9.40 33.71
C HIS A 8 11.75 10.51 34.20
N HIS A 9 10.48 10.43 33.82
CA HIS A 9 9.49 11.41 34.21
C HIS A 9 8.08 10.93 33.94
N HIS A 10 7.82 9.66 34.25
CA HIS A 10 6.51 9.06 34.03
C HIS A 10 5.87 8.64 35.35
N THR A 11 4.87 9.39 35.78
CA THR A 11 4.17 9.10 37.03
C THR A 11 2.78 8.55 36.77
N ASP A 12 2.66 7.68 35.77
CA ASP A 12 1.38 7.09 35.40
C ASP A 12 1.50 5.58 35.22
N PRO A 13 1.15 4.81 36.27
CA PRO A 13 1.20 3.35 36.22
C PRO A 13 0.12 2.76 35.33
N MET A 14 -0.72 3.61 34.74
CA MET A 14 -1.80 3.13 33.89
C MET A 14 -2.63 2.14 34.68
N SER A 15 -2.81 2.45 35.97
CA SER A 15 -3.55 1.56 36.85
C SER A 15 -2.95 0.16 36.76
N ALA A 16 -1.65 0.12 36.47
CA ALA A 16 -0.93 -1.13 36.31
C ALA A 16 -1.50 -1.92 35.13
N ILE A 17 -1.93 -1.17 34.11
CA ILE A 17 -2.50 -1.75 32.90
C ILE A 17 -1.40 -2.38 32.04
N GLN A 18 -1.20 -3.68 32.19
CA GLN A 18 -0.18 -4.38 31.42
C GLN A 18 -0.83 -5.31 30.41
N ASN A 19 -0.64 -5.01 29.13
CA ASN A 19 -1.20 -5.82 28.05
C ASN A 19 -0.68 -5.35 26.69
N LEU A 20 -0.71 -4.05 26.47
CA LEU A 20 -0.24 -3.48 25.20
C LEU A 20 1.24 -3.77 25.00
N HIS A 21 2.08 -3.21 25.87
CA HIS A 21 3.52 -3.42 25.78
C HIS A 21 4.17 -3.31 27.15
N SER A 22 4.37 -4.45 27.80
CA SER A 22 4.97 -4.48 29.12
C SER A 22 5.44 -5.89 29.47
N PHE A 23 6.75 -6.09 29.52
CA PHE A 23 7.32 -7.40 29.85
C PHE A 23 7.76 -7.45 31.30
N ASP A 24 7.22 -8.41 32.05
CA ASP A 24 7.57 -8.56 33.46
C ASP A 24 7.79 -10.04 33.80
N PRO A 25 8.91 -10.38 34.46
CA PRO A 25 9.22 -11.75 34.85
C PRO A 25 8.09 -12.40 35.65
N PHE A 26 7.32 -11.57 36.34
CA PHE A 26 6.20 -12.05 37.16
C PHE A 26 4.88 -11.93 36.41
N ALA A 27 4.92 -11.42 35.18
CA ALA A 27 3.71 -11.26 34.38
C ALA A 27 3.96 -11.65 32.92
N ASP A 28 3.69 -12.92 32.61
CA ASP A 28 3.89 -13.42 31.25
C ASP A 28 2.58 -13.97 30.68
N ALA A 29 1.84 -14.71 31.51
CA ALA A 29 0.58 -15.29 31.08
C ALA A 29 -0.46 -14.21 30.85
N SER A 30 -0.45 -13.63 29.65
CA SER A 30 -1.41 -12.59 29.30
C SER A 30 -1.79 -12.66 27.82
N LYS A 31 -0.78 -12.76 26.96
CA LYS A 31 -1.00 -12.85 25.53
C LYS A 31 -0.20 -13.99 24.91
N GLY A 32 1.09 -14.04 25.24
CA GLY A 32 1.95 -15.09 24.71
C GLY A 32 3.02 -14.54 23.78
N ASP A 33 2.61 -13.74 22.80
CA ASP A 33 3.53 -13.15 21.85
C ASP A 33 4.39 -12.09 22.51
N ASP A 34 5.70 -12.34 22.56
CA ASP A 34 6.64 -11.40 23.17
C ASP A 34 7.29 -10.52 22.12
N LEU A 35 7.58 -11.09 20.96
CA LEU A 35 8.20 -10.35 19.87
C LEU A 35 7.20 -10.07 18.75
N LEU A 36 7.53 -9.11 17.91
CA LEU A 36 6.65 -8.73 16.80
C LEU A 36 7.47 -8.29 15.59
N PRO A 37 6.99 -8.59 14.37
CA PRO A 37 7.68 -8.21 13.13
C PRO A 37 7.88 -6.71 13.01
N ALA A 38 6.78 -5.97 12.91
CA ALA A 38 6.83 -4.52 12.79
C ALA A 38 7.65 -4.10 11.57
N GLY A 39 7.54 -2.83 11.20
CA GLY A 39 8.28 -2.31 10.06
C GLY A 39 7.70 -2.76 8.74
N THR A 40 7.09 -1.83 8.02
CA THR A 40 6.49 -2.12 6.72
C THR A 40 6.72 -0.99 5.73
N GLU A 41 7.67 -0.11 6.04
CA GLU A 41 7.98 1.02 5.17
C GLU A 41 6.73 1.80 4.78
N ASP A 42 5.68 1.69 5.60
CA ASP A 42 4.42 2.39 5.34
C ASP A 42 4.01 2.26 3.86
N TYR A 43 3.73 1.03 3.44
CA TYR A 43 3.33 0.78 2.07
C TYR A 43 1.96 1.38 1.77
N ILE A 44 1.57 1.34 0.51
CA ILE A 44 0.27 1.88 0.08
C ILE A 44 -0.68 0.74 -0.30
N HIS A 45 -1.55 0.37 0.63
CA HIS A 45 -2.49 -0.71 0.42
C HIS A 45 -3.61 -0.33 -0.55
N ILE A 46 -3.70 -1.06 -1.65
CA ILE A 46 -4.73 -0.82 -2.66
C ILE A 46 -6.07 -1.46 -2.23
N ARG A 47 -6.36 -2.68 -2.72
CA ARG A 47 -7.59 -3.39 -2.37
C ARG A 47 -8.74 -3.06 -3.31
N ILE A 48 -9.41 -4.10 -3.80
CA ILE A 48 -10.55 -3.95 -4.71
C ILE A 48 -11.84 -4.36 -4.02
N GLN A 49 -12.97 -4.11 -4.68
CA GLN A 49 -14.27 -4.48 -4.14
C GLN A 49 -15.32 -4.49 -5.26
N GLN A 50 -15.61 -5.68 -5.75
CA GLN A 50 -16.60 -5.85 -6.82
C GLN A 50 -17.90 -6.44 -6.31
N ARG A 51 -18.97 -5.66 -6.40
CA ARG A 51 -20.28 -6.10 -5.96
C ARG A 51 -21.13 -6.52 -7.16
N ASN A 52 -21.94 -7.56 -6.97
CA ASN A 52 -22.80 -8.05 -8.04
C ASN A 52 -21.96 -8.53 -9.23
N GLY A 53 -20.69 -8.82 -8.98
CA GLY A 53 -19.80 -9.29 -10.02
C GLY A 53 -19.63 -8.27 -11.14
N ARG A 54 -19.45 -7.01 -10.78
CA ARG A 54 -19.27 -5.96 -11.76
C ARG A 54 -18.95 -4.62 -11.11
N LYS A 55 -19.62 -4.32 -10.00
CA LYS A 55 -19.39 -3.06 -9.29
C LYS A 55 -18.02 -3.04 -8.61
N THR A 56 -16.97 -3.07 -9.42
CA THR A 56 -15.60 -3.04 -8.91
C THR A 56 -15.23 -1.65 -8.42
N LEU A 57 -14.46 -1.60 -7.33
CA LEU A 57 -14.03 -0.33 -6.77
C LEU A 57 -12.67 -0.46 -6.09
N THR A 58 -11.62 -0.03 -6.75
CA THR A 58 -10.27 -0.11 -6.22
C THR A 58 -9.99 1.06 -5.27
N THR A 59 -9.75 0.73 -4.00
CA THR A 59 -9.46 1.77 -3.01
C THR A 59 -7.96 2.00 -2.89
N VAL A 60 -7.59 3.03 -2.14
CA VAL A 60 -6.17 3.36 -1.94
C VAL A 60 -5.90 3.78 -0.50
N GLN A 61 -5.03 3.03 0.16
CA GLN A 61 -4.67 3.31 1.55
C GLN A 61 -3.19 3.67 1.65
N GLY A 62 -2.85 4.45 2.66
CA GLY A 62 -1.48 4.85 2.87
C GLY A 62 -1.20 6.24 2.32
N ILE A 63 -2.00 6.65 1.34
CA ILE A 63 -1.85 7.96 0.72
C ILE A 63 -2.32 9.07 1.66
N ALA A 64 -1.67 10.22 1.59
CA ALA A 64 -2.01 11.36 2.41
C ALA A 64 -3.17 12.15 1.81
N ASP A 65 -4.08 12.60 2.65
CA ASP A 65 -5.23 13.38 2.19
C ASP A 65 -4.80 14.73 1.62
N ASP A 66 -3.55 15.10 1.86
CA ASP A 66 -3.02 16.37 1.37
C ASP A 66 -2.27 16.20 0.05
N TYR A 67 -2.68 15.21 -0.75
CA TYR A 67 -2.05 14.96 -2.03
C TYR A 67 -2.66 15.80 -3.14
N ASP A 68 -3.08 17.02 -2.80
CA ASP A 68 -3.69 17.93 -3.77
C ASP A 68 -5.15 17.58 -4.05
N LYS A 69 -5.58 16.40 -3.60
CA LYS A 69 -6.94 15.95 -3.81
C LYS A 69 -7.26 15.78 -5.30
N LYS A 70 -7.46 16.91 -5.99
CA LYS A 70 -7.76 16.89 -7.42
C LYS A 70 -6.74 16.07 -8.19
N LYS A 71 -5.50 16.54 -8.21
CA LYS A 71 -4.42 15.85 -8.92
C LYS A 71 -4.41 14.36 -8.60
N LEU A 72 -4.94 13.99 -7.43
CA LEU A 72 -4.99 12.60 -7.01
C LEU A 72 -5.96 11.78 -7.86
N VAL A 73 -7.26 12.03 -7.69
CA VAL A 73 -8.28 11.30 -8.44
C VAL A 73 -8.64 12.03 -9.72
N LYS A 74 -8.76 13.35 -9.65
CA LYS A 74 -9.11 14.15 -10.82
C LYS A 74 -8.20 13.79 -12.00
N ALA A 75 -6.93 13.59 -11.71
CA ALA A 75 -5.96 13.24 -12.74
C ALA A 75 -6.14 11.80 -13.19
N PHE A 76 -6.59 10.95 -12.27
CA PHE A 76 -6.83 9.54 -12.57
C PHE A 76 -7.81 9.40 -13.72
N LYS A 77 -8.86 10.23 -13.70
CA LYS A 77 -9.88 10.20 -14.75
C LYS A 77 -9.31 10.71 -16.08
N LYS A 78 -8.14 11.36 -16.01
CA LYS A 78 -7.50 11.89 -17.20
C LYS A 78 -6.53 10.87 -17.80
N LYS A 79 -6.13 9.91 -16.98
CA LYS A 79 -5.19 8.88 -17.43
C LYS A 79 -5.92 7.59 -17.81
N PHE A 80 -6.86 7.16 -16.97
CA PHE A 80 -7.61 5.93 -17.23
C PHE A 80 -9.11 6.19 -17.35
N ALA A 81 -9.55 7.40 -17.01
CA ALA A 81 -10.96 7.76 -17.09
C ALA A 81 -11.77 6.91 -16.12
N CYS A 82 -11.28 6.79 -14.89
CA CYS A 82 -11.96 6.02 -13.87
C CYS A 82 -12.45 6.91 -12.74
N ASN A 83 -13.67 6.65 -12.27
CA ASN A 83 -14.26 7.45 -11.20
C ASN A 83 -13.45 7.33 -9.92
N GLY A 84 -12.69 8.38 -9.61
CA GLY A 84 -11.88 8.37 -8.41
C GLY A 84 -12.51 9.19 -7.29
N THR A 85 -12.93 8.52 -6.23
CA THR A 85 -13.55 9.19 -5.09
C THR A 85 -12.66 9.13 -3.86
N VAL A 86 -12.76 10.14 -3.00
CA VAL A 86 -11.97 10.21 -1.78
C VAL A 86 -12.81 9.84 -0.56
N ILE A 87 -13.27 8.60 -0.50
CA ILE A 87 -14.09 8.13 0.61
C ILE A 87 -13.30 8.05 1.91
N GLU A 88 -14.00 8.12 3.03
CA GLU A 88 -13.38 8.04 4.34
C GLU A 88 -13.78 6.75 5.04
N HIS A 89 -13.20 5.64 4.58
CA HIS A 89 -13.49 4.33 5.15
C HIS A 89 -13.22 4.30 6.65
N PRO A 90 -14.08 3.59 7.41
CA PRO A 90 -13.93 3.48 8.86
C PRO A 90 -12.90 2.43 9.27
N GLU A 91 -12.67 1.46 8.40
CA GLU A 91 -11.71 0.40 8.68
C GLU A 91 -10.29 0.84 8.35
N TYR A 92 -10.17 1.86 7.50
CA TYR A 92 -8.86 2.37 7.10
C TYR A 92 -8.71 3.84 7.51
N GLY A 93 -9.70 4.64 7.15
CA GLY A 93 -9.65 6.06 7.49
C GLY A 93 -9.09 6.91 6.37
N GLU A 94 -9.97 7.50 5.57
CA GLU A 94 -9.55 8.34 4.47
C GLU A 94 -8.82 7.55 3.39
N VAL A 95 -9.59 6.98 2.46
CA VAL A 95 -9.02 6.20 1.37
C VAL A 95 -9.77 6.45 0.07
N ILE A 96 -9.02 6.59 -1.02
CA ILE A 96 -9.63 6.82 -2.32
C ILE A 96 -10.33 5.56 -2.81
N GLN A 97 -11.40 5.73 -3.58
CA GLN A 97 -12.16 4.60 -4.10
C GLN A 97 -12.36 4.70 -5.61
N LEU A 98 -11.39 4.21 -6.36
CA LEU A 98 -11.48 4.24 -7.82
C LEU A 98 -12.55 3.28 -8.31
N GLN A 99 -13.06 3.52 -9.51
CA GLN A 99 -14.08 2.66 -10.09
C GLN A 99 -13.44 1.60 -10.99
N GLY A 100 -14.03 0.41 -11.00
CA GLY A 100 -13.50 -0.67 -11.81
C GLY A 100 -12.25 -1.27 -11.20
N ASP A 101 -11.74 -2.32 -11.83
CA ASP A 101 -10.53 -2.98 -11.33
C ASP A 101 -9.29 -2.19 -11.72
N GLN A 102 -8.86 -1.31 -10.84
CA GLN A 102 -7.68 -0.49 -11.08
C GLN A 102 -6.49 -0.97 -10.25
N ARG A 103 -6.64 -2.15 -9.63
CA ARG A 103 -5.57 -2.72 -8.81
C ARG A 103 -4.24 -2.67 -9.54
N LYS A 104 -4.28 -2.69 -10.87
CA LYS A 104 -3.07 -2.65 -11.68
C LYS A 104 -2.83 -1.25 -12.23
N ASN A 105 -3.89 -0.46 -12.35
CA ASN A 105 -3.79 0.90 -12.88
C ASN A 105 -3.40 1.88 -11.76
N ILE A 106 -3.97 1.68 -10.58
CA ILE A 106 -3.67 2.58 -9.46
C ILE A 106 -2.20 2.51 -9.07
N CYS A 107 -1.67 1.30 -8.88
CA CYS A 107 -0.27 1.14 -8.55
C CYS A 107 0.57 1.76 -9.66
N GLN A 108 0.04 1.67 -10.87
CA GLN A 108 0.68 2.25 -12.05
C GLN A 108 0.56 3.76 -12.02
N PHE A 109 -0.55 4.24 -11.45
CA PHE A 109 -0.80 5.67 -11.34
C PHE A 109 0.07 6.29 -10.25
N LEU A 110 0.10 5.65 -9.09
CA LEU A 110 0.89 6.13 -7.97
C LEU A 110 2.36 6.27 -8.36
N VAL A 111 2.80 5.43 -9.30
CA VAL A 111 4.17 5.46 -9.77
C VAL A 111 4.32 6.40 -10.96
N GLU A 112 3.26 6.54 -11.74
CA GLU A 112 3.27 7.40 -12.91
C GLU A 112 3.28 8.87 -12.49
N ILE A 113 2.42 9.21 -11.55
CA ILE A 113 2.31 10.58 -11.06
C ILE A 113 3.32 10.86 -9.96
N GLY A 114 3.85 9.79 -9.35
CA GLY A 114 4.81 9.96 -8.27
C GLY A 114 4.12 10.10 -6.94
N LEU A 115 2.97 9.46 -6.80
CA LEU A 115 2.19 9.52 -5.56
C LEU A 115 2.82 8.62 -4.50
N ALA A 116 2.72 7.32 -4.70
CA ALA A 116 3.28 6.36 -3.75
C ALA A 116 4.70 5.97 -4.14
N LYS A 117 5.23 4.95 -3.49
CA LYS A 117 6.58 4.48 -3.76
C LYS A 117 6.55 3.06 -4.31
N ASP A 118 7.46 2.75 -5.22
CA ASP A 118 7.52 1.41 -5.82
C ASP A 118 7.60 0.34 -4.75
N ASP A 119 8.20 0.69 -3.61
CA ASP A 119 8.34 -0.25 -2.50
C ASP A 119 7.03 -0.32 -1.71
N GLN A 120 6.29 0.78 -1.73
CA GLN A 120 5.02 0.84 -1.02
C GLN A 120 3.90 0.18 -1.82
N LEU A 121 4.18 -0.14 -3.08
CA LEU A 121 3.20 -0.77 -3.96
C LEU A 121 2.56 -1.99 -3.29
N LYS A 122 1.46 -1.75 -2.57
CA LYS A 122 0.76 -2.83 -1.88
C LYS A 122 -0.59 -3.08 -2.54
N VAL A 123 -0.57 -3.85 -3.63
CA VAL A 123 -1.79 -4.16 -4.36
C VAL A 123 -2.44 -5.45 -3.86
N HIS A 124 -3.69 -5.33 -3.44
CA HIS A 124 -4.44 -6.49 -2.95
C HIS A 124 -5.82 -6.53 -3.59
N GLY A 125 -5.88 -6.17 -4.87
CA GLY A 125 -7.14 -6.15 -5.58
C GLY A 125 -7.88 -7.48 -5.50
N PHE A 126 -8.75 -7.61 -4.50
CA PHE A 126 -9.52 -8.83 -4.32
C PHE A 126 -8.61 -10.03 -4.11
N MET A 1 32.00 6.83 -29.59
CA MET A 1 31.64 6.86 -28.15
C MET A 1 32.58 7.77 -27.36
N ARG A 2 32.24 9.06 -27.30
CA ARG A 2 33.06 10.03 -26.58
C ARG A 2 32.35 10.49 -25.31
N GLY A 3 31.03 10.64 -25.39
CA GLY A 3 30.26 11.08 -24.24
C GLY A 3 29.18 10.09 -23.86
N SER A 4 29.24 9.60 -22.62
CA SER A 4 28.25 8.64 -22.12
C SER A 4 28.36 8.49 -20.61
N HIS A 5 27.26 8.09 -19.98
CA HIS A 5 27.23 7.91 -18.53
C HIS A 5 26.25 6.81 -18.14
N HIS A 6 26.63 5.98 -17.19
CA HIS A 6 25.78 4.89 -16.72
C HIS A 6 26.04 4.59 -15.24
N HIS A 7 25.05 4.00 -14.60
CA HIS A 7 25.17 3.64 -13.18
C HIS A 7 23.99 2.79 -12.73
N HIS A 8 23.62 1.82 -13.56
CA HIS A 8 22.50 0.93 -13.24
C HIS A 8 22.84 -0.50 -13.62
N HIS A 9 23.63 -1.16 -12.78
CA HIS A 9 24.02 -2.54 -13.02
C HIS A 9 24.30 -3.28 -11.72
N HIS A 10 23.81 -4.51 -11.61
CA HIS A 10 24.01 -5.31 -10.41
C HIS A 10 25.48 -5.61 -10.19
N THR A 11 25.78 -6.35 -9.13
CA THR A 11 27.16 -6.71 -8.82
C THR A 11 27.24 -8.14 -8.28
N ASP A 12 28.04 -8.97 -8.94
CA ASP A 12 28.21 -10.35 -8.54
C ASP A 12 26.89 -11.11 -8.58
N PRO A 13 26.63 -11.86 -9.67
CA PRO A 13 25.40 -12.64 -9.82
C PRO A 13 25.39 -13.87 -8.93
N MET A 14 26.46 -14.08 -8.16
CA MET A 14 26.53 -15.24 -7.29
C MET A 14 26.35 -16.49 -8.14
N SER A 15 26.89 -16.44 -9.35
CA SER A 15 26.73 -17.55 -10.29
C SER A 15 25.24 -17.87 -10.43
N ALA A 16 24.42 -16.83 -10.24
CA ALA A 16 22.98 -16.97 -10.31
C ALA A 16 22.49 -17.92 -9.22
N ILE A 17 23.18 -17.85 -8.08
CA ILE A 17 22.86 -18.68 -6.92
C ILE A 17 21.58 -18.20 -6.25
N GLN A 18 20.46 -18.86 -6.56
CA GLN A 18 19.17 -18.50 -5.99
C GLN A 18 18.80 -17.06 -6.32
N ASN A 19 17.60 -16.66 -5.90
CA ASN A 19 17.12 -15.30 -6.15
C ASN A 19 17.23 -14.44 -4.90
N LEU A 20 17.36 -15.08 -3.74
CA LEU A 20 17.46 -14.36 -2.47
C LEU A 20 18.56 -13.31 -2.52
N HIS A 21 18.61 -12.45 -1.51
CA HIS A 21 19.61 -11.40 -1.43
C HIS A 21 19.64 -10.78 -0.04
N SER A 22 20.36 -11.42 0.87
CA SER A 22 20.48 -10.93 2.24
C SER A 22 21.07 -9.52 2.27
N PHE A 23 20.27 -8.56 2.70
CA PHE A 23 20.72 -7.17 2.77
C PHE A 23 21.85 -7.01 3.77
N ASP A 24 22.86 -6.23 3.40
CA ASP A 24 24.01 -6.00 4.26
C ASP A 24 24.74 -7.31 4.57
N PRO A 25 25.31 -7.96 3.54
CA PRO A 25 26.03 -9.23 3.71
C PRO A 25 27.17 -9.12 4.72
N PHE A 26 27.70 -7.91 4.87
CA PHE A 26 28.80 -7.66 5.80
C PHE A 26 28.33 -6.80 6.97
N ALA A 27 27.10 -7.04 7.42
CA ALA A 27 26.54 -6.28 8.54
C ALA A 27 25.32 -7.00 9.13
N ASP A 28 25.43 -7.39 10.39
CA ASP A 28 24.34 -8.08 11.07
C ASP A 28 23.34 -7.09 11.64
N ALA A 29 22.56 -6.47 10.75
CA ALA A 29 21.55 -5.50 11.17
C ALA A 29 20.42 -6.17 11.93
N SER A 30 19.71 -5.39 12.74
CA SER A 30 18.60 -5.90 13.53
C SER A 30 19.07 -6.98 14.49
N LYS A 31 19.29 -6.60 15.74
CA LYS A 31 19.74 -7.53 16.77
C LYS A 31 18.59 -8.42 17.23
N GLY A 32 18.90 -9.34 18.14
CA GLY A 32 17.88 -10.25 18.64
C GLY A 32 17.63 -10.07 20.13
N ASP A 33 17.91 -8.87 20.64
CA ASP A 33 17.71 -8.57 22.04
C ASP A 33 16.49 -7.67 22.25
N ASP A 34 16.40 -6.63 21.44
CA ASP A 34 15.29 -5.68 21.52
C ASP A 34 14.85 -5.22 20.14
N LEU A 35 13.78 -5.82 19.63
CA LEU A 35 13.26 -5.47 18.32
C LEU A 35 12.85 -4.00 18.26
N LEU A 36 13.79 -3.14 17.89
CA LEU A 36 13.52 -1.71 17.80
C LEU A 36 12.39 -1.42 16.81
N PRO A 37 11.49 -0.48 17.14
CA PRO A 37 10.37 -0.11 16.26
C PRO A 37 10.83 0.33 14.88
N ALA A 38 9.96 1.03 14.16
CA ALA A 38 10.28 1.51 12.83
C ALA A 38 10.52 0.36 11.87
N GLY A 39 9.45 -0.11 11.22
CA GLY A 39 9.57 -1.20 10.28
C GLY A 39 8.30 -1.41 9.49
N THR A 40 8.26 -0.85 8.28
CA THR A 40 7.09 -0.97 7.42
C THR A 40 7.28 -0.19 6.12
N GLU A 41 8.01 0.91 6.21
CA GLU A 41 8.27 1.77 5.04
C GLU A 41 7.01 2.52 4.61
N ASP A 42 5.97 2.46 5.43
CA ASP A 42 4.71 3.14 5.14
C ASP A 42 4.20 2.78 3.75
N TYR A 43 3.98 1.49 3.54
CA TYR A 43 3.48 1.00 2.26
C TYR A 43 2.13 1.62 1.92
N ILE A 44 1.72 1.45 0.66
CA ILE A 44 0.44 1.99 0.21
C ILE A 44 -0.48 0.86 -0.22
N HIS A 45 -1.40 0.50 0.66
CA HIS A 45 -2.35 -0.58 0.40
C HIS A 45 -3.43 -0.17 -0.58
N ILE A 46 -3.67 -1.02 -1.58
CA ILE A 46 -4.71 -0.77 -2.58
C ILE A 46 -6.02 -1.44 -2.16
N ARG A 47 -6.33 -2.63 -2.73
CA ARG A 47 -7.54 -3.37 -2.39
C ARG A 47 -8.71 -3.02 -3.29
N ILE A 48 -9.35 -4.06 -3.84
CA ILE A 48 -10.50 -3.91 -4.71
C ILE A 48 -11.77 -4.29 -3.95
N GLN A 49 -12.92 -4.05 -4.58
CA GLN A 49 -14.19 -4.40 -3.96
C GLN A 49 -15.30 -4.45 -5.00
N GLN A 50 -15.63 -5.66 -5.45
CA GLN A 50 -16.68 -5.87 -6.43
C GLN A 50 -17.92 -6.48 -5.79
N ARG A 51 -18.86 -5.61 -5.41
CA ARG A 51 -20.10 -6.07 -4.78
C ARG A 51 -20.78 -7.13 -5.65
N ASN A 52 -21.40 -6.67 -6.73
CA ASN A 52 -22.07 -7.57 -7.65
C ASN A 52 -21.05 -8.18 -8.61
N GLY A 53 -21.48 -8.52 -9.83
CA GLY A 53 -20.57 -9.08 -10.79
C GLY A 53 -19.94 -8.04 -11.70
N ARG A 54 -19.68 -6.85 -11.13
CA ARG A 54 -19.09 -5.76 -11.90
C ARG A 54 -18.90 -4.50 -11.05
N LYS A 55 -19.75 -4.34 -10.04
CA LYS A 55 -19.66 -3.16 -9.17
C LYS A 55 -18.36 -3.14 -8.37
N THR A 56 -17.25 -2.97 -9.08
CA THR A 56 -15.93 -2.92 -8.46
C THR A 56 -15.60 -1.53 -7.95
N LEU A 57 -14.61 -1.43 -7.07
CA LEU A 57 -14.21 -0.15 -6.51
C LEU A 57 -12.81 -0.24 -5.89
N THR A 58 -11.79 0.10 -6.68
CA THR A 58 -10.40 0.04 -6.20
C THR A 58 -10.13 1.18 -5.22
N THR A 59 -9.78 0.81 -3.98
CA THR A 59 -9.49 1.80 -2.95
C THR A 59 -8.00 1.99 -2.78
N VAL A 60 -7.62 3.10 -2.14
CA VAL A 60 -6.21 3.40 -1.90
C VAL A 60 -5.98 3.83 -0.46
N GLN A 61 -5.23 3.02 0.28
CA GLN A 61 -4.92 3.31 1.67
C GLN A 61 -3.43 3.56 1.85
N GLY A 62 -3.09 4.53 2.68
CA GLY A 62 -1.69 4.86 2.92
C GLY A 62 -1.35 6.23 2.39
N ILE A 63 -2.04 6.65 1.34
CA ILE A 63 -1.81 7.96 0.74
C ILE A 63 -2.18 9.07 1.71
N ALA A 64 -1.44 10.17 1.63
CA ALA A 64 -1.68 11.31 2.51
C ALA A 64 -3.02 11.97 2.21
N ASP A 65 -3.51 12.76 3.16
CA ASP A 65 -4.78 13.46 3.00
C ASP A 65 -4.56 14.87 2.47
N ASP A 66 -3.39 15.10 1.86
CA ASP A 66 -3.06 16.40 1.32
C ASP A 66 -2.30 16.26 0.00
N TYR A 67 -2.68 15.27 -0.80
CA TYR A 67 -2.03 15.03 -2.08
C TYR A 67 -2.67 15.86 -3.18
N ASP A 68 -3.08 17.08 -2.85
CA ASP A 68 -3.70 17.99 -3.81
C ASP A 68 -5.16 17.60 -4.11
N LYS A 69 -5.59 16.46 -3.55
CA LYS A 69 -6.96 15.98 -3.75
C LYS A 69 -7.26 15.78 -5.24
N LYS A 70 -7.58 16.88 -5.92
CA LYS A 70 -7.89 16.83 -7.35
C LYS A 70 -6.81 16.06 -8.11
N LYS A 71 -5.58 16.56 -8.06
CA LYS A 71 -4.47 15.92 -8.74
C LYS A 71 -4.43 14.41 -8.46
N LEU A 72 -5.00 14.01 -7.33
CA LEU A 72 -5.02 12.60 -6.95
C LEU A 72 -5.95 11.79 -7.86
N VAL A 73 -7.25 12.01 -7.74
CA VAL A 73 -8.23 11.28 -8.55
C VAL A 73 -8.46 11.96 -9.90
N LYS A 74 -8.54 13.28 -9.90
CA LYS A 74 -8.76 14.03 -11.13
C LYS A 74 -7.80 13.56 -12.22
N ALA A 75 -6.56 13.30 -11.83
CA ALA A 75 -5.54 12.84 -12.77
C ALA A 75 -5.87 11.43 -13.24
N PHE A 76 -6.46 10.63 -12.35
CA PHE A 76 -6.81 9.26 -12.67
C PHE A 76 -7.82 9.24 -13.82
N LYS A 77 -8.94 9.93 -13.63
CA LYS A 77 -9.99 10.00 -14.64
C LYS A 77 -9.44 10.55 -15.96
N LYS A 78 -8.31 11.24 -15.89
CA LYS A 78 -7.70 11.81 -17.09
C LYS A 78 -6.65 10.88 -17.68
N LYS A 79 -6.14 9.97 -16.87
CA LYS A 79 -5.12 9.03 -17.31
C LYS A 79 -5.72 7.68 -17.72
N PHE A 80 -6.81 7.30 -17.06
CA PHE A 80 -7.45 6.02 -17.36
C PHE A 80 -8.90 6.20 -17.82
N ALA A 81 -9.47 7.38 -17.60
CA ALA A 81 -10.85 7.64 -17.98
C ALA A 81 -11.82 6.93 -17.06
N CYS A 82 -11.41 6.73 -15.82
CA CYS A 82 -12.24 6.06 -14.83
C CYS A 82 -12.86 7.07 -13.87
N ASN A 83 -13.34 6.59 -12.72
CA ASN A 83 -13.96 7.45 -11.73
C ASN A 83 -13.20 7.36 -10.40
N GLY A 84 -12.67 8.49 -9.94
CA GLY A 84 -11.93 8.51 -8.69
C GLY A 84 -12.63 9.34 -7.63
N THR A 85 -13.08 8.69 -6.57
CA THR A 85 -13.77 9.37 -5.48
C THR A 85 -12.96 9.30 -4.18
N VAL A 86 -13.24 10.23 -3.27
CA VAL A 86 -12.55 10.27 -1.99
C VAL A 86 -13.49 9.91 -0.84
N ILE A 87 -13.34 8.70 -0.30
CA ILE A 87 -14.19 8.25 0.79
C ILE A 87 -13.36 7.97 2.05
N GLU A 88 -14.01 8.07 3.21
CA GLU A 88 -13.34 7.81 4.47
C GLU A 88 -13.73 6.45 5.03
N HIS A 89 -13.18 5.41 4.42
CA HIS A 89 -13.47 4.04 4.83
C HIS A 89 -13.17 3.82 6.32
N PRO A 90 -14.04 3.10 7.04
CA PRO A 90 -13.86 2.83 8.46
C PRO A 90 -12.87 1.70 8.71
N GLU A 91 -12.64 0.88 7.68
CA GLU A 91 -11.71 -0.24 7.79
C GLU A 91 -10.27 0.22 7.59
N TYR A 92 -10.10 1.33 6.89
CA TYR A 92 -8.77 1.88 6.62
C TYR A 92 -8.63 3.28 7.23
N GLY A 93 -9.58 4.15 6.90
CA GLY A 93 -9.54 5.51 7.41
C GLY A 93 -9.01 6.50 6.40
N GLU A 94 -9.91 7.06 5.59
CA GLU A 94 -9.52 8.04 4.57
C GLU A 94 -8.79 7.36 3.42
N VAL A 95 -9.56 6.95 2.40
CA VAL A 95 -8.98 6.29 1.23
C VAL A 95 -9.72 6.70 -0.04
N ILE A 96 -8.99 6.74 -1.16
CA ILE A 96 -9.58 7.11 -2.44
C ILE A 96 -10.25 5.90 -3.08
N GLN A 97 -11.52 6.06 -3.43
CA GLN A 97 -12.29 4.98 -4.04
C GLN A 97 -12.39 5.14 -5.55
N LEU A 98 -11.69 4.27 -6.28
CA LEU A 98 -11.72 4.28 -7.74
C LEU A 98 -12.82 3.34 -8.23
N GLN A 99 -13.20 3.47 -9.49
CA GLN A 99 -14.24 2.62 -10.05
C GLN A 99 -13.64 1.51 -10.91
N GLY A 100 -14.22 0.32 -10.81
CA GLY A 100 -13.74 -0.82 -11.58
C GLY A 100 -12.48 -1.43 -10.98
N ASP A 101 -11.85 -2.33 -11.73
CA ASP A 101 -10.63 -2.98 -11.25
C ASP A 101 -9.40 -2.19 -11.68
N GLN A 102 -9.03 -1.22 -10.86
CA GLN A 102 -7.88 -0.37 -11.13
C GLN A 102 -6.70 -0.75 -10.25
N ARG A 103 -6.86 -1.80 -9.45
CA ARG A 103 -5.80 -2.25 -8.55
C ARG A 103 -4.47 -2.35 -9.28
N LYS A 104 -4.53 -2.60 -10.59
CA LYS A 104 -3.33 -2.70 -11.41
C LYS A 104 -2.97 -1.36 -12.03
N ASN A 105 -3.97 -0.51 -12.21
CA ASN A 105 -3.75 0.81 -12.80
C ASN A 105 -3.36 1.84 -11.73
N ILE A 106 -3.90 1.65 -10.53
CA ILE A 106 -3.61 2.55 -9.43
C ILE A 106 -2.14 2.49 -9.03
N CYS A 107 -1.63 1.27 -8.81
CA CYS A 107 -0.22 1.11 -8.46
C CYS A 107 0.63 1.73 -9.55
N GLN A 108 0.16 1.59 -10.79
CA GLN A 108 0.82 2.16 -11.94
C GLN A 108 0.65 3.67 -11.96
N PHE A 109 -0.49 4.12 -11.43
CA PHE A 109 -0.80 5.54 -11.35
C PHE A 109 0.04 6.20 -10.26
N LEU A 110 0.13 5.54 -9.11
CA LEU A 110 0.90 6.05 -7.99
C LEU A 110 2.35 6.25 -8.37
N VAL A 111 2.82 5.44 -9.32
CA VAL A 111 4.20 5.53 -9.78
C VAL A 111 4.31 6.45 -10.99
N GLU A 112 3.25 6.52 -11.78
CA GLU A 112 3.22 7.37 -12.97
C GLU A 112 3.20 8.84 -12.59
N ILE A 113 2.40 9.17 -11.58
CA ILE A 113 2.27 10.54 -11.12
C ILE A 113 3.30 10.86 -10.03
N GLY A 114 3.74 9.83 -9.32
CA GLY A 114 4.70 10.00 -8.26
C GLY A 114 4.03 10.10 -6.90
N LEU A 115 2.88 9.45 -6.78
CA LEU A 115 2.12 9.45 -5.53
C LEU A 115 2.76 8.52 -4.51
N ALA A 116 2.62 7.21 -4.75
CA ALA A 116 3.19 6.22 -3.85
C ALA A 116 4.61 5.84 -4.29
N LYS A 117 5.22 4.90 -3.57
CA LYS A 117 6.57 4.46 -3.90
C LYS A 117 6.56 3.01 -4.36
N ASP A 118 7.55 2.64 -5.17
CA ASP A 118 7.64 1.27 -5.67
C ASP A 118 7.76 0.28 -4.52
N ASP A 119 8.34 0.74 -3.41
CA ASP A 119 8.51 -0.08 -2.23
C ASP A 119 7.21 -0.13 -1.43
N GLN A 120 6.38 0.90 -1.61
CA GLN A 120 5.10 0.99 -0.92
C GLN A 120 3.99 0.34 -1.75
N LEU A 121 4.33 -0.10 -2.95
CA LEU A 121 3.37 -0.72 -3.86
C LEU A 121 2.71 -1.93 -3.20
N LYS A 122 1.65 -1.68 -2.44
CA LYS A 122 0.91 -2.73 -1.77
C LYS A 122 -0.45 -2.96 -2.42
N VAL A 123 -0.45 -3.69 -3.53
CA VAL A 123 -1.69 -3.96 -4.26
C VAL A 123 -2.33 -5.27 -3.82
N HIS A 124 -3.60 -5.19 -3.43
CA HIS A 124 -4.34 -6.37 -2.99
C HIS A 124 -5.74 -6.37 -3.60
N GLY A 125 -5.82 -6.03 -4.87
CA GLY A 125 -7.10 -6.00 -5.56
C GLY A 125 -7.83 -7.33 -5.53
N PHE A 126 -8.60 -7.55 -4.47
CA PHE A 126 -9.36 -8.79 -4.32
C PHE A 126 -8.42 -9.98 -4.22
N MET A 1 28.84 -49.09 -0.56
CA MET A 1 28.97 -48.49 -1.92
C MET A 1 30.36 -47.91 -2.13
N ARG A 2 30.86 -48.02 -3.37
CA ARG A 2 32.18 -47.50 -3.71
C ARG A 2 32.21 -45.99 -3.60
N GLY A 3 31.10 -45.34 -3.95
CA GLY A 3 31.04 -43.90 -3.89
C GLY A 3 30.41 -43.28 -5.12
N SER A 4 29.71 -42.18 -4.94
CA SER A 4 29.06 -41.49 -6.06
C SER A 4 29.91 -40.33 -6.55
N HIS A 5 31.23 -40.53 -6.60
CA HIS A 5 32.14 -39.50 -7.05
C HIS A 5 32.18 -38.33 -6.07
N HIS A 6 31.12 -37.53 -6.08
CA HIS A 6 31.03 -36.38 -5.19
C HIS A 6 29.65 -35.74 -5.26
N HIS A 7 29.14 -35.58 -6.49
CA HIS A 7 27.83 -34.98 -6.70
C HIS A 7 26.74 -35.86 -6.11
N HIS A 8 25.52 -35.31 -6.02
CA HIS A 8 24.40 -36.05 -5.48
C HIS A 8 23.11 -35.70 -6.21
N HIS A 9 22.70 -34.44 -6.10
CA HIS A 9 21.48 -33.96 -6.76
C HIS A 9 21.67 -32.57 -7.33
N HIS A 10 20.62 -32.02 -7.93
CA HIS A 10 20.68 -30.69 -8.51
C HIS A 10 21.03 -29.65 -7.46
N THR A 11 20.18 -29.54 -6.44
CA THR A 11 20.41 -28.57 -5.36
C THR A 11 20.80 -29.29 -4.07
N ASP A 12 22.09 -29.26 -3.76
CA ASP A 12 22.59 -29.91 -2.55
C ASP A 12 21.95 -29.31 -1.30
N PRO A 13 21.18 -30.10 -0.54
CA PRO A 13 20.51 -29.62 0.67
C PRO A 13 21.48 -28.92 1.63
N MET A 14 22.75 -29.30 1.56
CA MET A 14 23.77 -28.70 2.42
C MET A 14 24.22 -27.35 1.88
N SER A 15 23.78 -27.00 0.67
CA SER A 15 24.14 -25.73 0.06
C SER A 15 23.55 -24.56 0.84
N ALA A 16 22.30 -24.70 1.24
CA ALA A 16 21.61 -23.65 1.99
C ALA A 16 21.09 -24.19 3.32
N ILE A 17 21.99 -24.38 4.28
CA ILE A 17 21.61 -24.88 5.59
C ILE A 17 21.32 -23.74 6.56
N GLN A 18 20.43 -23.98 7.51
CA GLN A 18 20.06 -22.97 8.49
C GLN A 18 20.80 -23.19 9.81
N ASN A 19 21.89 -22.45 10.00
CA ASN A 19 22.68 -22.57 11.21
C ASN A 19 23.35 -21.24 11.55
N LEU A 20 22.58 -20.31 12.10
CA LEU A 20 23.10 -19.00 12.47
C LEU A 20 22.09 -18.23 13.29
N HIS A 21 22.04 -18.52 14.59
CA HIS A 21 21.11 -17.84 15.49
C HIS A 21 21.74 -17.64 16.87
N SER A 22 22.72 -16.75 16.95
CA SER A 22 23.40 -16.48 18.21
C SER A 22 23.46 -14.98 18.47
N PHE A 23 22.30 -14.36 18.58
CA PHE A 23 22.21 -12.92 18.83
C PHE A 23 21.37 -12.64 20.07
N ASP A 24 21.84 -11.69 20.89
CA ASP A 24 21.13 -11.32 22.11
C ASP A 24 21.01 -12.51 23.05
N PRO A 25 22.02 -12.73 23.90
CA PRO A 25 22.02 -13.85 24.86
C PRO A 25 20.79 -13.84 25.76
N PHE A 26 20.17 -12.66 25.90
CA PHE A 26 18.99 -12.51 26.74
C PHE A 26 17.76 -12.18 25.90
N ALA A 27 17.58 -12.91 24.81
CA ALA A 27 16.45 -12.70 23.92
C ALA A 27 15.18 -13.32 24.48
N ASP A 28 14.58 -12.63 25.45
CA ASP A 28 13.35 -13.11 26.07
C ASP A 28 12.13 -12.73 25.25
N ALA A 29 11.16 -13.63 25.18
CA ALA A 29 9.93 -13.38 24.42
C ALA A 29 8.79 -12.96 25.34
N SER A 30 8.53 -11.65 25.37
CA SER A 30 7.47 -11.11 26.21
C SER A 30 7.21 -9.65 25.88
N LYS A 31 8.24 -8.82 26.04
CA LYS A 31 8.13 -7.39 25.76
C LYS A 31 9.49 -6.81 25.39
N GLY A 32 9.57 -6.23 24.19
CA GLY A 32 10.80 -5.65 23.73
C GLY A 32 10.58 -4.54 22.72
N ASP A 33 10.21 -4.93 21.50
CA ASP A 33 9.97 -3.95 20.44
C ASP A 33 8.55 -4.11 19.89
N ASP A 34 7.57 -3.72 20.69
CA ASP A 34 6.17 -3.81 20.28
C ASP A 34 5.59 -2.42 20.01
N LEU A 35 6.35 -1.59 19.31
CA LEU A 35 5.91 -0.24 18.99
C LEU A 35 5.53 -0.12 17.51
N LEU A 36 4.29 -0.46 17.20
CA LEU A 36 3.80 -0.38 15.83
C LEU A 36 4.59 -1.34 14.92
N PRO A 37 3.97 -1.81 13.84
CA PRO A 37 4.61 -2.73 12.90
C PRO A 37 5.98 -2.23 12.45
N ALA A 38 7.02 -3.01 12.76
CA ALA A 38 8.38 -2.65 12.39
C ALA A 38 8.77 -3.27 11.05
N GLY A 39 9.31 -2.44 10.16
CA GLY A 39 9.71 -2.93 8.85
C GLY A 39 8.56 -2.98 7.87
N THR A 40 7.58 -2.11 8.06
CA THR A 40 6.42 -2.05 7.19
C THR A 40 6.60 -0.99 6.11
N GLU A 41 7.34 0.06 6.43
CA GLU A 41 7.60 1.15 5.49
C GLU A 41 6.30 1.88 5.11
N ASP A 42 5.24 1.63 5.88
CA ASP A 42 3.95 2.26 5.62
C ASP A 42 3.58 2.19 4.14
N TYR A 43 3.45 0.98 3.63
CA TYR A 43 3.09 0.77 2.23
C TYR A 43 1.73 1.37 1.92
N ILE A 44 1.34 1.32 0.65
CA ILE A 44 0.06 1.85 0.22
C ILE A 44 -0.84 0.73 -0.28
N HIS A 45 -1.77 0.31 0.57
CA HIS A 45 -2.69 -0.77 0.23
C HIS A 45 -3.61 -0.42 -0.92
N ILE A 46 -3.89 -1.41 -1.77
CA ILE A 46 -4.77 -1.26 -2.91
C ILE A 46 -5.68 -2.47 -3.01
N ARG A 47 -6.93 -2.30 -2.60
CA ARG A 47 -7.90 -3.39 -2.62
C ARG A 47 -9.13 -3.04 -3.44
N ILE A 48 -9.60 -4.00 -4.23
CA ILE A 48 -10.78 -3.83 -5.06
C ILE A 48 -12.04 -4.29 -4.32
N GLN A 49 -13.19 -3.73 -4.71
CA GLN A 49 -14.46 -4.10 -4.11
C GLN A 49 -15.55 -4.20 -5.18
N GLN A 50 -15.74 -5.41 -5.70
CA GLN A 50 -16.73 -5.64 -6.74
C GLN A 50 -18.07 -6.08 -6.15
N ARG A 51 -19.09 -5.25 -6.36
CA ARG A 51 -20.43 -5.56 -5.86
C ARG A 51 -21.22 -6.29 -6.93
N ASN A 52 -21.77 -7.45 -6.56
CA ASN A 52 -22.55 -8.26 -7.50
C ASN A 52 -21.66 -8.79 -8.62
N GLY A 53 -20.36 -8.83 -8.37
CA GLY A 53 -19.42 -9.31 -9.36
C GLY A 53 -19.36 -8.43 -10.60
N ARG A 54 -19.50 -7.12 -10.40
CA ARG A 54 -19.46 -6.18 -11.51
C ARG A 54 -19.00 -4.80 -11.05
N LYS A 55 -19.79 -4.16 -10.20
CA LYS A 55 -19.46 -2.84 -9.70
C LYS A 55 -18.14 -2.86 -8.93
N THR A 56 -17.04 -2.82 -9.68
CA THR A 56 -15.71 -2.85 -9.09
C THR A 56 -15.27 -1.47 -8.64
N LEU A 57 -14.59 -1.42 -7.49
CA LEU A 57 -14.10 -0.16 -6.94
C LEU A 57 -12.78 -0.40 -6.20
N THR A 58 -11.71 0.22 -6.70
CA THR A 58 -10.39 0.06 -6.10
C THR A 58 -10.12 1.16 -5.07
N THR A 59 -9.72 0.76 -3.86
CA THR A 59 -9.42 1.72 -2.81
C THR A 59 -7.92 1.77 -2.52
N VAL A 60 -7.46 2.94 -2.10
CA VAL A 60 -6.04 3.13 -1.78
C VAL A 60 -5.86 3.63 -0.35
N GLN A 61 -5.09 2.90 0.44
CA GLN A 61 -4.84 3.26 1.83
C GLN A 61 -3.37 3.61 2.03
N GLY A 62 -3.12 4.64 2.82
CA GLY A 62 -1.76 5.06 3.08
C GLY A 62 -1.47 6.45 2.52
N ILE A 63 -2.19 6.81 1.46
CA ILE A 63 -2.02 8.11 0.83
C ILE A 63 -2.34 9.24 1.81
N ALA A 64 -1.64 10.36 1.67
CA ALA A 64 -1.85 11.49 2.55
C ALA A 64 -2.91 12.44 2.00
N ASP A 65 -3.88 12.79 2.84
CA ASP A 65 -4.95 13.70 2.44
C ASP A 65 -4.37 15.04 1.97
N ASP A 66 -3.14 15.32 2.40
CA ASP A 66 -2.48 16.55 2.02
C ASP A 66 -2.27 16.62 0.51
N TYR A 67 -2.20 15.46 -0.12
CA TYR A 67 -2.01 15.38 -1.56
C TYR A 67 -2.99 16.30 -2.30
N ASP A 68 -2.80 16.43 -3.60
CA ASP A 68 -3.68 17.27 -4.40
C ASP A 68 -4.97 16.52 -4.72
N LYS A 69 -5.72 16.19 -3.67
CA LYS A 69 -6.99 15.47 -3.80
C LYS A 69 -7.70 15.76 -5.12
N LYS A 70 -7.94 17.05 -5.37
CA LYS A 70 -8.61 17.48 -6.60
C LYS A 70 -7.99 16.81 -7.82
N LYS A 71 -6.67 16.87 -7.90
CA LYS A 71 -5.95 16.27 -9.02
C LYS A 71 -5.58 14.80 -8.75
N LEU A 72 -5.69 14.39 -7.49
CA LEU A 72 -5.37 13.02 -7.12
C LEU A 72 -6.24 12.02 -7.90
N VAL A 73 -7.53 12.30 -7.97
CA VAL A 73 -8.46 11.43 -8.69
C VAL A 73 -8.80 12.00 -10.06
N LYS A 74 -8.80 13.34 -10.16
CA LYS A 74 -9.11 13.99 -11.43
C LYS A 74 -8.11 13.57 -12.50
N ALA A 75 -6.83 13.52 -12.14
CA ALA A 75 -5.79 13.13 -13.07
C ALA A 75 -5.98 11.69 -13.50
N PHE A 76 -6.49 10.87 -12.58
CA PHE A 76 -6.74 9.46 -12.85
C PHE A 76 -7.74 9.31 -13.99
N LYS A 77 -8.79 10.12 -13.96
CA LYS A 77 -9.83 10.09 -14.99
C LYS A 77 -9.27 10.54 -16.34
N LYS A 78 -8.11 11.17 -16.33
CA LYS A 78 -7.48 11.65 -17.55
C LYS A 78 -6.46 10.64 -18.09
N LYS A 79 -6.01 9.74 -17.23
CA LYS A 79 -5.03 8.73 -17.61
C LYS A 79 -5.67 7.36 -17.82
N PHE A 80 -6.64 7.03 -16.97
CA PHE A 80 -7.32 5.74 -17.07
C PHE A 80 -8.80 5.89 -17.45
N ALA A 81 -9.32 7.10 -17.30
CA ALA A 81 -10.72 7.36 -17.63
C ALA A 81 -11.64 6.63 -16.64
N CYS A 82 -11.21 6.55 -15.39
CA CYS A 82 -11.99 5.87 -14.36
C CYS A 82 -12.47 6.87 -13.32
N ASN A 83 -13.54 6.52 -12.61
CA ASN A 83 -14.10 7.38 -11.59
C ASN A 83 -13.30 7.30 -10.29
N GLY A 84 -12.65 8.41 -9.94
CA GLY A 84 -11.86 8.44 -8.72
C GLY A 84 -12.49 9.31 -7.65
N THR A 85 -12.92 8.67 -6.56
CA THR A 85 -13.54 9.39 -5.46
C THR A 85 -12.74 9.24 -4.17
N VAL A 86 -12.91 10.20 -3.27
CA VAL A 86 -12.21 10.18 -1.98
C VAL A 86 -13.14 9.74 -0.86
N ILE A 87 -12.77 8.66 -0.17
CA ILE A 87 -13.59 8.15 0.93
C ILE A 87 -12.75 7.94 2.19
N GLU A 88 -13.37 8.14 3.34
CA GLU A 88 -12.69 7.96 4.62
C GLU A 88 -13.08 6.62 5.24
N HIS A 89 -12.54 5.55 4.68
CA HIS A 89 -12.83 4.20 5.16
C HIS A 89 -12.56 4.08 6.66
N PRO A 90 -13.40 3.30 7.38
CA PRO A 90 -13.25 3.10 8.82
C PRO A 90 -12.20 2.03 9.15
N GLU A 91 -12.03 1.09 8.23
CA GLU A 91 -11.07 0.00 8.41
C GLU A 91 -9.66 0.43 8.00
N TYR A 92 -9.59 1.48 7.18
CA TYR A 92 -8.30 1.97 6.70
C TYR A 92 -8.07 3.42 7.14
N GLY A 93 -9.07 4.27 6.88
CA GLY A 93 -8.95 5.67 7.25
C GLY A 93 -8.38 6.52 6.14
N GLU A 94 -9.25 7.25 5.45
CA GLU A 94 -8.83 8.11 4.36
C GLU A 94 -8.25 7.30 3.20
N VAL A 95 -9.09 6.99 2.23
CA VAL A 95 -8.67 6.23 1.05
C VAL A 95 -9.40 6.70 -0.20
N ILE A 96 -8.75 6.56 -1.35
CA ILE A 96 -9.34 6.97 -2.62
C ILE A 96 -9.99 5.77 -3.31
N GLN A 97 -11.27 5.91 -3.63
CA GLN A 97 -12.01 4.83 -4.28
C GLN A 97 -12.15 5.06 -5.78
N LEU A 98 -11.45 4.23 -6.55
CA LEU A 98 -11.50 4.31 -8.00
C LEU A 98 -12.55 3.36 -8.53
N GLN A 99 -13.01 3.59 -9.75
CA GLN A 99 -14.03 2.74 -10.35
C GLN A 99 -13.40 1.66 -11.22
N GLY A 100 -14.01 0.46 -11.20
CA GLY A 100 -13.50 -0.65 -11.99
C GLY A 100 -12.25 -1.25 -11.39
N ASP A 101 -11.84 -2.39 -11.92
CA ASP A 101 -10.64 -3.07 -11.43
C ASP A 101 -9.38 -2.27 -11.78
N GLN A 102 -8.97 -1.41 -10.86
CA GLN A 102 -7.79 -0.58 -11.06
C GLN A 102 -6.61 -1.05 -10.23
N ARG A 103 -6.77 -2.20 -9.57
CA ARG A 103 -5.70 -2.76 -8.72
C ARG A 103 -4.35 -2.70 -9.43
N LYS A 104 -4.36 -2.77 -10.75
CA LYS A 104 -3.12 -2.71 -11.53
C LYS A 104 -2.91 -1.33 -12.14
N ASN A 105 -3.99 -0.56 -12.25
CA ASN A 105 -3.90 0.79 -12.82
C ASN A 105 -3.57 1.83 -11.75
N ILE A 106 -4.13 1.67 -10.57
CA ILE A 106 -3.89 2.61 -9.48
C ILE A 106 -2.44 2.56 -9.01
N CYS A 107 -1.93 1.35 -8.74
CA CYS A 107 -0.54 1.20 -8.32
C CYS A 107 0.37 1.89 -9.32
N GLN A 108 -0.04 1.84 -10.58
CA GLN A 108 0.69 2.47 -11.66
C GLN A 108 0.67 3.98 -11.50
N PHE A 109 -0.55 4.52 -11.33
CA PHE A 109 -0.76 5.94 -11.17
C PHE A 109 0.12 6.50 -10.05
N LEU A 110 0.01 5.90 -8.87
CA LEU A 110 0.79 6.34 -7.71
C LEU A 110 2.28 6.36 -8.04
N VAL A 111 2.69 5.50 -8.96
CA VAL A 111 4.09 5.43 -9.37
C VAL A 111 4.36 6.30 -10.58
N GLU A 112 3.32 6.56 -11.37
CA GLU A 112 3.44 7.38 -12.57
C GLU A 112 3.47 8.87 -12.21
N ILE A 113 2.56 9.27 -11.34
CA ILE A 113 2.48 10.67 -10.91
C ILE A 113 3.47 10.97 -9.78
N GLY A 114 3.99 9.92 -9.17
CA GLY A 114 4.92 10.09 -8.07
C GLY A 114 4.20 10.27 -6.75
N LEU A 115 3.04 9.62 -6.62
CA LEU A 115 2.23 9.71 -5.41
C LEU A 115 2.76 8.78 -4.34
N ALA A 116 2.52 7.48 -4.49
CA ALA A 116 2.98 6.50 -3.54
C ALA A 116 4.43 6.11 -3.82
N LYS A 117 4.88 5.00 -3.25
CA LYS A 117 6.24 4.53 -3.45
C LYS A 117 6.23 3.14 -4.07
N ASP A 118 7.22 2.85 -4.90
CA ASP A 118 7.31 1.54 -5.55
C ASP A 118 7.37 0.44 -4.51
N ASP A 119 7.98 0.75 -3.37
CA ASP A 119 8.10 -0.21 -2.28
C ASP A 119 6.79 -0.29 -1.51
N GLN A 120 6.03 0.81 -1.53
CA GLN A 120 4.75 0.87 -0.84
C GLN A 120 3.65 0.22 -1.68
N LEU A 121 3.95 -0.06 -2.94
CA LEU A 121 2.98 -0.68 -3.84
C LEU A 121 2.38 -1.94 -3.22
N LYS A 122 1.26 -1.76 -2.52
CA LYS A 122 0.58 -2.87 -1.88
C LYS A 122 -0.73 -3.19 -2.58
N VAL A 123 -0.63 -3.84 -3.74
CA VAL A 123 -1.81 -4.21 -4.51
C VAL A 123 -2.37 -5.55 -4.06
N HIS A 124 -3.61 -5.55 -3.58
CA HIS A 124 -4.24 -6.77 -3.11
C HIS A 124 -5.44 -7.15 -3.97
N GLY A 125 -6.11 -6.16 -4.53
CA GLY A 125 -7.26 -6.42 -5.36
C GLY A 125 -8.39 -7.10 -4.61
N PHE A 126 -8.70 -8.33 -4.99
CA PHE A 126 -9.75 -9.09 -4.34
C PHE A 126 -9.86 -10.50 -4.93
N MET A 1 32.26 -31.60 17.08
CA MET A 1 31.04 -31.86 16.26
C MET A 1 30.90 -33.34 15.93
N ARG A 2 31.98 -33.95 15.46
CA ARG A 2 31.97 -35.36 15.11
C ARG A 2 33.27 -36.03 15.54
N GLY A 3 33.44 -36.20 16.84
CA GLY A 3 34.65 -36.82 17.36
C GLY A 3 34.57 -37.07 18.86
N SER A 4 34.53 -35.98 19.63
CA SER A 4 34.46 -36.08 21.08
C SER A 4 33.49 -35.04 21.65
N HIS A 5 33.42 -34.98 22.97
CA HIS A 5 32.53 -34.03 23.64
C HIS A 5 31.07 -34.26 23.23
N HIS A 6 30.39 -35.14 23.96
CA HIS A 6 29.00 -35.45 23.67
C HIS A 6 28.06 -34.52 24.44
N HIS A 7 26.77 -34.77 24.33
CA HIS A 7 25.76 -33.96 25.01
C HIS A 7 25.11 -34.74 26.14
N HIS A 8 25.48 -34.42 27.37
CA HIS A 8 24.92 -35.10 28.54
C HIS A 8 24.58 -34.09 29.64
N HIS A 9 24.20 -32.88 29.23
CA HIS A 9 23.85 -31.83 30.18
C HIS A 9 23.26 -30.62 29.46
N HIS A 10 22.02 -30.29 29.79
CA HIS A 10 21.33 -29.15 29.17
C HIS A 10 21.41 -27.93 30.08
N THR A 11 22.60 -27.37 30.21
CA THR A 11 22.81 -26.19 31.05
C THR A 11 22.79 -24.90 30.21
N ASP A 12 22.87 -25.06 28.89
CA ASP A 12 22.87 -23.90 28.00
C ASP A 12 24.09 -23.03 28.23
N PRO A 13 25.30 -23.56 27.96
CA PRO A 13 26.55 -22.81 28.15
C PRO A 13 26.57 -21.50 27.36
N MET A 14 25.79 -21.45 26.28
CA MET A 14 25.71 -20.26 25.44
C MET A 14 25.30 -19.04 26.26
N SER A 15 24.54 -19.27 27.33
CA SER A 15 24.09 -18.20 28.19
C SER A 15 25.28 -17.42 28.77
N ALA A 16 26.40 -18.11 28.95
CA ALA A 16 27.59 -17.49 29.49
C ALA A 16 28.47 -16.91 28.38
N ILE A 17 27.86 -16.07 27.54
CA ILE A 17 28.58 -15.45 26.44
C ILE A 17 28.10 -14.01 26.22
N GLN A 18 28.25 -13.18 27.25
CA GLN A 18 27.83 -11.78 27.17
C GLN A 18 28.76 -10.99 26.26
N ASN A 19 28.67 -9.66 26.34
CA ASN A 19 29.51 -8.79 25.52
C ASN A 19 29.07 -8.83 24.05
N LEU A 20 29.19 -10.00 23.43
CA LEU A 20 28.81 -10.17 22.03
C LEU A 20 29.68 -9.30 21.13
N HIS A 21 31.00 -9.48 21.23
CA HIS A 21 31.94 -8.71 20.43
C HIS A 21 32.23 -9.42 19.10
N SER A 22 32.98 -8.77 18.24
CA SER A 22 33.32 -9.33 16.93
C SER A 22 34.55 -8.64 16.35
N PHE A 23 34.89 -9.01 15.11
CA PHE A 23 36.04 -8.42 14.43
C PHE A 23 35.91 -8.57 12.92
N ASP A 24 36.19 -7.49 12.21
CA ASP A 24 36.10 -7.49 10.75
C ASP A 24 37.34 -6.84 10.13
N PRO A 25 38.52 -7.44 10.32
CA PRO A 25 39.77 -6.92 9.77
C PRO A 25 39.71 -6.70 8.26
N PHE A 26 38.87 -7.48 7.59
CA PHE A 26 38.71 -7.36 6.14
C PHE A 26 37.34 -6.80 5.79
N ALA A 27 36.33 -7.65 5.77
CA ALA A 27 34.97 -7.25 5.44
C ALA A 27 34.02 -8.43 5.42
N ASP A 28 32.97 -8.36 6.24
CA ASP A 28 31.99 -9.44 6.32
C ASP A 28 30.79 -9.14 5.44
N ALA A 29 30.04 -8.10 5.78
CA ALA A 29 28.87 -7.70 5.02
C ALA A 29 28.79 -6.19 4.87
N SER A 30 29.36 -5.69 3.77
CA SER A 30 29.37 -4.26 3.50
C SER A 30 28.38 -3.92 2.39
N LYS A 31 27.79 -2.72 2.46
CA LYS A 31 26.83 -2.27 1.47
C LYS A 31 26.49 -0.80 1.67
N GLY A 32 27.48 -0.02 2.09
CA GLY A 32 27.26 1.39 2.31
C GLY A 32 27.60 1.81 3.73
N ASP A 33 26.71 2.57 4.35
CA ASP A 33 26.91 3.04 5.72
C ASP A 33 25.64 3.68 6.27
N ASP A 34 24.49 3.11 5.91
CA ASP A 34 23.21 3.62 6.38
C ASP A 34 22.17 2.50 6.44
N LEU A 35 22.15 1.79 7.56
CA LEU A 35 21.21 0.69 7.74
C LEU A 35 20.27 0.97 8.93
N LEU A 36 19.38 1.93 8.76
CA LEU A 36 18.44 2.29 9.81
C LEU A 36 17.38 1.20 10.00
N PRO A 37 16.74 1.15 11.18
CA PRO A 37 15.72 0.16 11.48
C PRO A 37 14.62 0.11 10.41
N ALA A 38 14.24 -1.10 10.01
CA ALA A 38 13.21 -1.28 9.00
C ALA A 38 11.93 -1.84 9.61
N GLY A 39 10.79 -1.49 9.01
CA GLY A 39 9.52 -1.97 9.51
C GLY A 39 8.53 -2.28 8.41
N THR A 40 7.68 -1.31 8.10
CA THR A 40 6.68 -1.48 7.05
C THR A 40 7.05 -0.69 5.79
N GLU A 41 8.01 0.22 5.92
CA GLU A 41 8.45 1.03 4.79
C GLU A 41 7.33 1.95 4.30
N ASP A 42 6.31 2.13 5.13
CA ASP A 42 5.18 2.99 4.78
C ASP A 42 4.59 2.58 3.43
N TYR A 43 3.81 1.50 3.45
CA TYR A 43 3.20 0.99 2.23
C TYR A 43 1.92 1.74 1.89
N ILE A 44 1.36 1.42 0.72
CA ILE A 44 0.12 2.05 0.26
C ILE A 44 -0.87 0.99 -0.21
N HIS A 45 -1.57 0.40 0.75
CA HIS A 45 -2.55 -0.65 0.48
C HIS A 45 -3.57 -0.24 -0.58
N ILE A 46 -3.89 -1.18 -1.46
CA ILE A 46 -4.88 -0.96 -2.52
C ILE A 46 -6.23 -1.57 -2.11
N ARG A 47 -6.55 -2.78 -2.61
CA ARG A 47 -7.80 -3.46 -2.27
C ARG A 47 -8.96 -3.05 -3.17
N ILE A 48 -9.56 -4.04 -3.82
CA ILE A 48 -10.70 -3.80 -4.70
C ILE A 48 -12.00 -4.26 -4.03
N GLN A 49 -13.12 -3.68 -4.45
CA GLN A 49 -14.42 -4.04 -3.89
C GLN A 49 -15.47 -4.14 -5.00
N GLN A 50 -15.74 -5.37 -5.43
CA GLN A 50 -16.72 -5.60 -6.48
C GLN A 50 -18.07 -5.98 -5.91
N ARG A 51 -19.05 -5.11 -6.09
CA ARG A 51 -20.40 -5.36 -5.60
C ARG A 51 -21.27 -5.97 -6.70
N ASN A 52 -21.81 -7.15 -6.43
CA ASN A 52 -22.65 -7.85 -7.40
C ASN A 52 -21.81 -8.42 -8.53
N GLY A 53 -20.52 -8.62 -8.27
CA GLY A 53 -19.63 -9.17 -9.28
C GLY A 53 -19.54 -8.28 -10.51
N ARG A 54 -19.39 -6.98 -10.29
CA ARG A 54 -19.29 -6.03 -11.39
C ARG A 54 -18.95 -4.64 -10.89
N LYS A 55 -19.56 -4.24 -9.78
CA LYS A 55 -19.30 -2.93 -9.20
C LYS A 55 -17.93 -2.89 -8.55
N THR A 56 -16.89 -3.05 -9.36
CA THR A 56 -15.52 -3.04 -8.87
C THR A 56 -15.10 -1.62 -8.49
N LEU A 57 -14.47 -1.49 -7.32
CA LEU A 57 -14.03 -0.18 -6.84
C LEU A 57 -12.70 -0.31 -6.09
N THR A 58 -11.61 0.02 -6.78
CA THR A 58 -10.28 -0.06 -6.17
C THR A 58 -10.07 1.08 -5.17
N THR A 59 -9.53 0.76 -4.01
CA THR A 59 -9.28 1.76 -2.98
C THR A 59 -7.80 1.91 -2.69
N VAL A 60 -7.41 3.09 -2.22
CA VAL A 60 -6.01 3.37 -1.89
C VAL A 60 -5.86 3.82 -0.45
N GLN A 61 -5.07 3.08 0.32
CA GLN A 61 -4.85 3.42 1.73
C GLN A 61 -3.37 3.71 1.97
N GLY A 62 -3.11 4.72 2.79
CA GLY A 62 -1.73 5.08 3.09
C GLY A 62 -1.37 6.44 2.53
N ILE A 63 -2.08 6.85 1.48
CA ILE A 63 -1.83 8.14 0.84
C ILE A 63 -2.25 9.28 1.75
N ALA A 64 -1.51 10.38 1.67
CA ALA A 64 -1.79 11.56 2.49
C ALA A 64 -2.93 12.38 1.88
N ASP A 65 -3.78 12.91 2.75
CA ASP A 65 -4.92 13.71 2.31
C ASP A 65 -4.45 15.05 1.72
N ASP A 66 -3.17 15.36 1.91
CA ASP A 66 -2.61 16.61 1.40
C ASP A 66 -1.96 16.42 0.02
N TYR A 67 -2.44 15.42 -0.73
CA TYR A 67 -1.91 15.14 -2.06
C TYR A 67 -2.64 15.95 -3.12
N ASP A 68 -3.09 17.16 -2.75
CA ASP A 68 -3.80 18.03 -3.68
C ASP A 68 -5.26 17.60 -3.85
N LYS A 69 -5.60 16.41 -3.38
CA LYS A 69 -6.97 15.89 -3.47
C LYS A 69 -7.40 15.77 -4.93
N LYS A 70 -7.80 16.90 -5.52
CA LYS A 70 -8.25 16.92 -6.91
C LYS A 70 -7.21 16.27 -7.83
N LYS A 71 -6.05 16.90 -7.95
CA LYS A 71 -4.98 16.39 -8.81
C LYS A 71 -4.74 14.89 -8.56
N LEU A 72 -5.05 14.43 -7.36
CA LEU A 72 -4.88 13.03 -7.01
C LEU A 72 -5.76 12.13 -7.86
N VAL A 73 -7.06 12.20 -7.65
CA VAL A 73 -8.02 11.39 -8.40
C VAL A 73 -8.34 12.00 -9.75
N LYS A 74 -8.47 13.33 -9.78
CA LYS A 74 -8.78 14.04 -11.03
C LYS A 74 -7.87 13.58 -12.16
N ALA A 75 -6.58 13.45 -11.88
CA ALA A 75 -5.62 13.01 -12.86
C ALA A 75 -5.95 11.59 -13.34
N PHE A 76 -6.52 10.79 -12.45
CA PHE A 76 -6.90 9.43 -12.77
C PHE A 76 -7.92 9.42 -13.91
N LYS A 77 -8.92 10.28 -13.78
CA LYS A 77 -9.97 10.38 -14.80
C LYS A 77 -9.43 10.98 -16.10
N LYS A 78 -8.22 11.51 -16.05
CA LYS A 78 -7.61 12.12 -17.22
C LYS A 78 -6.52 11.22 -17.80
N LYS A 79 -6.02 10.30 -16.98
CA LYS A 79 -4.97 9.38 -17.41
C LYS A 79 -5.57 8.05 -17.87
N PHE A 80 -6.59 7.58 -17.16
CA PHE A 80 -7.24 6.32 -17.51
C PHE A 80 -8.66 6.54 -18.01
N ALA A 81 -9.24 7.68 -17.67
CA ALA A 81 -10.61 8.01 -18.08
C ALA A 81 -11.62 7.22 -17.26
N CYS A 82 -11.28 6.99 -16.00
CA CYS A 82 -12.14 6.25 -15.09
C CYS A 82 -12.83 7.20 -14.11
N ASN A 83 -13.43 6.64 -13.07
CA ASN A 83 -14.10 7.43 -12.06
C ASN A 83 -13.53 7.10 -10.68
N GLY A 84 -12.97 8.10 -10.02
CA GLY A 84 -12.40 7.90 -8.71
C GLY A 84 -12.95 8.84 -7.67
N THR A 85 -13.19 8.32 -6.47
CA THR A 85 -13.72 9.13 -5.37
C THR A 85 -12.81 9.08 -4.15
N VAL A 86 -13.19 9.83 -3.11
CA VAL A 86 -12.41 9.89 -1.89
C VAL A 86 -13.27 9.53 -0.67
N ILE A 87 -13.40 8.23 -0.41
CA ILE A 87 -14.20 7.76 0.72
C ILE A 87 -13.37 7.64 1.99
N GLU A 88 -14.04 7.75 3.14
CA GLU A 88 -13.36 7.65 4.43
C GLU A 88 -13.67 6.30 5.07
N HIS A 89 -13.06 5.24 4.54
CA HIS A 89 -13.26 3.90 5.06
C HIS A 89 -12.96 3.81 6.55
N PRO A 90 -13.74 3.01 7.30
CA PRO A 90 -13.54 2.84 8.73
C PRO A 90 -12.44 1.82 9.06
N GLU A 91 -12.25 0.88 8.14
CA GLU A 91 -11.24 -0.17 8.33
C GLU A 91 -9.85 0.35 7.96
N TYR A 92 -9.81 1.41 7.14
CA TYR A 92 -8.54 1.98 6.71
C TYR A 92 -8.40 3.43 7.15
N GLY A 93 -9.46 4.21 6.93
CA GLY A 93 -9.44 5.61 7.31
C GLY A 93 -8.93 6.51 6.21
N GLU A 94 -9.86 7.24 5.57
CA GLU A 94 -9.51 8.14 4.49
C GLU A 94 -8.78 7.42 3.37
N VAL A 95 -9.54 6.96 2.37
CA VAL A 95 -8.95 6.25 1.24
C VAL A 95 -9.70 6.57 -0.05
N ILE A 96 -8.96 6.65 -1.15
CA ILE A 96 -9.57 6.95 -2.44
C ILE A 96 -10.33 5.73 -2.95
N GLN A 97 -11.28 5.96 -3.84
CA GLN A 97 -12.09 4.87 -4.37
C GLN A 97 -12.24 4.98 -5.89
N LEU A 98 -11.42 4.24 -6.62
CA LEU A 98 -11.48 4.25 -8.08
C LEU A 98 -12.50 3.24 -8.57
N GLN A 99 -13.02 3.45 -9.77
CA GLN A 99 -14.00 2.55 -10.35
C GLN A 99 -13.34 1.46 -11.18
N GLY A 100 -13.91 0.26 -11.13
CA GLY A 100 -13.37 -0.85 -11.89
C GLY A 100 -12.14 -1.45 -11.24
N ASP A 101 -11.61 -2.52 -11.82
CA ASP A 101 -10.43 -3.18 -11.29
C ASP A 101 -9.16 -2.43 -11.69
N GLN A 102 -8.83 -1.40 -10.92
CA GLN A 102 -7.65 -0.58 -11.19
C GLN A 102 -6.46 -1.06 -10.36
N ARG A 103 -6.58 -2.23 -9.75
CA ARG A 103 -5.52 -2.78 -8.93
C ARG A 103 -4.17 -2.70 -9.64
N LYS A 104 -4.21 -2.73 -10.98
CA LYS A 104 -3.00 -2.66 -11.78
C LYS A 104 -2.79 -1.26 -12.34
N ASN A 105 -3.87 -0.48 -12.41
CA ASN A 105 -3.78 0.89 -12.92
C ASN A 105 -3.46 1.88 -11.81
N ILE A 106 -4.02 1.65 -10.62
CA ILE A 106 -3.78 2.54 -9.50
C ILE A 106 -2.31 2.53 -9.09
N CYS A 107 -1.75 1.34 -8.87
CA CYS A 107 -0.34 1.22 -8.52
C CYS A 107 0.49 1.87 -9.62
N GLN A 108 -0.03 1.77 -10.84
CA GLN A 108 0.61 2.35 -12.01
C GLN A 108 0.50 3.87 -11.94
N PHE A 109 -0.64 4.35 -11.44
CA PHE A 109 -0.88 5.78 -11.30
C PHE A 109 0.02 6.36 -10.20
N LEU A 110 0.05 5.67 -9.06
CA LEU A 110 0.87 6.11 -7.93
C LEU A 110 2.31 6.34 -8.36
N VAL A 111 2.77 5.55 -9.32
CA VAL A 111 4.13 5.67 -9.83
C VAL A 111 4.14 6.60 -11.04
N GLU A 112 3.10 6.49 -11.85
CA GLU A 112 2.94 7.31 -13.04
C GLU A 112 2.88 8.78 -12.69
N ILE A 113 2.42 9.09 -11.48
CA ILE A 113 2.31 10.48 -11.03
C ILE A 113 3.34 10.80 -9.96
N GLY A 114 3.74 9.78 -9.20
CA GLY A 114 4.72 9.99 -8.14
C GLY A 114 4.05 10.05 -6.78
N LEU A 115 2.87 9.45 -6.67
CA LEU A 115 2.12 9.44 -5.42
C LEU A 115 2.75 8.46 -4.43
N ALA A 116 2.60 7.17 -4.70
CA ALA A 116 3.16 6.14 -3.84
C ALA A 116 4.51 5.68 -4.37
N LYS A 117 5.26 4.97 -3.54
CA LYS A 117 6.58 4.46 -3.95
C LYS A 117 6.49 3.00 -4.34
N ASP A 118 7.39 2.57 -5.23
CA ASP A 118 7.40 1.19 -5.68
C ASP A 118 7.56 0.24 -4.50
N ASP A 119 8.19 0.72 -3.43
CA ASP A 119 8.39 -0.08 -2.23
C ASP A 119 7.12 -0.10 -1.39
N GLN A 120 6.30 0.94 -1.54
CA GLN A 120 5.06 1.04 -0.80
C GLN A 120 3.93 0.31 -1.52
N LEU A 121 4.15 -0.01 -2.80
CA LEU A 121 3.17 -0.71 -3.61
C LEU A 121 2.62 -1.94 -2.92
N LYS A 122 1.36 -1.88 -2.51
CA LYS A 122 0.72 -2.99 -1.84
C LYS A 122 -0.65 -3.28 -2.44
N VAL A 123 -0.67 -3.97 -3.58
CA VAL A 123 -1.92 -4.30 -4.26
C VAL A 123 -2.53 -5.59 -3.74
N HIS A 124 -3.76 -5.50 -3.24
CA HIS A 124 -4.45 -6.67 -2.72
C HIS A 124 -5.80 -6.88 -3.43
N GLY A 125 -5.73 -7.36 -4.66
CA GLY A 125 -6.95 -7.61 -5.42
C GLY A 125 -7.88 -8.57 -4.71
N PHE A 126 -9.09 -8.11 -4.42
CA PHE A 126 -10.09 -8.94 -3.74
C PHE A 126 -10.18 -10.33 -4.36
N MET A 1 24.55 -33.80 -11.29
CA MET A 1 25.25 -34.70 -10.32
C MET A 1 24.96 -36.17 -10.62
N ARG A 2 25.25 -36.59 -11.85
CA ARG A 2 25.03 -37.97 -12.26
C ARG A 2 26.34 -38.66 -12.58
N GLY A 3 27.41 -38.26 -11.89
CA GLY A 3 28.71 -38.85 -12.12
C GLY A 3 29.79 -38.21 -11.28
N SER A 4 31.03 -38.27 -11.76
CA SER A 4 32.16 -37.70 -11.04
C SER A 4 31.97 -36.20 -10.84
N HIS A 5 32.04 -35.76 -9.60
CA HIS A 5 31.88 -34.35 -9.27
C HIS A 5 32.50 -34.02 -7.91
N HIS A 6 33.37 -33.02 -7.88
CA HIS A 6 34.04 -32.62 -6.65
C HIS A 6 33.01 -32.25 -5.58
N HIS A 7 33.18 -32.82 -4.39
CA HIS A 7 32.27 -32.55 -3.28
C HIS A 7 32.69 -31.29 -2.52
N HIS A 8 31.70 -30.49 -2.13
CA HIS A 8 31.96 -29.26 -1.39
C HIS A 8 32.84 -28.32 -2.21
N HIS A 9 33.01 -27.09 -1.72
CA HIS A 9 33.84 -26.10 -2.40
C HIS A 9 33.29 -25.82 -3.81
N HIS A 10 32.10 -25.25 -3.87
CA HIS A 10 31.47 -24.91 -5.14
C HIS A 10 31.47 -23.41 -5.38
N THR A 11 31.34 -22.65 -4.30
CA THR A 11 31.33 -21.19 -4.39
C THR A 11 32.69 -20.66 -4.83
N ASP A 12 32.79 -19.35 -5.02
CA ASP A 12 34.03 -18.72 -5.44
C ASP A 12 34.06 -17.25 -5.02
N PRO A 13 34.43 -16.98 -3.75
CA PRO A 13 34.50 -15.60 -3.24
C PRO A 13 35.35 -14.70 -4.12
N MET A 14 36.33 -15.29 -4.79
CA MET A 14 37.21 -14.54 -5.67
C MET A 14 36.44 -13.90 -6.83
N SER A 15 35.27 -14.46 -7.13
CA SER A 15 34.44 -13.95 -8.22
C SER A 15 34.19 -12.45 -8.06
N ALA A 16 34.18 -11.98 -6.82
CA ALA A 16 33.96 -10.56 -6.54
C ALA A 16 34.64 -10.15 -5.24
N ILE A 17 35.87 -9.67 -5.35
CA ILE A 17 36.63 -9.24 -4.18
C ILE A 17 36.73 -7.71 -4.12
N GLN A 18 36.65 -7.16 -2.92
CA GLN A 18 36.73 -5.72 -2.73
C GLN A 18 37.98 -5.34 -1.94
N ASN A 19 38.86 -4.57 -2.57
CA ASN A 19 40.10 -4.14 -1.93
C ASN A 19 40.72 -2.97 -2.69
N LEU A 20 40.25 -1.76 -2.39
CA LEU A 20 40.75 -0.56 -3.03
C LEU A 20 41.83 0.11 -2.18
N HIS A 21 41.84 -0.21 -0.88
CA HIS A 21 42.82 0.37 0.04
C HIS A 21 42.98 1.87 -0.17
N SER A 22 42.19 2.65 0.57
CA SER A 22 42.24 4.10 0.47
C SER A 22 42.56 4.73 1.82
N PHE A 23 42.72 6.05 1.83
CA PHE A 23 43.02 6.77 3.06
C PHE A 23 41.77 7.44 3.63
N ASP A 24 41.89 8.00 4.82
CA ASP A 24 40.78 8.66 5.47
C ASP A 24 41.23 9.33 6.78
N PRO A 25 41.79 10.55 6.70
CA PRO A 25 42.26 11.29 7.88
C PRO A 25 41.14 11.54 8.88
N PHE A 26 39.92 11.72 8.39
CA PHE A 26 38.78 11.98 9.25
C PHE A 26 37.65 10.99 8.97
N ALA A 27 37.27 10.87 7.70
CA ALA A 27 36.21 9.96 7.30
C ALA A 27 34.87 10.38 7.91
N ASP A 28 34.64 11.68 7.97
CA ASP A 28 33.40 12.20 8.53
C ASP A 28 32.19 11.74 7.73
N ALA A 29 31.22 11.13 8.42
CA ALA A 29 30.02 10.64 7.77
C ALA A 29 28.83 10.68 8.72
N SER A 30 27.78 11.40 8.31
CA SER A 30 26.58 11.51 9.13
C SER A 30 25.44 12.12 8.32
N LYS A 31 24.84 11.32 7.45
CA LYS A 31 23.74 11.78 6.63
C LYS A 31 22.40 11.49 7.29
N GLY A 32 22.31 10.34 7.95
CA GLY A 32 21.08 9.96 8.62
C GLY A 32 20.59 8.60 8.21
N ASP A 33 21.40 7.57 8.47
CA ASP A 33 21.04 6.20 8.12
C ASP A 33 21.17 5.28 9.33
N ASP A 34 20.94 5.83 10.51
CA ASP A 34 21.04 5.06 11.75
C ASP A 34 19.74 4.31 12.02
N LEU A 35 18.62 4.94 11.71
CA LEU A 35 17.31 4.32 11.92
C LEU A 35 16.50 4.34 10.63
N LEU A 36 16.51 3.23 9.91
CA LEU A 36 15.79 3.09 8.65
C LEU A 36 14.47 2.35 8.86
N PRO A 37 13.46 2.64 8.03
CA PRO A 37 12.14 1.98 8.12
C PRO A 37 12.20 0.52 7.70
N ALA A 38 12.51 -0.35 8.65
CA ALA A 38 12.61 -1.78 8.38
C ALA A 38 11.44 -2.53 9.03
N GLY A 39 10.38 -2.75 8.25
CA GLY A 39 9.22 -3.45 8.77
C GLY A 39 7.98 -3.21 7.95
N THR A 40 7.44 -1.99 8.03
CA THR A 40 6.24 -1.63 7.28
C THR A 40 6.58 -0.73 6.10
N GLU A 41 7.59 0.13 6.28
CA GLU A 41 8.00 1.06 5.24
C GLU A 41 6.84 1.91 4.74
N ASP A 42 5.80 2.03 5.57
CA ASP A 42 4.62 2.83 5.22
C ASP A 42 4.14 2.49 3.82
N TYR A 43 3.76 1.23 3.61
CA TYR A 43 3.28 0.78 2.31
C TYR A 43 1.95 1.45 1.97
N ILE A 44 1.56 1.35 0.70
CA ILE A 44 0.31 1.92 0.23
C ILE A 44 -0.61 0.81 -0.29
N HIS A 45 -1.65 0.52 0.49
CA HIS A 45 -2.60 -0.52 0.13
C HIS A 45 -3.43 -0.17 -1.10
N ILE A 46 -3.69 -1.19 -1.90
CA ILE A 46 -4.49 -1.06 -3.11
C ILE A 46 -5.41 -2.26 -3.25
N ARG A 47 -6.67 -2.08 -2.90
CA ARG A 47 -7.63 -3.17 -2.95
C ARG A 47 -8.87 -2.81 -3.76
N ILE A 48 -9.46 -3.83 -4.37
CA ILE A 48 -10.68 -3.65 -5.17
C ILE A 48 -11.90 -4.12 -4.40
N GLN A 49 -13.06 -3.55 -4.71
CA GLN A 49 -14.30 -3.93 -4.06
C GLN A 49 -15.41 -4.17 -5.08
N GLN A 50 -15.41 -5.36 -5.65
CA GLN A 50 -16.40 -5.73 -6.67
C GLN A 50 -17.56 -6.49 -6.03
N ARG A 51 -18.78 -6.01 -6.26
CA ARG A 51 -19.97 -6.64 -5.71
C ARG A 51 -20.54 -7.67 -6.69
N ASN A 52 -20.63 -8.92 -6.24
CA ASN A 52 -21.17 -9.99 -7.07
C ASN A 52 -20.41 -10.10 -8.39
N GLY A 53 -19.15 -9.67 -8.36
CA GLY A 53 -18.32 -9.72 -9.56
C GLY A 53 -18.45 -8.47 -10.40
N ARG A 54 -19.34 -7.57 -9.98
CA ARG A 54 -19.56 -6.32 -10.71
C ARG A 54 -19.27 -5.12 -9.81
N LYS A 55 -19.61 -3.92 -10.29
CA LYS A 55 -19.37 -2.69 -9.54
C LYS A 55 -18.03 -2.74 -8.81
N THR A 56 -16.96 -2.49 -9.55
CA THR A 56 -15.62 -2.51 -8.97
C THR A 56 -15.22 -1.13 -8.48
N LEU A 57 -14.71 -1.07 -7.25
CA LEU A 57 -14.29 0.19 -6.66
C LEU A 57 -12.96 0.04 -5.93
N THR A 58 -11.86 0.35 -6.63
CA THR A 58 -10.53 0.24 -6.04
C THR A 58 -10.31 1.30 -4.95
N THR A 59 -9.61 0.91 -3.89
CA THR A 59 -9.33 1.81 -2.78
C THR A 59 -7.84 1.88 -2.50
N VAL A 60 -7.36 3.07 -2.13
CA VAL A 60 -5.95 3.28 -1.82
C VAL A 60 -5.76 3.73 -0.38
N GLN A 61 -4.95 2.98 0.35
CA GLN A 61 -4.67 3.31 1.76
C GLN A 61 -3.18 3.59 1.95
N GLY A 62 -2.88 4.60 2.74
CA GLY A 62 -1.51 4.96 2.99
C GLY A 62 -1.17 6.33 2.45
N ILE A 63 -1.89 6.75 1.43
CA ILE A 63 -1.68 8.05 0.80
C ILE A 63 -1.96 9.18 1.80
N ALA A 64 -1.18 10.24 1.70
CA ALA A 64 -1.33 11.39 2.58
C ALA A 64 -2.39 12.36 2.06
N ASP A 65 -3.29 12.77 2.93
CA ASP A 65 -4.35 13.70 2.55
C ASP A 65 -3.76 15.03 2.08
N ASP A 66 -2.49 15.27 2.45
CA ASP A 66 -1.81 16.50 2.06
C ASP A 66 -1.57 16.54 0.55
N TYR A 67 -1.59 15.37 -0.09
CA TYR A 67 -1.38 15.29 -1.52
C TYR A 67 -2.27 16.29 -2.27
N ASP A 68 -2.05 16.41 -3.57
CA ASP A 68 -2.82 17.33 -4.39
C ASP A 68 -4.33 17.12 -4.21
N LYS A 69 -4.71 15.90 -3.84
CA LYS A 69 -6.11 15.57 -3.62
C LYS A 69 -6.90 15.69 -4.92
N LYS A 70 -7.19 16.92 -5.34
CA LYS A 70 -7.92 17.15 -6.58
C LYS A 70 -7.22 16.48 -7.75
N LYS A 71 -5.98 16.90 -8.00
CA LYS A 71 -5.19 16.33 -9.09
C LYS A 71 -4.97 14.83 -8.87
N LEU A 72 -5.09 14.41 -7.62
CA LEU A 72 -4.91 12.99 -7.27
C LEU A 72 -5.86 12.11 -8.08
N VAL A 73 -7.15 12.27 -7.87
CA VAL A 73 -8.16 11.48 -8.59
C VAL A 73 -8.52 12.13 -9.92
N LYS A 74 -8.39 13.45 -9.99
CA LYS A 74 -8.70 14.19 -11.22
C LYS A 74 -7.87 13.67 -12.38
N ALA A 75 -6.58 13.45 -12.13
CA ALA A 75 -5.68 12.95 -13.16
C ALA A 75 -6.05 11.53 -13.58
N PHE A 76 -6.57 10.76 -12.63
CA PHE A 76 -6.97 9.39 -12.88
C PHE A 76 -8.03 9.33 -13.99
N LYS A 77 -9.11 10.07 -13.78
CA LYS A 77 -10.20 10.12 -14.75
C LYS A 77 -9.73 10.61 -16.11
N LYS A 78 -8.57 11.26 -16.13
CA LYS A 78 -8.01 11.78 -17.37
C LYS A 78 -7.00 10.81 -17.99
N LYS A 79 -6.47 9.92 -17.17
CA LYS A 79 -5.48 8.94 -17.64
C LYS A 79 -6.11 7.57 -17.87
N PHE A 80 -7.13 7.24 -17.08
CA PHE A 80 -7.79 5.94 -17.20
C PHE A 80 -9.26 6.09 -17.64
N ALA A 81 -9.80 7.30 -17.52
CA ALA A 81 -11.18 7.55 -17.89
C ALA A 81 -12.14 6.91 -16.90
N CYS A 82 -11.69 6.76 -15.66
CA CYS A 82 -12.51 6.17 -14.61
C CYS A 82 -13.05 7.24 -13.67
N ASN A 83 -13.57 6.82 -12.52
CA ASN A 83 -14.12 7.75 -11.54
C ASN A 83 -13.35 7.64 -10.22
N GLY A 84 -12.72 8.73 -9.82
CA GLY A 84 -11.96 8.74 -8.59
C GLY A 84 -12.61 9.60 -7.52
N THR A 85 -12.99 8.98 -6.40
CA THR A 85 -13.62 9.72 -5.31
C THR A 85 -12.87 9.49 -3.99
N VAL A 86 -12.81 10.54 -3.18
CA VAL A 86 -12.13 10.46 -1.88
C VAL A 86 -13.14 10.22 -0.76
N ILE A 87 -13.21 8.97 -0.30
CA ILE A 87 -14.15 8.63 0.78
C ILE A 87 -13.40 8.23 2.04
N GLU A 88 -14.06 8.38 3.19
CA GLU A 88 -13.47 8.03 4.47
C GLU A 88 -13.94 6.64 4.89
N HIS A 89 -13.37 5.62 4.25
CA HIS A 89 -13.72 4.24 4.55
C HIS A 89 -13.66 3.96 6.05
N PRO A 90 -14.63 3.17 6.58
CA PRO A 90 -14.67 2.84 8.01
C PRO A 90 -13.68 1.74 8.36
N GLU A 91 -13.26 0.97 7.37
CA GLU A 91 -12.30 -0.11 7.57
C GLU A 91 -10.87 0.42 7.63
N TYR A 92 -10.65 1.59 7.04
CA TYR A 92 -9.32 2.20 7.03
C TYR A 92 -9.33 3.55 7.73
N GLY A 93 -10.28 4.40 7.37
CA GLY A 93 -10.38 5.72 7.97
C GLY A 93 -10.17 6.85 6.98
N GLU A 94 -9.60 6.52 5.82
CA GLU A 94 -9.35 7.51 4.78
C GLU A 94 -8.64 6.88 3.59
N VAL A 95 -9.34 6.80 2.46
CA VAL A 95 -8.78 6.21 1.26
C VAL A 95 -9.45 6.74 0.00
N ILE A 96 -8.75 6.68 -1.12
CA ILE A 96 -9.29 7.14 -2.39
C ILE A 96 -9.98 6.00 -3.11
N GLN A 97 -11.25 6.18 -3.41
CA GLN A 97 -12.04 5.16 -4.09
C GLN A 97 -12.11 5.40 -5.59
N LEU A 98 -11.55 4.47 -6.36
CA LEU A 98 -11.56 4.55 -7.81
C LEU A 98 -12.61 3.60 -8.37
N GLN A 99 -13.05 3.87 -9.59
CA GLN A 99 -14.05 3.02 -10.22
C GLN A 99 -13.39 2.01 -11.15
N GLY A 100 -13.77 0.74 -11.01
CA GLY A 100 -13.21 -0.30 -11.84
C GLY A 100 -12.01 -0.96 -11.18
N ASP A 101 -11.65 -2.15 -11.65
CA ASP A 101 -10.51 -2.88 -11.11
C ASP A 101 -9.21 -2.15 -11.40
N GLN A 102 -8.93 -1.10 -10.64
CA GLN A 102 -7.72 -0.31 -10.84
C GLN A 102 -6.53 -0.92 -10.09
N ARG A 103 -6.76 -2.05 -9.43
CA ARG A 103 -5.70 -2.73 -8.68
C ARG A 103 -4.37 -2.74 -9.46
N LYS A 104 -4.47 -2.74 -10.79
CA LYS A 104 -3.29 -2.75 -11.64
C LYS A 104 -3.03 -1.36 -12.23
N ASN A 105 -4.07 -0.55 -12.31
CA ASN A 105 -3.94 0.80 -12.87
C ASN A 105 -3.59 1.83 -11.79
N ILE A 106 -4.16 1.66 -10.60
CA ILE A 106 -3.90 2.57 -9.51
C ILE A 106 -2.43 2.52 -9.11
N CYS A 107 -1.91 1.31 -8.89
CA CYS A 107 -0.51 1.15 -8.54
C CYS A 107 0.35 1.82 -9.60
N GLN A 108 -0.16 1.77 -10.83
CA GLN A 108 0.51 2.39 -11.97
C GLN A 108 0.46 3.90 -11.84
N PHE A 109 -0.74 4.41 -11.55
CA PHE A 109 -0.97 5.83 -11.38
C PHE A 109 -0.10 6.39 -10.26
N LEU A 110 -0.15 5.74 -9.10
CA LEU A 110 0.63 6.16 -7.94
C LEU A 110 2.10 6.29 -8.29
N VAL A 111 2.54 5.47 -9.24
CA VAL A 111 3.93 5.49 -9.68
C VAL A 111 4.12 6.41 -10.88
N GLU A 112 3.06 6.57 -11.67
CA GLU A 112 3.12 7.42 -12.86
C GLU A 112 3.11 8.90 -12.47
N ILE A 113 2.29 9.25 -11.49
CA ILE A 113 2.19 10.63 -11.05
C ILE A 113 3.21 10.93 -9.93
N GLY A 114 3.60 9.89 -9.21
CA GLY A 114 4.55 10.07 -8.12
C GLY A 114 3.86 10.15 -6.77
N LEU A 115 2.73 9.46 -6.66
CA LEU A 115 1.95 9.46 -5.42
C LEU A 115 2.56 8.48 -4.42
N ALA A 116 2.42 7.19 -4.70
CA ALA A 116 2.96 6.16 -3.83
C ALA A 116 4.38 5.78 -4.26
N LYS A 117 4.90 4.69 -3.72
CA LYS A 117 6.24 4.23 -4.06
C LYS A 117 6.23 2.76 -4.45
N ASP A 118 7.21 2.35 -5.23
CA ASP A 118 7.30 0.96 -5.65
C ASP A 118 7.49 0.04 -4.45
N ASP A 119 8.10 0.58 -3.39
CA ASP A 119 8.31 -0.18 -2.17
C ASP A 119 7.03 -0.22 -1.34
N GLN A 120 6.14 0.74 -1.59
CA GLN A 120 4.88 0.82 -0.89
C GLN A 120 3.75 0.20 -1.71
N LEU A 121 4.08 -0.27 -2.91
CA LEU A 121 3.09 -0.88 -3.79
C LEU A 121 2.46 -2.09 -3.12
N LYS A 122 1.39 -1.85 -2.37
CA LYS A 122 0.69 -2.93 -1.68
C LYS A 122 -0.63 -3.26 -2.38
N VAL A 123 -0.52 -3.92 -3.53
CA VAL A 123 -1.70 -4.30 -4.31
C VAL A 123 -2.39 -5.53 -3.72
N HIS A 124 -3.66 -5.37 -3.38
CA HIS A 124 -4.43 -6.46 -2.80
C HIS A 124 -5.72 -6.70 -3.58
N GLY A 125 -5.58 -7.10 -4.84
CA GLY A 125 -6.75 -7.35 -5.67
C GLY A 125 -7.69 -8.34 -5.03
N PHE A 126 -8.93 -7.92 -4.78
CA PHE A 126 -9.93 -8.79 -4.18
C PHE A 126 -10.00 -10.15 -4.87
N MET A 1 21.89 -29.48 -12.48
CA MET A 1 21.51 -28.62 -11.32
C MET A 1 20.16 -29.04 -10.74
N ARG A 2 20.19 -29.66 -9.57
CA ARG A 2 18.97 -30.09 -8.91
C ARG A 2 18.54 -29.12 -7.82
N GLY A 3 17.86 -28.06 -8.23
CA GLY A 3 17.40 -27.05 -7.27
C GLY A 3 15.91 -27.12 -7.03
N SER A 4 15.18 -26.15 -7.56
CA SER A 4 13.73 -26.10 -7.39
C SER A 4 13.07 -25.41 -8.58
N HIS A 5 11.78 -25.15 -8.47
CA HIS A 5 11.03 -24.49 -9.53
C HIS A 5 10.05 -23.46 -8.96
N HIS A 6 10.35 -22.19 -9.16
CA HIS A 6 9.51 -21.11 -8.68
C HIS A 6 9.56 -19.90 -9.61
N HIS A 7 9.63 -20.17 -10.91
CA HIS A 7 9.68 -19.11 -11.91
C HIS A 7 10.95 -18.27 -11.74
N HIS A 8 12.09 -18.83 -12.14
CA HIS A 8 13.37 -18.14 -12.04
C HIS A 8 13.85 -17.68 -13.42
N HIS A 9 12.90 -17.40 -14.31
CA HIS A 9 13.23 -16.96 -15.65
C HIS A 9 13.43 -15.45 -15.70
N HIS A 10 14.15 -14.98 -16.72
CA HIS A 10 14.41 -13.55 -16.87
C HIS A 10 13.45 -12.93 -17.88
N THR A 11 13.53 -11.61 -18.03
CA THR A 11 12.67 -10.90 -18.96
C THR A 11 13.19 -9.49 -19.22
N ASP A 12 13.56 -8.79 -18.16
CA ASP A 12 14.08 -7.44 -18.27
C ASP A 12 15.33 -7.25 -17.41
N PRO A 13 16.51 -7.66 -17.93
CA PRO A 13 17.77 -7.54 -17.20
C PRO A 13 18.21 -6.09 -17.04
N MET A 14 17.83 -5.25 -18.01
CA MET A 14 18.18 -3.84 -17.98
C MET A 14 17.66 -3.16 -16.72
N SER A 15 16.62 -3.74 -16.13
CA SER A 15 16.03 -3.20 -14.90
C SER A 15 17.08 -3.10 -13.79
N ALA A 16 17.90 -4.14 -13.67
CA ALA A 16 18.93 -4.18 -12.65
C ALA A 16 20.31 -4.43 -13.27
N ILE A 17 20.98 -3.35 -13.65
CA ILE A 17 22.31 -3.46 -14.25
C ILE A 17 23.40 -3.17 -13.23
N GLN A 18 24.24 -4.17 -12.96
CA GLN A 18 25.32 -4.01 -12.00
C GLN A 18 26.30 -2.94 -12.46
N ASN A 19 26.84 -2.20 -11.50
CA ASN A 19 27.79 -1.13 -11.80
C ASN A 19 28.47 -0.62 -10.53
N LEU A 20 29.73 -1.00 -10.34
CA LEU A 20 30.47 -0.58 -9.16
C LEU A 20 31.95 -0.96 -9.29
N HIS A 21 32.80 0.04 -9.53
CA HIS A 21 34.22 -0.19 -9.68
C HIS A 21 35.01 1.05 -9.28
N SER A 22 34.68 2.20 -9.87
CA SER A 22 35.35 3.45 -9.57
C SER A 22 35.01 3.92 -8.16
N PHE A 23 36.04 4.13 -7.35
CA PHE A 23 35.85 4.59 -5.97
C PHE A 23 35.87 6.10 -5.90
N ASP A 24 34.73 6.68 -5.49
CA ASP A 24 34.60 8.13 -5.38
C ASP A 24 34.59 8.56 -3.92
N PRO A 25 35.72 9.11 -3.42
CA PRO A 25 35.83 9.57 -2.03
C PRO A 25 34.74 10.57 -1.66
N PHE A 26 34.17 11.22 -2.67
CA PHE A 26 33.12 12.20 -2.44
C PHE A 26 31.74 11.58 -2.66
N ALA A 27 31.58 10.34 -2.24
CA ALA A 27 30.31 9.63 -2.38
C ALA A 27 30.29 8.37 -1.52
N ASP A 28 30.78 8.48 -0.29
CA ASP A 28 30.82 7.34 0.63
C ASP A 28 29.81 7.52 1.75
N ALA A 29 29.71 8.75 2.27
CA ALA A 29 28.79 9.05 3.36
C ALA A 29 28.47 10.54 3.40
N SER A 30 27.30 10.86 3.93
CA SER A 30 26.87 12.26 4.04
C SER A 30 25.53 12.36 4.77
N LYS A 31 25.46 13.26 5.74
CA LYS A 31 24.24 13.45 6.52
C LYS A 31 23.33 14.47 5.85
N GLY A 32 22.24 14.83 6.53
CA GLY A 32 21.31 15.79 5.98
C GLY A 32 19.86 15.44 6.27
N ASP A 33 19.54 14.15 6.17
CA ASP A 33 18.19 13.68 6.42
C ASP A 33 18.14 12.82 7.69
N ASP A 34 18.85 13.27 8.72
CA ASP A 34 18.88 12.55 9.99
C ASP A 34 17.72 12.98 10.90
N LEU A 35 16.50 12.87 10.38
CA LEU A 35 15.32 13.25 11.14
C LEU A 35 14.65 12.03 11.76
N LEU A 36 15.25 11.51 12.83
CA LEU A 36 14.71 10.34 13.52
C LEU A 36 14.65 9.13 12.58
N PRO A 37 14.57 7.92 13.14
CA PRO A 37 14.50 6.68 12.36
C PRO A 37 13.38 6.72 11.32
N ALA A 38 13.67 6.19 10.13
CA ALA A 38 12.69 6.17 9.05
C ALA A 38 13.04 5.11 8.02
N GLY A 39 12.31 3.98 8.06
CA GLY A 39 12.56 2.91 7.12
C GLY A 39 11.59 2.91 5.96
N THR A 40 11.11 1.73 5.59
CA THR A 40 10.16 1.60 4.49
C THR A 40 9.18 0.47 4.74
N GLU A 41 8.17 0.76 5.56
CA GLU A 41 7.14 -0.24 5.89
C GLU A 41 5.74 0.31 5.63
N ASP A 42 5.58 1.62 5.79
CA ASP A 42 4.29 2.26 5.57
C ASP A 42 3.93 2.23 4.08
N TYR A 43 3.64 1.04 3.57
CA TYR A 43 3.29 0.86 2.18
C TYR A 43 1.89 1.41 1.88
N ILE A 44 1.51 1.39 0.61
CA ILE A 44 0.20 1.87 0.20
C ILE A 44 -0.69 0.72 -0.25
N HIS A 45 -1.63 0.34 0.62
CA HIS A 45 -2.55 -0.76 0.34
C HIS A 45 -3.62 -0.35 -0.67
N ILE A 46 -3.81 -1.20 -1.67
CA ILE A 46 -4.82 -0.97 -2.71
C ILE A 46 -6.15 -1.64 -2.31
N ARG A 47 -6.43 -2.83 -2.86
CA ARG A 47 -7.65 -3.56 -2.54
C ARG A 47 -8.84 -3.13 -3.39
N ILE A 48 -9.47 -4.10 -4.04
CA ILE A 48 -10.64 -3.84 -4.88
C ILE A 48 -11.92 -4.28 -4.15
N GLN A 49 -13.06 -3.71 -4.56
CA GLN A 49 -14.33 -4.04 -3.94
C GLN A 49 -15.44 -4.14 -4.99
N GLN A 50 -15.69 -5.36 -5.46
CA GLN A 50 -16.73 -5.59 -6.47
C GLN A 50 -18.04 -6.03 -5.80
N ARG A 51 -19.06 -5.18 -5.92
CA ARG A 51 -20.36 -5.46 -5.33
C ARG A 51 -20.91 -6.82 -5.79
N ASN A 52 -21.52 -6.83 -6.97
CA ASN A 52 -22.09 -8.06 -7.52
C ASN A 52 -21.13 -8.71 -8.52
N GLY A 53 -19.85 -8.39 -8.41
CA GLY A 53 -18.87 -8.93 -9.32
C GLY A 53 -18.69 -8.09 -10.56
N ARG A 54 -19.20 -6.86 -10.51
CA ARG A 54 -19.10 -5.95 -11.65
C ARG A 54 -18.81 -4.53 -11.17
N LYS A 55 -19.53 -4.08 -10.16
CA LYS A 55 -19.33 -2.74 -9.61
C LYS A 55 -18.04 -2.69 -8.78
N THR A 56 -16.91 -2.85 -9.47
CA THR A 56 -15.61 -2.83 -8.81
C THR A 56 -15.21 -1.42 -8.42
N LEU A 57 -14.56 -1.31 -7.26
CA LEU A 57 -14.12 0.00 -6.77
C LEU A 57 -12.74 -0.12 -6.11
N THR A 58 -11.70 0.13 -6.88
CA THR A 58 -10.34 0.06 -6.38
C THR A 58 -10.05 1.20 -5.41
N THR A 59 -9.72 0.85 -4.16
CA THR A 59 -9.43 1.86 -3.15
C THR A 59 -7.93 1.97 -2.90
N VAL A 60 -7.53 3.04 -2.23
CA VAL A 60 -6.13 3.28 -1.92
C VAL A 60 -5.94 3.70 -0.47
N GLN A 61 -5.21 2.88 0.29
CA GLN A 61 -4.96 3.18 1.69
C GLN A 61 -3.48 3.50 1.89
N GLY A 62 -3.21 4.48 2.76
CA GLY A 62 -1.84 4.87 3.02
C GLY A 62 -1.53 6.25 2.47
N ILE A 63 -2.29 6.67 1.46
CA ILE A 63 -2.09 7.98 0.84
C ILE A 63 -2.59 9.09 1.75
N ALA A 64 -1.90 10.23 1.70
CA ALA A 64 -2.27 11.38 2.51
C ALA A 64 -3.38 12.18 1.84
N ASP A 65 -4.33 12.63 2.65
CA ASP A 65 -5.46 13.41 2.14
C ASP A 65 -4.99 14.77 1.61
N ASP A 66 -3.74 15.13 1.92
CA ASP A 66 -3.19 16.40 1.47
C ASP A 66 -2.46 16.24 0.13
N TYR A 67 -2.83 15.24 -0.65
CA TYR A 67 -2.20 14.99 -1.94
C TYR A 67 -2.86 15.83 -3.04
N ASP A 68 -3.51 16.93 -2.65
CA ASP A 68 -4.19 17.81 -3.61
C ASP A 68 -5.57 17.28 -3.99
N LYS A 69 -5.81 15.99 -3.74
CA LYS A 69 -7.10 15.36 -4.06
C LYS A 69 -7.35 15.36 -5.57
N LYS A 70 -7.68 16.53 -6.12
CA LYS A 70 -7.94 16.65 -7.55
C LYS A 70 -6.82 16.04 -8.39
N LYS A 71 -5.58 16.38 -8.03
CA LYS A 71 -4.42 15.87 -8.75
C LYS A 71 -4.37 14.35 -8.72
N LEU A 72 -5.18 13.72 -7.86
CA LEU A 72 -5.21 12.28 -7.76
C LEU A 72 -6.36 11.69 -8.57
N VAL A 73 -7.59 12.12 -8.24
CA VAL A 73 -8.77 11.63 -8.95
C VAL A 73 -8.94 12.35 -10.28
N LYS A 74 -8.90 13.68 -10.25
CA LYS A 74 -9.04 14.46 -11.47
C LYS A 74 -8.05 13.98 -12.53
N ALA A 75 -6.82 13.73 -12.09
CA ALA A 75 -5.79 13.24 -12.99
C ALA A 75 -6.08 11.81 -13.41
N PHE A 76 -6.38 10.96 -12.43
CA PHE A 76 -6.68 9.55 -12.70
C PHE A 76 -7.67 9.42 -13.86
N LYS A 77 -8.74 10.23 -13.82
CA LYS A 77 -9.76 10.20 -14.87
C LYS A 77 -9.16 10.62 -16.21
N LYS A 78 -8.07 11.38 -16.17
CA LYS A 78 -7.42 11.84 -17.38
C LYS A 78 -6.44 10.80 -17.93
N LYS A 79 -6.06 9.85 -17.07
CA LYS A 79 -5.11 8.81 -17.46
C LYS A 79 -5.80 7.47 -17.70
N PHE A 80 -6.84 7.17 -16.91
CA PHE A 80 -7.55 5.90 -17.04
C PHE A 80 -9.01 6.10 -17.38
N ALA A 81 -9.50 7.34 -17.30
CA ALA A 81 -10.90 7.63 -17.60
C ALA A 81 -11.82 6.90 -16.63
N CYS A 82 -11.34 6.73 -15.40
CA CYS A 82 -12.13 6.04 -14.37
C CYS A 82 -12.63 7.04 -13.34
N ASN A 83 -13.69 6.68 -12.63
CA ASN A 83 -14.28 7.55 -11.62
C ASN A 83 -13.54 7.37 -10.28
N GLY A 84 -13.01 8.46 -9.76
CA GLY A 84 -12.30 8.41 -8.50
C GLY A 84 -13.02 9.18 -7.40
N THR A 85 -13.25 8.53 -6.27
CA THR A 85 -13.94 9.17 -5.16
C THR A 85 -13.16 8.99 -3.85
N VAL A 86 -12.70 10.12 -3.30
CA VAL A 86 -11.95 10.11 -2.05
C VAL A 86 -12.88 9.88 -0.86
N ILE A 87 -12.75 8.72 -0.22
CA ILE A 87 -13.58 8.38 0.92
C ILE A 87 -12.74 8.13 2.17
N GLU A 88 -13.37 8.22 3.33
CA GLU A 88 -12.70 7.99 4.60
C GLU A 88 -13.16 6.68 5.22
N HIS A 89 -12.74 5.58 4.62
CA HIS A 89 -13.12 4.25 5.10
C HIS A 89 -12.76 4.07 6.58
N PRO A 90 -13.67 3.50 7.38
CA PRO A 90 -13.44 3.28 8.81
C PRO A 90 -12.55 2.07 9.07
N GLU A 91 -12.43 1.21 8.06
CA GLU A 91 -11.61 0.01 8.17
C GLU A 91 -10.13 0.34 7.91
N TYR A 92 -9.88 1.41 7.18
CA TYR A 92 -8.52 1.82 6.86
C TYR A 92 -8.25 3.25 7.33
N GLY A 93 -9.13 4.16 6.93
CA GLY A 93 -8.97 5.55 7.32
C GLY A 93 -8.42 6.42 6.19
N GLU A 94 -9.30 7.22 5.59
CA GLU A 94 -8.90 8.10 4.50
C GLU A 94 -8.31 7.29 3.34
N VAL A 95 -9.16 6.89 2.41
CA VAL A 95 -8.72 6.11 1.26
C VAL A 95 -9.52 6.48 0.01
N ILE A 96 -8.82 6.60 -1.12
CA ILE A 96 -9.46 6.95 -2.38
C ILE A 96 -10.28 5.76 -2.87
N GLN A 97 -11.26 6.03 -3.73
CA GLN A 97 -12.12 4.98 -4.26
C GLN A 97 -12.30 5.13 -5.77
N LEU A 98 -11.48 4.41 -6.53
CA LEU A 98 -11.56 4.45 -7.98
C LEU A 98 -12.60 3.45 -8.48
N GLN A 99 -13.12 3.70 -9.67
CA GLN A 99 -14.13 2.82 -10.25
C GLN A 99 -13.49 1.75 -11.13
N GLY A 100 -14.04 0.55 -11.09
CA GLY A 100 -13.51 -0.55 -11.89
C GLY A 100 -12.32 -1.21 -11.23
N ASP A 101 -11.81 -2.26 -11.87
CA ASP A 101 -10.66 -2.98 -11.35
C ASP A 101 -9.36 -2.25 -11.69
N GLN A 102 -9.10 -1.16 -10.96
CA GLN A 102 -7.91 -0.36 -11.17
C GLN A 102 -6.75 -0.85 -10.31
N ARG A 103 -6.95 -2.00 -9.67
CA ARG A 103 -5.92 -2.59 -8.81
C ARG A 103 -4.57 -2.60 -9.51
N LYS A 104 -4.59 -2.69 -10.84
CA LYS A 104 -3.37 -2.71 -11.63
C LYS A 104 -3.07 -1.34 -12.22
N ASN A 105 -4.10 -0.50 -12.34
CA ASN A 105 -3.94 0.84 -12.90
C ASN A 105 -3.55 1.84 -11.83
N ILE A 106 -4.04 1.65 -10.62
CA ILE A 106 -3.74 2.55 -9.52
C ILE A 106 -2.27 2.49 -9.14
N CYS A 107 -1.74 1.28 -8.94
CA CYS A 107 -0.33 1.12 -8.60
C CYS A 107 0.52 1.86 -9.63
N GLN A 108 0.05 1.85 -10.86
CA GLN A 108 0.72 2.54 -11.96
C GLN A 108 0.66 4.04 -11.74
N PHE A 109 -0.54 4.54 -11.47
CA PHE A 109 -0.76 5.96 -11.23
C PHE A 109 0.08 6.45 -10.06
N LEU A 110 0.16 5.63 -9.01
CA LEU A 110 0.93 5.98 -7.82
C LEU A 110 2.40 6.21 -8.17
N VAL A 111 2.88 5.48 -9.18
CA VAL A 111 4.25 5.62 -9.62
C VAL A 111 4.35 6.57 -10.81
N GLU A 112 3.22 6.70 -11.51
CA GLU A 112 3.12 7.57 -12.67
C GLU A 112 3.21 9.04 -12.25
N ILE A 113 2.50 9.39 -11.18
CA ILE A 113 2.48 10.76 -10.69
C ILE A 113 3.48 10.95 -9.55
N GLY A 114 3.78 9.87 -8.84
CA GLY A 114 4.70 9.94 -7.73
C GLY A 114 3.97 9.93 -6.40
N LEU A 115 2.83 9.28 -6.36
CA LEU A 115 2.01 9.20 -5.15
C LEU A 115 2.61 8.19 -4.17
N ALA A 116 2.48 6.91 -4.49
CA ALA A 116 3.01 5.85 -3.66
C ALA A 116 4.39 5.43 -4.14
N LYS A 117 5.24 4.99 -3.21
CA LYS A 117 6.59 4.55 -3.56
C LYS A 117 6.56 3.13 -4.11
N ASP A 118 7.46 2.83 -5.04
CA ASP A 118 7.53 1.50 -5.63
C ASP A 118 7.58 0.43 -4.54
N ASP A 119 8.19 0.78 -3.42
CA ASP A 119 8.30 -0.15 -2.30
C ASP A 119 6.98 -0.20 -1.54
N GLN A 120 6.23 0.91 -1.59
CA GLN A 120 4.95 1.00 -0.92
C GLN A 120 3.85 0.34 -1.74
N LEU A 121 4.17 0.01 -2.98
CA LEU A 121 3.20 -0.63 -3.88
C LEU A 121 2.58 -1.87 -3.24
N LYS A 122 1.51 -1.65 -2.48
CA LYS A 122 0.82 -2.75 -1.81
C LYS A 122 -0.53 -3.01 -2.48
N VAL A 123 -0.52 -3.87 -3.49
CA VAL A 123 -1.73 -4.20 -4.23
C VAL A 123 -2.33 -5.51 -3.74
N HIS A 124 -3.62 -5.48 -3.40
CA HIS A 124 -4.31 -6.67 -2.93
C HIS A 124 -5.67 -6.83 -3.60
N GLY A 125 -5.66 -7.12 -4.89
CA GLY A 125 -6.90 -7.30 -5.63
C GLY A 125 -7.77 -8.38 -5.02
N PHE A 126 -8.98 -8.00 -4.60
CA PHE A 126 -9.91 -8.93 -3.99
C PHE A 126 -10.03 -10.22 -4.82
N MET A 1 5.65 -17.23 25.95
CA MET A 1 6.59 -16.13 25.67
C MET A 1 6.05 -15.20 24.59
N ARG A 2 6.16 -13.89 24.83
CA ARG A 2 5.68 -12.89 23.87
C ARG A 2 6.75 -12.60 22.82
N GLY A 3 6.30 -12.22 21.62
CA GLY A 3 7.21 -11.91 20.55
C GLY A 3 7.82 -13.16 19.93
N SER A 4 7.03 -14.23 19.86
CA SER A 4 7.50 -15.50 19.29
C SER A 4 6.35 -16.25 18.65
N HIS A 5 5.23 -16.36 19.37
CA HIS A 5 4.06 -17.06 18.85
C HIS A 5 4.38 -18.53 18.61
N HIS A 6 3.33 -19.35 18.53
CA HIS A 6 3.50 -20.79 18.31
C HIS A 6 2.91 -21.20 16.95
N HIS A 7 2.33 -20.24 16.24
CA HIS A 7 1.74 -20.53 14.93
C HIS A 7 2.74 -20.27 13.80
N HIS A 8 4.02 -20.16 14.15
CA HIS A 8 5.06 -19.91 13.16
C HIS A 8 4.74 -18.68 12.33
N HIS A 9 5.54 -18.46 11.28
CA HIS A 9 5.34 -17.31 10.39
C HIS A 9 5.58 -17.70 8.94
N HIS A 10 6.80 -18.15 8.65
CA HIS A 10 7.15 -18.56 7.29
C HIS A 10 7.03 -20.07 7.13
N THR A 11 5.92 -20.50 6.54
CA THR A 11 5.67 -21.92 6.32
C THR A 11 6.67 -22.51 5.32
N ASP A 12 7.00 -21.73 4.31
CA ASP A 12 7.95 -22.16 3.29
C ASP A 12 9.30 -21.48 3.45
N PRO A 13 10.36 -22.25 3.79
CA PRO A 13 11.70 -21.69 3.98
C PRO A 13 12.31 -21.20 2.67
N MET A 14 11.82 -21.72 1.56
CA MET A 14 12.33 -21.32 0.24
C MET A 14 12.22 -19.82 0.04
N SER A 15 11.31 -19.18 0.78
CA SER A 15 11.12 -17.74 0.68
C SER A 15 12.41 -16.99 0.99
N ALA A 16 13.08 -17.39 2.07
CA ALA A 16 14.33 -16.75 2.47
C ALA A 16 15.40 -17.80 2.80
N ILE A 17 16.23 -18.12 1.82
CA ILE A 17 17.29 -19.11 2.00
C ILE A 17 18.63 -18.43 2.20
N GLN A 18 18.86 -17.94 3.42
CA GLN A 18 20.12 -17.26 3.74
C GLN A 18 20.29 -16.00 2.89
N ASN A 19 19.22 -15.24 2.74
CA ASN A 19 19.25 -14.02 1.95
C ASN A 19 18.39 -12.92 2.61
N LEU A 20 19.05 -12.05 3.37
CA LEU A 20 18.35 -10.97 4.05
C LEU A 20 19.33 -9.87 4.48
N HIS A 21 20.40 -9.71 3.71
CA HIS A 21 21.40 -8.71 4.01
C HIS A 21 20.91 -7.31 3.66
N SER A 22 20.06 -7.23 2.64
CA SER A 22 19.51 -5.95 2.21
C SER A 22 18.17 -5.67 2.89
N PHE A 23 18.18 -5.65 4.22
CA PHE A 23 16.98 -5.40 5.00
C PHE A 23 17.31 -5.06 6.44
N ASP A 24 17.15 -3.80 6.80
CA ASP A 24 17.44 -3.35 8.16
C ASP A 24 18.90 -3.61 8.53
N PRO A 25 19.83 -2.88 7.91
CA PRO A 25 21.27 -3.04 8.17
C PRO A 25 21.63 -2.73 9.62
N PHE A 26 20.81 -1.90 10.26
CA PHE A 26 21.04 -1.52 11.65
C PHE A 26 20.15 -2.34 12.59
N ALA A 27 19.99 -3.62 12.28
CA ALA A 27 19.16 -4.50 13.09
C ALA A 27 19.89 -5.79 13.42
N ASP A 28 20.71 -5.75 14.47
CA ASP A 28 21.47 -6.93 14.90
C ASP A 28 22.34 -6.60 16.11
N ALA A 29 21.75 -6.69 17.30
CA ALA A 29 22.46 -6.40 18.53
C ALA A 29 21.68 -6.90 19.75
N SER A 30 22.36 -7.66 20.60
CA SER A 30 21.74 -8.21 21.80
C SER A 30 21.32 -7.09 22.76
N LYS A 31 20.16 -7.26 23.38
CA LYS A 31 19.64 -6.26 24.31
C LYS A 31 19.45 -4.91 23.63
N GLY A 32 19.08 -4.95 22.35
CA GLY A 32 18.86 -3.73 21.60
C GLY A 32 17.42 -3.56 21.18
N ASP A 33 16.75 -2.55 21.73
CA ASP A 33 15.36 -2.28 21.40
C ASP A 33 15.23 -1.75 19.98
N ASP A 34 15.23 -2.66 19.01
CA ASP A 34 15.10 -2.29 17.61
C ASP A 34 13.67 -2.47 17.12
N LEU A 35 12.71 -2.27 18.02
CA LEU A 35 11.31 -2.43 17.68
C LEU A 35 10.78 -1.16 17.01
N LEU A 36 10.88 -1.12 15.68
CA LEU A 36 10.40 0.03 14.92
C LEU A 36 8.88 -0.01 14.74
N PRO A 37 8.22 1.16 14.74
CA PRO A 37 6.76 1.24 14.58
C PRO A 37 6.28 0.51 13.34
N ALA A 38 5.97 -0.78 13.50
CA ALA A 38 5.49 -1.59 12.39
C ALA A 38 6.54 -1.70 11.29
N GLY A 39 6.98 -2.92 11.01
CA GLY A 39 7.98 -3.12 9.98
C GLY A 39 7.36 -3.45 8.63
N THR A 40 6.92 -2.40 7.93
CA THR A 40 6.31 -2.57 6.62
C THR A 40 6.63 -1.40 5.70
N GLU A 41 7.67 -0.63 6.05
CA GLU A 41 8.08 0.53 5.25
C GLU A 41 6.89 1.41 4.90
N ASP A 42 5.84 1.37 5.72
CA ASP A 42 4.65 2.18 5.49
C ASP A 42 4.22 2.14 4.03
N TYR A 43 3.88 0.94 3.55
CA TYR A 43 3.46 0.77 2.16
C TYR A 43 2.12 1.46 1.91
N ILE A 44 1.69 1.45 0.66
CA ILE A 44 0.42 2.07 0.27
C ILE A 44 -0.57 0.99 -0.15
N HIS A 45 -1.41 0.57 0.79
CA HIS A 45 -2.40 -0.47 0.54
C HIS A 45 -3.34 -0.09 -0.61
N ILE A 46 -3.63 -1.06 -1.45
CA ILE A 46 -4.52 -0.88 -2.60
C ILE A 46 -5.36 -2.14 -2.79
N ARG A 47 -6.63 -2.04 -2.44
CA ARG A 47 -7.54 -3.17 -2.55
C ARG A 47 -8.80 -2.83 -3.33
N ILE A 48 -9.35 -3.85 -3.99
CA ILE A 48 -10.57 -3.69 -4.78
C ILE A 48 -11.77 -4.26 -4.03
N GLN A 49 -12.96 -3.79 -4.38
CA GLN A 49 -14.18 -4.27 -3.75
C GLN A 49 -15.29 -4.41 -4.79
N GLN A 50 -15.43 -5.60 -5.33
CA GLN A 50 -16.45 -5.86 -6.34
C GLN A 50 -17.75 -6.38 -5.71
N ARG A 51 -18.79 -5.56 -5.77
CA ARG A 51 -20.09 -5.92 -5.22
C ARG A 51 -20.94 -6.61 -6.27
N ASN A 52 -21.45 -7.81 -5.94
CA ASN A 52 -22.28 -8.56 -6.87
C ASN A 52 -21.47 -8.99 -8.09
N GLY A 53 -20.15 -9.04 -7.94
CA GLY A 53 -19.28 -9.43 -9.04
C GLY A 53 -19.38 -8.48 -10.21
N ARG A 54 -19.30 -7.19 -9.94
CA ARG A 54 -19.37 -6.18 -10.99
C ARG A 54 -19.03 -4.79 -10.45
N LYS A 55 -19.59 -4.45 -9.29
CA LYS A 55 -19.34 -3.15 -8.69
C LYS A 55 -17.91 -3.08 -8.13
N THR A 56 -16.94 -3.14 -9.02
CA THR A 56 -15.53 -3.08 -8.62
C THR A 56 -15.14 -1.66 -8.23
N LEU A 57 -14.49 -1.53 -7.09
CA LEU A 57 -14.06 -0.23 -6.60
C LEU A 57 -12.67 -0.31 -5.97
N THR A 58 -11.65 0.07 -6.74
CA THR A 58 -10.27 0.03 -6.26
C THR A 58 -10.02 1.13 -5.23
N THR A 59 -9.79 0.73 -3.98
CA THR A 59 -9.53 1.69 -2.91
C THR A 59 -8.04 1.79 -2.62
N VAL A 60 -7.61 2.96 -2.17
CA VAL A 60 -6.21 3.20 -1.85
C VAL A 60 -6.04 3.63 -0.40
N GLN A 61 -5.20 2.92 0.33
CA GLN A 61 -4.93 3.24 1.74
C GLN A 61 -3.44 3.50 1.95
N GLY A 62 -3.14 4.42 2.85
CA GLY A 62 -1.75 4.75 3.12
C GLY A 62 -1.36 6.10 2.57
N ILE A 63 -2.05 6.53 1.51
CA ILE A 63 -1.78 7.81 0.87
C ILE A 63 -2.13 8.96 1.79
N ALA A 64 -1.35 10.04 1.70
CA ALA A 64 -1.58 11.22 2.51
C ALA A 64 -2.71 12.08 1.95
N ASP A 65 -3.56 12.58 2.84
CA ASP A 65 -4.69 13.41 2.43
C ASP A 65 -4.21 14.73 1.83
N ASP A 66 -2.93 15.05 2.03
CA ASP A 66 -2.37 16.28 1.51
C ASP A 66 -1.69 16.06 0.16
N TYR A 67 -2.18 15.08 -0.60
CA TYR A 67 -1.63 14.78 -1.91
C TYR A 67 -2.29 15.63 -3.01
N ASP A 68 -2.83 16.78 -2.63
CA ASP A 68 -3.49 17.68 -3.57
C ASP A 68 -4.93 17.25 -3.86
N LYS A 69 -5.26 15.99 -3.56
CA LYS A 69 -6.60 15.47 -3.77
C LYS A 69 -6.95 15.43 -5.26
N LYS A 70 -7.23 16.59 -5.84
CA LYS A 70 -7.58 16.69 -7.25
C LYS A 70 -6.56 15.97 -8.13
N LYS A 71 -5.28 16.16 -7.82
CA LYS A 71 -4.21 15.53 -8.59
C LYS A 71 -4.19 14.00 -8.42
N LEU A 72 -5.10 13.48 -7.61
CA LEU A 72 -5.16 12.03 -7.38
C LEU A 72 -6.36 11.42 -8.08
N VAL A 73 -7.56 11.72 -7.58
CA VAL A 73 -8.78 11.19 -8.17
C VAL A 73 -9.16 11.95 -9.43
N LYS A 74 -9.10 13.28 -9.36
CA LYS A 74 -9.42 14.10 -10.51
C LYS A 74 -8.44 13.80 -11.64
N ALA A 75 -7.16 13.72 -11.28
CA ALA A 75 -6.12 13.40 -12.24
C ALA A 75 -6.34 12.01 -12.81
N PHE A 76 -6.68 11.06 -11.93
CA PHE A 76 -6.91 9.68 -12.36
C PHE A 76 -7.84 9.63 -13.57
N LYS A 77 -8.96 10.36 -13.48
CA LYS A 77 -9.93 10.41 -14.56
C LYS A 77 -9.41 11.20 -15.76
N LYS A 78 -8.23 11.80 -15.62
CA LYS A 78 -7.64 12.57 -16.70
C LYS A 78 -6.48 11.81 -17.34
N LYS A 79 -5.94 10.84 -16.60
CA LYS A 79 -4.83 10.04 -17.09
C LYS A 79 -5.32 8.81 -17.85
N PHE A 80 -6.25 8.08 -17.25
CA PHE A 80 -6.80 6.88 -17.87
C PHE A 80 -8.25 7.09 -18.32
N ALA A 81 -8.88 8.14 -17.81
CA ALA A 81 -10.27 8.43 -18.16
C ALA A 81 -11.21 7.48 -17.44
N CYS A 82 -10.83 7.09 -16.22
CA CYS A 82 -11.62 6.18 -15.41
C CYS A 82 -12.48 6.95 -14.42
N ASN A 83 -13.17 6.21 -13.55
CA ASN A 83 -14.03 6.83 -12.55
C ASN A 83 -13.37 6.75 -11.17
N GLY A 84 -13.19 7.90 -10.54
CA GLY A 84 -12.57 7.93 -9.23
C GLY A 84 -13.42 8.64 -8.20
N THR A 85 -13.18 8.33 -6.93
CA THR A 85 -13.91 8.95 -5.84
C THR A 85 -13.07 8.96 -4.56
N VAL A 86 -13.31 9.96 -3.71
CA VAL A 86 -12.57 10.08 -2.46
C VAL A 86 -13.51 9.90 -1.26
N ILE A 87 -13.34 8.80 -0.54
CA ILE A 87 -14.16 8.51 0.63
C ILE A 87 -13.32 8.30 1.88
N GLU A 88 -13.97 8.37 3.03
CA GLU A 88 -13.30 8.17 4.30
C GLU A 88 -13.79 6.89 4.95
N HIS A 89 -13.31 5.76 4.44
CA HIS A 89 -13.70 4.45 4.95
C HIS A 89 -13.50 4.35 6.46
N PRO A 90 -14.51 3.84 7.20
CA PRO A 90 -14.43 3.70 8.65
C PRO A 90 -13.57 2.50 9.07
N GLU A 91 -13.28 1.62 8.12
CA GLU A 91 -12.47 0.45 8.39
C GLU A 91 -10.99 0.77 8.28
N TYR A 92 -10.66 1.81 7.52
CA TYR A 92 -9.27 2.22 7.33
C TYR A 92 -9.09 3.70 7.68
N GLY A 93 -9.89 4.55 7.05
CA GLY A 93 -9.80 5.98 7.30
C GLY A 93 -10.05 6.80 6.05
N GLU A 94 -9.01 7.47 5.58
CA GLU A 94 -9.11 8.30 4.37
C GLU A 94 -8.53 7.56 3.18
N VAL A 95 -9.38 6.81 2.48
CA VAL A 95 -8.94 6.05 1.31
C VAL A 95 -9.78 6.40 0.08
N ILE A 96 -9.12 6.46 -1.07
CA ILE A 96 -9.80 6.76 -2.33
C ILE A 96 -10.60 5.55 -2.78
N GLN A 97 -11.59 5.76 -3.65
CA GLN A 97 -12.41 4.67 -4.12
C GLN A 97 -12.58 4.72 -5.65
N LEU A 98 -11.58 4.21 -6.36
CA LEU A 98 -11.63 4.19 -7.82
C LEU A 98 -12.76 3.26 -8.29
N GLN A 99 -13.09 3.35 -9.57
CA GLN A 99 -14.15 2.52 -10.13
C GLN A 99 -13.57 1.47 -11.07
N GLY A 100 -13.98 0.22 -10.88
CA GLY A 100 -13.48 -0.86 -11.71
C GLY A 100 -12.21 -1.47 -11.14
N ASP A 101 -11.69 -2.49 -11.81
CA ASP A 101 -10.47 -3.14 -11.37
C ASP A 101 -9.25 -2.32 -11.79
N GLN A 102 -9.03 -1.21 -11.11
CA GLN A 102 -7.92 -0.32 -11.40
C GLN A 102 -6.68 -0.71 -10.61
N ARG A 103 -6.74 -1.84 -9.91
CA ARG A 103 -5.60 -2.31 -9.11
C ARG A 103 -4.31 -2.24 -9.91
N LYS A 104 -4.44 -2.37 -11.24
CA LYS A 104 -3.29 -2.31 -12.12
C LYS A 104 -3.05 -0.89 -12.63
N ASN A 105 -4.13 -0.11 -12.70
CA ASN A 105 -4.04 1.27 -13.16
C ASN A 105 -3.60 2.19 -12.02
N ILE A 106 -4.12 1.94 -10.83
CA ILE A 106 -3.77 2.75 -9.67
C ILE A 106 -2.29 2.60 -9.32
N CYS A 107 -1.82 1.35 -9.22
CA CYS A 107 -0.42 1.10 -8.94
C CYS A 107 0.43 1.79 -10.00
N GLN A 108 -0.10 1.80 -11.21
CA GLN A 108 0.54 2.45 -12.34
C GLN A 108 0.42 3.96 -12.20
N PHE A 109 -0.69 4.41 -11.62
CA PHE A 109 -0.93 5.82 -11.40
C PHE A 109 -0.03 6.36 -10.30
N LEU A 110 0.05 5.60 -9.21
CA LEU A 110 0.88 5.99 -8.07
C LEU A 110 2.34 6.14 -8.49
N VAL A 111 2.74 5.39 -9.50
CA VAL A 111 4.11 5.44 -10.00
C VAL A 111 4.23 6.45 -11.14
N GLU A 112 3.14 6.64 -11.88
CA GLU A 112 3.13 7.58 -13.01
C GLU A 112 3.19 9.02 -12.51
N ILE A 113 2.40 9.31 -11.47
CA ILE A 113 2.36 10.65 -10.90
C ILE A 113 3.40 10.81 -9.78
N GLY A 114 3.82 9.70 -9.21
CA GLY A 114 4.78 9.74 -8.14
C GLY A 114 4.11 9.83 -6.78
N LEU A 115 2.95 9.19 -6.67
CA LEU A 115 2.18 9.19 -5.44
C LEU A 115 2.78 8.25 -4.41
N ALA A 116 2.60 6.95 -4.63
CA ALA A 116 3.14 5.95 -3.72
C ALA A 116 4.52 5.48 -4.18
N LYS A 117 5.29 4.91 -3.26
CA LYS A 117 6.62 4.42 -3.59
C LYS A 117 6.54 3.03 -4.22
N ASP A 118 7.43 2.74 -5.16
CA ASP A 118 7.44 1.45 -5.83
C ASP A 118 7.49 0.31 -4.80
N ASP A 119 8.15 0.58 -3.68
CA ASP A 119 8.26 -0.40 -2.61
C ASP A 119 6.97 -0.42 -1.78
N GLN A 120 6.29 0.73 -1.75
CA GLN A 120 5.04 0.86 -1.00
C GLN A 120 3.87 0.29 -1.81
N LEU A 121 4.12 -0.05 -3.07
CA LEU A 121 3.08 -0.59 -3.93
C LEU A 121 2.45 -1.83 -3.32
N LYS A 122 1.42 -1.62 -2.50
CA LYS A 122 0.73 -2.72 -1.85
C LYS A 122 -0.61 -2.99 -2.52
N VAL A 123 -0.58 -3.69 -3.66
CA VAL A 123 -1.79 -4.02 -4.39
C VAL A 123 -2.37 -5.34 -3.93
N HIS A 124 -3.54 -5.28 -3.31
CA HIS A 124 -4.21 -6.48 -2.81
C HIS A 124 -5.52 -6.73 -3.56
N GLY A 125 -5.41 -7.13 -4.82
CA GLY A 125 -6.60 -7.40 -5.61
C GLY A 125 -7.53 -8.40 -4.93
N PHE A 126 -8.75 -7.97 -4.66
CA PHE A 126 -9.75 -8.81 -4.00
C PHE A 126 -9.75 -10.23 -4.58
N MET A 1 15.54 -43.58 18.25
CA MET A 1 14.14 -44.03 18.47
C MET A 1 13.23 -43.61 17.31
N ARG A 2 12.96 -42.31 17.21
CA ARG A 2 12.11 -41.79 16.14
C ARG A 2 12.85 -40.74 15.32
N GLY A 3 13.78 -41.20 14.48
CA GLY A 3 14.54 -40.28 13.65
C GLY A 3 14.21 -40.42 12.18
N SER A 4 15.06 -39.87 11.33
CA SER A 4 14.85 -39.93 9.88
C SER A 4 16.10 -39.46 9.13
N HIS A 5 16.54 -38.24 9.45
CA HIS A 5 17.71 -37.67 8.80
C HIS A 5 17.48 -37.50 7.31
N HIS A 6 16.90 -36.37 6.92
CA HIS A 6 16.62 -36.08 5.53
C HIS A 6 17.91 -35.96 4.73
N HIS A 7 17.78 -35.88 3.41
CA HIS A 7 18.94 -35.75 2.53
C HIS A 7 19.64 -34.41 2.74
N HIS A 8 20.53 -34.37 3.72
CA HIS A 8 21.27 -33.14 4.02
C HIS A 8 22.76 -33.32 3.73
N HIS A 9 23.26 -34.52 3.98
CA HIS A 9 24.67 -34.82 3.74
C HIS A 9 25.58 -33.92 4.59
N HIS A 10 26.85 -34.29 4.67
CA HIS A 10 27.82 -33.52 5.45
C HIS A 10 27.92 -32.09 4.92
N THR A 11 27.49 -31.13 5.74
CA THR A 11 27.54 -29.73 5.35
C THR A 11 28.83 -29.08 5.83
N ASP A 12 29.14 -27.91 5.29
CA ASP A 12 30.34 -27.18 5.64
C ASP A 12 30.20 -25.69 5.34
N PRO A 13 29.38 -24.98 6.12
CA PRO A 13 29.14 -23.55 5.93
C PRO A 13 30.37 -22.70 6.28
N MET A 14 31.35 -23.32 6.94
CA MET A 14 32.58 -22.63 7.33
C MET A 14 33.63 -22.71 6.22
N SER A 15 33.23 -23.19 5.04
CA SER A 15 34.16 -23.32 3.92
C SER A 15 33.83 -22.29 2.84
N ALA A 16 33.37 -21.11 3.26
CA ALA A 16 33.02 -20.06 2.33
C ALA A 16 32.72 -18.76 3.06
N ILE A 17 33.49 -18.50 4.12
CA ILE A 17 33.31 -17.28 4.91
C ILE A 17 34.20 -16.15 4.39
N GLN A 18 33.64 -14.95 4.33
CA GLN A 18 34.39 -13.79 3.86
C GLN A 18 35.30 -13.24 4.95
N ASN A 19 36.46 -12.73 4.55
CA ASN A 19 37.42 -12.18 5.49
C ASN A 19 37.39 -10.65 5.47
N LEU A 20 36.22 -10.08 5.23
CA LEU A 20 36.07 -8.64 5.17
C LEU A 20 35.22 -8.13 6.34
N HIS A 21 34.94 -6.84 6.36
CA HIS A 21 34.15 -6.23 7.42
C HIS A 21 34.84 -6.40 8.77
N SER A 22 34.58 -5.46 9.68
CA SER A 22 35.18 -5.49 11.01
C SER A 22 34.13 -5.87 12.06
N PHE A 23 34.50 -6.79 12.94
CA PHE A 23 33.60 -7.26 14.00
C PHE A 23 34.36 -7.49 15.29
N ASP A 24 33.68 -7.30 16.43
CA ASP A 24 34.29 -7.49 17.73
C ASP A 24 34.83 -8.92 17.87
N PRO A 25 36.17 -9.08 17.86
CA PRO A 25 36.81 -10.40 17.98
C PRO A 25 36.51 -11.06 19.33
N PHE A 26 36.26 -10.23 20.34
CA PHE A 26 35.96 -10.73 21.68
C PHE A 26 34.46 -10.76 21.92
N ALA A 27 33.79 -9.65 21.63
CA ALA A 27 32.35 -9.54 21.82
C ALA A 27 31.97 -9.75 23.28
N ASP A 28 31.99 -8.67 24.05
CA ASP A 28 31.65 -8.72 25.46
C ASP A 28 30.25 -8.16 25.70
N ALA A 29 29.24 -8.93 25.34
CA ALA A 29 27.85 -8.51 25.52
C ALA A 29 26.89 -9.63 25.13
N SER A 30 25.60 -9.30 25.12
CA SER A 30 24.56 -10.28 24.76
C SER A 30 23.25 -9.58 24.44
N LYS A 31 23.13 -9.07 23.23
CA LYS A 31 21.92 -8.39 22.79
C LYS A 31 21.28 -9.11 21.61
N GLY A 32 20.09 -9.65 21.83
CA GLY A 32 19.39 -10.36 20.77
C GLY A 32 18.62 -9.42 19.85
N ASP A 33 18.29 -8.24 20.36
CA ASP A 33 17.54 -7.25 19.59
C ASP A 33 16.15 -7.77 19.24
N ASP A 34 15.33 -7.99 20.27
CA ASP A 34 13.98 -8.48 20.08
C ASP A 34 13.13 -7.45 19.36
N LEU A 35 13.48 -6.17 19.50
CA LEU A 35 12.74 -5.09 18.86
C LEU A 35 12.70 -5.28 17.35
N LEU A 36 11.56 -4.97 16.75
CA LEU A 36 11.38 -5.11 15.31
C LEU A 36 12.34 -4.18 14.56
N PRO A 37 13.22 -4.74 13.71
CA PRO A 37 14.18 -3.94 12.94
C PRO A 37 13.51 -3.18 11.80
N ALA A 38 12.62 -3.86 11.08
CA ALA A 38 11.92 -3.24 9.96
C ALA A 38 10.42 -3.18 10.24
N GLY A 39 9.83 -2.01 10.02
CA GLY A 39 8.41 -1.85 10.25
C GLY A 39 7.57 -2.23 9.05
N THR A 40 6.60 -1.40 8.72
CA THR A 40 5.73 -1.66 7.57
C THR A 40 6.01 -0.68 6.42
N GLU A 41 6.70 0.41 6.74
CA GLU A 41 7.03 1.41 5.72
C GLU A 41 5.78 2.13 5.22
N ASP A 42 4.66 1.93 5.90
CA ASP A 42 3.40 2.56 5.52
C ASP A 42 3.11 2.34 4.04
N TYR A 43 2.95 1.08 3.64
CA TYR A 43 2.67 0.75 2.26
C TYR A 43 1.33 1.34 1.82
N ILE A 44 1.09 1.33 0.51
CA ILE A 44 -0.15 1.85 -0.03
C ILE A 44 -1.02 0.69 -0.51
N HIS A 45 -1.67 0.05 0.45
CA HIS A 45 -2.53 -1.10 0.19
C HIS A 45 -3.70 -0.75 -0.72
N ILE A 46 -3.71 -1.30 -1.92
CA ILE A 46 -4.80 -1.05 -2.87
C ILE A 46 -6.05 -1.84 -2.45
N ARG A 47 -6.23 -3.05 -3.00
CA ARG A 47 -7.38 -3.88 -2.66
C ARG A 47 -8.64 -3.47 -3.41
N ILE A 48 -9.21 -4.39 -4.16
CA ILE A 48 -10.42 -4.15 -4.93
C ILE A 48 -11.65 -4.66 -4.16
N GLN A 49 -12.81 -4.10 -4.47
CA GLN A 49 -14.06 -4.52 -3.83
C GLN A 49 -15.19 -4.54 -4.83
N GLN A 50 -15.50 -5.73 -5.34
CA GLN A 50 -16.56 -5.89 -6.32
C GLN A 50 -17.88 -6.30 -5.67
N ARG A 51 -18.92 -5.52 -5.93
CA ARG A 51 -20.24 -5.79 -5.38
C ARG A 51 -21.17 -6.34 -6.47
N ASN A 52 -21.84 -7.45 -6.17
CA ASN A 52 -22.74 -8.07 -7.13
C ASN A 52 -21.98 -8.59 -8.34
N GLY A 53 -20.68 -8.81 -8.17
CA GLY A 53 -19.85 -9.31 -9.25
C GLY A 53 -19.77 -8.36 -10.42
N ARG A 54 -19.55 -7.08 -10.14
CA ARG A 54 -19.46 -6.07 -11.18
C ARG A 54 -19.10 -4.70 -10.61
N LYS A 55 -19.65 -4.39 -9.45
CA LYS A 55 -19.38 -3.11 -8.80
C LYS A 55 -17.99 -3.09 -8.19
N THR A 56 -16.97 -3.13 -9.04
CA THR A 56 -15.58 -3.13 -8.60
C THR A 56 -15.16 -1.73 -8.18
N LEU A 57 -14.46 -1.64 -7.04
CA LEU A 57 -14.00 -0.37 -6.52
C LEU A 57 -12.59 -0.49 -5.92
N THR A 58 -11.59 -0.08 -6.68
CA THR A 58 -10.21 -0.15 -6.21
C THR A 58 -9.91 0.94 -5.19
N THR A 59 -9.62 0.52 -3.96
CA THR A 59 -9.33 1.48 -2.90
C THR A 59 -7.83 1.63 -2.68
N VAL A 60 -7.43 2.73 -2.04
CA VAL A 60 -6.02 2.99 -1.75
C VAL A 60 -5.82 3.29 -0.27
N GLN A 61 -5.20 2.34 0.44
CA GLN A 61 -4.94 2.50 1.87
C GLN A 61 -3.65 3.27 2.12
N GLY A 62 -3.54 4.44 1.53
CA GLY A 62 -2.37 5.26 1.70
C GLY A 62 -2.60 6.69 1.23
N ILE A 63 -1.57 7.29 0.66
CA ILE A 63 -1.67 8.66 0.16
C ILE A 63 -2.07 9.62 1.28
N ALA A 64 -1.55 10.84 1.20
CA ALA A 64 -1.84 11.85 2.21
C ALA A 64 -2.84 12.88 1.69
N ASP A 65 -3.54 13.54 2.61
CA ASP A 65 -4.53 14.55 2.26
C ASP A 65 -3.88 15.72 1.52
N ASP A 66 -2.56 15.85 1.66
CA ASP A 66 -1.82 16.92 1.00
C ASP A 66 -1.24 16.46 -0.32
N TYR A 67 -1.97 15.59 -1.03
CA TYR A 67 -1.51 15.08 -2.31
C TYR A 67 -2.16 15.85 -3.46
N ASP A 68 -2.47 17.12 -3.21
CA ASP A 68 -3.09 17.98 -4.22
C ASP A 68 -4.59 17.72 -4.35
N LYS A 69 -5.08 16.64 -3.74
CA LYS A 69 -6.50 16.30 -3.79
C LYS A 69 -6.94 16.06 -5.24
N LYS A 70 -7.20 17.14 -5.96
CA LYS A 70 -7.64 17.06 -7.35
C LYS A 70 -6.68 16.20 -8.17
N LYS A 71 -5.44 16.68 -8.31
CA LYS A 71 -4.43 15.96 -9.07
C LYS A 71 -4.36 14.49 -8.65
N LEU A 72 -4.80 14.20 -7.43
CA LEU A 72 -4.79 12.84 -6.92
C LEU A 72 -5.81 11.97 -7.66
N VAL A 73 -7.08 12.08 -7.29
CA VAL A 73 -8.13 11.30 -7.92
C VAL A 73 -8.62 11.95 -9.22
N LYS A 74 -8.82 13.25 -9.18
CA LYS A 74 -9.30 13.99 -10.36
C LYS A 74 -8.45 13.64 -11.58
N ALA A 75 -7.13 13.58 -11.37
CA ALA A 75 -6.21 13.27 -12.46
C ALA A 75 -6.41 11.84 -12.97
N PHE A 76 -6.74 10.93 -12.05
CA PHE A 76 -6.96 9.54 -12.42
C PHE A 76 -7.98 9.43 -13.55
N LYS A 77 -9.13 10.06 -13.36
CA LYS A 77 -10.20 10.05 -14.36
C LYS A 77 -9.75 10.73 -15.65
N LYS A 78 -8.64 11.47 -15.59
CA LYS A 78 -8.12 12.17 -16.77
C LYS A 78 -6.98 11.38 -17.41
N LYS A 79 -6.37 10.49 -16.63
CA LYS A 79 -5.25 9.68 -17.11
C LYS A 79 -5.72 8.30 -17.58
N PHE A 80 -6.68 7.73 -16.87
CA PHE A 80 -7.21 6.41 -17.21
C PHE A 80 -8.64 6.47 -17.70
N ALA A 81 -9.33 7.57 -17.39
CA ALA A 81 -10.73 7.73 -17.79
C ALA A 81 -11.64 6.89 -16.91
N CYS A 82 -11.20 6.65 -15.68
CA CYS A 82 -11.98 5.87 -14.72
C CYS A 82 -12.72 6.76 -13.75
N ASN A 83 -13.44 6.16 -12.82
CA ASN A 83 -14.19 6.90 -11.82
C ASN A 83 -13.52 6.83 -10.46
N GLY A 84 -12.85 7.91 -10.09
CA GLY A 84 -12.16 7.95 -8.82
C GLY A 84 -12.87 8.83 -7.81
N THR A 85 -12.95 8.34 -6.57
CA THR A 85 -13.61 9.08 -5.50
C THR A 85 -12.88 8.92 -4.18
N VAL A 86 -12.49 10.04 -3.58
CA VAL A 86 -11.78 10.03 -2.30
C VAL A 86 -12.78 9.96 -1.15
N ILE A 87 -12.78 8.83 -0.44
CA ILE A 87 -13.68 8.64 0.69
C ILE A 87 -12.94 8.23 1.94
N GLU A 88 -13.51 8.55 3.10
CA GLU A 88 -12.91 8.21 4.38
C GLU A 88 -13.54 6.94 4.93
N HIS A 89 -13.24 5.82 4.30
CA HIS A 89 -13.78 4.52 4.71
C HIS A 89 -13.59 4.30 6.21
N PRO A 90 -14.64 3.83 6.92
CA PRO A 90 -14.57 3.58 8.36
C PRO A 90 -13.82 2.29 8.68
N GLU A 91 -13.69 1.42 7.68
CA GLU A 91 -12.99 0.15 7.85
C GLU A 91 -11.49 0.32 7.66
N TYR A 92 -11.10 1.32 6.88
CA TYR A 92 -9.69 1.57 6.61
C TYR A 92 -9.27 2.93 7.19
N GLY A 93 -9.99 3.97 6.82
CA GLY A 93 -9.68 5.30 7.31
C GLY A 93 -8.94 6.14 6.28
N GLU A 94 -9.68 6.98 5.58
CA GLU A 94 -9.10 7.86 4.56
C GLU A 94 -8.45 7.04 3.45
N VAL A 95 -9.26 6.62 2.48
CA VAL A 95 -8.76 5.84 1.35
C VAL A 95 -9.42 6.28 0.05
N ILE A 96 -8.64 6.28 -1.03
CA ILE A 96 -9.17 6.68 -2.33
C ILE A 96 -9.93 5.53 -2.96
N GLN A 97 -11.17 5.78 -3.37
CA GLN A 97 -12.00 4.75 -3.97
C GLN A 97 -12.12 4.93 -5.48
N LEU A 98 -11.51 4.02 -6.22
CA LEU A 98 -11.56 4.03 -7.67
C LEU A 98 -12.68 3.13 -8.16
N GLN A 99 -13.05 3.27 -9.43
CA GLN A 99 -14.11 2.45 -10.00
C GLN A 99 -13.53 1.39 -10.93
N GLY A 100 -14.10 0.17 -10.85
CA GLY A 100 -13.62 -0.91 -11.67
C GLY A 100 -12.34 -1.52 -11.14
N ASP A 101 -11.83 -2.53 -11.85
CA ASP A 101 -10.58 -3.18 -11.42
C ASP A 101 -9.38 -2.33 -11.82
N GLN A 102 -9.04 -1.37 -10.97
CA GLN A 102 -7.91 -0.48 -11.22
C GLN A 102 -6.70 -0.87 -10.38
N ARG A 103 -6.77 -2.03 -9.72
CA ARG A 103 -5.67 -2.50 -8.88
C ARG A 103 -4.34 -2.41 -9.62
N LYS A 104 -4.40 -2.54 -10.95
CA LYS A 104 -3.20 -2.48 -11.77
C LYS A 104 -3.01 -1.07 -12.34
N ASN A 105 -4.10 -0.30 -12.40
CA ASN A 105 -4.03 1.06 -12.93
C ASN A 105 -3.64 2.05 -11.84
N ILE A 106 -4.12 1.83 -10.63
CA ILE A 106 -3.82 2.72 -9.52
C ILE A 106 -2.34 2.66 -9.16
N CYS A 107 -1.81 1.44 -9.04
CA CYS A 107 -0.40 1.27 -8.73
C CYS A 107 0.45 2.02 -9.75
N GLN A 108 -0.05 2.07 -10.97
CA GLN A 108 0.62 2.77 -12.05
C GLN A 108 0.58 4.27 -11.81
N PHE A 109 -0.61 4.76 -11.46
CA PHE A 109 -0.82 6.17 -11.18
C PHE A 109 0.08 6.66 -10.06
N LEU A 110 -0.01 6.00 -8.90
CA LEU A 110 0.80 6.37 -7.74
C LEU A 110 2.28 6.39 -8.11
N VAL A 111 2.65 5.58 -9.09
CA VAL A 111 4.04 5.50 -9.55
C VAL A 111 4.29 6.46 -10.71
N GLU A 112 3.24 6.79 -11.45
CA GLU A 112 3.35 7.69 -12.59
C GLU A 112 3.40 9.14 -12.13
N ILE A 113 2.48 9.50 -11.23
CA ILE A 113 2.42 10.86 -10.72
C ILE A 113 3.40 11.06 -9.54
N GLY A 114 4.11 10.00 -9.19
CA GLY A 114 5.05 10.08 -8.08
C GLY A 114 4.32 10.18 -6.75
N LEU A 115 3.15 9.57 -6.68
CA LEU A 115 2.34 9.59 -5.47
C LEU A 115 2.92 8.67 -4.41
N ALA A 116 2.82 7.36 -4.64
CA ALA A 116 3.33 6.38 -3.70
C ALA A 116 4.74 5.96 -4.07
N LYS A 117 5.24 4.92 -3.40
CA LYS A 117 6.58 4.41 -3.66
C LYS A 117 6.55 2.92 -3.96
N ASP A 118 7.54 2.44 -4.70
CA ASP A 118 7.63 1.04 -5.06
C ASP A 118 7.62 0.16 -3.81
N ASP A 119 8.06 0.72 -2.70
CA ASP A 119 8.07 -0.01 -1.43
C ASP A 119 6.66 -0.05 -0.85
N GLN A 120 5.84 0.91 -1.27
CA GLN A 120 4.45 0.98 -0.82
C GLN A 120 3.49 0.54 -1.91
N LEU A 121 4.01 -0.06 -2.97
CA LEU A 121 3.18 -0.52 -4.08
C LEU A 121 2.55 -1.86 -3.75
N LYS A 122 1.79 -1.88 -2.66
CA LYS A 122 1.13 -3.10 -2.22
C LYS A 122 0.32 -3.77 -3.34
N VAL A 123 -0.82 -3.17 -3.69
CA VAL A 123 -1.69 -3.69 -4.75
C VAL A 123 -1.92 -5.20 -4.63
N HIS A 124 -3.12 -5.55 -4.18
CA HIS A 124 -3.49 -6.95 -4.02
C HIS A 124 -4.68 -7.31 -4.89
N GLY A 125 -5.83 -6.73 -4.57
CA GLY A 125 -7.04 -6.99 -5.33
C GLY A 125 -8.13 -7.62 -4.47
N PHE A 126 -8.71 -8.70 -4.96
CA PHE A 126 -9.76 -9.39 -4.22
C PHE A 126 -9.99 -10.79 -4.79
#